data_1FNX
#
_entry.id   1FNX
#
_cell.length_a   1.0
_cell.length_b   1.0
_cell.length_c   1.0
_cell.angle_alpha   90.0
_cell.angle_beta   90.0
_cell.angle_gamma   90.0
#
_symmetry.space_group_name_H-M   'P 1'
#
loop_
_entity.id
_entity.type
_entity.pdbx_description
1 polymer 'AU-RICH RNA ELEMENT'
2 polymer 'HU ANTIGEN C'
#
loop_
_entity_poly.entity_id
_entity_poly.type
_entity_poly.pdbx_seq_one_letter_code
_entity_poly.pdbx_strand_id
1 'polyribonucleotide' UAUUUAUUUU R
2 'polypeptide(L)'
;MDSKTNLIVNYLPQNMTQDEFKSLFGSIGDIESCKLVRDKITGQSLGYGFVNYSDPNDADKAINTLNGLKLQTKTIKVSY
ARPSSASIRDANLYVSGLPKTMSQKEMEQLFSQYGRIITSRILLDQATGVSRGVGFIRFDKRIEAEEAIKGLNGQKPLGA
AEPITVKFANNPSQ
;
H
#
# COMPACT_ATOMS: atom_id res chain seq x y z
N MET B 1 -22.22 -12.67 -3.95
CA MET B 1 -20.95 -12.22 -3.32
C MET B 1 -20.46 -10.90 -3.94
N ASP B 2 -20.09 -9.96 -3.09
CA ASP B 2 -19.61 -8.66 -3.54
C ASP B 2 -18.20 -8.36 -3.03
N SER B 3 -17.67 -7.19 -3.43
CA SER B 3 -16.32 -6.76 -3.04
C SER B 3 -15.82 -5.64 -3.95
N LYS B 4 -16.14 -5.75 -5.24
CA LYS B 4 -15.74 -4.74 -6.24
C LYS B 4 -16.01 -3.30 -5.77
N THR B 5 -17.06 -3.12 -4.96
CA THR B 5 -17.41 -1.79 -4.44
C THR B 5 -16.35 -1.27 -3.45
N ASN B 6 -15.41 -2.13 -3.06
CA ASN B 6 -14.34 -1.76 -2.12
C ASN B 6 -13.34 -0.78 -2.75
N LEU B 7 -13.81 0.42 -3.10
CA LEU B 7 -12.94 1.43 -3.69
C LEU B 7 -12.06 2.05 -2.62
N ILE B 8 -10.74 1.90 -2.77
CA ILE B 8 -9.80 2.45 -1.80
C ILE B 8 -9.23 3.79 -2.26
N VAL B 9 -9.29 4.78 -1.38
CA VAL B 9 -8.77 6.11 -1.65
C VAL B 9 -7.44 6.26 -0.91
N ASN B 10 -6.35 6.09 -1.64
CA ASN B 10 -5.02 6.16 -1.06
C ASN B 10 -4.45 7.58 -0.99
N TYR B 11 -3.39 7.74 -0.19
CA TYR B 11 -2.71 9.02 -0.01
C TYR B 11 -3.65 10.07 0.57
N LEU B 12 -4.19 9.78 1.75
CA LEU B 12 -5.11 10.69 2.42
C LEU B 12 -4.34 11.73 3.26
N PRO B 13 -4.79 13.00 3.22
CA PRO B 13 -4.16 14.08 3.98
C PRO B 13 -4.23 13.84 5.49
N GLN B 14 -3.12 13.38 6.07
CA GLN B 14 -3.02 13.09 7.50
C GLN B 14 -3.76 14.13 8.38
N ASN B 15 -3.66 15.40 8.00
CA ASN B 15 -4.31 16.48 8.75
C ASN B 15 -5.84 16.46 8.61
N MET B 16 -6.36 15.67 7.68
CA MET B 16 -7.81 15.56 7.47
C MET B 16 -8.41 14.44 8.32
N THR B 17 -9.72 14.48 8.55
CA THR B 17 -10.40 13.47 9.36
C THR B 17 -11.41 12.65 8.55
N GLN B 18 -11.85 11.53 9.13
CA GLN B 18 -12.79 10.63 8.49
C GLN B 18 -14.09 11.34 8.08
N ASP B 19 -14.58 12.24 8.93
CA ASP B 19 -15.81 12.98 8.63
C ASP B 19 -15.65 13.81 7.36
N GLU B 20 -14.61 14.65 7.31
CA GLU B 20 -14.36 15.48 6.14
C GLU B 20 -14.12 14.60 4.91
N PHE B 21 -13.29 13.57 5.06
CA PHE B 21 -13.02 12.64 3.97
C PHE B 21 -14.33 12.18 3.33
N LYS B 22 -15.26 11.73 4.17
CA LYS B 22 -16.58 11.30 3.73
C LYS B 22 -17.34 12.51 3.19
N SER B 23 -17.32 13.60 3.96
CA SER B 23 -17.99 14.84 3.59
C SER B 23 -17.55 15.29 2.19
N LEU B 24 -16.24 15.31 1.96
CA LEU B 24 -15.68 15.70 0.66
C LEU B 24 -16.33 14.90 -0.48
N PHE B 25 -16.23 13.57 -0.42
CA PHE B 25 -16.84 12.71 -1.44
C PHE B 25 -18.38 12.81 -1.43
N GLY B 26 -18.95 13.27 -0.32
CA GLY B 26 -20.39 13.41 -0.21
C GLY B 26 -21.03 14.05 -1.43
N SER B 27 -20.38 15.07 -1.99
CA SER B 27 -20.89 15.75 -3.18
C SER B 27 -20.49 15.01 -4.47
N ILE B 28 -20.86 13.74 -4.56
CA ILE B 28 -20.54 12.92 -5.73
C ILE B 28 -21.72 12.04 -6.14
N GLY B 29 -22.30 11.33 -5.18
CA GLY B 29 -23.43 10.45 -5.46
C GLY B 29 -23.94 9.73 -4.23
N ASP B 30 -24.69 8.66 -4.44
CA ASP B 30 -25.24 7.88 -3.33
C ASP B 30 -24.16 6.98 -2.70
N ILE B 31 -23.47 7.53 -1.70
CA ILE B 31 -22.41 6.81 -1.01
C ILE B 31 -22.97 5.93 0.11
N GLU B 32 -23.29 4.69 -0.25
CA GLU B 32 -23.84 3.72 0.71
C GLU B 32 -23.04 3.75 2.03
N SER B 33 -21.71 3.87 1.91
CA SER B 33 -20.85 3.91 3.09
C SER B 33 -19.37 4.07 2.69
N CYS B 34 -18.53 4.32 3.70
CA CYS B 34 -17.09 4.50 3.48
C CYS B 34 -16.28 3.70 4.50
N LYS B 35 -14.96 3.65 4.31
CA LYS B 35 -14.09 2.90 5.21
C LYS B 35 -12.72 3.58 5.36
N LEU B 36 -12.01 3.21 6.43
CA LEU B 36 -10.68 3.77 6.70
C LEU B 36 -9.80 2.76 7.43
N VAL B 37 -8.58 2.57 6.95
CA VAL B 37 -7.64 1.63 7.57
C VAL B 37 -7.08 2.20 8.88
N ARG B 38 -7.87 2.10 9.94
CA ARG B 38 -7.46 2.61 11.25
C ARG B 38 -7.08 1.46 12.19
N ASP B 39 -5.91 1.60 12.84
CA ASP B 39 -5.43 0.58 13.76
C ASP B 39 -5.91 0.85 15.20
N LYS B 40 -6.01 -0.22 15.98
CA LYS B 40 -6.44 -0.14 17.37
C LYS B 40 -5.45 -0.85 18.32
N ILE B 41 -4.17 -0.78 17.96
CA ILE B 41 -3.10 -1.38 18.77
C ILE B 41 -2.03 -0.35 19.08
N THR B 42 -1.51 0.28 18.02
CA THR B 42 -0.49 1.32 18.15
C THR B 42 -1.14 2.68 17.93
N GLY B 43 -2.06 2.72 16.97
CA GLY B 43 -2.78 3.96 16.65
C GLY B 43 -1.94 4.94 15.86
N GLN B 44 -1.15 4.43 14.92
CA GLN B 44 -0.28 5.27 14.09
C GLN B 44 -1.04 5.91 12.91
N SER B 45 -1.76 5.08 12.14
CA SER B 45 -2.55 5.56 10.98
C SER B 45 -1.68 5.66 9.71
N LEU B 46 -2.05 4.92 8.67
CA LEU B 46 -1.30 4.92 7.41
C LEU B 46 -1.62 6.14 6.55
N GLY B 47 -2.79 6.15 5.91
CA GLY B 47 -3.18 7.29 5.07
C GLY B 47 -3.95 6.91 3.81
N TYR B 48 -4.98 6.09 3.97
CA TYR B 48 -5.82 5.66 2.83
C TYR B 48 -7.18 5.14 3.32
N GLY B 49 -8.25 5.57 2.64
CA GLY B 49 -9.60 5.17 3.03
C GLY B 49 -10.34 4.42 1.92
N PHE B 50 -11.65 4.22 2.08
CA PHE B 50 -12.42 3.49 1.08
C PHE B 50 -13.84 4.05 0.91
N VAL B 51 -14.39 3.84 -0.28
CA VAL B 51 -15.74 4.28 -0.59
C VAL B 51 -16.57 3.11 -1.12
N ASN B 52 -17.67 2.78 -0.44
CA ASN B 52 -18.52 1.67 -0.86
C ASN B 52 -19.83 2.16 -1.47
N TYR B 53 -19.90 2.21 -2.80
CA TYR B 53 -21.09 2.65 -3.50
C TYR B 53 -22.05 1.48 -3.73
N SER B 54 -23.25 1.78 -4.21
CA SER B 54 -24.25 0.74 -4.47
C SER B 54 -23.94 0.00 -5.78
N ASP B 55 -23.73 0.76 -6.86
CA ASP B 55 -23.44 0.16 -8.16
C ASP B 55 -22.03 0.56 -8.67
N PRO B 56 -21.44 -0.27 -9.54
CA PRO B 56 -20.10 -0.02 -10.10
C PRO B 56 -20.03 1.24 -10.96
N ASN B 57 -21.11 1.54 -11.68
CA ASN B 57 -21.16 2.72 -12.57
C ASN B 57 -20.72 3.99 -11.85
N ASP B 58 -21.50 4.42 -10.85
CA ASP B 58 -21.15 5.62 -10.09
C ASP B 58 -19.81 5.41 -9.36
N ALA B 59 -19.45 4.14 -9.13
CA ALA B 59 -18.19 3.82 -8.48
C ALA B 59 -17.01 4.12 -9.41
N ASP B 60 -17.10 3.69 -10.69
CA ASP B 60 -16.03 3.95 -11.65
C ASP B 60 -16.11 5.39 -12.17
N LYS B 61 -17.33 5.86 -12.44
CA LYS B 61 -17.53 7.22 -12.92
C LYS B 61 -16.86 8.22 -11.97
N ALA B 62 -17.01 7.97 -10.67
CA ALA B 62 -16.39 8.81 -9.65
C ALA B 62 -14.87 8.78 -9.80
N ILE B 63 -14.33 7.57 -10.02
CA ILE B 63 -12.88 7.39 -10.22
C ILE B 63 -12.34 8.40 -11.23
N ASN B 64 -13.03 8.54 -12.37
CA ASN B 64 -12.60 9.47 -13.41
C ASN B 64 -12.23 10.85 -12.83
N THR B 65 -12.93 11.27 -11.77
CA THR B 65 -12.67 12.56 -11.14
C THR B 65 -11.79 12.46 -9.89
N LEU B 66 -11.87 11.34 -9.16
CA LEU B 66 -11.06 11.17 -7.94
C LEU B 66 -9.75 10.41 -8.18
N ASN B 67 -9.50 10.00 -9.42
CA ASN B 67 -8.26 9.28 -9.76
C ASN B 67 -7.12 10.26 -10.06
N GLY B 68 -6.92 11.25 -9.19
CA GLY B 68 -5.87 12.23 -9.38
C GLY B 68 -6.20 13.60 -8.82
N LEU B 69 -6.64 13.63 -7.55
CA LEU B 69 -6.98 14.89 -6.90
C LEU B 69 -5.75 15.47 -6.19
N LYS B 70 -5.17 16.52 -6.77
CA LYS B 70 -3.99 17.16 -6.21
C LYS B 70 -4.35 18.29 -5.23
N LEU B 71 -3.83 18.20 -4.02
CA LEU B 71 -4.08 19.21 -2.98
C LEU B 71 -2.82 20.03 -2.71
N GLN B 72 -2.96 21.07 -1.89
CA GLN B 72 -1.83 21.93 -1.53
C GLN B 72 -0.70 21.12 -0.89
N THR B 73 -1.06 20.01 -0.23
CA THR B 73 -0.08 19.15 0.44
C THR B 73 0.25 17.90 -0.38
N LYS B 74 -0.78 17.15 -0.77
CA LYS B 74 -0.60 15.92 -1.54
C LYS B 74 -1.76 15.62 -2.49
N THR B 75 -1.65 14.46 -3.15
CA THR B 75 -2.65 14.01 -4.11
C THR B 75 -3.49 12.84 -3.58
N ILE B 76 -4.76 12.79 -3.99
CA ILE B 76 -5.67 11.72 -3.58
C ILE B 76 -6.07 10.88 -4.79
N LYS B 77 -6.09 9.55 -4.62
CA LYS B 77 -6.45 8.66 -5.73
C LYS B 77 -7.23 7.42 -5.25
N VAL B 78 -8.38 7.18 -5.89
CA VAL B 78 -9.23 6.04 -5.56
C VAL B 78 -8.91 4.85 -6.46
N SER B 79 -8.98 3.64 -5.91
CA SER B 79 -8.69 2.44 -6.69
C SER B 79 -9.50 1.22 -6.22
N TYR B 80 -9.60 0.22 -7.10
CA TYR B 80 -10.34 -1.01 -6.80
C TYR B 80 -9.54 -1.94 -5.89
N ALA B 81 -9.65 -1.71 -4.58
CA ALA B 81 -8.93 -2.54 -3.62
C ALA B 81 -9.46 -3.98 -3.65
N ARG B 82 -8.65 -4.89 -4.19
CA ARG B 82 -9.03 -6.30 -4.28
C ARG B 82 -9.44 -6.86 -2.92
N PRO B 83 -10.45 -7.76 -2.88
CA PRO B 83 -10.95 -8.37 -1.64
C PRO B 83 -9.82 -8.81 -0.69
N SER B 84 -8.85 -9.55 -1.23
CA SER B 84 -7.71 -10.02 -0.43
C SER B 84 -6.79 -10.91 -1.25
N SER B 85 -5.53 -10.53 -1.33
CA SER B 85 -4.52 -11.29 -2.08
C SER B 85 -3.69 -12.17 -1.14
N ALA B 86 -4.28 -12.56 0.01
CA ALA B 86 -3.60 -13.42 0.99
C ALA B 86 -2.38 -12.72 1.62
N SER B 87 -2.63 -11.85 2.61
CA SER B 87 -1.57 -11.12 3.30
C SER B 87 -0.88 -10.13 2.35
N ILE B 88 -1.55 -9.00 2.09
CA ILE B 88 -1.01 -7.98 1.20
C ILE B 88 -0.34 -6.84 1.99
N ARG B 89 -1.14 -5.85 2.40
CA ARG B 89 -0.63 -4.72 3.18
C ARG B 89 0.50 -3.97 2.47
N ASP B 90 1.39 -3.33 3.24
CA ASP B 90 2.49 -2.55 2.67
C ASP B 90 3.69 -3.40 2.26
N ALA B 91 3.91 -3.49 0.96
CA ALA B 91 5.05 -4.22 0.42
C ALA B 91 5.89 -3.26 -0.42
N ASN B 92 6.10 -2.05 0.14
CA ASN B 92 6.85 -0.99 -0.51
C ASN B 92 8.36 -1.21 -0.37
N LEU B 93 9.08 -1.05 -1.48
CA LEU B 93 10.54 -1.25 -1.48
C LEU B 93 11.32 -0.02 -1.96
N TYR B 94 12.53 0.13 -1.43
CA TYR B 94 13.46 1.23 -1.76
C TYR B 94 14.70 0.72 -2.51
N VAL B 95 14.88 1.20 -3.75
CA VAL B 95 16.03 0.79 -4.57
C VAL B 95 16.81 2.01 -5.09
N SER B 96 17.98 2.25 -4.51
CA SER B 96 18.81 3.38 -4.93
C SER B 96 19.97 2.92 -5.81
N GLY B 97 20.63 3.89 -6.44
CA GLY B 97 21.74 3.59 -7.33
C GLY B 97 21.33 3.42 -8.77
N LEU B 98 20.30 4.17 -9.18
CA LEU B 98 19.80 4.09 -10.55
C LEU B 98 20.16 5.36 -11.34
N PRO B 99 20.40 5.22 -12.66
CA PRO B 99 20.75 6.35 -13.53
C PRO B 99 19.56 7.27 -13.81
N LYS B 100 19.81 8.39 -14.48
CA LYS B 100 18.76 9.35 -14.82
C LYS B 100 17.79 8.75 -15.84
N THR B 101 18.31 7.92 -16.74
CA THR B 101 17.50 7.28 -17.76
C THR B 101 16.93 5.93 -17.26
N MET B 102 16.58 5.87 -15.98
CA MET B 102 16.02 4.65 -15.39
C MET B 102 14.61 4.40 -15.90
N SER B 103 14.44 3.23 -16.52
CA SER B 103 13.14 2.86 -17.09
C SER B 103 12.30 2.10 -16.06
N GLN B 104 11.18 2.72 -15.68
CA GLN B 104 10.25 2.12 -14.71
C GLN B 104 9.89 0.67 -15.11
N LYS B 105 9.48 0.48 -16.37
CA LYS B 105 9.12 -0.84 -16.87
C LYS B 105 10.27 -1.84 -16.66
N GLU B 106 11.50 -1.37 -16.88
CA GLU B 106 12.67 -2.22 -16.68
C GLU B 106 12.70 -2.70 -15.23
N MET B 107 12.54 -1.75 -14.30
CA MET B 107 12.49 -2.08 -12.88
C MET B 107 11.29 -2.99 -12.61
N GLU B 108 10.16 -2.66 -13.23
CA GLU B 108 8.95 -3.46 -13.08
C GLU B 108 9.18 -4.89 -13.57
N GLN B 109 9.68 -5.02 -14.81
CA GLN B 109 9.97 -6.34 -15.37
C GLN B 109 11.06 -7.06 -14.56
N LEU B 110 11.94 -6.29 -13.94
CA LEU B 110 13.02 -6.84 -13.13
C LEU B 110 12.48 -7.43 -11.84
N PHE B 111 11.68 -6.65 -11.12
CA PHE B 111 11.10 -7.11 -9.86
C PHE B 111 9.86 -7.98 -10.11
N SER B 112 9.12 -7.70 -11.20
CA SER B 112 7.92 -8.49 -11.51
C SER B 112 8.27 -9.98 -11.57
N GLN B 113 9.41 -10.31 -12.19
CA GLN B 113 9.87 -11.69 -12.30
C GLN B 113 10.05 -12.31 -10.91
N TYR B 114 10.39 -11.47 -9.92
CA TYR B 114 10.58 -11.91 -8.54
C TYR B 114 9.23 -12.07 -7.83
N GLY B 115 8.28 -11.23 -8.20
CA GLY B 115 6.95 -11.27 -7.63
C GLY B 115 6.03 -10.24 -8.26
N ARG B 116 4.77 -10.60 -8.48
CA ARG B 116 3.83 -9.67 -9.10
C ARG B 116 3.73 -8.38 -8.28
N ILE B 117 4.40 -7.32 -8.76
CA ILE B 117 4.40 -6.03 -8.07
C ILE B 117 3.11 -5.25 -8.34
N ILE B 118 2.65 -4.50 -7.33
CA ILE B 118 1.46 -3.69 -7.48
C ILE B 118 1.81 -2.38 -8.18
N THR B 119 2.88 -1.73 -7.71
CA THR B 119 3.34 -0.47 -8.29
C THR B 119 4.86 -0.29 -8.11
N SER B 120 5.57 -0.20 -9.24
CA SER B 120 7.03 -0.01 -9.24
C SER B 120 7.41 1.25 -10.00
N ARG B 121 8.29 2.09 -9.43
CA ARG B 121 8.68 3.33 -10.10
C ARG B 121 9.98 3.93 -9.53
N ILE B 122 10.44 5.00 -10.18
CA ILE B 122 11.65 5.72 -9.79
C ILE B 122 11.36 7.20 -9.52
N LEU B 123 11.94 7.76 -8.46
CA LEU B 123 11.73 9.18 -8.14
C LEU B 123 12.88 10.02 -8.69
N LEU B 124 12.58 10.85 -9.69
CA LEU B 124 13.59 11.71 -10.33
C LEU B 124 12.94 12.87 -11.09
N ASP B 125 12.83 14.03 -10.45
CA ASP B 125 12.24 15.20 -11.10
C ASP B 125 13.23 16.36 -11.18
N GLN B 126 12.91 17.36 -12.00
CA GLN B 126 13.76 18.54 -12.18
C GLN B 126 12.94 19.77 -12.59
N ALA B 127 11.68 19.83 -12.15
CA ALA B 127 10.79 20.95 -12.47
C ALA B 127 9.58 21.00 -11.52
N THR B 128 8.93 19.85 -11.30
CA THR B 128 7.76 19.76 -10.42
C THR B 128 8.17 19.39 -8.99
N GLY B 129 9.21 18.56 -8.86
CA GLY B 129 9.68 18.13 -7.56
C GLY B 129 11.16 18.36 -7.35
N VAL B 130 11.92 17.26 -7.25
CA VAL B 130 13.37 17.35 -7.02
C VAL B 130 14.13 16.17 -7.64
N SER B 131 15.42 16.36 -7.88
CA SER B 131 16.29 15.33 -8.45
C SER B 131 16.75 14.34 -7.38
N ARG B 132 16.39 13.07 -7.55
CA ARG B 132 16.74 12.04 -6.58
C ARG B 132 17.54 10.90 -7.24
N GLY B 133 16.86 10.05 -8.01
CA GLY B 133 17.54 8.94 -8.68
C GLY B 133 17.40 7.61 -7.94
N VAL B 134 16.24 7.38 -7.35
CA VAL B 134 15.97 6.14 -6.61
C VAL B 134 14.67 5.49 -7.09
N GLY B 135 14.63 4.17 -7.00
CA GLY B 135 13.46 3.44 -7.43
C GLY B 135 12.77 2.71 -6.29
N PHE B 136 11.50 2.37 -6.50
CA PHE B 136 10.72 1.67 -5.50
C PHE B 136 9.81 0.63 -6.12
N ILE B 137 9.55 -0.41 -5.35
CA ILE B 137 8.71 -1.51 -5.81
C ILE B 137 7.66 -1.89 -4.78
N ARG B 138 6.40 -1.59 -5.05
CA ARG B 138 5.32 -1.92 -4.13
C ARG B 138 4.78 -3.31 -4.48
N PHE B 139 5.29 -4.33 -3.81
CA PHE B 139 4.87 -5.71 -4.05
C PHE B 139 3.54 -6.04 -3.36
N ASP B 140 3.07 -7.26 -3.59
CA ASP B 140 1.83 -7.76 -3.00
C ASP B 140 2.13 -8.36 -1.62
N LYS B 141 3.10 -9.28 -1.60
CA LYS B 141 3.51 -9.95 -0.36
C LYS B 141 4.86 -9.42 0.14
N ARG B 142 4.87 -8.93 1.38
CA ARG B 142 6.07 -8.39 2.00
C ARG B 142 7.22 -9.40 2.00
N ILE B 143 6.92 -10.64 2.40
CA ILE B 143 7.93 -11.71 2.44
C ILE B 143 8.55 -11.93 1.07
N GLU B 144 7.73 -11.85 0.02
CA GLU B 144 8.22 -12.00 -1.35
C GLU B 144 9.21 -10.89 -1.64
N ALA B 145 8.82 -9.67 -1.27
CA ALA B 145 9.68 -8.49 -1.45
C ALA B 145 10.91 -8.62 -0.55
N GLU B 146 10.68 -9.01 0.70
CA GLU B 146 11.76 -9.20 1.66
C GLU B 146 12.77 -10.21 1.11
N GLU B 147 12.27 -11.37 0.69
CA GLU B 147 13.13 -12.40 0.11
C GLU B 147 13.77 -11.84 -1.17
N ALA B 148 12.95 -11.21 -2.02
CA ALA B 148 13.46 -10.59 -3.24
C ALA B 148 14.60 -9.65 -2.89
N ILE B 149 14.36 -8.75 -1.93
CA ILE B 149 15.39 -7.82 -1.47
C ILE B 149 16.65 -8.59 -1.07
N LYS B 150 16.45 -9.62 -0.24
CA LYS B 150 17.56 -10.47 0.22
C LYS B 150 18.39 -10.97 -0.97
N GLY B 151 17.70 -11.38 -2.04
CA GLY B 151 18.38 -11.87 -3.22
C GLY B 151 18.55 -10.80 -4.30
N LEU B 152 18.40 -9.52 -3.91
CA LEU B 152 18.54 -8.41 -4.86
C LEU B 152 19.50 -7.34 -4.35
N ASN B 153 19.31 -6.92 -3.09
CA ASN B 153 20.16 -5.88 -2.48
C ASN B 153 21.62 -6.33 -2.41
N GLY B 154 22.54 -5.40 -2.67
CA GLY B 154 23.96 -5.72 -2.64
C GLY B 154 24.65 -5.27 -1.37
N GLN B 155 25.54 -4.29 -1.49
CA GLN B 155 26.28 -3.78 -0.34
C GLN B 155 26.84 -2.39 -0.62
N LYS B 156 27.17 -1.65 0.44
CA LYS B 156 27.72 -0.30 0.31
C LYS B 156 28.94 -0.09 1.22
N PRO B 157 30.09 -0.71 0.88
CA PRO B 157 31.33 -0.61 1.65
C PRO B 157 32.03 0.74 1.46
N LEU B 158 33.00 1.03 2.31
CA LEU B 158 33.76 2.29 2.23
C LEU B 158 34.42 2.46 0.86
N GLY B 159 35.04 1.40 0.35
CA GLY B 159 35.67 1.46 -0.96
C GLY B 159 34.67 1.44 -2.11
N ALA B 160 33.63 2.28 -2.01
CA ALA B 160 32.59 2.35 -3.03
C ALA B 160 31.65 3.54 -2.78
N ALA B 161 30.57 3.63 -3.56
CA ALA B 161 29.61 4.71 -3.43
C ALA B 161 28.18 4.15 -3.27
N GLU B 162 27.65 3.59 -4.35
CA GLU B 162 26.30 3.01 -4.33
C GLU B 162 26.23 1.77 -5.24
N PRO B 163 26.82 0.64 -4.82
CA PRO B 163 26.82 -0.60 -5.59
C PRO B 163 25.47 -1.32 -5.49
N ILE B 164 24.43 -0.68 -6.02
CA ILE B 164 23.05 -1.18 -6.03
C ILE B 164 22.52 -1.44 -4.61
N THR B 165 21.50 -0.67 -4.21
CA THR B 165 20.93 -0.82 -2.87
C THR B 165 19.40 -0.83 -2.90
N VAL B 166 18.82 -2.02 -2.70
CA VAL B 166 17.38 -2.20 -2.68
C VAL B 166 16.96 -2.77 -1.33
N LYS B 167 16.25 -1.96 -0.54
CA LYS B 167 15.80 -2.40 0.78
C LYS B 167 14.46 -1.76 1.16
N PHE B 168 13.95 -2.12 2.33
CA PHE B 168 12.67 -1.58 2.81
C PHE B 168 12.82 -0.12 3.25
N ALA B 169 11.74 0.63 3.08
CA ALA B 169 11.73 2.05 3.45
C ALA B 169 12.19 2.26 4.90
N ASN B 170 13.35 2.90 5.07
CA ASN B 170 13.90 3.18 6.40
C ASN B 170 13.20 4.41 7.00
N ASN B 171 13.64 5.60 6.56
CA ASN B 171 13.09 6.87 7.04
C ASN B 171 13.75 8.04 6.30
N PRO B 172 12.97 9.09 5.96
CA PRO B 172 13.50 10.25 5.23
C PRO B 172 14.17 11.28 6.15
N SER B 173 13.38 11.95 6.98
CA SER B 173 13.91 12.97 7.88
C SER B 173 13.22 12.91 9.25
N GLN B 174 13.00 11.69 9.74
CA GLN B 174 12.35 11.48 11.04
C GLN B 174 12.84 10.19 11.68
N MET B 1 -22.48 -1.70 -3.96
CA MET B 1 -22.58 -2.95 -4.77
C MET B 1 -21.24 -3.27 -5.46
N ASP B 2 -20.99 -4.56 -5.69
CA ASP B 2 -19.76 -5.01 -6.34
C ASP B 2 -19.77 -4.73 -7.84
N SER B 3 -19.87 -3.44 -8.20
CA SER B 3 -19.89 -3.04 -9.61
C SER B 3 -18.60 -2.30 -9.99
N LYS B 4 -17.51 -2.56 -9.27
CA LYS B 4 -16.21 -1.93 -9.54
C LYS B 4 -16.25 -0.41 -9.35
N THR B 5 -17.20 0.08 -8.55
CA THR B 5 -17.31 1.52 -8.27
C THR B 5 -16.60 1.90 -6.98
N ASN B 6 -15.74 1.02 -6.47
CA ASN B 6 -14.99 1.25 -5.24
C ASN B 6 -13.69 2.04 -5.52
N LEU B 7 -13.73 3.33 -5.25
CA LEU B 7 -12.56 4.19 -5.43
C LEU B 7 -11.80 4.27 -4.12
N ILE B 8 -10.49 4.04 -4.17
CA ILE B 8 -9.69 4.06 -2.95
C ILE B 8 -8.64 5.18 -2.96
N VAL B 9 -8.74 6.06 -1.97
CA VAL B 9 -7.80 7.17 -1.82
C VAL B 9 -6.61 6.71 -0.99
N ASN B 10 -5.41 6.92 -1.51
CA ASN B 10 -4.22 6.49 -0.81
C ASN B 10 -3.55 7.63 -0.04
N TYR B 11 -2.96 7.29 1.10
CA TYR B 11 -2.25 8.27 1.95
C TYR B 11 -3.23 9.22 2.65
N LEU B 12 -4.29 8.66 3.26
CA LEU B 12 -5.24 9.50 3.98
C LEU B 12 -4.59 10.21 5.17
N PRO B 13 -4.72 11.54 5.24
CA PRO B 13 -4.14 12.35 6.33
C PRO B 13 -4.62 11.92 7.71
N GLN B 14 -3.80 11.12 8.40
CA GLN B 14 -4.11 10.65 9.74
C GLN B 14 -4.57 11.80 10.66
N ASN B 15 -4.09 13.01 10.38
CA ASN B 15 -4.46 14.19 11.18
C ASN B 15 -5.87 14.71 10.82
N MET B 16 -6.43 14.26 9.70
CA MET B 16 -7.77 14.69 9.26
C MET B 16 -8.84 13.75 9.82
N THR B 17 -10.03 14.29 10.08
CA THR B 17 -11.14 13.48 10.62
C THR B 17 -12.15 13.10 9.55
N GLN B 18 -13.04 12.16 9.91
CA GLN B 18 -14.09 11.69 9.01
C GLN B 18 -14.92 12.83 8.43
N ASP B 19 -15.42 13.70 9.32
CA ASP B 19 -16.22 14.86 8.90
C ASP B 19 -15.45 15.71 7.88
N GLU B 20 -14.15 15.93 8.15
CA GLU B 20 -13.31 16.69 7.24
C GLU B 20 -13.23 15.98 5.89
N PHE B 21 -12.81 14.72 5.93
CA PHE B 21 -12.71 13.91 4.72
C PHE B 21 -14.06 13.87 4.00
N LYS B 22 -15.13 13.59 4.75
CA LYS B 22 -16.48 13.57 4.19
C LYS B 22 -16.76 14.90 3.51
N SER B 23 -16.49 15.99 4.23
CA SER B 23 -16.68 17.33 3.68
C SER B 23 -15.80 17.52 2.44
N LEU B 24 -14.53 17.15 2.57
CA LEU B 24 -13.56 17.24 1.48
C LEU B 24 -14.14 16.70 0.17
N PHE B 25 -14.57 15.44 0.19
CA PHE B 25 -15.14 14.80 -1.00
C PHE B 25 -16.62 15.16 -1.18
N GLY B 26 -17.31 15.43 -0.06
CA GLY B 26 -18.72 15.80 -0.11
C GLY B 26 -19.01 16.88 -1.13
N SER B 27 -18.07 17.81 -1.28
CA SER B 27 -18.23 18.91 -2.25
C SER B 27 -18.04 18.39 -3.68
N ILE B 28 -18.85 17.40 -4.04
CA ILE B 28 -18.80 16.78 -5.37
C ILE B 28 -20.21 16.50 -5.90
N GLY B 29 -21.02 15.84 -5.09
CA GLY B 29 -22.38 15.52 -5.48
C GLY B 29 -22.83 14.17 -4.96
N ASP B 30 -23.32 13.32 -5.86
CA ASP B 30 -23.80 11.99 -5.50
C ASP B 30 -22.68 11.13 -4.91
N ILE B 31 -22.89 10.70 -3.66
CA ILE B 31 -21.93 9.86 -2.95
C ILE B 31 -22.61 8.64 -2.38
N GLU B 32 -22.72 7.59 -3.20
CA GLU B 32 -23.35 6.34 -2.82
C GLU B 32 -22.89 5.88 -1.43
N SER B 33 -21.58 5.98 -1.18
CA SER B 33 -21.02 5.57 0.12
C SER B 33 -19.50 5.71 0.15
N CYS B 34 -18.95 5.83 1.37
CA CYS B 34 -17.50 5.96 1.55
C CYS B 34 -17.05 5.27 2.83
N LYS B 35 -15.75 5.08 2.96
CA LYS B 35 -15.17 4.43 4.14
C LYS B 35 -13.70 4.85 4.34
N LEU B 36 -13.21 4.68 5.57
CA LEU B 36 -11.84 5.05 5.92
C LEU B 36 -11.23 4.06 6.90
N VAL B 37 -10.00 3.62 6.63
CA VAL B 37 -9.33 2.67 7.53
C VAL B 37 -8.38 3.39 8.49
N ARG B 38 -8.84 3.56 9.73
CA ARG B 38 -8.07 4.22 10.78
C ARG B 38 -8.21 3.45 12.11
N ASP B 39 -7.10 3.28 12.82
CA ASP B 39 -7.10 2.56 14.09
C ASP B 39 -7.67 3.43 15.21
N LYS B 40 -8.39 2.79 16.13
CA LYS B 40 -8.99 3.47 17.28
C LYS B 40 -8.87 2.62 18.54
N ILE B 41 -7.79 1.84 18.64
CA ILE B 41 -7.57 0.97 19.80
C ILE B 41 -6.12 1.06 20.29
N THR B 42 -5.18 0.88 19.37
CA THR B 42 -3.75 0.95 19.71
C THR B 42 -3.16 2.31 19.36
N GLY B 43 -3.57 2.83 18.21
CA GLY B 43 -3.09 4.12 17.74
C GLY B 43 -2.13 3.99 16.56
N GLN B 44 -2.50 3.16 15.59
CA GLN B 44 -1.66 2.95 14.42
C GLN B 44 -2.22 3.69 13.19
N SER B 45 -3.16 3.06 12.49
CA SER B 45 -3.78 3.66 11.30
C SER B 45 -2.81 3.69 10.12
N LEU B 46 -3.24 3.09 9.01
CA LEU B 46 -2.42 3.06 7.80
C LEU B 46 -2.69 4.31 6.94
N GLY B 47 -3.96 4.67 6.80
CA GLY B 47 -4.32 5.88 6.05
C GLY B 47 -4.84 5.64 4.64
N TYR B 48 -6.01 5.02 4.51
CA TYR B 48 -6.60 4.81 3.17
C TYR B 48 -8.05 5.25 3.12
N GLY B 49 -8.44 5.88 2.01
CA GLY B 49 -9.80 6.36 1.82
C GLY B 49 -10.57 5.49 0.85
N PHE B 50 -11.85 5.29 1.11
CA PHE B 50 -12.68 4.44 0.24
C PHE B 50 -13.96 5.15 -0.17
N VAL B 51 -14.18 5.28 -1.48
CA VAL B 51 -15.36 5.97 -1.99
C VAL B 51 -16.10 5.12 -3.04
N ASN B 52 -17.40 4.98 -2.85
CA ASN B 52 -18.25 4.23 -3.77
C ASN B 52 -19.21 5.18 -4.48
N TYR B 53 -19.02 5.35 -5.79
CA TYR B 53 -19.86 6.26 -6.57
C TYR B 53 -20.93 5.50 -7.37
N SER B 54 -22.00 6.21 -7.73
CA SER B 54 -23.09 5.63 -8.51
C SER B 54 -22.65 5.33 -9.94
N ASP B 55 -22.24 6.37 -10.67
CA ASP B 55 -21.81 6.20 -12.05
C ASP B 55 -20.30 6.44 -12.19
N PRO B 56 -19.63 5.71 -13.13
CA PRO B 56 -18.19 5.85 -13.37
C PRO B 56 -17.80 7.32 -13.55
N ASN B 57 -18.70 8.13 -14.10
CA ASN B 57 -18.46 9.56 -14.30
C ASN B 57 -18.06 10.23 -12.99
N ASP B 58 -18.79 9.89 -11.92
CA ASP B 58 -18.52 10.44 -10.60
C ASP B 58 -17.17 9.91 -10.07
N ALA B 59 -16.81 8.70 -10.49
CA ALA B 59 -15.56 8.08 -10.08
C ALA B 59 -14.37 8.80 -10.73
N ASP B 60 -14.45 9.04 -12.04
CA ASP B 60 -13.36 9.74 -12.74
C ASP B 60 -13.35 11.21 -12.33
N LYS B 61 -14.53 11.80 -12.16
CA LYS B 61 -14.64 13.19 -11.74
C LYS B 61 -13.88 13.38 -10.44
N ALA B 62 -14.11 12.48 -9.47
CA ALA B 62 -13.41 12.53 -8.20
C ALA B 62 -11.91 12.47 -8.45
N ILE B 63 -11.49 11.55 -9.32
CA ILE B 63 -10.08 11.43 -9.67
C ILE B 63 -9.58 12.74 -10.31
N ASN B 64 -10.27 13.18 -11.37
CA ASN B 64 -9.92 14.41 -12.07
C ASN B 64 -9.67 15.59 -11.09
N THR B 65 -10.30 15.54 -9.92
CA THR B 65 -10.14 16.61 -8.92
C THR B 65 -9.29 16.18 -7.71
N LEU B 66 -9.48 14.96 -7.22
CA LEU B 66 -8.75 14.49 -6.02
C LEU B 66 -7.51 13.62 -6.35
N ASN B 67 -7.06 13.62 -7.60
CA ASN B 67 -5.87 12.82 -7.96
C ASN B 67 -4.58 13.63 -7.73
N GLY B 68 -4.52 14.39 -6.63
CA GLY B 68 -3.32 15.17 -6.34
C GLY B 68 -3.57 16.31 -5.38
N LEU B 69 -4.11 15.99 -4.21
CA LEU B 69 -4.39 17.01 -3.19
C LEU B 69 -3.14 17.28 -2.37
N LYS B 70 -2.40 18.32 -2.74
CA LYS B 70 -1.17 18.68 -2.04
C LYS B 70 -1.46 19.67 -0.89
N LEU B 71 -1.16 19.25 0.34
CA LEU B 71 -1.38 20.10 1.50
C LEU B 71 -0.06 20.50 2.15
N GLN B 72 -0.07 21.56 2.97
CA GLN B 72 1.14 22.02 3.64
C GLN B 72 1.58 21.04 4.74
N THR B 73 1.70 19.76 4.38
CA THR B 73 2.10 18.69 5.30
C THR B 73 2.20 17.34 4.58
N LYS B 74 1.18 17.02 3.79
CA LYS B 74 1.15 15.75 3.05
C LYS B 74 0.41 15.87 1.71
N THR B 75 0.27 14.74 1.03
CA THR B 75 -0.40 14.67 -0.26
C THR B 75 -1.56 13.66 -0.24
N ILE B 76 -2.58 13.90 -1.04
CA ILE B 76 -3.73 13.00 -1.10
C ILE B 76 -4.07 12.66 -2.55
N LYS B 77 -4.20 11.36 -2.85
CA LYS B 77 -4.50 10.92 -4.21
C LYS B 77 -5.47 9.73 -4.24
N VAL B 78 -6.43 9.78 -5.18
CA VAL B 78 -7.43 8.71 -5.32
C VAL B 78 -6.98 7.70 -6.38
N SER B 79 -7.20 6.41 -6.11
CA SER B 79 -6.80 5.36 -7.05
C SER B 79 -7.87 4.27 -7.19
N TYR B 80 -7.74 3.46 -8.23
CA TYR B 80 -8.67 2.37 -8.49
C TYR B 80 -8.20 1.08 -7.81
N ALA B 81 -9.06 0.50 -6.99
CA ALA B 81 -8.74 -0.73 -6.27
C ALA B 81 -8.24 -1.82 -7.22
N ARG B 82 -7.16 -2.50 -6.81
CA ARG B 82 -6.59 -3.58 -7.61
C ARG B 82 -6.83 -4.94 -6.95
N PRO B 83 -7.96 -5.60 -7.28
CA PRO B 83 -8.32 -6.91 -6.71
C PRO B 83 -7.18 -7.93 -6.77
N SER B 84 -6.84 -8.50 -5.62
CA SER B 84 -5.77 -9.49 -5.54
C SER B 84 -6.09 -10.61 -4.55
N SER B 85 -5.74 -10.41 -3.28
CA SER B 85 -5.98 -11.39 -2.23
C SER B 85 -6.56 -10.74 -0.96
N ALA B 86 -6.39 -11.42 0.18
CA ALA B 86 -6.89 -10.93 1.46
C ALA B 86 -5.81 -10.17 2.25
N SER B 87 -4.54 -10.43 1.94
CA SER B 87 -3.42 -9.77 2.62
C SER B 87 -3.18 -8.38 2.04
N ILE B 88 -2.54 -8.33 0.87
CA ILE B 88 -2.24 -7.08 0.15
C ILE B 88 -2.09 -5.87 1.09
N ARG B 89 -0.93 -5.77 1.75
CA ARG B 89 -0.66 -4.65 2.67
C ARG B 89 0.72 -4.77 3.31
N ASP B 90 1.20 -3.64 3.86
CA ASP B 90 2.50 -3.59 4.53
C ASP B 90 3.60 -4.31 3.72
N ALA B 91 3.63 -4.05 2.41
CA ALA B 91 4.64 -4.67 1.54
C ALA B 91 5.23 -3.66 0.54
N ASN B 92 5.74 -2.56 1.08
CA ASN B 92 6.35 -1.50 0.27
C ASN B 92 7.87 -1.72 0.21
N LEU B 93 8.44 -1.69 -0.99
CA LEU B 93 9.88 -1.93 -1.15
C LEU B 93 10.66 -0.73 -1.73
N TYR B 94 11.97 -0.74 -1.45
CA TYR B 94 12.93 0.27 -1.90
C TYR B 94 14.00 -0.35 -2.80
N VAL B 95 14.23 0.28 -3.96
CA VAL B 95 15.22 -0.21 -4.93
C VAL B 95 15.96 0.96 -5.61
N SER B 96 17.26 1.07 -5.38
CA SER B 96 18.06 2.13 -5.99
C SER B 96 19.18 1.56 -6.86
N GLY B 97 19.96 2.44 -7.48
CA GLY B 97 21.06 2.01 -8.34
C GLY B 97 20.56 1.60 -9.72
N LEU B 98 19.55 2.31 -10.22
CA LEU B 98 18.96 2.02 -11.53
C LEU B 98 19.42 3.04 -12.58
N PRO B 99 19.41 2.64 -13.87
CA PRO B 99 19.81 3.52 -14.98
C PRO B 99 18.83 4.66 -15.21
N LYS B 100 19.23 5.64 -16.03
CA LYS B 100 18.39 6.79 -16.33
C LYS B 100 17.10 6.36 -17.03
N THR B 101 17.22 5.46 -18.00
CA THR B 101 16.05 4.96 -18.74
C THR B 101 15.31 3.89 -17.93
N MET B 102 15.05 4.18 -16.65
CA MET B 102 14.35 3.23 -15.77
C MET B 102 12.86 3.17 -16.11
N SER B 103 12.45 2.06 -16.72
CA SER B 103 11.05 1.86 -17.11
C SER B 103 10.23 1.29 -15.96
N GLN B 104 9.32 2.12 -15.45
CA GLN B 104 8.43 1.71 -14.35
C GLN B 104 7.70 0.41 -14.72
N LYS B 105 7.22 0.34 -15.97
CA LYS B 105 6.52 -0.84 -16.47
C LYS B 105 7.44 -2.06 -16.48
N GLU B 106 8.68 -1.87 -16.94
CA GLU B 106 9.65 -2.97 -16.96
C GLU B 106 9.87 -3.48 -15.54
N MET B 107 9.98 -2.54 -14.60
CA MET B 107 10.16 -2.89 -13.19
C MET B 107 8.97 -3.70 -12.68
N GLU B 108 7.76 -3.36 -13.15
CA GLU B 108 6.55 -4.07 -12.74
C GLU B 108 6.61 -5.53 -13.20
N GLN B 109 6.92 -5.74 -14.49
CA GLN B 109 7.02 -7.09 -15.04
C GLN B 109 8.19 -7.86 -14.41
N LEU B 110 9.22 -7.12 -14.00
CA LEU B 110 10.40 -7.72 -13.37
C LEU B 110 10.05 -8.25 -11.99
N PHE B 111 9.41 -7.43 -11.17
CA PHE B 111 9.04 -7.85 -9.83
C PHE B 111 7.75 -8.69 -9.85
N SER B 112 6.87 -8.45 -10.84
CA SER B 112 5.61 -9.22 -10.95
C SER B 112 5.90 -10.72 -10.97
N GLN B 113 6.89 -11.13 -11.78
CA GLN B 113 7.27 -12.55 -11.88
C GLN B 113 7.73 -13.08 -10.51
N TYR B 114 8.31 -12.20 -9.71
CA TYR B 114 8.79 -12.55 -8.36
C TYR B 114 7.64 -12.58 -7.37
N GLY B 115 6.79 -11.56 -7.42
CA GLY B 115 5.65 -11.47 -6.52
C GLY B 115 4.52 -10.66 -7.11
N ARG B 116 3.31 -10.87 -6.62
CA ARG B 116 2.17 -10.11 -7.11
C ARG B 116 2.25 -8.67 -6.61
N ILE B 117 2.75 -7.77 -7.47
CA ILE B 117 2.88 -6.36 -7.08
C ILE B 117 1.55 -5.63 -7.18
N ILE B 118 1.32 -4.74 -6.21
CA ILE B 118 0.12 -3.93 -6.18
C ILE B 118 0.37 -2.57 -6.86
N THR B 119 1.52 -1.97 -6.54
CA THR B 119 1.91 -0.68 -7.10
C THR B 119 3.44 -0.51 -7.09
N SER B 120 4.03 -0.34 -8.26
CA SER B 120 5.49 -0.17 -8.38
C SER B 120 5.81 1.09 -9.20
N ARG B 121 6.92 1.75 -8.86
CA ARG B 121 7.31 2.96 -9.58
C ARG B 121 8.72 3.46 -9.21
N ILE B 122 9.16 4.49 -9.92
CA ILE B 122 10.47 5.11 -9.71
C ILE B 122 10.32 6.60 -9.42
N LEU B 123 11.13 7.13 -8.49
CA LEU B 123 11.05 8.56 -8.14
C LEU B 123 12.24 9.34 -8.73
N LEU B 124 11.97 10.11 -9.78
CA LEU B 124 13.01 10.92 -10.43
C LEU B 124 12.39 12.04 -11.28
N ASP B 125 12.26 13.22 -10.69
CA ASP B 125 11.70 14.38 -11.40
C ASP B 125 12.68 15.55 -11.38
N GLN B 126 13.19 15.91 -12.56
CA GLN B 126 14.15 17.02 -12.68
C GLN B 126 13.48 18.29 -13.22
N ALA B 127 12.16 18.39 -13.04
CA ALA B 127 11.41 19.56 -13.53
C ALA B 127 10.36 20.03 -12.52
N THR B 128 9.50 19.11 -12.07
CA THR B 128 8.43 19.45 -11.12
C THR B 128 8.56 18.71 -9.78
N GLY B 129 9.64 17.95 -9.58
CA GLY B 129 9.81 17.21 -8.33
C GLY B 129 11.24 17.24 -7.82
N VAL B 130 11.88 16.07 -7.79
CA VAL B 130 13.26 15.98 -7.31
C VAL B 130 14.03 14.87 -8.03
N SER B 131 15.33 15.09 -8.19
CA SER B 131 16.22 14.13 -8.85
C SER B 131 16.68 13.06 -7.84
N ARG B 132 15.75 12.18 -7.47
CA ARG B 132 16.05 11.12 -6.50
C ARG B 132 16.80 9.94 -7.14
N GLY B 133 16.13 9.21 -8.04
CA GLY B 133 16.78 8.09 -8.72
C GLY B 133 16.59 6.75 -8.02
N VAL B 134 15.40 6.51 -7.48
CA VAL B 134 15.12 5.24 -6.80
C VAL B 134 13.78 4.68 -7.26
N GLY B 135 13.61 3.37 -7.07
CA GLY B 135 12.40 2.70 -7.45
C GLY B 135 11.75 1.98 -6.27
N PHE B 136 10.43 1.84 -6.32
CA PHE B 136 9.70 1.17 -5.25
C PHE B 136 8.72 0.16 -5.80
N ILE B 137 8.44 -0.85 -4.98
CA ILE B 137 7.53 -1.91 -5.35
C ILE B 137 6.58 -2.22 -4.19
N ARG B 138 5.28 -2.09 -4.44
CA ARG B 138 4.28 -2.36 -3.42
C ARG B 138 3.70 -3.77 -3.63
N PHE B 139 4.35 -4.76 -3.02
CA PHE B 139 3.90 -6.15 -3.14
C PHE B 139 2.72 -6.45 -2.21
N ASP B 140 2.15 -7.64 -2.37
CA ASP B 140 1.03 -8.09 -1.53
C ASP B 140 1.46 -8.21 -0.07
N LYS B 141 2.42 -9.10 0.16
CA LYS B 141 2.93 -9.37 1.51
C LYS B 141 4.45 -9.14 1.61
N ARG B 142 4.96 -9.14 2.83
CA ARG B 142 6.39 -8.93 3.10
C ARG B 142 7.21 -10.17 2.72
N ILE B 143 6.80 -11.33 3.22
CA ILE B 143 7.50 -12.58 2.94
C ILE B 143 7.76 -12.75 1.44
N GLU B 144 6.76 -12.43 0.63
CA GLU B 144 6.90 -12.52 -0.82
C GLU B 144 8.01 -11.58 -1.28
N ALA B 145 7.96 -10.35 -0.77
CA ALA B 145 8.98 -9.35 -1.09
C ALA B 145 10.34 -9.75 -0.52
N GLU B 146 10.36 -10.16 0.75
CA GLU B 146 11.60 -10.61 1.38
C GLU B 146 12.24 -11.73 0.57
N GLU B 147 11.46 -12.77 0.25
CA GLU B 147 11.95 -13.88 -0.55
C GLU B 147 12.42 -13.35 -1.90
N ALA B 148 11.55 -12.58 -2.56
CA ALA B 148 11.86 -11.99 -3.86
C ALA B 148 13.17 -11.20 -3.79
N ILE B 149 13.29 -10.34 -2.77
CA ILE B 149 14.50 -9.52 -2.58
C ILE B 149 15.77 -10.37 -2.75
N LYS B 150 15.79 -11.54 -2.09
CA LYS B 150 16.94 -12.46 -2.18
C LYS B 150 17.23 -12.85 -3.62
N GLY B 151 16.18 -13.04 -4.42
CA GLY B 151 16.34 -13.41 -5.82
C GLY B 151 16.43 -12.21 -6.77
N LEU B 152 16.50 -11.00 -6.19
CA LEU B 152 16.58 -9.78 -7.00
C LEU B 152 17.83 -8.95 -6.67
N ASN B 153 18.05 -8.69 -5.38
CA ASN B 153 19.21 -7.90 -4.93
C ASN B 153 20.50 -8.37 -5.63
N GLY B 154 21.19 -7.42 -6.24
CA GLY B 154 22.44 -7.72 -6.94
C GLY B 154 23.63 -7.13 -6.24
N GLN B 155 24.02 -7.75 -5.15
CA GLN B 155 25.17 -7.28 -4.35
C GLN B 155 26.49 -7.68 -5.01
N LYS B 156 27.41 -6.72 -5.07
CA LYS B 156 28.72 -6.93 -5.68
C LYS B 156 29.85 -6.98 -4.64
N PRO B 157 30.99 -7.59 -5.02
CA PRO B 157 32.17 -7.71 -4.15
C PRO B 157 33.07 -6.47 -4.20
N LEU B 158 34.22 -6.58 -3.54
CA LEU B 158 35.19 -5.47 -3.50
C LEU B 158 35.57 -4.99 -4.91
N GLY B 159 35.56 -5.88 -5.89
CA GLY B 159 35.89 -5.50 -7.26
C GLY B 159 34.80 -4.67 -7.94
N ALA B 160 34.34 -3.62 -7.27
CA ALA B 160 33.30 -2.74 -7.80
C ALA B 160 32.97 -1.62 -6.80
N ALA B 161 32.00 -0.76 -7.14
CA ALA B 161 31.62 0.33 -6.26
C ALA B 161 30.23 0.14 -5.67
N GLU B 162 29.20 0.37 -6.49
CA GLU B 162 27.82 0.23 -6.05
C GLU B 162 26.90 -0.38 -7.12
N PRO B 163 26.29 -1.54 -6.82
CA PRO B 163 25.41 -2.25 -7.74
C PRO B 163 23.93 -2.08 -7.39
N ILE B 164 23.07 -2.80 -8.12
CA ILE B 164 21.63 -2.76 -7.88
C ILE B 164 21.30 -3.18 -6.45
N THR B 165 20.45 -2.40 -5.77
CA THR B 165 20.07 -2.72 -4.39
C THR B 165 18.57 -2.65 -4.16
N VAL B 166 18.01 -3.73 -3.62
CA VAL B 166 16.59 -3.83 -3.34
C VAL B 166 16.37 -4.35 -1.91
N LYS B 167 15.67 -3.58 -1.08
CA LYS B 167 15.41 -3.98 0.30
C LYS B 167 14.23 -3.23 0.90
N PHE B 168 13.78 -3.70 2.07
CA PHE B 168 12.68 -3.07 2.77
C PHE B 168 13.10 -1.70 3.31
N ALA B 169 12.18 -0.74 3.21
CA ALA B 169 12.44 0.63 3.68
C ALA B 169 13.30 0.66 4.95
N ASN B 170 14.51 1.24 4.83
CA ASN B 170 15.43 1.34 5.96
C ASN B 170 14.89 2.30 7.02
N ASN B 171 13.88 1.86 7.78
CA ASN B 171 13.29 2.68 8.82
C ASN B 171 13.59 2.12 10.22
N PRO B 172 14.79 2.42 10.75
CA PRO B 172 15.22 1.94 12.07
C PRO B 172 14.72 2.82 13.22
N SER B 173 15.13 2.48 14.45
CA SER B 173 14.73 3.23 15.64
C SER B 173 15.87 3.31 16.66
N GLN B 174 16.36 2.15 17.09
CA GLN B 174 17.45 2.10 18.06
C GLN B 174 18.23 0.78 17.93
N MET B 1 -17.53 -12.09 9.21
CA MET B 1 -16.42 -11.36 8.54
C MET B 1 -16.89 -10.73 7.24
N ASP B 2 -16.73 -9.41 7.12
CA ASP B 2 -17.15 -8.68 5.93
C ASP B 2 -15.94 -8.22 5.11
N SER B 3 -16.16 -8.05 3.80
CA SER B 3 -15.11 -7.61 2.89
C SER B 3 -15.67 -7.35 1.48
N LYS B 4 -16.32 -6.20 1.31
CA LYS B 4 -16.92 -5.85 0.03
C LYS B 4 -16.72 -4.37 -0.32
N THR B 5 -17.10 -3.48 0.59
CA THR B 5 -16.99 -2.03 0.37
C THR B 5 -16.00 -1.39 1.36
N ASN B 6 -14.78 -1.92 1.41
CA ASN B 6 -13.74 -1.40 2.30
C ASN B 6 -12.77 -0.51 1.54
N LEU B 7 -12.92 0.81 1.69
CA LEU B 7 -12.03 1.76 1.03
C LEU B 7 -10.94 2.22 1.99
N ILE B 8 -9.71 2.37 1.50
CA ILE B 8 -8.60 2.81 2.35
C ILE B 8 -7.84 3.99 1.73
N VAL B 9 -7.60 5.00 2.55
CA VAL B 9 -6.89 6.23 2.14
C VAL B 9 -5.54 6.32 2.86
N ASN B 10 -4.44 6.39 2.12
CA ASN B 10 -3.12 6.47 2.76
C ASN B 10 -2.53 7.88 2.70
N TYR B 11 -1.31 8.01 3.26
CA TYR B 11 -0.62 9.30 3.29
C TYR B 11 -1.43 10.32 4.10
N LEU B 12 -2.15 9.82 5.11
CA LEU B 12 -2.98 10.65 5.97
C LEU B 12 -2.16 11.70 6.71
N PRO B 13 -2.62 12.97 6.72
CA PRO B 13 -1.92 14.06 7.40
C PRO B 13 -1.69 13.78 8.88
N GLN B 14 -0.49 13.33 9.22
CA GLN B 14 -0.12 13.01 10.61
C GLN B 14 -0.55 14.10 11.60
N ASN B 15 -0.65 15.34 11.14
CA ASN B 15 -1.07 16.46 12.01
C ASN B 15 -2.59 16.58 12.10
N MET B 16 -3.32 15.79 11.30
CA MET B 16 -4.78 15.81 11.29
C MET B 16 -5.35 14.81 12.30
N THR B 17 -6.65 14.95 12.59
CA THR B 17 -7.33 14.06 13.54
C THR B 17 -8.60 13.46 12.93
N GLN B 18 -9.14 12.46 13.62
CA GLN B 18 -10.36 11.77 13.17
C GLN B 18 -11.55 12.71 13.00
N ASP B 19 -11.72 13.64 13.93
CA ASP B 19 -12.83 14.60 13.86
C ASP B 19 -12.76 15.41 12.56
N GLU B 20 -11.59 15.97 12.26
CA GLU B 20 -11.40 16.75 11.03
C GLU B 20 -11.56 15.86 9.80
N PHE B 21 -10.83 14.74 9.78
CA PHE B 21 -10.90 13.78 8.68
C PHE B 21 -12.35 13.38 8.37
N LYS B 22 -13.09 13.03 9.43
CA LYS B 22 -14.49 12.62 9.30
C LYS B 22 -15.27 13.61 8.44
N SER B 23 -15.18 14.90 8.78
CA SER B 23 -15.87 15.96 8.04
C SER B 23 -15.57 15.90 6.54
N LEU B 24 -14.28 15.90 6.20
CA LEU B 24 -13.84 15.85 4.80
C LEU B 24 -14.60 14.77 4.01
N PHE B 25 -14.50 13.53 4.46
CA PHE B 25 -15.18 12.41 3.79
C PHE B 25 -16.68 12.40 4.11
N GLY B 26 -17.08 13.03 5.21
CA GLY B 26 -18.48 13.07 5.59
C GLY B 26 -19.33 13.90 4.64
N SER B 27 -18.72 14.87 3.96
CA SER B 27 -19.42 15.72 3.00
C SER B 27 -19.83 14.95 1.75
N ILE B 28 -20.58 13.87 1.95
CA ILE B 28 -21.04 13.02 0.86
C ILE B 28 -22.47 12.50 1.11
N GLY B 29 -22.68 11.87 2.26
CA GLY B 29 -24.00 11.34 2.59
C GLY B 29 -23.97 9.89 3.04
N ASP B 30 -24.14 8.97 2.09
CA ASP B 30 -24.13 7.53 2.39
C ASP B 30 -22.80 7.08 2.97
N ILE B 31 -22.79 6.85 4.28
CA ILE B 31 -21.57 6.41 4.97
C ILE B 31 -21.87 5.32 6.00
N GLU B 32 -21.76 4.07 5.56
CA GLU B 32 -21.99 2.92 6.46
C GLU B 32 -21.09 3.02 7.69
N SER B 33 -19.84 3.45 7.48
CA SER B 33 -18.87 3.61 8.57
C SER B 33 -17.49 3.97 8.05
N CYS B 34 -16.58 4.29 8.96
CA CYS B 34 -15.20 4.66 8.60
C CYS B 34 -14.23 4.29 9.71
N LYS B 35 -12.93 4.35 9.41
CA LYS B 35 -11.89 4.04 10.37
C LYS B 35 -10.57 4.73 10.00
N LEU B 36 -9.63 4.77 10.92
CA LEU B 36 -8.34 5.43 10.68
C LEU B 36 -7.26 4.86 11.59
N VAL B 37 -6.05 4.72 11.05
CA VAL B 37 -4.94 4.18 11.83
C VAL B 37 -3.87 5.23 12.13
N ARG B 38 -3.80 5.61 13.40
CA ARG B 38 -2.83 6.60 13.88
C ARG B 38 -2.51 6.34 15.35
N ASP B 39 -1.38 5.66 15.60
CA ASP B 39 -0.97 5.34 16.97
C ASP B 39 -0.73 6.59 17.81
N LYS B 40 -0.74 6.40 19.13
CA LYS B 40 -0.52 7.50 20.08
C LYS B 40 0.34 7.01 21.25
N ILE B 41 1.28 6.11 20.96
CA ILE B 41 2.16 5.56 21.98
C ILE B 41 3.64 5.73 21.61
N THR B 42 3.98 5.34 20.38
CA THR B 42 5.36 5.46 19.89
C THR B 42 5.53 6.74 19.09
N GLY B 43 4.50 7.07 18.32
CA GLY B 43 4.56 8.25 17.47
C GLY B 43 5.02 7.90 16.07
N GLN B 44 4.40 6.86 15.50
CA GLN B 44 4.76 6.40 14.17
C GLN B 44 3.54 6.49 13.23
N SER B 45 2.68 5.46 13.30
CA SER B 45 1.48 5.40 12.47
C SER B 45 1.83 5.30 10.98
N LEU B 46 1.16 4.38 10.29
CA LEU B 46 1.40 4.22 8.85
C LEU B 46 0.66 5.30 8.07
N GLY B 47 -0.42 5.81 8.65
CA GLY B 47 -1.18 6.90 8.05
C GLY B 47 -2.18 6.48 6.99
N TYR B 48 -3.27 5.82 7.40
CA TYR B 48 -4.30 5.46 6.44
C TYR B 48 -5.71 5.44 7.05
N GLY B 49 -6.65 5.96 6.26
CA GLY B 49 -8.05 6.02 6.66
C GLY B 49 -8.86 4.95 5.96
N PHE B 50 -9.94 4.53 6.58
CA PHE B 50 -10.78 3.48 6.03
C PHE B 50 -12.24 3.92 5.96
N VAL B 51 -12.91 3.60 4.85
CA VAL B 51 -14.30 3.98 4.65
C VAL B 51 -15.16 2.81 4.18
N ASN B 52 -16.37 2.74 4.73
CA ASN B 52 -17.34 1.69 4.38
C ASN B 52 -18.59 2.30 3.76
N TYR B 53 -18.87 1.92 2.51
CA TYR B 53 -20.04 2.44 1.79
C TYR B 53 -21.05 1.32 1.50
N SER B 54 -22.32 1.68 1.38
CA SER B 54 -23.37 0.70 1.09
C SER B 54 -23.52 0.48 -0.41
N ASP B 55 -23.68 1.57 -1.16
CA ASP B 55 -23.82 1.49 -2.61
C ASP B 55 -22.47 1.70 -3.31
N PRO B 56 -22.18 0.92 -4.36
CA PRO B 56 -20.91 1.02 -5.10
C PRO B 56 -20.72 2.38 -5.78
N ASN B 57 -21.75 2.87 -6.47
CA ASN B 57 -21.70 4.15 -7.16
C ASN B 57 -21.30 5.27 -6.20
N ASP B 58 -22.09 5.46 -5.16
CA ASP B 58 -21.82 6.50 -4.17
C ASP B 58 -20.47 6.24 -3.48
N ALA B 59 -20.04 4.98 -3.45
CA ALA B 59 -18.76 4.62 -2.85
C ALA B 59 -17.60 5.06 -3.73
N ASP B 60 -17.68 4.73 -5.02
CA ASP B 60 -16.62 5.10 -5.96
C ASP B 60 -16.71 6.57 -6.35
N LYS B 61 -17.95 7.08 -6.48
CA LYS B 61 -18.16 8.48 -6.83
C LYS B 61 -17.45 9.40 -5.85
N ALA B 62 -17.48 9.04 -4.56
CA ALA B 62 -16.81 9.83 -3.54
C ALA B 62 -15.30 9.78 -3.74
N ILE B 63 -14.75 8.57 -3.84
CA ILE B 63 -13.31 8.37 -4.05
C ILE B 63 -12.85 9.10 -5.31
N ASN B 64 -13.70 9.15 -6.34
CA ASN B 64 -13.36 9.83 -7.59
C ASN B 64 -12.73 11.21 -7.33
N THR B 65 -13.18 11.89 -6.25
CA THR B 65 -12.66 13.21 -5.90
C THR B 65 -11.52 13.13 -4.88
N LEU B 66 -11.48 12.08 -4.06
CA LEU B 66 -10.43 11.91 -3.05
C LEU B 66 -9.22 11.13 -3.58
N ASN B 67 -9.40 10.44 -4.72
CA ASN B 67 -8.32 9.66 -5.32
C ASN B 67 -7.24 10.57 -5.93
N GLY B 68 -6.51 11.28 -5.07
CA GLY B 68 -5.44 12.16 -5.54
C GLY B 68 -5.56 13.58 -5.00
N LEU B 69 -5.82 13.70 -3.70
CA LEU B 69 -5.95 15.02 -3.05
C LEU B 69 -4.59 15.51 -2.54
N LYS B 70 -3.93 16.34 -3.32
CA LYS B 70 -2.62 16.88 -2.92
C LYS B 70 -2.79 17.93 -1.84
N LEU B 71 -1.91 17.86 -0.84
CA LEU B 71 -1.93 18.81 0.28
C LEU B 71 -0.59 19.52 0.42
N GLN B 72 -0.48 20.35 1.45
CA GLN B 72 0.75 21.11 1.72
C GLN B 72 1.94 20.18 1.99
N THR B 73 1.70 18.97 2.48
CA THR B 73 2.78 18.02 2.78
C THR B 73 2.61 16.65 2.11
N LYS B 74 1.38 16.22 1.88
CA LYS B 74 1.15 14.90 1.27
C LYS B 74 0.27 14.98 0.01
N THR B 75 0.12 13.83 -0.65
CA THR B 75 -0.67 13.71 -1.87
C THR B 75 -1.79 12.67 -1.69
N ILE B 76 -2.66 12.92 -0.70
CA ILE B 76 -3.78 12.02 -0.36
C ILE B 76 -4.25 11.18 -1.55
N LYS B 77 -4.27 9.86 -1.37
CA LYS B 77 -4.70 8.95 -2.43
C LYS B 77 -5.60 7.84 -1.88
N VAL B 78 -6.90 7.98 -2.13
CA VAL B 78 -7.90 6.99 -1.66
C VAL B 78 -7.94 5.78 -2.58
N SER B 79 -8.03 4.57 -1.98
CA SER B 79 -8.07 3.34 -2.77
C SER B 79 -9.21 2.42 -2.35
N TYR B 80 -9.64 1.58 -3.27
CA TYR B 80 -10.71 0.59 -3.04
C TYR B 80 -10.15 -0.75 -2.53
N ALA B 81 -9.05 -0.69 -1.77
CA ALA B 81 -8.41 -1.89 -1.23
C ALA B 81 -8.01 -2.90 -2.32
N ARG B 82 -7.56 -4.07 -1.88
CA ARG B 82 -7.13 -5.14 -2.80
C ARG B 82 -7.03 -6.49 -2.07
N PRO B 83 -7.79 -7.50 -2.52
CA PRO B 83 -7.76 -8.84 -1.91
C PRO B 83 -6.49 -9.63 -2.26
N SER B 84 -5.91 -10.28 -1.25
CA SER B 84 -4.69 -11.06 -1.45
C SER B 84 -4.88 -12.53 -1.00
N SER B 85 -3.84 -13.13 -0.39
CA SER B 85 -3.93 -14.52 0.06
C SER B 85 -2.94 -14.80 1.21
N ALA B 86 -1.66 -14.93 0.87
CA ALA B 86 -0.61 -15.23 1.85
C ALA B 86 -0.42 -14.12 2.88
N SER B 87 0.02 -12.94 2.43
CA SER B 87 0.26 -11.81 3.33
C SER B 87 0.57 -10.54 2.57
N ILE B 88 -0.05 -9.43 2.97
CA ILE B 88 0.18 -8.13 2.33
C ILE B 88 0.44 -7.04 3.35
N ARG B 89 1.37 -6.14 3.02
CA ARG B 89 1.74 -5.00 3.88
C ARG B 89 3.08 -4.39 3.45
N ASP B 90 4.12 -5.21 3.35
CA ASP B 90 5.44 -4.73 2.95
C ASP B 90 5.90 -5.41 1.66
N ALA B 91 5.84 -4.66 0.56
CA ALA B 91 6.25 -5.14 -0.75
C ALA B 91 6.52 -3.94 -1.68
N ASN B 92 7.43 -3.08 -1.24
CA ASN B 92 7.77 -1.86 -1.98
C ASN B 92 9.15 -1.96 -2.63
N LEU B 93 9.17 -1.88 -3.96
CA LEU B 93 10.44 -1.97 -4.70
C LEU B 93 11.02 -0.60 -5.07
N TYR B 94 12.34 -0.55 -5.13
CA TYR B 94 13.11 0.66 -5.49
C TYR B 94 13.84 0.45 -6.82
N VAL B 95 13.54 1.29 -7.80
CA VAL B 95 14.16 1.19 -9.13
C VAL B 95 14.92 2.47 -9.51
N SER B 96 16.18 2.30 -9.85
CA SER B 96 17.03 3.41 -10.27
C SER B 96 17.67 3.14 -11.63
N GLY B 97 18.38 4.12 -12.16
CA GLY B 97 19.02 3.98 -13.46
C GLY B 97 18.04 4.11 -14.61
N LEU B 98 17.06 4.99 -14.46
CA LEU B 98 16.05 5.22 -15.49
C LEU B 98 16.11 6.64 -16.03
N PRO B 99 15.72 6.85 -17.31
CA PRO B 99 15.74 8.19 -17.93
C PRO B 99 14.79 9.17 -17.24
N LYS B 100 15.11 10.46 -17.33
CA LYS B 100 14.28 11.51 -16.72
C LYS B 100 12.84 11.41 -17.22
N THR B 101 12.68 11.08 -18.50
CA THR B 101 11.34 10.92 -19.08
C THR B 101 10.75 9.56 -18.73
N MET B 102 10.81 9.21 -17.44
CA MET B 102 10.27 7.93 -16.98
C MET B 102 8.75 7.97 -16.86
N SER B 103 8.09 7.20 -17.72
CA SER B 103 6.63 7.13 -17.75
C SER B 103 6.11 6.12 -16.72
N GLN B 104 5.46 6.64 -15.68
CA GLN B 104 4.91 5.80 -14.61
C GLN B 104 4.10 4.62 -15.17
N LYS B 105 3.18 4.92 -16.10
CA LYS B 105 2.35 3.88 -16.70
C LYS B 105 3.19 2.79 -17.38
N GLU B 106 4.24 3.21 -18.07
CA GLU B 106 5.13 2.26 -18.74
C GLU B 106 5.73 1.31 -17.71
N MET B 107 6.19 1.86 -16.58
CA MET B 107 6.73 1.04 -15.50
C MET B 107 5.61 0.16 -14.95
N GLU B 108 4.41 0.75 -14.86
CA GLU B 108 3.23 0.05 -14.38
C GLU B 108 2.94 -1.17 -15.25
N GLN B 109 2.69 -0.95 -16.54
CA GLN B 109 2.42 -2.05 -17.47
C GLN B 109 3.63 -3.00 -17.54
N LEU B 110 4.82 -2.49 -17.24
CA LEU B 110 6.03 -3.30 -17.25
C LEU B 110 6.05 -4.25 -16.06
N PHE B 111 5.87 -3.71 -14.86
CA PHE B 111 5.86 -4.54 -13.65
C PHE B 111 4.53 -5.28 -13.50
N SER B 112 3.43 -4.67 -13.98
CA SER B 112 2.10 -5.31 -13.91
C SER B 112 2.15 -6.69 -14.58
N GLN B 113 2.81 -6.76 -15.74
CA GLN B 113 2.96 -8.01 -16.49
C GLN B 113 3.67 -9.05 -15.62
N TYR B 114 4.59 -8.59 -14.77
CA TYR B 114 5.33 -9.48 -13.88
C TYR B 114 4.49 -9.85 -12.66
N GLY B 115 4.00 -8.84 -11.97
CA GLY B 115 3.18 -9.07 -10.80
C GLY B 115 2.10 -8.02 -10.65
N ARG B 116 1.02 -8.36 -9.97
CA ARG B 116 -0.08 -7.41 -9.77
C ARG B 116 0.40 -6.28 -8.85
N ILE B 117 0.72 -5.12 -9.45
CA ILE B 117 1.19 -3.98 -8.67
C ILE B 117 0.05 -3.23 -7.99
N ILE B 118 0.26 -2.88 -6.73
CA ILE B 118 -0.73 -2.13 -5.97
C ILE B 118 -0.57 -0.63 -6.26
N THR B 119 0.69 -0.17 -6.24
CA THR B 119 1.02 1.23 -6.49
C THR B 119 2.42 1.35 -7.11
N SER B 120 2.48 1.87 -8.34
CA SER B 120 3.75 2.04 -9.06
C SER B 120 3.99 3.52 -9.39
N ARG B 121 5.22 3.99 -9.25
CA ARG B 121 5.51 5.41 -9.55
C ARG B 121 7.01 5.74 -9.56
N ILE B 122 7.31 6.95 -10.05
CA ILE B 122 8.67 7.48 -10.14
C ILE B 122 8.71 8.87 -9.49
N LEU B 123 9.74 9.16 -8.70
CA LEU B 123 9.84 10.48 -8.05
C LEU B 123 10.78 11.43 -8.82
N LEU B 124 10.25 12.58 -9.23
CA LEU B 124 11.02 13.57 -9.97
C LEU B 124 10.37 14.96 -9.90
N ASP B 125 11.15 15.97 -9.50
CA ASP B 125 10.63 17.34 -9.40
C ASP B 125 11.72 18.35 -9.82
N GLN B 126 11.37 19.62 -9.78
CA GLN B 126 12.28 20.71 -10.15
C GLN B 126 11.74 22.06 -9.65
N ALA B 127 10.45 22.28 -9.85
CA ALA B 127 9.80 23.53 -9.42
C ALA B 127 9.40 23.47 -7.94
N THR B 128 9.01 22.28 -7.47
CA THR B 128 8.61 22.10 -6.07
C THR B 128 9.50 21.11 -5.32
N GLY B 129 10.54 20.58 -5.99
CA GLY B 129 11.43 19.64 -5.33
C GLY B 129 12.79 19.56 -6.00
N VAL B 130 13.15 18.35 -6.44
CA VAL B 130 14.44 18.11 -7.09
C VAL B 130 14.37 16.89 -8.02
N SER B 131 15.25 16.88 -9.02
CA SER B 131 15.30 15.78 -9.98
C SER B 131 15.92 14.54 -9.33
N ARG B 132 15.06 13.70 -8.76
CA ARG B 132 15.50 12.47 -8.08
C ARG B 132 15.78 11.37 -9.10
N GLY B 133 14.79 11.07 -9.94
CA GLY B 133 14.94 10.06 -10.97
C GLY B 133 14.91 8.64 -10.45
N VAL B 134 13.91 8.31 -9.63
CA VAL B 134 13.78 6.95 -9.10
C VAL B 134 12.34 6.44 -9.23
N GLY B 135 12.22 5.15 -9.50
CA GLY B 135 10.91 4.54 -9.64
C GLY B 135 10.68 3.45 -8.62
N PHE B 136 9.42 3.18 -8.32
CA PHE B 136 9.06 2.15 -7.34
C PHE B 136 7.83 1.38 -7.76
N ILE B 137 7.73 0.17 -7.25
CA ILE B 137 6.61 -0.72 -7.56
C ILE B 137 6.11 -1.44 -6.31
N ARG B 138 4.92 -1.07 -5.84
CA ARG B 138 4.33 -1.69 -4.66
C ARG B 138 3.57 -2.95 -5.09
N PHE B 139 4.25 -4.10 -5.09
CA PHE B 139 3.62 -5.37 -5.49
C PHE B 139 2.78 -5.98 -4.38
N ASP B 140 1.96 -6.96 -4.77
CA ASP B 140 1.09 -7.68 -3.82
C ASP B 140 1.91 -8.31 -2.69
N LYS B 141 2.84 -9.20 -3.04
CA LYS B 141 3.69 -9.87 -2.05
C LYS B 141 5.18 -9.78 -2.39
N ARG B 142 6.01 -10.01 -1.39
CA ARG B 142 7.47 -9.94 -1.51
C ARG B 142 8.02 -10.90 -2.58
N ILE B 143 7.73 -12.20 -2.45
CA ILE B 143 8.22 -13.21 -3.40
C ILE B 143 8.00 -12.82 -4.86
N GLU B 144 6.84 -12.23 -5.17
CA GLU B 144 6.54 -11.80 -6.52
C GLU B 144 7.54 -10.73 -6.93
N ALA B 145 7.76 -9.77 -6.04
CA ALA B 145 8.71 -8.69 -6.28
C ALA B 145 10.14 -9.25 -6.33
N GLU B 146 10.44 -10.17 -5.41
CA GLU B 146 11.77 -10.80 -5.37
C GLU B 146 12.06 -11.48 -6.71
N GLU B 147 11.17 -12.38 -7.12
CA GLU B 147 11.33 -13.07 -8.41
C GLU B 147 11.36 -12.04 -9.53
N ALA B 148 10.43 -11.08 -9.48
CA ALA B 148 10.36 -10.02 -10.48
C ALA B 148 11.70 -9.29 -10.55
N ILE B 149 12.24 -8.89 -9.39
CA ILE B 149 13.53 -8.20 -9.35
C ILE B 149 14.57 -8.89 -10.24
N LYS B 150 14.72 -10.20 -10.06
CA LYS B 150 15.68 -10.97 -10.85
C LYS B 150 15.34 -10.95 -12.34
N GLY B 151 14.04 -10.99 -12.66
CA GLY B 151 13.62 -10.95 -14.06
C GLY B 151 13.37 -9.55 -14.60
N LEU B 152 13.84 -8.53 -13.87
CA LEU B 152 13.66 -7.13 -14.29
C LEU B 152 14.96 -6.31 -14.20
N ASN B 153 15.67 -6.46 -13.07
CA ASN B 153 16.95 -5.73 -12.82
C ASN B 153 17.86 -5.70 -14.06
N GLY B 154 18.89 -4.85 -14.01
CA GLY B 154 19.83 -4.74 -15.12
C GLY B 154 20.85 -5.85 -15.16
N GLN B 155 20.35 -7.09 -15.22
CA GLN B 155 21.21 -8.27 -15.29
C GLN B 155 21.57 -8.57 -16.75
N LYS B 156 22.85 -8.47 -17.09
CA LYS B 156 23.31 -8.71 -18.46
C LYS B 156 24.64 -9.47 -18.49
N PRO B 157 24.90 -10.19 -19.61
CA PRO B 157 26.14 -10.97 -19.78
C PRO B 157 27.37 -10.10 -20.08
N LEU B 158 28.49 -10.77 -20.40
CA LEU B 158 29.76 -10.09 -20.70
C LEU B 158 29.57 -8.85 -21.58
N GLY B 159 28.76 -8.98 -22.64
CA GLY B 159 28.51 -7.84 -23.52
C GLY B 159 27.62 -6.81 -22.84
N ALA B 160 28.03 -6.37 -21.66
CA ALA B 160 27.26 -5.40 -20.87
C ALA B 160 27.84 -4.00 -20.93
N ALA B 161 26.96 -3.00 -20.87
CA ALA B 161 27.36 -1.60 -20.89
C ALA B 161 26.82 -0.90 -19.64
N GLU B 162 25.52 -0.58 -19.66
CA GLU B 162 24.86 0.06 -18.53
C GLU B 162 23.34 -0.11 -18.58
N PRO B 163 22.78 -1.00 -17.73
CA PRO B 163 21.36 -1.29 -17.68
C PRO B 163 20.62 -0.59 -16.52
N ILE B 164 19.37 -0.98 -16.34
CA ILE B 164 18.52 -0.44 -15.26
C ILE B 164 18.87 -1.09 -13.92
N THR B 165 18.37 -0.52 -12.82
CA THR B 165 18.64 -1.07 -11.49
C THR B 165 17.39 -1.08 -10.60
N VAL B 166 16.74 -2.24 -10.51
CA VAL B 166 15.54 -2.41 -9.69
C VAL B 166 15.75 -3.47 -8.62
N LYS B 167 15.62 -3.09 -7.36
CA LYS B 167 15.80 -4.01 -6.24
C LYS B 167 15.01 -3.55 -5.00
N PHE B 168 14.97 -4.39 -3.97
CA PHE B 168 14.26 -4.06 -2.75
C PHE B 168 15.00 -2.94 -2.00
N ALA B 169 14.23 -2.02 -1.44
CA ALA B 169 14.80 -0.87 -0.72
C ALA B 169 15.95 -1.29 0.20
N ASN B 170 17.07 -0.57 0.10
CA ASN B 170 18.26 -0.86 0.92
C ASN B 170 17.93 -0.79 2.42
N ASN B 171 18.71 -1.51 3.20
CA ASN B 171 18.53 -1.53 4.65
C ASN B 171 19.76 -2.11 5.36
N PRO B 172 20.13 -3.38 5.05
CA PRO B 172 21.28 -4.04 5.67
C PRO B 172 22.62 -3.58 5.10
N SER B 173 22.81 -3.73 3.79
CA SER B 173 24.06 -3.33 3.13
C SER B 173 23.83 -3.15 1.63
N GLN B 174 23.34 -4.21 0.99
CA GLN B 174 23.05 -4.18 -0.44
C GLN B 174 21.58 -4.52 -0.69
N MET B 1 -17.23 -11.42 5.91
CA MET B 1 -17.99 -10.86 4.76
C MET B 1 -17.06 -10.38 3.66
N ASP B 2 -17.04 -11.11 2.54
CA ASP B 2 -16.18 -10.76 1.41
C ASP B 2 -17.00 -10.59 0.13
N SER B 3 -16.57 -9.68 -0.74
CA SER B 3 -17.29 -9.42 -1.99
C SER B 3 -16.45 -8.55 -2.95
N LYS B 4 -17.14 -7.90 -3.90
CA LYS B 4 -16.48 -7.04 -4.89
C LYS B 4 -16.73 -5.55 -4.59
N THR B 5 -17.08 -5.23 -3.35
CA THR B 5 -17.34 -3.84 -2.96
C THR B 5 -16.28 -3.30 -1.99
N ASN B 6 -15.07 -3.83 -2.06
CA ASN B 6 -13.99 -3.38 -1.19
C ASN B 6 -13.20 -2.25 -1.86
N LEU B 7 -13.74 -1.03 -1.76
CA LEU B 7 -13.10 0.14 -2.33
C LEU B 7 -12.16 0.78 -1.31
N ILE B 8 -10.88 0.88 -1.66
CA ILE B 8 -9.88 1.45 -0.74
C ILE B 8 -9.44 2.85 -1.15
N VAL B 9 -9.33 3.73 -0.16
CA VAL B 9 -8.90 5.11 -0.37
C VAL B 9 -7.51 5.32 0.23
N ASN B 10 -6.51 5.54 -0.62
CA ASN B 10 -5.13 5.71 -0.13
C ASN B 10 -4.80 7.16 0.21
N TYR B 11 -3.92 7.33 1.20
CA TYR B 11 -3.46 8.65 1.65
C TYR B 11 -4.57 9.38 2.42
N LEU B 12 -4.90 8.83 3.60
CA LEU B 12 -5.92 9.41 4.45
C LEU B 12 -5.53 10.82 4.93
N PRO B 13 -6.51 11.72 5.04
CA PRO B 13 -6.26 13.10 5.50
C PRO B 13 -5.59 13.16 6.86
N GLN B 14 -4.28 13.42 6.85
CA GLN B 14 -3.47 13.51 8.07
C GLN B 14 -3.91 14.70 8.95
N ASN B 15 -5.20 14.72 9.28
CA ASN B 15 -5.79 15.79 10.08
C ASN B 15 -7.29 15.54 10.31
N MET B 16 -7.99 15.18 9.23
CA MET B 16 -9.42 14.89 9.27
C MET B 16 -9.69 13.62 10.10
N THR B 17 -10.74 13.67 10.92
CA THR B 17 -11.09 12.52 11.77
C THR B 17 -12.05 11.55 11.06
N GLN B 18 -12.23 10.37 11.68
CA GLN B 18 -13.09 9.33 11.13
C GLN B 18 -14.50 9.84 10.83
N ASP B 19 -15.08 10.59 11.78
CA ASP B 19 -16.42 11.15 11.61
C ASP B 19 -16.48 12.04 10.37
N GLU B 20 -15.52 12.96 10.24
CA GLU B 20 -15.46 13.86 9.10
C GLU B 20 -15.38 13.06 7.79
N PHE B 21 -14.44 12.11 7.75
CA PHE B 21 -14.25 11.25 6.58
C PHE B 21 -15.59 10.74 6.03
N LYS B 22 -16.50 10.38 6.94
CA LYS B 22 -17.83 9.90 6.57
C LYS B 22 -18.57 10.99 5.78
N SER B 23 -18.59 12.20 6.33
CA SER B 23 -19.26 13.34 5.70
C SER B 23 -18.80 13.52 4.24
N LEU B 24 -17.48 13.41 4.02
CA LEU B 24 -16.92 13.55 2.66
C LEU B 24 -17.66 12.64 1.67
N PHE B 25 -17.68 11.34 1.95
CA PHE B 25 -18.38 10.37 1.08
C PHE B 25 -19.89 10.42 1.29
N GLY B 26 -20.33 10.86 2.47
CA GLY B 26 -21.75 10.96 2.78
C GLY B 26 -22.59 11.57 1.67
N SER B 27 -22.08 12.65 1.07
CA SER B 27 -22.80 13.33 -0.01
C SER B 27 -22.58 12.63 -1.36
N ILE B 28 -22.91 11.34 -1.42
CA ILE B 28 -22.75 10.55 -2.64
C ILE B 28 -23.92 9.57 -2.83
N GLY B 29 -23.93 8.52 -2.00
CA GLY B 29 -24.98 7.51 -2.08
C GLY B 29 -25.09 6.69 -0.80
N ASP B 30 -25.81 5.58 -0.86
CA ASP B 30 -25.97 4.72 0.32
C ASP B 30 -24.65 4.03 0.68
N ILE B 31 -23.89 4.65 1.59
CA ILE B 31 -22.62 4.09 2.03
C ILE B 31 -22.84 2.93 2.99
N GLU B 32 -23.04 1.74 2.41
CA GLU B 32 -23.27 0.53 3.19
C GLU B 32 -22.32 0.44 4.38
N SER B 33 -21.06 0.80 4.17
CA SER B 33 -20.06 0.77 5.24
C SER B 33 -18.71 1.32 4.76
N CYS B 34 -17.79 1.50 5.71
CA CYS B 34 -16.44 2.00 5.41
C CYS B 34 -15.45 1.53 6.47
N LYS B 35 -14.18 1.90 6.29
CA LYS B 35 -13.13 1.51 7.24
C LYS B 35 -11.89 2.40 7.11
N LEU B 36 -11.11 2.47 8.19
CA LEU B 36 -9.88 3.27 8.23
C LEU B 36 -8.78 2.50 8.97
N VAL B 37 -7.58 2.43 8.39
CA VAL B 37 -6.49 1.71 9.03
C VAL B 37 -5.38 2.63 9.55
N ARG B 38 -5.41 2.86 10.86
CA ARG B 38 -4.44 3.71 11.54
C ARG B 38 -4.37 3.31 13.03
N ASP B 39 -3.41 2.45 13.37
CA ASP B 39 -3.25 1.99 14.75
C ASP B 39 -3.17 3.17 15.73
N LYS B 40 -3.89 3.04 16.85
CA LYS B 40 -3.91 4.08 17.89
C LYS B 40 -3.33 3.57 19.21
N ILE B 41 -2.44 2.59 19.13
CA ILE B 41 -1.79 2.01 20.31
C ILE B 41 -0.29 2.30 20.32
N THR B 42 0.35 2.05 19.17
CA THR B 42 1.78 2.29 19.01
C THR B 42 2.04 3.73 18.58
N GLY B 43 1.17 4.22 17.70
CA GLY B 43 1.29 5.58 17.17
C GLY B 43 2.06 5.61 15.86
N GLN B 44 1.77 4.65 14.99
CA GLN B 44 2.44 4.57 13.69
C GLN B 44 1.69 5.40 12.65
N SER B 45 0.45 5.03 12.38
CA SER B 45 -0.41 5.74 11.41
C SER B 45 -0.01 5.46 9.96
N LEU B 46 -0.73 4.54 9.31
CA LEU B 46 -0.47 4.21 7.92
C LEU B 46 -1.12 5.26 7.01
N GLY B 47 -2.46 5.31 7.00
CA GLY B 47 -3.16 6.33 6.21
C GLY B 47 -3.92 5.80 5.01
N TYR B 48 -4.81 4.83 5.20
CA TYR B 48 -5.61 4.32 4.09
C TYR B 48 -7.01 3.93 4.58
N GLY B 49 -8.02 4.28 3.79
CA GLY B 49 -9.41 4.00 4.15
C GLY B 49 -10.12 3.11 3.15
N PHE B 50 -11.38 2.77 3.44
CA PHE B 50 -12.15 1.91 2.54
C PHE B 50 -13.63 2.29 2.54
N VAL B 51 -14.27 2.11 1.38
CA VAL B 51 -15.68 2.43 1.21
C VAL B 51 -16.47 1.25 0.64
N ASN B 52 -17.51 0.83 1.35
CA ASN B 52 -18.35 -0.28 0.92
C ASN B 52 -19.71 0.23 0.46
N TYR B 53 -19.93 0.26 -0.86
CA TYR B 53 -21.19 0.73 -1.43
C TYR B 53 -22.08 -0.44 -1.85
N SER B 54 -23.39 -0.24 -1.75
CA SER B 54 -24.37 -1.27 -2.12
C SER B 54 -24.14 -1.77 -3.56
N ASP B 55 -24.14 -0.86 -4.52
CA ASP B 55 -23.95 -1.23 -5.92
C ASP B 55 -22.61 -0.69 -6.46
N PRO B 56 -21.92 -1.50 -7.30
CA PRO B 56 -20.63 -1.13 -7.90
C PRO B 56 -20.67 0.23 -8.59
N ASN B 57 -21.82 0.56 -9.20
CA ASN B 57 -21.97 1.85 -9.87
C ASN B 57 -21.57 3.00 -8.95
N ASP B 58 -22.17 3.03 -7.77
CA ASP B 58 -21.87 4.05 -6.77
C ASP B 58 -20.41 3.94 -6.31
N ALA B 59 -19.84 2.73 -6.43
CA ALA B 59 -18.46 2.49 -6.04
C ALA B 59 -17.51 3.10 -7.06
N ASP B 60 -17.73 2.83 -8.34
CA ASP B 60 -16.89 3.39 -9.40
C ASP B 60 -17.18 4.89 -9.54
N LYS B 61 -18.46 5.27 -9.41
CA LYS B 61 -18.84 6.67 -9.50
C LYS B 61 -18.12 7.48 -8.42
N ALA B 62 -17.95 6.85 -7.25
CA ALA B 62 -17.24 7.48 -6.14
C ALA B 62 -15.78 7.69 -6.53
N ILE B 63 -15.12 6.60 -6.95
CA ILE B 63 -13.73 6.68 -7.39
C ILE B 63 -13.59 7.72 -8.51
N ASN B 64 -14.49 7.65 -9.50
CA ASN B 64 -14.49 8.61 -10.61
C ASN B 64 -14.37 10.05 -10.10
N THR B 65 -14.91 10.31 -8.89
CA THR B 65 -14.87 11.64 -8.29
C THR B 65 -13.81 11.76 -7.18
N LEU B 66 -13.63 10.68 -6.41
CA LEU B 66 -12.65 10.69 -5.30
C LEU B 66 -11.26 10.16 -5.71
N ASN B 67 -11.03 9.95 -7.00
CA ASN B 67 -9.73 9.44 -7.49
C ASN B 67 -8.72 10.58 -7.73
N GLY B 68 -8.67 11.57 -6.83
CA GLY B 68 -7.72 12.66 -6.99
C GLY B 68 -8.10 13.89 -6.20
N LEU B 69 -8.27 13.73 -4.90
CA LEU B 69 -8.63 14.83 -4.01
C LEU B 69 -7.38 15.53 -3.48
N LYS B 70 -7.08 16.70 -4.02
CA LYS B 70 -5.92 17.47 -3.60
C LYS B 70 -6.29 18.42 -2.46
N LEU B 71 -5.68 18.24 -1.29
CA LEU B 71 -5.96 19.09 -0.14
C LEU B 71 -4.91 20.19 -0.02
N GLN B 72 -5.07 21.05 0.99
CA GLN B 72 -4.12 22.15 1.21
C GLN B 72 -2.74 21.63 1.64
N THR B 73 -2.62 20.33 1.90
CA THR B 73 -1.35 19.75 2.33
C THR B 73 -1.00 18.46 1.58
N LYS B 74 -1.99 17.59 1.35
CA LYS B 74 -1.75 16.32 0.67
C LYS B 74 -2.87 15.96 -0.32
N THR B 75 -2.70 14.81 -0.97
CA THR B 75 -3.65 14.31 -1.96
C THR B 75 -4.36 13.04 -1.48
N ILE B 76 -5.53 12.74 -2.07
CA ILE B 76 -6.31 11.55 -1.71
C ILE B 76 -6.86 10.86 -2.97
N LYS B 77 -6.86 9.53 -2.98
CA LYS B 77 -7.35 8.77 -4.15
C LYS B 77 -7.97 7.42 -3.75
N VAL B 78 -9.10 7.09 -4.37
CA VAL B 78 -9.80 5.82 -4.10
C VAL B 78 -9.49 4.78 -5.18
N SER B 79 -9.31 3.52 -4.76
CA SER B 79 -9.00 2.44 -5.71
C SER B 79 -9.58 1.10 -5.27
N TYR B 80 -9.59 0.15 -6.20
CA TYR B 80 -10.10 -1.20 -5.95
C TYR B 80 -8.99 -2.12 -5.46
N ALA B 81 -9.20 -2.79 -4.33
CA ALA B 81 -8.20 -3.72 -3.79
C ALA B 81 -8.30 -5.08 -4.50
N ARG B 82 -7.15 -5.65 -4.85
CA ARG B 82 -7.12 -6.95 -5.54
C ARG B 82 -6.55 -8.05 -4.65
N PRO B 83 -7.01 -9.30 -4.84
CA PRO B 83 -6.53 -10.45 -4.05
C PRO B 83 -5.01 -10.54 -4.08
N SER B 84 -4.38 -10.18 -2.97
CA SER B 84 -2.92 -10.17 -2.89
C SER B 84 -2.36 -11.47 -2.30
N SER B 85 -2.34 -11.57 -0.97
CA SER B 85 -1.81 -12.76 -0.29
C SER B 85 -2.27 -12.81 1.16
N ALA B 86 -1.52 -13.51 2.02
CA ALA B 86 -1.86 -13.63 3.43
C ALA B 86 -1.34 -12.43 4.24
N SER B 87 -0.06 -12.10 4.06
CA SER B 87 0.55 -10.98 4.77
C SER B 87 0.56 -9.72 3.89
N ILE B 88 1.33 -9.77 2.78
CA ILE B 88 1.43 -8.64 1.84
C ILE B 88 1.97 -7.37 2.52
N ARG B 89 2.19 -6.33 1.72
CA ARG B 89 2.67 -5.04 2.22
C ARG B 89 4.17 -5.07 2.56
N ASP B 90 4.68 -3.90 2.98
CA ASP B 90 6.09 -3.74 3.37
C ASP B 90 7.07 -4.28 2.32
N ALA B 91 6.72 -4.17 1.05
CA ALA B 91 7.58 -4.63 -0.03
C ALA B 91 8.02 -3.44 -0.89
N ASN B 92 8.35 -2.34 -0.21
CA ASN B 92 8.77 -1.09 -0.85
C ASN B 92 10.27 -1.13 -1.22
N LEU B 93 10.60 -0.65 -2.43
CA LEU B 93 12.00 -0.66 -2.90
C LEU B 93 12.51 0.73 -3.29
N TYR B 94 13.84 0.86 -3.27
CA TYR B 94 14.57 2.09 -3.64
C TYR B 94 15.55 1.81 -4.78
N VAL B 95 15.32 2.43 -5.94
CA VAL B 95 16.17 2.23 -7.11
C VAL B 95 16.76 3.55 -7.62
N SER B 96 18.09 3.66 -7.58
CA SER B 96 18.78 4.85 -8.04
C SER B 96 19.60 4.56 -9.30
N GLY B 97 20.18 5.60 -9.89
CA GLY B 97 20.98 5.43 -11.10
C GLY B 97 20.14 5.39 -12.36
N LEU B 98 19.02 6.11 -12.36
CA LEU B 98 18.12 6.14 -13.51
C LEU B 98 18.06 7.55 -14.12
N PRO B 99 17.71 7.66 -15.42
CA PRO B 99 17.63 8.95 -16.10
C PRO B 99 16.42 9.77 -15.67
N LYS B 100 16.42 11.07 -15.98
CA LYS B 100 15.31 11.94 -15.61
C LYS B 100 14.03 11.52 -16.32
N THR B 101 14.14 11.15 -17.60
CA THR B 101 12.99 10.69 -18.37
C THR B 101 12.67 9.23 -18.04
N MET B 102 12.59 8.92 -16.74
CA MET B 102 12.30 7.55 -16.29
C MET B 102 10.80 7.24 -16.37
N SER B 103 10.46 6.26 -17.20
CA SER B 103 9.07 5.86 -17.38
C SER B 103 8.61 4.92 -16.26
N GLN B 104 7.69 5.41 -15.43
CA GLN B 104 7.15 4.63 -14.32
C GLN B 104 6.70 3.24 -14.78
N LYS B 105 5.93 3.20 -15.87
CA LYS B 105 5.44 1.94 -16.43
C LYS B 105 6.59 0.95 -16.69
N GLU B 106 7.68 1.45 -17.25
CA GLU B 106 8.85 0.61 -17.50
C GLU B 106 9.33 0.01 -16.19
N MET B 107 9.51 0.87 -15.18
CA MET B 107 9.92 0.43 -13.85
C MET B 107 8.93 -0.60 -13.33
N GLU B 108 7.64 -0.37 -13.59
CA GLU B 108 6.59 -1.28 -13.16
C GLU B 108 6.66 -2.59 -13.93
N GLN B 109 6.56 -2.52 -15.26
CA GLN B 109 6.62 -3.73 -16.09
C GLN B 109 7.94 -4.49 -15.88
N LEU B 110 9.01 -3.74 -15.55
CA LEU B 110 10.32 -4.33 -15.31
C LEU B 110 10.31 -5.18 -14.05
N PHE B 111 9.85 -4.59 -12.95
CA PHE B 111 9.78 -5.32 -11.67
C PHE B 111 8.53 -6.20 -11.61
N SER B 112 7.47 -5.82 -12.33
CA SER B 112 6.23 -6.59 -12.36
C SER B 112 6.51 -8.06 -12.67
N GLN B 113 7.21 -8.30 -13.77
CA GLN B 113 7.56 -9.67 -14.19
C GLN B 113 8.30 -10.43 -13.07
N TYR B 114 8.91 -9.70 -12.15
CA TYR B 114 9.63 -10.32 -11.03
C TYR B 114 8.68 -10.78 -9.91
N GLY B 115 7.50 -10.16 -9.81
CA GLY B 115 6.55 -10.57 -8.77
C GLY B 115 5.48 -9.55 -8.48
N ARG B 116 4.42 -9.55 -9.31
CA ARG B 116 3.25 -8.65 -9.17
C ARG B 116 3.47 -7.50 -8.18
N ILE B 117 3.81 -6.32 -8.72
CA ILE B 117 4.01 -5.13 -7.88
C ILE B 117 2.67 -4.50 -7.49
N ILE B 118 2.65 -3.83 -6.34
CA ILE B 118 1.45 -3.15 -5.88
C ILE B 118 1.41 -1.72 -6.43
N THR B 119 2.42 -0.94 -6.06
CA THR B 119 2.55 0.45 -6.53
C THR B 119 4.02 0.85 -6.61
N SER B 120 4.49 1.10 -7.82
CA SER B 120 5.87 1.51 -8.06
C SER B 120 5.89 2.91 -8.67
N ARG B 121 7.05 3.60 -8.60
CA ARG B 121 7.15 4.96 -9.16
C ARG B 121 8.57 5.54 -9.07
N ILE B 122 8.71 6.78 -9.53
CA ILE B 122 9.98 7.48 -9.52
C ILE B 122 9.80 8.92 -9.01
N LEU B 123 10.64 9.36 -8.06
CA LEU B 123 10.53 10.72 -7.53
C LEU B 123 11.41 11.70 -8.33
N LEU B 124 10.76 12.71 -8.90
CA LEU B 124 11.45 13.72 -9.70
C LEU B 124 10.62 15.00 -9.85
N ASP B 125 10.46 15.77 -8.77
CA ASP B 125 9.67 17.00 -8.85
C ASP B 125 10.53 18.18 -9.33
N GLN B 126 9.88 19.32 -9.62
CA GLN B 126 10.58 20.51 -10.08
C GLN B 126 9.64 21.73 -10.10
N ALA B 127 8.82 21.85 -9.07
CA ALA B 127 7.87 22.96 -8.96
C ALA B 127 7.32 23.11 -7.54
N THR B 128 6.90 21.99 -6.94
CA THR B 128 6.35 22.00 -5.59
C THR B 128 7.25 21.25 -4.59
N GLY B 129 8.05 20.30 -5.10
CA GLY B 129 8.95 19.54 -4.24
C GLY B 129 10.40 19.69 -4.64
N VAL B 130 11.02 18.59 -5.07
CA VAL B 130 12.43 18.61 -5.48
C VAL B 130 12.72 17.48 -6.49
N SER B 131 13.78 17.66 -7.28
CA SER B 131 14.17 16.67 -8.27
C SER B 131 15.13 15.63 -7.67
N ARG B 132 15.03 14.39 -8.14
CA ARG B 132 15.87 13.31 -7.64
C ARG B 132 16.22 12.30 -8.75
N GLY B 133 15.18 11.66 -9.31
CA GLY B 133 15.40 10.68 -10.35
C GLY B 133 15.53 9.26 -9.81
N VAL B 134 14.99 9.03 -8.62
CA VAL B 134 15.05 7.71 -7.99
C VAL B 134 13.73 6.97 -8.19
N GLY B 135 13.81 5.66 -8.36
CA GLY B 135 12.62 4.85 -8.55
C GLY B 135 12.34 3.92 -7.40
N PHE B 136 11.07 3.51 -7.27
CA PHE B 136 10.66 2.60 -6.20
C PHE B 136 9.71 1.55 -6.71
N ILE B 137 9.71 0.41 -6.03
CA ILE B 137 8.84 -0.69 -6.40
C ILE B 137 8.19 -1.34 -5.17
N ARG B 138 6.89 -1.07 -4.98
CA ARG B 138 6.16 -1.65 -3.85
C ARG B 138 5.58 -3.00 -4.25
N PHE B 139 6.30 -4.07 -3.91
CA PHE B 139 5.88 -5.43 -4.22
C PHE B 139 4.84 -5.97 -3.25
N ASP B 140 4.38 -7.19 -3.51
CA ASP B 140 3.40 -7.86 -2.67
C ASP B 140 4.08 -8.45 -1.42
N LYS B 141 5.07 -9.31 -1.65
CA LYS B 141 5.82 -9.94 -0.57
C LYS B 141 7.28 -9.44 -0.59
N ARG B 142 7.73 -8.88 0.54
CA ARG B 142 9.09 -8.34 0.67
C ARG B 142 10.15 -9.33 0.16
N ILE B 143 9.98 -10.62 0.48
CA ILE B 143 10.93 -11.66 0.04
C ILE B 143 11.13 -11.62 -1.47
N GLU B 144 10.06 -11.36 -2.22
CA GLU B 144 10.15 -11.28 -3.67
C GLU B 144 11.06 -10.11 -4.02
N ALA B 145 10.78 -8.98 -3.40
CA ALA B 145 11.56 -7.76 -3.58
C ALA B 145 13.02 -8.01 -3.16
N GLU B 146 13.20 -8.71 -2.03
CA GLU B 146 14.53 -9.02 -1.52
C GLU B 146 15.30 -9.85 -2.55
N GLU B 147 14.73 -11.00 -2.91
CA GLU B 147 15.36 -11.88 -3.91
C GLU B 147 15.56 -11.11 -5.22
N ALA B 148 14.51 -10.39 -5.64
CA ALA B 148 14.57 -9.59 -6.86
C ALA B 148 15.68 -8.54 -6.75
N ILE B 149 15.70 -7.80 -5.65
CA ILE B 149 16.74 -6.78 -5.43
C ILE B 149 18.12 -7.41 -5.59
N LYS B 150 18.33 -8.55 -4.93
CA LYS B 150 19.60 -9.27 -5.00
C LYS B 150 20.04 -9.47 -6.45
N GLY B 151 19.14 -9.97 -7.29
CA GLY B 151 19.45 -10.21 -8.69
C GLY B 151 19.39 -8.94 -9.55
N LEU B 152 18.58 -7.97 -9.15
CA LEU B 152 18.43 -6.73 -9.90
C LEU B 152 19.53 -5.72 -9.59
N ASN B 153 19.82 -5.50 -8.31
CA ASN B 153 20.86 -4.56 -7.90
C ASN B 153 22.24 -5.05 -8.35
N GLY B 154 22.97 -4.21 -9.08
CA GLY B 154 24.28 -4.60 -9.57
C GLY B 154 25.43 -3.91 -8.85
N GLN B 155 26.20 -3.14 -9.60
CA GLN B 155 27.36 -2.42 -9.06
C GLN B 155 27.78 -1.26 -9.96
N LYS B 156 28.78 -0.50 -9.50
CA LYS B 156 29.29 0.63 -10.27
C LYS B 156 30.62 0.30 -10.94
N PRO B 157 30.58 -0.10 -12.23
CA PRO B 157 31.78 -0.44 -12.99
C PRO B 157 32.45 0.79 -13.59
N LEU B 158 33.76 0.72 -13.81
CA LEU B 158 34.52 1.84 -14.38
C LEU B 158 33.86 2.38 -15.66
N GLY B 159 33.25 1.48 -16.43
CA GLY B 159 32.59 1.90 -17.67
C GLY B 159 31.16 2.37 -17.45
N ALA B 160 30.77 2.63 -16.20
CA ALA B 160 29.41 3.08 -15.90
C ALA B 160 29.34 3.86 -14.57
N ALA B 161 29.36 5.19 -14.68
CA ALA B 161 29.30 6.05 -13.49
C ALA B 161 27.91 6.00 -12.85
N GLU B 162 26.88 5.86 -13.67
CA GLU B 162 25.50 5.79 -13.19
C GLU B 162 24.92 4.39 -13.44
N PRO B 163 25.23 3.42 -12.56
CA PRO B 163 24.77 2.05 -12.69
C PRO B 163 23.47 1.77 -11.93
N ILE B 164 22.63 0.91 -12.51
CA ILE B 164 21.36 0.54 -11.88
C ILE B 164 21.58 0.09 -10.43
N THR B 165 21.05 0.88 -9.51
CA THR B 165 21.20 0.60 -8.09
C THR B 165 19.84 0.52 -7.39
N VAL B 166 19.31 -0.71 -7.30
CA VAL B 166 18.02 -0.95 -6.67
C VAL B 166 18.16 -1.75 -5.38
N LYS B 167 17.52 -1.28 -4.31
CA LYS B 167 17.58 -1.96 -3.02
C LYS B 167 16.42 -1.54 -2.12
N PHE B 168 16.29 -2.21 -0.97
CA PHE B 168 15.24 -1.88 -0.02
C PHE B 168 15.44 -0.48 0.56
N ALA B 169 14.41 0.03 1.23
CA ALA B 169 14.49 1.35 1.83
C ALA B 169 15.54 1.35 2.97
N ASN B 170 16.76 1.74 2.61
CA ASN B 170 17.89 1.82 3.54
C ASN B 170 17.65 2.87 4.63
N ASN B 171 16.90 3.92 4.27
CA ASN B 171 16.59 5.00 5.21
C ASN B 171 15.59 4.53 6.28
N PRO B 172 16.03 4.42 7.54
CA PRO B 172 15.20 3.97 8.66
C PRO B 172 14.54 5.13 9.42
N SER B 173 13.80 4.80 10.47
CA SER B 173 13.11 5.81 11.29
C SER B 173 14.01 6.27 12.45
N GLN B 174 14.23 5.39 13.42
CA GLN B 174 15.06 5.70 14.58
C GLN B 174 15.56 4.43 15.27
N MET B 1 -13.15 -12.95 8.71
CA MET B 1 -14.02 -11.76 8.48
C MET B 1 -13.39 -10.81 7.47
N ASP B 2 -13.88 -10.86 6.24
CA ASP B 2 -13.35 -10.04 5.16
C ASP B 2 -14.34 -9.96 3.99
N SER B 3 -14.33 -8.82 3.28
CA SER B 3 -15.25 -8.63 2.14
C SER B 3 -14.62 -7.77 1.05
N LYS B 4 -14.81 -8.17 -0.21
CA LYS B 4 -14.29 -7.41 -1.35
C LYS B 4 -14.90 -6.00 -1.38
N THR B 5 -16.03 -5.82 -0.66
CA THR B 5 -16.71 -4.54 -0.57
C THR B 5 -15.94 -3.54 0.30
N ASN B 6 -14.97 -4.04 1.07
CA ASN B 6 -14.15 -3.21 1.95
C ASN B 6 -13.17 -2.34 1.14
N LEU B 7 -13.72 -1.43 0.33
CA LEU B 7 -12.91 -0.53 -0.50
C LEU B 7 -12.18 0.50 0.37
N ILE B 8 -10.87 0.58 0.20
CA ILE B 8 -10.08 1.54 0.97
C ILE B 8 -9.53 2.66 0.09
N VAL B 9 -9.58 3.88 0.64
CA VAL B 9 -9.08 5.07 -0.05
C VAL B 9 -7.89 5.62 0.72
N ASN B 10 -6.69 5.42 0.17
CA ASN B 10 -5.46 5.85 0.85
C ASN B 10 -5.10 7.30 0.57
N TYR B 11 -4.25 7.84 1.45
CA TYR B 11 -3.76 9.21 1.37
C TYR B 11 -4.90 10.22 1.54
N LEU B 12 -5.92 9.86 2.31
CA LEU B 12 -7.04 10.77 2.57
C LEU B 12 -6.55 12.02 3.30
N PRO B 13 -7.06 13.20 2.92
CA PRO B 13 -6.67 14.47 3.56
C PRO B 13 -6.88 14.44 5.08
N GLN B 14 -5.80 14.17 5.82
CA GLN B 14 -5.85 14.11 7.29
C GLN B 14 -6.56 15.33 7.89
N ASN B 15 -6.53 16.46 7.17
CA ASN B 15 -7.19 17.68 7.63
C ASN B 15 -8.72 17.51 7.60
N MET B 16 -9.21 16.56 6.80
CA MET B 16 -10.64 16.29 6.67
C MET B 16 -11.09 15.23 7.69
N THR B 17 -12.28 15.41 8.25
CA THR B 17 -12.81 14.46 9.25
C THR B 17 -13.65 13.37 8.60
N GLN B 18 -13.96 12.33 9.39
CA GLN B 18 -14.75 11.19 8.93
C GLN B 18 -16.09 11.64 8.35
N ASP B 19 -16.78 12.54 9.05
CA ASP B 19 -18.07 13.05 8.58
C ASP B 19 -17.91 13.72 7.22
N GLU B 20 -16.84 14.52 7.07
CA GLU B 20 -16.56 15.19 5.81
C GLU B 20 -16.29 14.16 4.72
N PHE B 21 -15.46 13.15 5.04
CA PHE B 21 -15.14 12.09 4.10
C PHE B 21 -16.42 11.48 3.54
N LYS B 22 -17.39 11.23 4.42
CA LYS B 22 -18.68 10.67 4.00
C LYS B 22 -19.31 11.56 2.94
N SER B 23 -19.29 12.88 3.18
CA SER B 23 -19.84 13.84 2.23
C SER B 23 -19.15 13.76 0.87
N LEU B 24 -17.81 13.68 0.88
CA LEU B 24 -17.03 13.59 -0.36
C LEU B 24 -17.55 12.48 -1.28
N PHE B 25 -17.64 11.26 -0.76
CA PHE B 25 -18.13 10.12 -1.55
C PHE B 25 -19.66 10.07 -1.58
N GLY B 26 -20.32 10.63 -0.55
CA GLY B 26 -21.78 10.63 -0.48
C GLY B 26 -22.47 10.83 -1.82
N SER B 27 -22.03 11.83 -2.58
CA SER B 27 -22.61 12.12 -3.89
C SER B 27 -22.07 11.18 -4.97
N ILE B 28 -22.20 9.86 -4.74
CA ILE B 28 -21.70 8.87 -5.70
C ILE B 28 -22.63 7.64 -5.77
N GLY B 29 -22.81 6.95 -4.64
CA GLY B 29 -23.66 5.77 -4.62
C GLY B 29 -24.14 5.41 -3.23
N ASP B 30 -24.57 4.16 -3.06
CA ASP B 30 -25.06 3.68 -1.77
C ASP B 30 -23.92 3.10 -0.92
N ILE B 31 -23.30 3.96 -0.12
CA ILE B 31 -22.19 3.55 0.74
C ILE B 31 -22.71 2.85 2.00
N GLU B 32 -22.86 1.53 1.90
CA GLU B 32 -23.34 0.71 3.01
C GLU B 32 -22.59 1.04 4.31
N SER B 33 -21.29 1.31 4.22
CA SER B 33 -20.51 1.63 5.41
C SER B 33 -19.20 2.36 5.06
N CYS B 34 -18.75 3.21 5.98
CA CYS B 34 -17.51 3.96 5.80
C CYS B 34 -16.56 3.70 6.98
N LYS B 35 -15.27 3.95 6.77
CA LYS B 35 -14.26 3.74 7.83
C LYS B 35 -12.95 4.48 7.55
N LEU B 36 -12.04 4.46 8.53
CA LEU B 36 -10.74 5.11 8.43
C LEU B 36 -9.72 4.42 9.34
N VAL B 37 -8.52 4.17 8.81
CA VAL B 37 -7.46 3.50 9.59
C VAL B 37 -6.88 4.40 10.67
N ARG B 38 -7.22 4.10 11.92
CA ARG B 38 -6.72 4.88 13.07
C ARG B 38 -6.44 3.97 14.26
N ASP B 39 -5.21 4.04 14.78
CA ASP B 39 -4.80 3.23 15.92
C ASP B 39 -5.45 3.74 17.22
N LYS B 40 -5.62 2.85 18.19
CA LYS B 40 -6.23 3.21 19.49
C LYS B 40 -5.22 3.24 20.64
N ILE B 41 -3.98 2.79 20.38
CA ILE B 41 -2.95 2.78 21.42
C ILE B 41 -2.34 4.17 21.58
N THR B 42 -1.83 4.72 20.48
CA THR B 42 -1.23 6.06 20.48
C THR B 42 -2.09 7.03 19.68
N GLY B 43 -2.64 6.52 18.58
CA GLY B 43 -3.50 7.33 17.72
C GLY B 43 -2.73 8.29 16.84
N GLN B 44 -1.61 7.83 16.28
CA GLN B 44 -0.78 8.67 15.40
C GLN B 44 -1.50 8.94 14.07
N SER B 45 -2.16 7.91 13.53
CA SER B 45 -2.88 8.03 12.25
C SER B 45 -1.94 8.02 11.04
N LEU B 46 -2.54 7.95 9.86
CA LEU B 46 -1.78 7.94 8.60
C LEU B 46 -2.57 8.54 7.44
N GLY B 47 -3.53 7.80 6.88
CA GLY B 47 -4.31 8.32 5.77
C GLY B 47 -4.86 7.25 4.84
N TYR B 48 -5.99 6.67 5.23
CA TYR B 48 -6.66 5.65 4.43
C TYR B 48 -8.06 5.37 4.96
N GLY B 49 -9.06 5.72 4.15
CA GLY B 49 -10.45 5.50 4.53
C GLY B 49 -11.06 4.30 3.85
N PHE B 50 -12.28 3.94 4.24
CA PHE B 50 -12.94 2.77 3.65
C PHE B 50 -14.38 3.06 3.26
N VAL B 51 -14.79 2.43 2.16
CA VAL B 51 -16.14 2.58 1.66
C VAL B 51 -16.73 1.21 1.33
N ASN B 52 -17.65 0.76 2.17
CA ASN B 52 -18.29 -0.53 1.99
C ASN B 52 -19.43 -0.45 0.97
N TYR B 53 -19.16 -0.92 -0.25
CA TYR B 53 -20.16 -0.89 -1.30
C TYR B 53 -20.86 -2.25 -1.41
N SER B 54 -22.17 -2.25 -1.18
CA SER B 54 -22.97 -3.49 -1.23
C SER B 54 -22.77 -4.26 -2.54
N ASP B 55 -22.74 -3.54 -3.66
CA ASP B 55 -22.57 -4.17 -4.96
C ASP B 55 -21.26 -3.75 -5.64
N PRO B 56 -20.81 -4.52 -6.66
CA PRO B 56 -19.58 -4.23 -7.40
C PRO B 56 -19.66 -2.92 -8.19
N ASN B 57 -20.87 -2.55 -8.63
CA ASN B 57 -21.06 -1.32 -9.38
C ASN B 57 -20.52 -0.11 -8.62
N ASP B 58 -21.10 0.15 -7.46
CA ASP B 58 -20.66 1.27 -6.62
C ASP B 58 -19.18 1.12 -6.26
N ALA B 59 -18.70 -0.14 -6.19
CA ALA B 59 -17.31 -0.43 -5.89
C ALA B 59 -16.41 0.07 -7.02
N ASP B 60 -16.78 -0.28 -8.25
CA ASP B 60 -16.03 0.16 -9.42
C ASP B 60 -16.32 1.64 -9.72
N LYS B 61 -17.59 2.04 -9.53
CA LYS B 61 -18.00 3.42 -9.75
C LYS B 61 -17.17 4.40 -8.93
N ALA B 62 -16.79 3.99 -7.70
CA ALA B 62 -15.96 4.84 -6.84
C ALA B 62 -14.58 4.96 -7.47
N ILE B 63 -13.96 3.82 -7.76
CA ILE B 63 -12.65 3.80 -8.40
C ILE B 63 -12.70 4.52 -9.75
N ASN B 64 -13.83 4.32 -10.46
CA ASN B 64 -14.07 4.96 -11.77
C ASN B 64 -13.58 6.40 -11.81
N THR B 65 -13.72 7.12 -10.70
CA THR B 65 -13.31 8.53 -10.64
C THR B 65 -12.35 8.83 -9.47
N LEU B 66 -12.44 8.07 -8.37
CA LEU B 66 -11.57 8.32 -7.21
C LEU B 66 -10.21 7.58 -7.30
N ASN B 67 -9.91 6.97 -8.45
CA ASN B 67 -8.62 6.28 -8.60
C ASN B 67 -7.53 7.21 -9.16
N GLY B 68 -7.31 8.35 -8.49
CA GLY B 68 -6.28 9.27 -8.94
C GLY B 68 -6.60 10.73 -8.65
N LEU B 69 -7.02 11.02 -7.42
CA LEU B 69 -7.35 12.39 -7.03
C LEU B 69 -6.10 13.11 -6.54
N LYS B 70 -5.32 13.67 -7.46
CA LYS B 70 -4.09 14.37 -7.13
C LYS B 70 -4.38 15.72 -6.49
N LEU B 71 -4.02 15.87 -5.22
CA LEU B 71 -4.23 17.12 -4.49
C LEU B 71 -2.94 17.91 -4.40
N GLN B 72 -3.03 19.08 -3.77
CA GLN B 72 -1.87 19.96 -3.59
C GLN B 72 -0.75 19.23 -2.84
N THR B 73 -1.11 18.32 -1.94
CA THR B 73 -0.14 17.58 -1.15
C THR B 73 0.07 16.14 -1.64
N LYS B 74 -1.03 15.39 -1.80
CA LYS B 74 -0.94 14.00 -2.24
C LYS B 74 -2.09 13.61 -3.18
N THR B 75 -2.12 12.34 -3.55
CA THR B 75 -3.13 11.81 -4.44
C THR B 75 -4.08 10.83 -3.73
N ILE B 76 -5.38 11.10 -3.81
CA ILE B 76 -6.37 10.23 -3.19
C ILE B 76 -6.72 9.09 -4.15
N LYS B 77 -6.52 7.85 -3.70
CA LYS B 77 -6.78 6.69 -4.54
C LYS B 77 -7.55 5.59 -3.79
N VAL B 78 -8.53 5.00 -4.47
CA VAL B 78 -9.32 3.91 -3.89
C VAL B 78 -8.77 2.54 -4.31
N SER B 79 -8.91 1.55 -3.44
CA SER B 79 -8.40 0.20 -3.73
C SER B 79 -9.37 -0.89 -3.26
N TYR B 80 -9.40 -2.00 -4.01
CA TYR B 80 -10.28 -3.14 -3.68
C TYR B 80 -9.72 -3.97 -2.51
N ALA B 81 -9.30 -3.29 -1.44
CA ALA B 81 -8.76 -3.97 -0.26
C ALA B 81 -7.49 -4.79 -0.56
N ARG B 82 -7.02 -5.49 0.47
CA ARG B 82 -5.83 -6.33 0.38
C ARG B 82 -6.14 -7.67 1.04
N PRO B 83 -5.61 -8.79 0.48
CA PRO B 83 -5.82 -10.15 1.01
C PRO B 83 -5.50 -10.27 2.52
N SER B 84 -4.27 -10.67 2.87
CA SER B 84 -3.88 -10.82 4.27
C SER B 84 -2.44 -11.36 4.40
N SER B 85 -1.79 -10.99 5.49
CA SER B 85 -0.41 -11.42 5.77
C SER B 85 0.60 -10.86 4.76
N ALA B 86 1.86 -11.32 4.88
CA ALA B 86 2.94 -10.89 3.98
C ALA B 86 3.31 -9.41 4.19
N SER B 87 3.31 -8.97 5.44
CA SER B 87 3.66 -7.59 5.78
C SER B 87 2.85 -6.58 4.95
N ILE B 88 1.53 -6.80 4.90
CA ILE B 88 0.63 -5.93 4.14
C ILE B 88 0.61 -4.49 4.67
N ARG B 89 1.76 -3.81 4.59
CA ARG B 89 1.87 -2.43 5.07
C ARG B 89 3.23 -1.80 4.72
N ASP B 90 4.31 -2.58 4.80
CA ASP B 90 5.65 -2.06 4.50
C ASP B 90 6.38 -2.87 3.41
N ALA B 91 6.43 -2.31 2.19
CA ALA B 91 7.13 -2.96 1.07
C ALA B 91 7.47 -1.95 -0.03
N ASN B 92 8.29 -0.96 0.32
CA ASN B 92 8.71 0.10 -0.61
C ASN B 92 10.19 -0.06 -1.02
N LEU B 93 10.54 0.38 -2.25
CA LEU B 93 11.91 0.25 -2.75
C LEU B 93 12.46 1.51 -3.43
N TYR B 94 13.80 1.65 -3.40
CA TYR B 94 14.54 2.77 -4.01
C TYR B 94 15.50 2.27 -5.10
N VAL B 95 15.30 2.77 -6.33
CA VAL B 95 16.12 2.37 -7.47
C VAL B 95 16.77 3.58 -8.17
N SER B 96 18.09 3.69 -8.04
CA SER B 96 18.84 4.79 -8.65
C SER B 96 19.50 4.37 -9.97
N GLY B 97 19.99 5.35 -10.72
CA GLY B 97 20.63 5.08 -12.00
C GLY B 97 19.64 4.93 -13.13
N LEU B 98 18.56 5.72 -13.09
CA LEU B 98 17.53 5.67 -14.12
C LEU B 98 17.58 6.88 -15.06
N PRO B 99 17.52 6.64 -16.38
CA PRO B 99 17.56 7.72 -17.39
C PRO B 99 16.33 8.62 -17.33
N LYS B 100 16.43 9.81 -17.93
CA LYS B 100 15.32 10.76 -17.94
C LYS B 100 14.06 10.15 -18.56
N THR B 101 14.23 9.43 -19.67
CA THR B 101 13.10 8.79 -20.33
C THR B 101 12.72 7.48 -19.61
N MET B 102 12.64 7.53 -18.28
CA MET B 102 12.28 6.35 -17.50
C MET B 102 10.78 6.09 -17.54
N SER B 103 10.40 5.01 -18.23
CA SER B 103 9.00 4.63 -18.37
C SER B 103 8.49 3.91 -17.14
N GLN B 104 7.63 4.59 -16.37
CA GLN B 104 7.05 4.03 -15.15
C GLN B 104 6.45 2.65 -15.42
N LYS B 105 5.61 2.55 -16.45
CA LYS B 105 4.97 1.28 -16.80
C LYS B 105 6.00 0.18 -17.06
N GLU B 106 7.08 0.51 -17.77
CA GLU B 106 8.12 -0.48 -18.03
C GLU B 106 8.73 -0.93 -16.70
N MET B 107 9.03 0.04 -15.84
CA MET B 107 9.58 -0.27 -14.51
C MET B 107 8.57 -1.06 -13.71
N GLU B 108 7.29 -0.68 -13.83
CA GLU B 108 6.20 -1.37 -13.13
C GLU B 108 6.10 -2.81 -13.62
N GLN B 109 5.94 -2.99 -14.93
CA GLN B 109 5.86 -4.32 -15.52
C GLN B 109 7.14 -5.12 -15.26
N LEU B 110 8.25 -4.42 -15.05
CA LEU B 110 9.54 -5.06 -14.80
C LEU B 110 9.56 -5.71 -13.43
N PHE B 111 9.23 -4.94 -12.39
CA PHE B 111 9.23 -5.48 -11.03
C PHE B 111 7.96 -6.28 -10.74
N SER B 112 6.86 -5.95 -11.45
CA SER B 112 5.59 -6.67 -11.24
C SER B 112 5.75 -8.17 -11.52
N GLN B 113 6.46 -8.49 -12.62
CA GLN B 113 6.71 -9.89 -12.98
C GLN B 113 7.49 -10.60 -11.86
N TYR B 114 8.31 -9.82 -11.14
CA TYR B 114 9.09 -10.34 -10.00
C TYR B 114 8.20 -10.45 -8.76
N GLY B 115 7.56 -9.34 -8.41
CA GLY B 115 6.68 -9.34 -7.24
C GLY B 115 5.46 -8.45 -7.46
N ARG B 116 4.34 -8.83 -6.83
CA ARG B 116 3.10 -8.08 -6.95
C ARG B 116 3.29 -6.62 -6.49
N ILE B 117 3.46 -5.71 -7.45
CA ILE B 117 3.67 -4.30 -7.14
C ILE B 117 2.36 -3.57 -6.81
N ILE B 118 2.38 -2.81 -5.72
CA ILE B 118 1.23 -2.01 -5.31
C ILE B 118 1.30 -0.66 -6.02
N THR B 119 2.52 -0.10 -6.07
CA THR B 119 2.78 1.18 -6.75
C THR B 119 4.21 1.21 -7.29
N SER B 120 4.43 2.05 -8.30
CA SER B 120 5.76 2.17 -8.92
C SER B 120 5.88 3.49 -9.68
N ARG B 121 6.99 4.20 -9.49
CA ARG B 121 7.20 5.48 -10.18
C ARG B 121 8.65 5.96 -10.07
N ILE B 122 8.91 7.12 -10.68
CA ILE B 122 10.24 7.73 -10.69
C ILE B 122 10.18 9.22 -10.34
N LEU B 123 11.14 9.70 -9.55
CA LEU B 123 11.17 11.12 -9.18
C LEU B 123 12.12 11.90 -10.12
N LEU B 124 11.52 12.66 -11.02
CA LEU B 124 12.26 13.45 -12.00
C LEU B 124 11.38 14.57 -12.59
N ASP B 125 11.02 15.54 -11.76
CA ASP B 125 10.17 16.65 -12.22
C ASP B 125 11.01 17.79 -12.81
N GLN B 126 10.35 18.69 -13.52
CA GLN B 126 11.01 19.84 -14.13
C GLN B 126 10.01 20.96 -14.45
N ALA B 127 8.96 21.08 -13.62
CA ALA B 127 7.93 22.10 -13.82
C ALA B 127 7.37 22.62 -12.50
N THR B 128 6.82 21.72 -11.69
CA THR B 128 6.24 22.11 -10.39
C THR B 128 6.97 21.50 -9.20
N GLY B 129 7.74 20.42 -9.42
CA GLY B 129 8.46 19.79 -8.33
C GLY B 129 9.96 19.98 -8.43
N VAL B 130 10.68 18.88 -8.55
CA VAL B 130 12.15 18.92 -8.67
C VAL B 130 12.68 17.71 -9.44
N SER B 131 13.85 17.89 -10.06
CA SER B 131 14.50 16.84 -10.85
C SER B 131 15.42 15.99 -9.97
N ARG B 132 15.52 14.70 -10.28
CA ARG B 132 16.37 13.78 -9.52
C ARG B 132 16.92 12.64 -10.39
N GLY B 133 16.04 11.75 -10.84
CA GLY B 133 16.47 10.65 -11.69
C GLY B 133 16.51 9.31 -10.97
N VAL B 134 15.67 9.16 -9.94
CA VAL B 134 15.61 7.90 -9.18
C VAL B 134 14.21 7.30 -9.28
N GLY B 135 14.14 5.98 -9.21
CA GLY B 135 12.86 5.31 -9.31
C GLY B 135 12.55 4.49 -8.07
N PHE B 136 11.28 4.23 -7.85
CA PHE B 136 10.86 3.45 -6.70
C PHE B 136 9.79 2.45 -7.07
N ILE B 137 9.68 1.41 -6.26
CA ILE B 137 8.71 0.36 -6.46
C ILE B 137 8.12 -0.09 -5.14
N ARG B 138 6.82 -0.29 -5.12
CA ARG B 138 6.14 -0.73 -3.90
C ARG B 138 5.61 -2.14 -4.08
N PHE B 139 6.33 -3.12 -3.55
CA PHE B 139 5.92 -4.52 -3.64
C PHE B 139 4.88 -4.87 -2.59
N ASP B 140 4.23 -6.00 -2.80
CA ASP B 140 3.21 -6.49 -1.88
C ASP B 140 3.86 -7.03 -0.60
N LYS B 141 4.85 -7.89 -0.79
CA LYS B 141 5.58 -8.49 0.33
C LYS B 141 7.05 -8.06 0.32
N ARG B 142 7.50 -7.43 1.41
CA ARG B 142 8.88 -6.95 1.51
C ARG B 142 9.89 -8.04 1.15
N ILE B 143 9.68 -9.27 1.63
CA ILE B 143 10.58 -10.38 1.34
C ILE B 143 10.66 -10.63 -0.17
N GLU B 144 9.54 -10.41 -0.87
CA GLU B 144 9.50 -10.57 -2.32
C GLU B 144 10.47 -9.58 -2.95
N ALA B 145 10.35 -8.34 -2.53
CA ALA B 145 11.25 -7.27 -2.98
C ALA B 145 12.67 -7.59 -2.54
N GLU B 146 12.82 -7.99 -1.26
CA GLU B 146 14.12 -8.35 -0.71
C GLU B 146 14.79 -9.38 -1.62
N GLU B 147 14.12 -10.51 -1.81
CA GLU B 147 14.63 -11.58 -2.68
C GLU B 147 14.90 -11.03 -4.08
N ALA B 148 13.95 -10.25 -4.59
CA ALA B 148 14.07 -9.64 -5.92
C ALA B 148 15.28 -8.70 -5.97
N ILE B 149 15.43 -7.86 -4.94
CA ILE B 149 16.55 -6.92 -4.87
C ILE B 149 17.88 -7.59 -5.24
N LYS B 150 18.20 -8.69 -4.54
CA LYS B 150 19.43 -9.43 -4.79
C LYS B 150 19.50 -9.95 -6.23
N GLY B 151 18.36 -10.41 -6.75
CA GLY B 151 18.31 -10.92 -8.11
C GLY B 151 18.09 -9.85 -9.16
N LEU B 152 18.17 -8.57 -8.77
CA LEU B 152 17.97 -7.45 -9.69
C LEU B 152 19.08 -6.40 -9.58
N ASN B 153 19.37 -5.97 -8.35
CA ASN B 153 20.41 -4.95 -8.10
C ASN B 153 21.72 -5.31 -8.82
N GLY B 154 22.41 -4.29 -9.35
CA GLY B 154 23.66 -4.54 -10.05
C GLY B 154 24.88 -4.43 -9.16
N GLN B 155 25.70 -3.40 -9.39
CA GLN B 155 26.91 -3.18 -8.60
C GLN B 155 27.40 -1.74 -8.73
N LYS B 156 28.06 -1.23 -7.68
CA LYS B 156 28.58 0.13 -7.69
C LYS B 156 30.11 0.15 -7.53
N PRO B 157 30.84 -0.32 -8.55
CA PRO B 157 32.31 -0.36 -8.54
C PRO B 157 32.92 1.03 -8.77
N LEU B 158 34.20 1.18 -8.41
CA LEU B 158 34.91 2.45 -8.59
C LEU B 158 34.75 2.99 -10.01
N GLY B 159 34.62 2.10 -10.99
CA GLY B 159 34.45 2.52 -12.38
C GLY B 159 33.03 2.95 -12.71
N ALA B 160 32.14 2.95 -11.71
CA ALA B 160 30.74 3.34 -11.92
C ALA B 160 30.22 4.17 -10.74
N ALA B 161 30.11 5.49 -10.94
CA ALA B 161 29.63 6.38 -9.89
C ALA B 161 28.11 6.27 -9.69
N GLU B 162 27.38 6.13 -10.80
CA GLU B 162 25.92 6.01 -10.73
C GLU B 162 25.42 4.82 -11.55
N PRO B 163 25.59 3.59 -11.03
CA PRO B 163 25.16 2.38 -11.69
C PRO B 163 23.77 1.92 -11.22
N ILE B 164 23.03 1.25 -12.10
CA ILE B 164 21.68 0.77 -11.76
C ILE B 164 21.69 0.11 -10.37
N THR B 165 21.04 0.76 -9.42
CA THR B 165 21.01 0.26 -8.04
C THR B 165 19.60 0.29 -7.46
N VAL B 166 19.06 -0.89 -7.16
CA VAL B 166 17.73 -1.03 -6.57
C VAL B 166 17.82 -1.64 -5.18
N LYS B 167 17.36 -0.90 -4.16
CA LYS B 167 17.41 -1.40 -2.79
C LYS B 167 16.33 -0.77 -1.91
N PHE B 168 16.18 -1.30 -0.69
CA PHE B 168 15.18 -0.80 0.26
C PHE B 168 15.55 0.60 0.76
N ALA B 169 14.55 1.30 1.27
CA ALA B 169 14.75 2.64 1.81
C ALA B 169 15.86 2.65 2.86
N ASN B 170 17.01 3.22 2.48
CA ASN B 170 18.18 3.31 3.35
C ASN B 170 17.98 4.36 4.46
N ASN B 171 17.05 5.29 4.22
CA ASN B 171 16.76 6.36 5.18
C ASN B 171 16.26 5.80 6.52
N PRO B 172 16.86 6.26 7.64
CA PRO B 172 16.49 5.80 8.98
C PRO B 172 15.15 6.39 9.46
N SER B 173 14.33 5.55 10.08
CA SER B 173 13.02 5.97 10.58
C SER B 173 12.49 5.02 11.64
N GLN B 174 12.45 3.73 11.32
CA GLN B 174 11.96 2.69 12.24
C GLN B 174 13.12 1.97 12.93
N MET B 1 -18.23 -9.56 2.75
CA MET B 1 -18.93 -8.96 1.57
C MET B 1 -17.91 -8.45 0.56
N ASP B 2 -17.47 -9.33 -0.33
CA ASP B 2 -16.47 -8.99 -1.34
C ASP B 2 -16.85 -9.55 -2.71
N SER B 3 -17.17 -8.65 -3.65
CA SER B 3 -17.54 -9.05 -5.01
C SER B 3 -17.47 -7.87 -5.99
N LYS B 4 -16.27 -7.30 -6.13
CA LYS B 4 -16.02 -6.18 -7.04
C LYS B 4 -16.58 -4.85 -6.51
N THR B 5 -16.13 -4.43 -5.33
CA THR B 5 -16.57 -3.16 -4.72
C THR B 5 -15.66 -2.74 -3.55
N ASN B 6 -14.38 -3.05 -3.65
CA ASN B 6 -13.40 -2.70 -2.60
C ASN B 6 -12.72 -1.37 -2.94
N LEU B 7 -13.45 -0.27 -2.81
CA LEU B 7 -12.88 1.05 -3.14
C LEU B 7 -11.98 1.54 -2.00
N ILE B 8 -10.67 1.45 -2.21
CA ILE B 8 -9.70 1.87 -1.19
C ILE B 8 -9.36 3.36 -1.31
N VAL B 9 -9.68 4.09 -0.25
CA VAL B 9 -9.41 5.52 -0.17
C VAL B 9 -8.09 5.72 0.57
N ASN B 10 -7.02 6.00 -0.17
CA ASN B 10 -5.72 6.16 0.43
C ASN B 10 -5.34 7.63 0.68
N TYR B 11 -4.32 7.83 1.50
CA TYR B 11 -3.83 9.16 1.84
C TYR B 11 -4.82 9.88 2.77
N LEU B 12 -5.32 9.14 3.76
CA LEU B 12 -6.27 9.67 4.73
C LEU B 12 -5.58 10.28 5.95
N PRO B 13 -6.26 11.20 6.65
CA PRO B 13 -5.71 11.85 7.85
C PRO B 13 -5.45 10.83 8.97
N GLN B 14 -4.18 10.44 9.11
CA GLN B 14 -3.76 9.46 10.12
C GLN B 14 -4.46 9.61 11.48
N ASN B 15 -4.80 10.85 11.86
CA ASN B 15 -5.46 11.10 13.14
C ASN B 15 -7.00 11.06 13.05
N MET B 16 -7.54 10.69 11.89
CA MET B 16 -8.99 10.62 11.71
C MET B 16 -9.52 9.23 12.10
N THR B 17 -10.76 9.21 12.57
CA THR B 17 -11.39 7.96 12.98
C THR B 17 -12.33 7.41 11.90
N GLN B 18 -12.92 6.24 12.16
CA GLN B 18 -13.83 5.60 11.20
C GLN B 18 -15.18 6.31 11.13
N ASP B 19 -15.70 6.77 12.27
CA ASP B 19 -16.99 7.45 12.32
C ASP B 19 -17.04 8.68 11.41
N GLU B 20 -16.25 9.70 11.72
CA GLU B 20 -16.22 10.92 10.91
C GLU B 20 -15.88 10.62 9.44
N PHE B 21 -14.93 9.72 9.23
CA PHE B 21 -14.54 9.33 7.87
C PHE B 21 -15.79 8.95 7.05
N LYS B 22 -16.72 8.26 7.71
CA LYS B 22 -17.98 7.86 7.08
C LYS B 22 -18.72 9.09 6.55
N SER B 23 -18.87 10.10 7.42
CA SER B 23 -19.56 11.35 7.05
C SER B 23 -19.15 11.84 5.67
N LEU B 24 -17.85 12.06 5.47
CA LEU B 24 -17.33 12.53 4.18
C LEU B 24 -17.87 11.70 3.01
N PHE B 25 -17.85 10.37 3.15
CA PHE B 25 -18.35 9.48 2.11
C PHE B 25 -19.84 9.16 2.27
N GLY B 26 -20.54 9.91 3.14
CA GLY B 26 -21.96 9.68 3.37
C GLY B 26 -22.84 10.49 2.45
N SER B 27 -22.50 11.76 2.24
CA SER B 27 -23.28 12.64 1.37
C SER B 27 -23.07 12.32 -0.12
N ILE B 28 -23.28 11.05 -0.48
CA ILE B 28 -23.10 10.60 -1.86
C ILE B 28 -24.18 9.59 -2.25
N GLY B 29 -24.25 8.49 -1.51
CA GLY B 29 -25.23 7.46 -1.78
C GLY B 29 -25.40 6.51 -0.61
N ASP B 30 -26.22 5.47 -0.78
CA ASP B 30 -26.42 4.50 0.30
C ASP B 30 -25.12 3.77 0.66
N ILE B 31 -24.61 4.07 1.84
CA ILE B 31 -23.36 3.47 2.32
C ILE B 31 -23.57 2.02 2.73
N GLU B 32 -23.51 1.12 1.75
CA GLU B 32 -23.67 -0.31 2.01
C GLU B 32 -22.75 -0.73 3.16
N SER B 33 -21.48 -0.29 3.08
CA SER B 33 -20.49 -0.60 4.12
C SER B 33 -19.15 0.07 3.81
N CYS B 34 -18.24 0.03 4.78
CA CYS B 34 -16.91 0.63 4.63
C CYS B 34 -15.85 -0.19 5.37
N LYS B 35 -14.59 0.19 5.19
CA LYS B 35 -13.49 -0.51 5.84
C LYS B 35 -12.26 0.39 6.04
N LEU B 36 -11.34 -0.07 6.89
CA LEU B 36 -10.11 0.67 7.19
C LEU B 36 -8.95 -0.30 7.46
N VAL B 37 -7.72 0.15 7.21
CA VAL B 37 -6.54 -0.71 7.41
C VAL B 37 -5.81 -0.38 8.72
N ARG B 38 -5.36 -1.43 9.40
CA ARG B 38 -4.62 -1.29 10.65
C ARG B 38 -3.41 -2.24 10.67
N ASP B 39 -2.27 -1.72 11.11
CA ASP B 39 -1.04 -2.51 11.18
C ASP B 39 -1.14 -3.60 12.26
N LYS B 40 -0.53 -4.76 12.00
CA LYS B 40 -0.56 -5.88 12.95
C LYS B 40 0.82 -6.20 13.53
N ILE B 41 1.79 -5.30 13.32
CA ILE B 41 3.14 -5.50 13.84
C ILE B 41 3.50 -4.42 14.86
N THR B 42 3.29 -3.16 14.47
CA THR B 42 3.56 -2.03 15.34
C THR B 42 2.26 -1.34 15.76
N GLY B 43 1.38 -1.10 14.78
CA GLY B 43 0.10 -0.46 15.05
C GLY B 43 0.18 1.04 15.18
N GLN B 44 0.88 1.69 14.25
CA GLN B 44 1.02 3.14 14.26
C GLN B 44 -0.23 3.81 13.66
N SER B 45 -0.23 4.00 12.33
CA SER B 45 -1.34 4.63 11.62
C SER B 45 -0.93 4.96 10.19
N LEU B 46 -1.40 4.17 9.23
CA LEU B 46 -1.06 4.40 7.83
C LEU B 46 -1.89 5.53 7.24
N GLY B 47 -3.20 5.31 7.11
CA GLY B 47 -4.06 6.36 6.58
C GLY B 47 -4.75 6.03 5.27
N TYR B 48 -5.53 4.95 5.27
CA TYR B 48 -6.27 4.55 4.08
C TYR B 48 -7.43 3.62 4.43
N GLY B 49 -8.59 3.89 3.84
CA GLY B 49 -9.78 3.10 4.11
C GLY B 49 -10.44 2.56 2.86
N PHE B 50 -11.65 2.02 3.00
CA PHE B 50 -12.36 1.46 1.85
C PHE B 50 -13.85 1.74 1.92
N VAL B 51 -14.44 1.97 0.75
CA VAL B 51 -15.87 2.26 0.67
C VAL B 51 -16.58 1.28 -0.26
N ASN B 52 -17.65 0.68 0.24
CA ASN B 52 -18.44 -0.26 -0.56
C ASN B 52 -19.86 0.29 -0.74
N TYR B 53 -20.19 0.72 -1.96
CA TYR B 53 -21.51 1.28 -2.24
C TYR B 53 -22.47 0.23 -2.79
N SER B 54 -23.77 0.48 -2.60
CA SER B 54 -24.83 -0.44 -3.06
C SER B 54 -24.66 -0.81 -4.54
N ASP B 55 -24.52 0.19 -5.40
CA ASP B 55 -24.36 -0.05 -6.82
C ASP B 55 -23.09 0.62 -7.37
N PRO B 56 -22.40 -0.05 -8.32
CA PRO B 56 -21.18 0.48 -8.94
C PRO B 56 -21.36 1.92 -9.44
N ASN B 57 -22.60 2.27 -9.85
CA ASN B 57 -22.89 3.62 -10.33
C ASN B 57 -22.51 4.66 -9.28
N ASP B 58 -22.81 4.35 -8.01
CA ASP B 58 -22.48 5.25 -6.91
C ASP B 58 -20.96 5.28 -6.70
N ALA B 59 -20.32 4.13 -6.92
CA ALA B 59 -18.88 4.01 -6.76
C ALA B 59 -18.15 4.81 -7.83
N ASP B 60 -18.59 4.70 -9.08
CA ASP B 60 -17.94 5.46 -10.16
C ASP B 60 -18.14 6.95 -9.94
N LYS B 61 -19.34 7.35 -9.52
CA LYS B 61 -19.62 8.76 -9.26
C LYS B 61 -18.80 9.21 -8.05
N ALA B 62 -18.87 8.43 -6.97
CA ALA B 62 -18.10 8.73 -5.76
C ALA B 62 -16.62 8.83 -6.11
N ILE B 63 -16.09 7.81 -6.79
CA ILE B 63 -14.70 7.81 -7.21
C ILE B 63 -14.44 9.01 -8.11
N ASN B 64 -15.23 9.18 -9.16
CA ASN B 64 -15.10 10.32 -10.07
C ASN B 64 -14.96 11.64 -9.29
N THR B 65 -15.53 11.67 -8.08
CA THR B 65 -15.49 12.86 -7.22
C THR B 65 -14.34 12.82 -6.21
N LEU B 66 -14.05 11.63 -5.67
CA LEU B 66 -12.99 11.48 -4.66
C LEU B 66 -11.71 10.81 -5.21
N ASN B 67 -11.61 10.65 -6.53
CA ASN B 67 -10.43 10.03 -7.16
C ASN B 67 -9.24 11.01 -7.21
N GLY B 68 -8.94 11.66 -6.06
CA GLY B 68 -7.83 12.59 -6.01
C GLY B 68 -8.19 13.93 -5.36
N LEU B 69 -8.58 13.88 -4.09
CA LEU B 69 -8.93 15.09 -3.36
C LEU B 69 -7.71 15.67 -2.65
N LYS B 70 -7.07 16.63 -3.31
CA LYS B 70 -5.87 17.27 -2.76
C LYS B 70 -6.19 18.11 -1.53
N LEU B 71 -5.48 17.85 -0.44
CA LEU B 71 -5.67 18.57 0.82
C LEU B 71 -4.39 19.32 1.20
N GLN B 72 -4.47 20.12 2.26
CA GLN B 72 -3.32 20.90 2.73
C GLN B 72 -2.10 20.01 3.03
N THR B 73 -2.33 18.76 3.43
CA THR B 73 -1.24 17.84 3.76
C THR B 73 -1.04 16.75 2.71
N LYS B 74 -2.13 16.17 2.22
CA LYS B 74 -2.04 15.09 1.22
C LYS B 74 -3.23 15.10 0.26
N THR B 75 -3.24 14.13 -0.65
CA THR B 75 -4.31 13.99 -1.64
C THR B 75 -5.10 12.69 -1.44
N ILE B 76 -6.36 12.82 -1.06
CA ILE B 76 -7.22 11.65 -0.85
C ILE B 76 -7.60 11.02 -2.18
N LYS B 77 -7.17 9.78 -2.40
CA LYS B 77 -7.47 9.08 -3.65
C LYS B 77 -8.10 7.71 -3.42
N VAL B 78 -9.29 7.52 -4.01
CA VAL B 78 -10.02 6.25 -3.91
C VAL B 78 -9.71 5.34 -5.09
N SER B 79 -9.10 4.18 -4.80
CA SER B 79 -8.75 3.23 -5.86
C SER B 79 -9.47 1.89 -5.69
N TYR B 80 -9.42 1.07 -6.73
CA TYR B 80 -10.06 -0.25 -6.72
C TYR B 80 -9.10 -1.31 -6.17
N ALA B 81 -8.89 -1.29 -4.86
CA ALA B 81 -7.99 -2.24 -4.19
C ALA B 81 -8.35 -3.68 -4.56
N ARG B 82 -7.49 -4.31 -5.35
CA ARG B 82 -7.70 -5.69 -5.80
C ARG B 82 -7.01 -6.71 -4.89
N PRO B 83 -7.81 -7.54 -4.18
CA PRO B 83 -7.25 -8.57 -3.29
C PRO B 83 -6.67 -9.77 -4.05
N SER B 84 -5.86 -10.58 -3.37
CA SER B 84 -5.26 -11.75 -3.99
C SER B 84 -5.30 -12.97 -3.05
N SER B 85 -4.24 -13.18 -2.27
CA SER B 85 -4.18 -14.32 -1.34
C SER B 85 -3.11 -14.11 -0.26
N ALA B 86 -3.32 -13.09 0.58
CA ALA B 86 -2.40 -12.76 1.67
C ALA B 86 -0.95 -12.62 1.16
N SER B 87 -0.79 -11.94 0.03
CA SER B 87 0.53 -11.72 -0.57
C SER B 87 0.67 -10.30 -1.13
N ILE B 88 -0.12 -9.36 -0.60
CA ILE B 88 -0.07 -7.97 -1.04
C ILE B 88 -0.02 -7.02 0.18
N ARG B 89 0.69 -5.90 0.03
CA ARG B 89 0.81 -4.92 1.12
C ARG B 89 1.68 -3.72 0.72
N ASP B 90 2.36 -3.11 1.70
CA ASP B 90 3.21 -1.96 1.46
C ASP B 90 4.60 -2.39 0.96
N ALA B 91 4.80 -2.31 -0.36
CA ALA B 91 6.07 -2.71 -0.96
C ALA B 91 6.72 -1.52 -1.68
N ASN B 92 6.84 -0.41 -0.96
CA ASN B 92 7.43 0.82 -1.50
C ASN B 92 8.96 0.74 -1.48
N LEU B 93 9.59 1.08 -2.61
CA LEU B 93 11.04 1.02 -2.72
C LEU B 93 11.68 2.37 -3.08
N TYR B 94 12.88 2.58 -2.56
CA TYR B 94 13.69 3.77 -2.81
C TYR B 94 14.88 3.48 -3.73
N VAL B 95 14.88 4.12 -4.90
CA VAL B 95 15.92 3.93 -5.91
C VAL B 95 16.70 5.23 -6.15
N SER B 96 18.01 5.20 -5.89
CA SER B 96 18.87 6.37 -6.09
C SER B 96 20.05 6.05 -6.99
N GLY B 97 20.77 7.09 -7.42
CA GLY B 97 21.91 6.90 -8.30
C GLY B 97 21.48 6.69 -9.75
N LEU B 98 20.46 7.44 -10.16
CA LEU B 98 19.92 7.35 -11.52
C LEU B 98 20.16 8.64 -12.30
N PRO B 99 20.07 8.57 -13.66
CA PRO B 99 20.27 9.75 -14.52
C PRO B 99 19.20 10.82 -14.32
N LYS B 100 19.49 12.05 -14.76
CA LYS B 100 18.56 13.16 -14.63
C LYS B 100 17.27 12.91 -15.40
N THR B 101 17.39 12.38 -16.61
CA THR B 101 16.21 12.07 -17.43
C THR B 101 15.58 10.75 -16.98
N MET B 102 15.33 10.62 -15.68
CA MET B 102 14.74 9.40 -15.12
C MET B 102 13.27 9.25 -15.48
N SER B 103 12.99 8.31 -16.39
CA SER B 103 11.62 8.06 -16.84
C SER B 103 10.92 7.04 -15.93
N GLN B 104 9.95 7.53 -15.16
CA GLN B 104 9.19 6.70 -14.21
C GLN B 104 8.73 5.36 -14.81
N LYS B 105 8.05 5.41 -15.96
CA LYS B 105 7.56 4.18 -16.60
C LYS B 105 8.68 3.19 -16.87
N GLU B 106 9.82 3.67 -17.37
CA GLU B 106 10.96 2.79 -17.64
C GLU B 106 11.36 2.06 -16.36
N MET B 107 11.38 2.79 -15.24
CA MET B 107 11.72 2.20 -13.95
C MET B 107 10.74 1.08 -13.59
N GLU B 108 9.48 1.23 -14.03
CA GLU B 108 8.47 0.21 -13.77
C GLU B 108 8.74 -1.05 -14.58
N GLN B 109 8.77 -0.92 -15.90
CA GLN B 109 9.03 -2.07 -16.77
C GLN B 109 10.33 -2.77 -16.36
N LEU B 110 11.31 -1.99 -15.94
CA LEU B 110 12.61 -2.51 -15.51
C LEU B 110 12.47 -3.39 -14.28
N PHE B 111 11.91 -2.82 -13.21
CA PHE B 111 11.72 -3.57 -11.97
C PHE B 111 10.53 -4.53 -12.06
N SER B 112 9.58 -4.24 -12.96
CA SER B 112 8.39 -5.09 -13.12
C SER B 112 8.81 -6.54 -13.37
N GLN B 113 9.69 -6.75 -14.35
CA GLN B 113 10.18 -8.09 -14.65
C GLN B 113 10.80 -8.74 -13.41
N TYR B 114 11.27 -7.90 -12.47
CA TYR B 114 11.91 -8.37 -11.24
C TYR B 114 10.90 -8.71 -10.13
N GLY B 115 9.63 -8.31 -10.28
CA GLY B 115 8.65 -8.64 -9.24
C GLY B 115 7.27 -8.01 -9.40
N ARG B 116 6.89 -7.60 -10.61
CA ARG B 116 5.57 -6.99 -10.85
C ARG B 116 5.30 -5.82 -9.90
N ILE B 117 5.62 -4.60 -10.34
CA ILE B 117 5.41 -3.40 -9.53
C ILE B 117 3.99 -2.85 -9.73
N ILE B 118 3.42 -2.32 -8.66
CA ILE B 118 2.09 -1.73 -8.72
C ILE B 118 2.18 -0.28 -9.17
N THR B 119 3.16 0.46 -8.62
CA THR B 119 3.35 1.87 -8.97
C THR B 119 4.81 2.30 -8.82
N SER B 120 5.42 2.72 -9.93
CA SER B 120 6.80 3.20 -9.91
C SER B 120 6.82 4.71 -10.10
N ARG B 121 7.81 5.41 -9.53
CA ARG B 121 7.85 6.86 -9.67
C ARG B 121 9.20 7.47 -9.30
N ILE B 122 9.31 8.79 -9.48
CA ILE B 122 10.55 9.53 -9.19
C ILE B 122 10.24 10.94 -8.65
N LEU B 123 11.19 11.53 -7.93
CA LEU B 123 11.01 12.89 -7.37
C LEU B 123 12.14 13.83 -7.85
N LEU B 124 11.78 14.79 -8.70
CA LEU B 124 12.74 15.76 -9.25
C LEU B 124 12.05 17.02 -9.78
N ASP B 125 11.88 18.03 -8.92
CA ASP B 125 11.23 19.28 -9.34
C ASP B 125 12.28 20.41 -9.47
N GLN B 126 12.01 21.36 -10.36
CA GLN B 126 12.93 22.49 -10.59
C GLN B 126 12.19 23.83 -10.69
N ALA B 127 10.96 23.90 -10.12
CA ALA B 127 10.19 25.14 -10.17
C ALA B 127 9.02 25.14 -9.17
N THR B 128 8.22 24.09 -9.19
CA THR B 128 7.06 23.96 -8.29
C THR B 128 7.40 23.26 -6.98
N GLY B 129 8.59 22.67 -6.87
CA GLY B 129 8.97 21.99 -5.63
C GLY B 129 10.46 22.04 -5.37
N VAL B 130 11.11 20.87 -5.40
CA VAL B 130 12.55 20.76 -5.15
C VAL B 130 13.17 19.65 -5.99
N SER B 131 14.45 19.80 -6.30
CA SER B 131 15.18 18.81 -7.10
C SER B 131 15.82 17.75 -6.20
N ARG B 132 15.66 16.48 -6.59
CA ARG B 132 16.22 15.37 -5.81
C ARG B 132 16.93 14.37 -6.73
N GLY B 133 16.17 13.74 -7.63
CA GLY B 133 16.75 12.77 -8.56
C GLY B 133 16.71 11.35 -8.02
N VAL B 134 15.62 10.99 -7.35
CA VAL B 134 15.46 9.66 -6.79
C VAL B 134 14.20 8.99 -7.33
N GLY B 135 14.26 7.67 -7.44
CA GLY B 135 13.11 6.91 -7.95
C GLY B 135 12.57 5.95 -6.93
N PHE B 136 11.35 5.46 -7.18
CA PHE B 136 10.70 4.53 -6.28
C PHE B 136 9.96 3.45 -7.03
N ILE B 137 9.83 2.29 -6.38
CA ILE B 137 9.17 1.15 -6.99
C ILE B 137 8.19 0.50 -6.00
N ARG B 138 6.91 0.81 -6.12
CA ARG B 138 5.90 0.24 -5.24
C ARG B 138 5.48 -1.16 -5.72
N PHE B 139 6.15 -2.18 -5.20
CA PHE B 139 5.85 -3.56 -5.58
C PHE B 139 4.62 -4.07 -4.83
N ASP B 140 4.24 -5.31 -5.13
CA ASP B 140 3.09 -5.93 -4.51
C ASP B 140 3.45 -6.54 -3.15
N LYS B 141 4.48 -7.38 -3.14
CA LYS B 141 4.94 -8.03 -1.91
C LYS B 141 6.37 -7.61 -1.54
N ARG B 142 6.58 -7.32 -0.26
CA ARG B 142 7.89 -6.89 0.26
C ARG B 142 9.03 -7.85 -0.12
N ILE B 143 8.79 -9.15 0.03
CA ILE B 143 9.81 -10.16 -0.29
C ILE B 143 10.26 -10.08 -1.74
N GLU B 144 9.29 -9.88 -2.66
CA GLU B 144 9.61 -9.77 -4.07
C GLU B 144 10.51 -8.55 -4.29
N ALA B 145 10.16 -7.46 -3.60
CA ALA B 145 10.95 -6.23 -3.66
C ALA B 145 12.32 -6.48 -3.06
N GLU B 146 12.34 -7.05 -1.86
CA GLU B 146 13.60 -7.38 -1.19
C GLU B 146 14.47 -8.23 -2.11
N GLU B 147 13.90 -9.34 -2.61
CA GLU B 147 14.63 -10.21 -3.53
C GLU B 147 15.09 -9.40 -4.74
N ALA B 148 14.16 -8.64 -5.35
CA ALA B 148 14.49 -7.80 -6.49
C ALA B 148 15.63 -6.85 -6.13
N ILE B 149 15.47 -6.14 -5.02
CA ILE B 149 16.50 -5.21 -4.54
C ILE B 149 17.85 -5.91 -4.44
N LYS B 150 17.87 -7.08 -3.76
CA LYS B 150 19.10 -7.86 -3.60
C LYS B 150 19.78 -8.13 -4.95
N GLY B 151 18.99 -8.22 -6.02
CA GLY B 151 19.54 -8.47 -7.35
C GLY B 151 19.42 -7.25 -8.26
N LEU B 152 19.16 -6.07 -7.68
CA LEU B 152 19.02 -4.84 -8.45
C LEU B 152 19.94 -3.73 -7.93
N ASN B 153 19.89 -3.47 -6.61
CA ASN B 153 20.72 -2.43 -5.98
C ASN B 153 22.19 -2.52 -6.40
N GLY B 154 22.99 -1.54 -5.98
CA GLY B 154 24.40 -1.55 -6.35
C GLY B 154 25.22 -2.50 -5.52
N GLN B 155 24.80 -3.76 -5.53
CA GLN B 155 25.50 -4.82 -4.82
C GLN B 155 26.68 -5.32 -5.65
N LYS B 156 27.46 -6.24 -5.10
CA LYS B 156 28.60 -6.79 -5.81
C LYS B 156 28.41 -8.27 -6.13
N PRO B 157 27.44 -8.59 -7.02
CA PRO B 157 27.16 -9.97 -7.43
C PRO B 157 28.11 -10.41 -8.55
N LEU B 158 28.15 -11.71 -8.82
CA LEU B 158 29.02 -12.23 -9.88
C LEU B 158 28.75 -11.56 -11.23
N GLY B 159 27.55 -11.02 -11.40
CA GLY B 159 27.22 -10.35 -12.65
C GLY B 159 27.26 -8.83 -12.53
N ALA B 160 28.01 -8.30 -11.55
CA ALA B 160 28.11 -6.85 -11.36
C ALA B 160 29.20 -6.44 -10.37
N ALA B 161 29.19 -5.16 -9.96
CA ALA B 161 30.18 -4.64 -9.02
C ALA B 161 29.54 -3.66 -8.02
N GLU B 162 29.12 -2.48 -8.51
CA GLU B 162 28.51 -1.47 -7.65
C GLU B 162 27.69 -0.45 -8.46
N PRO B 163 26.72 -0.92 -9.27
CA PRO B 163 25.87 -0.05 -10.09
C PRO B 163 24.55 0.30 -9.41
N ILE B 164 24.12 1.57 -9.51
CA ILE B 164 22.85 2.05 -8.92
C ILE B 164 22.78 1.88 -7.38
N THR B 165 21.78 2.48 -6.76
CA THR B 165 21.60 2.39 -5.32
C THR B 165 20.11 2.43 -4.93
N VAL B 166 19.50 1.24 -4.87
CA VAL B 166 18.09 1.12 -4.50
C VAL B 166 17.92 0.32 -3.22
N LYS B 167 16.98 0.75 -2.37
CA LYS B 167 16.71 0.08 -1.10
C LYS B 167 15.33 0.44 -0.56
N PHE B 168 14.95 -0.17 0.55
CA PHE B 168 13.67 0.09 1.19
C PHE B 168 13.67 1.46 1.87
N ALA B 169 12.49 2.06 2.00
CA ALA B 169 12.37 3.38 2.63
C ALA B 169 12.98 3.38 4.03
N ASN B 170 14.15 4.02 4.16
CA ASN B 170 14.85 4.12 5.44
C ASN B 170 14.16 5.09 6.40
N ASN B 171 13.49 6.11 5.84
CA ASN B 171 12.78 7.13 6.64
C ASN B 171 12.01 6.50 7.80
N PRO B 172 11.04 5.60 7.52
CA PRO B 172 10.23 4.95 8.56
C PRO B 172 10.94 3.77 9.23
N SER B 173 12.22 3.94 9.57
CA SER B 173 13.00 2.88 10.23
C SER B 173 12.96 3.03 11.75
N GLN B 174 13.53 4.13 12.25
CA GLN B 174 13.56 4.40 13.69
C GLN B 174 13.80 5.88 13.96
N MET B 1 -18.17 -13.61 -3.82
CA MET B 1 -18.08 -12.37 -4.65
C MET B 1 -16.89 -11.51 -4.21
N ASP B 2 -15.71 -11.88 -4.68
CA ASP B 2 -14.49 -11.17 -4.33
C ASP B 2 -13.70 -10.77 -5.59
N SER B 3 -13.86 -9.50 -6.00
CA SER B 3 -13.18 -9.02 -7.20
C SER B 3 -12.41 -7.72 -6.92
N LYS B 4 -11.67 -7.69 -5.81
CA LYS B 4 -10.85 -6.53 -5.43
C LYS B 4 -11.68 -5.24 -5.29
N THR B 5 -12.92 -5.35 -4.81
CA THR B 5 -13.78 -4.18 -4.63
C THR B 5 -13.41 -3.37 -3.38
N ASN B 6 -12.56 -3.95 -2.53
CA ASN B 6 -12.11 -3.30 -1.29
C ASN B 6 -11.11 -2.17 -1.60
N LEU B 7 -11.60 -0.93 -1.63
CA LEU B 7 -10.76 0.23 -1.89
C LEU B 7 -10.21 0.79 -0.58
N ILE B 8 -8.88 0.88 -0.48
CA ILE B 8 -8.26 1.39 0.74
C ILE B 8 -7.68 2.80 0.55
N VAL B 9 -8.16 3.73 1.38
CA VAL B 9 -7.72 5.13 1.36
C VAL B 9 -6.97 5.43 2.68
N ASN B 10 -5.65 5.26 2.66
CA ASN B 10 -4.84 5.48 3.87
C ASN B 10 -4.48 6.95 4.09
N TYR B 11 -4.28 7.31 5.36
CA TYR B 11 -3.95 8.67 5.79
C TYR B 11 -5.20 9.56 5.78
N LEU B 12 -6.34 8.98 6.15
CA LEU B 12 -7.61 9.72 6.21
C LEU B 12 -7.48 11.03 6.98
N PRO B 13 -7.89 12.15 6.35
CA PRO B 13 -7.83 13.47 7.00
C PRO B 13 -8.66 13.53 8.28
N GLN B 14 -7.97 13.43 9.42
CA GLN B 14 -8.61 13.44 10.75
C GLN B 14 -9.76 14.45 10.85
N ASN B 15 -9.68 15.55 10.09
CA ASN B 15 -10.71 16.58 10.10
C ASN B 15 -12.03 16.08 9.50
N MET B 16 -11.96 15.12 8.58
CA MET B 16 -13.14 14.57 7.93
C MET B 16 -13.69 13.35 8.69
N THR B 17 -15.00 13.17 8.65
CA THR B 17 -15.65 12.03 9.32
C THR B 17 -16.03 10.93 8.32
N GLN B 18 -16.47 9.78 8.84
CA GLN B 18 -16.85 8.65 8.00
C GLN B 18 -17.96 9.03 7.02
N ASP B 19 -19.05 9.58 7.55
CA ASP B 19 -20.19 10.00 6.73
C ASP B 19 -19.69 10.90 5.59
N GLU B 20 -18.90 11.91 5.93
CA GLU B 20 -18.31 12.81 4.94
C GLU B 20 -17.49 12.02 3.94
N PHE B 21 -16.55 11.21 4.46
CA PHE B 21 -15.69 10.38 3.62
C PHE B 21 -16.54 9.50 2.69
N LYS B 22 -17.51 8.79 3.28
CA LYS B 22 -18.40 7.93 2.50
C LYS B 22 -19.15 8.77 1.49
N SER B 23 -19.76 9.87 1.96
CA SER B 23 -20.50 10.78 1.09
C SER B 23 -19.59 11.30 -0.03
N LEU B 24 -18.39 11.75 0.35
CA LEU B 24 -17.42 12.26 -0.62
C LEU B 24 -17.26 11.27 -1.79
N PHE B 25 -16.86 10.04 -1.47
CA PHE B 25 -16.70 9.00 -2.49
C PHE B 25 -18.05 8.63 -3.11
N GLY B 26 -19.08 8.50 -2.26
CA GLY B 26 -20.42 8.17 -2.73
C GLY B 26 -20.90 9.12 -3.81
N SER B 27 -20.50 10.39 -3.69
CA SER B 27 -20.86 11.41 -4.67
C SER B 27 -20.36 11.03 -6.07
N ILE B 28 -19.33 10.16 -6.13
CA ILE B 28 -18.76 9.72 -7.40
C ILE B 28 -19.20 8.30 -7.76
N GLY B 29 -18.95 7.35 -6.86
CA GLY B 29 -19.32 5.96 -7.13
C GLY B 29 -20.18 5.34 -6.05
N ASP B 30 -21.04 4.39 -6.44
CA ASP B 30 -21.92 3.70 -5.51
C ASP B 30 -21.14 2.91 -4.47
N ILE B 31 -21.04 3.47 -3.27
CA ILE B 31 -20.33 2.84 -2.18
C ILE B 31 -21.18 1.75 -1.51
N GLU B 32 -21.07 0.53 -2.02
CA GLU B 32 -21.82 -0.61 -1.49
C GLU B 32 -21.47 -0.84 -0.02
N SER B 33 -20.20 -0.67 0.34
CA SER B 33 -19.76 -0.88 1.73
C SER B 33 -18.51 -0.04 2.04
N CYS B 34 -18.22 0.13 3.34
CA CYS B 34 -17.05 0.91 3.78
C CYS B 34 -16.57 0.53 5.18
N LYS B 35 -15.49 1.20 5.60
CA LYS B 35 -14.88 1.00 6.92
C LYS B 35 -13.77 2.04 7.17
N LEU B 36 -13.57 2.40 8.43
CA LEU B 36 -12.54 3.38 8.81
C LEU B 36 -11.78 2.90 10.05
N VAL B 37 -10.46 3.02 10.03
CA VAL B 37 -9.65 2.55 11.17
C VAL B 37 -8.88 3.69 11.85
N ARG B 38 -9.24 3.92 13.12
CA ARG B 38 -8.61 4.94 13.96
C ARG B 38 -8.83 4.63 15.44
N ASP B 39 -7.76 4.29 16.15
CA ASP B 39 -7.86 3.98 17.58
C ASP B 39 -8.17 5.22 18.41
N LYS B 40 -8.91 5.02 19.51
CA LYS B 40 -9.27 6.11 20.40
C LYS B 40 -9.16 5.67 21.88
N ILE B 41 -8.30 4.69 22.14
CA ILE B 41 -8.09 4.18 23.49
C ILE B 41 -6.65 4.41 23.96
N THR B 42 -5.69 3.98 23.15
CA THR B 42 -4.27 4.14 23.48
C THR B 42 -3.71 5.45 22.94
N GLY B 43 -4.04 5.75 21.69
CA GLY B 43 -3.58 6.98 21.05
C GLY B 43 -2.83 6.73 19.76
N GLN B 44 -3.32 5.79 18.96
CA GLN B 44 -2.70 5.44 17.69
C GLN B 44 -3.34 6.20 16.53
N SER B 45 -4.66 6.06 16.40
CA SER B 45 -5.45 6.73 15.35
C SER B 45 -4.65 6.97 14.06
N LEU B 46 -4.51 5.94 13.24
CA LEU B 46 -3.78 6.06 11.97
C LEU B 46 -4.67 6.72 10.91
N GLY B 47 -5.85 6.14 10.68
CA GLY B 47 -6.79 6.72 9.72
C GLY B 47 -6.71 6.16 8.32
N TYR B 48 -7.56 5.19 8.01
CA TYR B 48 -7.64 4.62 6.66
C TYR B 48 -9.10 4.41 6.27
N GLY B 49 -9.44 4.80 5.05
CA GLY B 49 -10.79 4.64 4.55
C GLY B 49 -10.94 3.44 3.64
N PHE B 50 -11.84 2.54 3.98
CA PHE B 50 -12.07 1.34 3.18
C PHE B 50 -13.44 1.41 2.51
N VAL B 51 -13.46 1.28 1.19
CA VAL B 51 -14.72 1.36 0.44
C VAL B 51 -14.91 0.21 -0.54
N ASN B 52 -16.17 -0.20 -0.71
CA ASN B 52 -16.51 -1.26 -1.64
C ASN B 52 -17.50 -0.75 -2.68
N TYR B 53 -17.04 -0.62 -3.92
CA TYR B 53 -17.89 -0.14 -5.01
C TYR B 53 -18.66 -1.29 -5.64
N SER B 54 -19.59 -0.96 -6.55
CA SER B 54 -20.39 -1.97 -7.23
C SER B 54 -19.60 -2.63 -8.35
N ASP B 55 -19.07 -1.81 -9.27
CA ASP B 55 -18.28 -2.32 -10.38
C ASP B 55 -16.88 -1.68 -10.42
N PRO B 56 -15.86 -2.45 -10.86
CA PRO B 56 -14.48 -1.97 -10.95
C PRO B 56 -14.37 -0.67 -11.76
N ASN B 57 -15.27 -0.49 -12.73
CA ASN B 57 -15.28 0.73 -13.56
C ASN B 57 -15.39 1.97 -12.68
N ASP B 58 -16.36 1.95 -11.76
CA ASP B 58 -16.57 3.05 -10.83
C ASP B 58 -15.35 3.23 -9.92
N ALA B 59 -14.65 2.12 -9.66
CA ALA B 59 -13.45 2.14 -8.83
C ALA B 59 -12.30 2.82 -9.56
N ASP B 60 -12.04 2.40 -10.80
CA ASP B 60 -10.96 2.99 -11.59
C ASP B 60 -11.30 4.45 -11.91
N LYS B 61 -12.57 4.73 -12.16
CA LYS B 61 -13.01 6.09 -12.43
C LYS B 61 -12.73 6.98 -11.22
N ALA B 62 -12.88 6.40 -10.02
CA ALA B 62 -12.60 7.11 -8.79
C ALA B 62 -11.09 7.19 -8.57
N ILE B 63 -10.39 6.08 -8.79
CA ILE B 63 -8.93 6.03 -8.66
C ILE B 63 -8.28 7.02 -9.61
N ASN B 64 -8.85 7.20 -10.80
CA ASN B 64 -8.32 8.15 -11.79
C ASN B 64 -8.61 9.61 -11.38
N THR B 65 -8.69 9.87 -10.07
CA THR B 65 -8.96 11.21 -9.55
C THR B 65 -8.51 11.33 -8.08
N LEU B 66 -8.82 10.29 -7.28
CA LEU B 66 -8.45 10.30 -5.85
C LEU B 66 -7.23 9.39 -5.56
N ASN B 67 -6.51 8.97 -6.60
CA ASN B 67 -5.32 8.13 -6.41
C ASN B 67 -4.05 8.98 -6.25
N GLY B 68 -3.98 9.74 -5.17
CA GLY B 68 -2.80 10.58 -4.93
C GLY B 68 -3.15 11.98 -4.45
N LEU B 69 -3.86 12.09 -3.34
CA LEU B 69 -4.24 13.37 -2.79
C LEU B 69 -3.17 13.88 -1.80
N LYS B 70 -2.09 14.43 -2.34
CA LYS B 70 -0.99 14.96 -1.53
C LYS B 70 -1.43 16.22 -0.80
N LEU B 71 -1.75 16.08 0.48
CA LEU B 71 -2.19 17.21 1.30
C LEU B 71 -1.04 17.79 2.11
N GLN B 72 -1.29 18.96 2.72
CA GLN B 72 -0.29 19.63 3.55
C GLN B 72 0.13 18.74 4.72
N THR B 73 -0.77 17.84 5.12
CA THR B 73 -0.51 16.91 6.22
C THR B 73 0.09 15.60 5.71
N LYS B 74 -0.59 14.96 4.77
CA LYS B 74 -0.13 13.68 4.23
C LYS B 74 -0.52 13.48 2.76
N THR B 75 -0.03 12.39 2.19
CA THR B 75 -0.31 12.03 0.79
C THR B 75 -1.47 11.05 0.67
N ILE B 76 -2.66 11.49 1.09
CA ILE B 76 -3.88 10.64 1.02
C ILE B 76 -3.94 9.88 -0.31
N LYS B 77 -4.04 8.55 -0.24
CA LYS B 77 -4.08 7.76 -1.46
C LYS B 77 -5.11 6.63 -1.41
N VAL B 78 -5.91 6.53 -2.47
CA VAL B 78 -6.93 5.48 -2.58
C VAL B 78 -6.45 4.37 -3.52
N SER B 79 -6.57 3.13 -3.08
CA SER B 79 -6.12 2.00 -3.91
C SER B 79 -6.87 0.69 -3.58
N TYR B 80 -6.61 -0.33 -4.41
CA TYR B 80 -7.21 -1.65 -4.25
C TYR B 80 -6.35 -2.55 -3.35
N ALA B 81 -6.93 -3.06 -2.28
CA ALA B 81 -6.20 -3.93 -1.36
C ALA B 81 -6.31 -5.41 -1.76
N ARG B 82 -5.15 -6.05 -1.91
CA ARG B 82 -5.09 -7.48 -2.28
C ARG B 82 -5.48 -8.37 -1.09
N PRO B 83 -5.69 -9.68 -1.35
CA PRO B 83 -6.06 -10.62 -0.28
C PRO B 83 -4.92 -10.81 0.72
N SER B 84 -5.26 -10.83 2.01
CA SER B 84 -4.26 -10.99 3.07
C SER B 84 -3.56 -12.35 2.99
N SER B 85 -2.45 -12.39 2.25
CA SER B 85 -1.67 -13.62 2.09
C SER B 85 -1.28 -14.25 3.43
N ALA B 86 -0.94 -13.40 4.39
CA ALA B 86 -0.54 -13.84 5.74
C ALA B 86 0.00 -12.67 6.57
N SER B 87 0.79 -11.81 5.93
CA SER B 87 1.36 -10.65 6.59
C SER B 87 1.98 -9.70 5.56
N ILE B 88 1.34 -8.55 5.37
CA ILE B 88 1.81 -7.55 4.40
C ILE B 88 1.93 -6.17 5.06
N ARG B 89 3.15 -5.64 5.09
CA ARG B 89 3.40 -4.33 5.71
C ARG B 89 4.88 -3.96 5.62
N ASP B 90 5.16 -2.71 5.22
CA ASP B 90 6.53 -2.20 5.11
C ASP B 90 7.33 -2.98 4.03
N ALA B 91 7.15 -2.59 2.77
CA ALA B 91 7.86 -3.26 1.66
C ALA B 91 7.91 -2.42 0.38
N ASN B 92 8.63 -1.30 0.39
CA ASN B 92 8.74 -0.46 -0.83
C ASN B 92 10.14 -0.57 -1.45
N LEU B 93 10.27 -0.08 -2.69
CA LEU B 93 11.55 -0.16 -3.40
C LEU B 93 12.08 1.21 -3.86
N TYR B 94 13.42 1.32 -3.86
CA TYR B 94 14.12 2.53 -4.32
C TYR B 94 14.80 2.25 -5.66
N VAL B 95 14.38 2.97 -6.70
CA VAL B 95 14.93 2.80 -8.05
C VAL B 95 15.70 4.02 -8.51
N SER B 96 16.94 3.81 -8.97
CA SER B 96 17.78 4.89 -9.46
C SER B 96 18.17 4.65 -10.92
N GLY B 97 18.59 5.73 -11.60
CA GLY B 97 18.96 5.64 -13.00
C GLY B 97 17.75 5.72 -13.92
N LEU B 98 16.78 6.56 -13.55
CA LEU B 98 15.57 6.72 -14.35
C LEU B 98 15.65 7.94 -15.28
N PRO B 99 15.04 7.84 -16.48
CA PRO B 99 15.03 8.93 -17.45
C PRO B 99 14.34 10.18 -16.90
N LYS B 100 14.66 11.33 -17.49
CA LYS B 100 14.08 12.61 -17.06
C LYS B 100 12.56 12.61 -17.24
N THR B 101 12.09 12.00 -18.32
CA THR B 101 10.65 11.92 -18.59
C THR B 101 10.06 10.63 -18.00
N MET B 102 10.53 10.25 -16.81
CA MET B 102 10.06 9.05 -16.12
C MET B 102 8.54 9.05 -15.95
N SER B 103 7.91 8.00 -16.46
CA SER B 103 6.46 7.84 -16.39
C SER B 103 6.03 6.99 -15.21
N GLN B 104 5.41 7.63 -14.21
CA GLN B 104 4.95 6.96 -12.99
C GLN B 104 4.17 5.67 -13.30
N LYS B 105 3.21 5.75 -14.22
CA LYS B 105 2.40 4.59 -14.59
C LYS B 105 3.27 3.49 -15.23
N GLU B 106 4.20 3.88 -16.09
CA GLU B 106 5.09 2.91 -16.73
C GLU B 106 5.90 2.18 -15.65
N MET B 107 6.32 2.93 -14.62
CA MET B 107 7.05 2.34 -13.50
C MET B 107 6.20 1.22 -12.90
N GLU B 108 4.88 1.44 -12.86
CA GLU B 108 3.95 0.45 -12.33
C GLU B 108 3.88 -0.75 -13.26
N GLN B 109 3.35 -0.56 -14.47
CA GLN B 109 3.23 -1.66 -15.44
C GLN B 109 4.55 -2.45 -15.58
N LEU B 110 5.67 -1.77 -15.35
CA LEU B 110 6.99 -2.40 -15.43
C LEU B 110 7.18 -3.42 -14.32
N PHE B 111 6.98 -2.98 -13.07
CA PHE B 111 7.13 -3.85 -11.92
C PHE B 111 5.83 -4.65 -11.65
N SER B 112 4.69 -4.12 -12.11
CA SER B 112 3.40 -4.80 -11.92
C SER B 112 3.41 -6.20 -12.50
N GLN B 113 3.85 -6.31 -13.75
CA GLN B 113 3.94 -7.62 -14.42
C GLN B 113 4.80 -8.59 -13.60
N TYR B 114 5.72 -8.04 -12.79
CA TYR B 114 6.61 -8.85 -11.96
C TYR B 114 5.91 -9.32 -10.68
N GLY B 115 5.30 -8.40 -9.94
CA GLY B 115 4.62 -8.78 -8.70
C GLY B 115 3.50 -7.85 -8.29
N ARG B 116 2.84 -7.21 -9.26
CA ARG B 116 1.72 -6.30 -8.98
C ARG B 116 2.05 -5.31 -7.84
N ILE B 117 2.48 -4.12 -8.23
CA ILE B 117 2.83 -3.07 -7.26
C ILE B 117 1.59 -2.38 -6.72
N ILE B 118 1.70 -1.82 -5.53
CA ILE B 118 0.60 -1.07 -4.93
C ILE B 118 0.58 0.33 -5.55
N THR B 119 1.77 0.96 -5.59
CA THR B 119 1.93 2.29 -6.18
C THR B 119 3.38 2.53 -6.60
N SER B 120 3.57 3.10 -7.79
CA SER B 120 4.90 3.43 -8.31
C SER B 120 5.05 4.95 -8.36
N ARG B 121 6.24 5.46 -8.07
CA ARG B 121 6.43 6.93 -8.10
C ARG B 121 7.87 7.35 -8.39
N ILE B 122 8.01 8.59 -8.86
CA ILE B 122 9.30 9.18 -9.19
C ILE B 122 9.49 10.51 -8.45
N LEU B 123 10.61 10.65 -7.75
CA LEU B 123 10.91 11.86 -6.99
C LEU B 123 11.65 12.88 -7.85
N LEU B 124 10.88 13.75 -8.51
CA LEU B 124 11.45 14.78 -9.38
C LEU B 124 10.52 15.99 -9.49
N ASP B 125 10.32 16.71 -8.38
CA ASP B 125 9.45 17.88 -8.37
C ASP B 125 10.26 19.16 -8.57
N GLN B 126 9.89 19.95 -9.58
CA GLN B 126 10.58 21.21 -9.87
C GLN B 126 9.70 22.42 -9.59
N ALA B 127 8.66 22.24 -8.75
CA ALA B 127 7.75 23.34 -8.43
C ALA B 127 7.25 23.27 -6.98
N THR B 128 6.75 22.10 -6.58
CA THR B 128 6.21 21.91 -5.23
C THR B 128 7.06 20.98 -4.36
N GLY B 129 8.24 20.56 -4.85
CA GLY B 129 9.09 19.69 -4.07
C GLY B 129 10.57 19.90 -4.33
N VAL B 130 11.23 18.88 -4.89
CA VAL B 130 12.66 18.94 -5.20
C VAL B 130 13.01 18.01 -6.35
N SER B 131 14.04 18.37 -7.11
CA SER B 131 14.50 17.56 -8.23
C SER B 131 15.47 16.48 -7.73
N ARG B 132 14.91 15.39 -7.22
CA ARG B 132 15.71 14.28 -6.69
C ARG B 132 16.23 13.38 -7.81
N GLY B 133 15.31 12.79 -8.58
CA GLY B 133 15.71 11.92 -9.68
C GLY B 133 15.67 10.44 -9.34
N VAL B 134 14.84 10.08 -8.36
CA VAL B 134 14.72 8.68 -7.95
C VAL B 134 13.30 8.16 -8.17
N GLY B 135 13.15 6.85 -8.17
CA GLY B 135 11.85 6.24 -8.36
C GLY B 135 11.56 5.17 -7.33
N PHE B 136 10.28 5.01 -6.98
CA PHE B 136 9.88 4.00 -6.00
C PHE B 136 8.82 3.07 -6.54
N ILE B 137 8.87 1.85 -6.05
CA ILE B 137 7.91 0.83 -6.41
C ILE B 137 7.41 0.13 -5.15
N ARG B 138 6.20 0.45 -4.70
CA ARG B 138 5.68 -0.15 -3.48
C ARG B 138 4.90 -1.44 -3.73
N PHE B 139 5.57 -2.58 -3.57
CA PHE B 139 4.93 -3.88 -3.74
C PHE B 139 4.14 -4.27 -2.51
N ASP B 140 3.17 -5.17 -2.69
CA ASP B 140 2.32 -5.65 -1.60
C ASP B 140 3.14 -6.18 -0.43
N LYS B 141 3.98 -7.19 -0.70
CA LYS B 141 4.81 -7.79 0.34
C LYS B 141 6.30 -7.70 -0.02
N ARG B 142 7.15 -7.67 1.01
CA ARG B 142 8.60 -7.59 0.80
C ARG B 142 9.09 -8.70 -0.12
N ILE B 143 8.66 -9.94 0.15
CA ILE B 143 9.04 -11.10 -0.66
C ILE B 143 8.66 -10.90 -2.13
N GLU B 144 7.51 -10.26 -2.36
CA GLU B 144 7.05 -9.97 -3.71
C GLU B 144 8.08 -9.10 -4.40
N ALA B 145 8.55 -8.09 -3.67
CA ALA B 145 9.58 -7.19 -4.17
C ALA B 145 10.92 -7.90 -4.20
N GLU B 146 11.23 -8.63 -3.13
CA GLU B 146 12.48 -9.38 -3.04
C GLU B 146 12.76 -10.19 -4.30
N GLU B 147 11.89 -11.15 -4.62
CA GLU B 147 12.06 -11.97 -5.82
C GLU B 147 12.17 -11.09 -7.06
N ALA B 148 11.30 -10.08 -7.16
CA ALA B 148 11.31 -9.16 -8.30
C ALA B 148 12.61 -8.34 -8.35
N ILE B 149 13.04 -7.83 -7.19
CA ILE B 149 14.28 -7.03 -7.11
C ILE B 149 15.41 -7.64 -7.93
N LYS B 150 15.83 -8.85 -7.55
CA LYS B 150 16.92 -9.54 -8.25
C LYS B 150 16.64 -9.67 -9.75
N GLY B 151 15.40 -10.00 -10.10
CA GLY B 151 15.03 -10.15 -11.51
C GLY B 151 15.01 -8.82 -12.27
N LEU B 152 14.61 -7.74 -11.60
CA LEU B 152 14.54 -6.42 -12.23
C LEU B 152 15.86 -5.66 -12.14
N ASN B 153 16.47 -5.60 -10.96
CA ASN B 153 17.75 -4.90 -10.77
C ASN B 153 18.72 -5.29 -11.88
N GLY B 154 19.21 -4.31 -12.64
CA GLY B 154 20.12 -4.60 -13.73
C GLY B 154 21.58 -4.56 -13.32
N GLN B 155 22.31 -3.62 -13.90
CA GLN B 155 23.73 -3.46 -13.62
C GLN B 155 24.23 -2.07 -14.00
N LYS B 156 25.30 -1.62 -13.33
CA LYS B 156 25.87 -0.30 -13.60
C LYS B 156 27.32 -0.41 -14.05
N PRO B 157 27.56 -1.00 -15.24
CA PRO B 157 28.91 -1.18 -15.79
C PRO B 157 29.53 0.15 -16.25
N LEU B 158 30.84 0.14 -16.49
CA LEU B 158 31.55 1.34 -16.93
C LEU B 158 30.86 2.00 -18.13
N GLY B 159 30.25 1.19 -18.99
CA GLY B 159 29.55 1.73 -20.15
C GLY B 159 28.09 2.07 -19.87
N ALA B 160 27.73 2.20 -18.58
CA ALA B 160 26.36 2.52 -18.20
C ALA B 160 26.31 3.41 -16.95
N ALA B 161 26.41 4.72 -17.16
CA ALA B 161 26.37 5.68 -16.05
C ALA B 161 24.94 5.92 -15.54
N GLU B 162 23.95 5.73 -16.42
CA GLU B 162 22.55 5.92 -16.04
C GLU B 162 21.73 4.64 -16.29
N PRO B 163 22.09 3.53 -15.60
CA PRO B 163 21.40 2.24 -15.75
C PRO B 163 20.31 2.01 -14.70
N ILE B 164 19.24 1.33 -15.12
CA ILE B 164 18.13 1.03 -14.21
C ILE B 164 18.63 0.26 -12.99
N THR B 165 18.54 0.89 -11.82
CA THR B 165 19.00 0.28 -10.59
C THR B 165 17.93 0.32 -9.50
N VAL B 166 17.25 -0.82 -9.31
CA VAL B 166 16.19 -0.92 -8.31
C VAL B 166 16.48 -2.07 -7.32
N LYS B 167 16.53 -1.73 -6.03
CA LYS B 167 16.80 -2.72 -4.98
C LYS B 167 16.23 -2.26 -3.64
N PHE B 168 16.23 -3.17 -2.65
CA PHE B 168 15.73 -2.83 -1.31
C PHE B 168 16.39 -1.56 -0.78
N ALA B 169 15.56 -0.61 -0.34
CA ALA B 169 16.05 0.67 0.18
C ALA B 169 17.19 0.49 1.19
N ASN B 170 18.29 1.22 0.96
CA ASN B 170 19.45 1.17 1.84
C ASN B 170 19.21 2.00 3.10
N ASN B 171 18.58 1.39 4.10
CA ASN B 171 18.29 2.10 5.35
C ASN B 171 19.26 1.70 6.47
N PRO B 172 20.22 2.58 6.78
CA PRO B 172 21.22 2.35 7.83
C PRO B 172 20.80 2.94 9.18
N SER B 173 21.55 2.61 10.23
CA SER B 173 21.27 3.13 11.57
C SER B 173 22.14 4.34 11.92
N GLN B 174 22.77 4.94 10.91
CA GLN B 174 23.64 6.09 11.09
C GLN B 174 23.82 6.86 9.79
N MET B 1 -13.82 6.72 -17.17
CA MET B 1 -14.80 7.12 -16.12
C MET B 1 -15.58 5.91 -15.61
N ASP B 2 -15.11 5.34 -14.51
CA ASP B 2 -15.75 4.16 -13.94
C ASP B 2 -15.22 3.87 -12.53
N SER B 3 -16.07 3.25 -11.71
CA SER B 3 -15.72 2.91 -10.33
C SER B 3 -16.94 2.33 -9.61
N LYS B 4 -16.99 2.48 -8.28
CA LYS B 4 -18.10 1.98 -7.48
C LYS B 4 -18.30 2.87 -6.24
N THR B 5 -18.15 4.19 -6.43
CA THR B 5 -18.29 5.15 -5.34
C THR B 5 -17.40 4.78 -4.14
N ASN B 6 -16.34 4.02 -4.41
CA ASN B 6 -15.41 3.57 -3.39
C ASN B 6 -14.11 4.37 -3.43
N LEU B 7 -14.02 5.38 -2.58
CA LEU B 7 -12.83 6.23 -2.50
C LEU B 7 -11.87 5.65 -1.47
N ILE B 8 -10.58 5.59 -1.82
CA ILE B 8 -9.59 5.04 -0.91
C ILE B 8 -8.55 6.07 -0.47
N VAL B 9 -8.50 6.32 0.84
CA VAL B 9 -7.57 7.27 1.44
C VAL B 9 -6.27 6.56 1.81
N ASN B 10 -5.19 6.90 1.10
CA ASN B 10 -3.90 6.26 1.34
C ASN B 10 -3.08 6.97 2.42
N TYR B 11 -2.37 6.18 3.23
CA TYR B 11 -1.51 6.70 4.31
C TYR B 11 -2.34 7.11 5.53
N LEU B 12 -2.88 6.12 6.25
CA LEU B 12 -3.67 6.38 7.44
C LEU B 12 -2.80 6.43 8.71
N PRO B 13 -3.11 7.34 9.64
CA PRO B 13 -2.36 7.49 10.89
C PRO B 13 -2.54 6.30 11.83
N GLN B 14 -1.58 5.38 11.82
CA GLN B 14 -1.60 4.18 12.66
C GLN B 14 -2.04 4.48 14.11
N ASN B 15 -1.74 5.69 14.60
CA ASN B 15 -2.10 6.08 15.97
C ASN B 15 -3.53 6.63 16.06
N MET B 16 -4.22 6.77 14.93
CA MET B 16 -5.60 7.26 14.93
C MET B 16 -6.60 6.11 15.05
N THR B 17 -7.75 6.38 15.66
CA THR B 17 -8.79 5.36 15.83
C THR B 17 -9.95 5.55 14.84
N GLN B 18 -10.83 4.56 14.80
CA GLN B 18 -11.99 4.58 13.89
C GLN B 18 -12.96 5.73 14.19
N ASP B 19 -13.24 5.96 15.47
CA ASP B 19 -14.15 7.03 15.88
C ASP B 19 -13.69 8.39 15.34
N GLU B 20 -12.42 8.72 15.54
CA GLU B 20 -11.87 9.99 15.04
C GLU B 20 -12.10 10.14 13.54
N PHE B 21 -11.73 9.09 12.79
CA PHE B 21 -11.90 9.08 11.35
C PHE B 21 -13.35 9.38 10.96
N LYS B 22 -14.29 8.79 11.70
CA LYS B 22 -15.71 9.00 11.45
C LYS B 22 -16.03 10.49 11.44
N SER B 23 -15.62 11.21 12.49
CA SER B 23 -15.85 12.65 12.59
C SER B 23 -15.02 13.39 11.53
N LEU B 24 -13.75 12.98 11.38
CA LEU B 24 -12.85 13.59 10.40
C LEU B 24 -13.56 13.79 9.06
N PHE B 25 -13.94 12.68 8.42
CA PHE B 25 -14.65 12.74 7.13
C PHE B 25 -16.13 13.08 7.35
N GLY B 26 -16.68 12.67 8.51
CA GLY B 26 -18.07 12.94 8.82
C GLY B 26 -18.38 14.44 8.77
N SER B 27 -17.41 15.25 9.15
CA SER B 27 -17.56 16.71 9.13
C SER B 27 -17.52 17.26 7.70
N ILE B 28 -18.37 16.71 6.83
CA ILE B 28 -18.45 17.14 5.43
C ILE B 28 -19.90 17.14 4.93
N GLY B 29 -20.50 15.95 4.86
CA GLY B 29 -21.88 15.84 4.40
C GLY B 29 -22.34 14.40 4.25
N ASP B 30 -22.93 14.08 3.09
CA ASP B 30 -23.44 12.73 2.82
C ASP B 30 -22.30 11.74 2.59
N ILE B 31 -22.07 10.87 3.58
CA ILE B 31 -21.02 9.85 3.50
C ILE B 31 -21.62 8.47 3.69
N GLU B 32 -21.95 7.83 2.57
CA GLU B 32 -22.53 6.49 2.57
C GLU B 32 -21.80 5.55 3.53
N SER B 33 -20.47 5.67 3.62
CA SER B 33 -19.69 4.81 4.52
C SER B 33 -18.18 5.03 4.39
N CYS B 34 -17.44 4.49 5.37
CA CYS B 34 -15.98 4.59 5.38
C CYS B 34 -15.36 3.35 6.06
N LYS B 35 -14.06 3.18 5.89
CA LYS B 35 -13.37 2.04 6.49
C LYS B 35 -11.85 2.26 6.59
N LEU B 36 -11.23 1.57 7.54
CA LEU B 36 -9.78 1.65 7.76
C LEU B 36 -9.20 0.24 7.87
N VAL B 37 -8.05 -0.01 7.23
CA VAL B 37 -7.42 -1.34 7.29
C VAL B 37 -5.93 -1.27 7.61
N ARG B 38 -5.60 -1.71 8.83
CA ARG B 38 -4.21 -1.74 9.30
C ARG B 38 -4.03 -2.87 10.31
N ASP B 39 -3.48 -3.99 9.84
CA ASP B 39 -3.27 -5.16 10.68
C ASP B 39 -2.23 -4.92 11.78
N LYS B 40 -2.38 -5.65 12.88
CA LYS B 40 -1.47 -5.56 14.03
C LYS B 40 -1.28 -6.94 14.67
N ILE B 41 -1.54 -8.00 13.91
CA ILE B 41 -1.41 -9.37 14.41
C ILE B 41 -0.49 -10.22 13.52
N THR B 42 -0.68 -10.12 12.20
CA THR B 42 0.13 -10.90 11.25
C THR B 42 1.45 -10.20 10.94
N GLY B 43 1.37 -8.89 10.74
CA GLY B 43 2.55 -8.09 10.42
C GLY B 43 2.55 -7.64 8.97
N GLN B 44 1.39 -7.23 8.48
CA GLN B 44 1.24 -6.76 7.11
C GLN B 44 1.50 -5.25 7.04
N SER B 45 0.97 -4.52 8.02
CA SER B 45 1.14 -3.07 8.09
C SER B 45 0.68 -2.36 6.80
N LEU B 46 -0.63 -2.27 6.62
CA LEU B 46 -1.19 -1.60 5.45
C LEU B 46 -1.36 -0.09 5.71
N GLY B 47 -2.49 0.30 6.30
CA GLY B 47 -2.72 1.72 6.59
C GLY B 47 -3.38 2.47 5.45
N TYR B 48 -4.65 2.17 5.20
CA TYR B 48 -5.39 2.82 4.11
C TYR B 48 -6.88 2.89 4.45
N GLY B 49 -7.49 4.02 4.10
CA GLY B 49 -8.91 4.24 4.41
C GLY B 49 -9.81 4.15 3.19
N PHE B 50 -11.09 3.86 3.43
CA PHE B 50 -12.05 3.72 2.34
C PHE B 50 -13.27 4.61 2.60
N VAL B 51 -13.86 5.15 1.54
CA VAL B 51 -15.03 6.02 1.68
C VAL B 51 -16.03 5.79 0.54
N ASN B 52 -17.30 5.65 0.90
CA ASN B 52 -18.35 5.42 -0.10
C ASN B 52 -19.25 6.66 -0.22
N TYR B 53 -19.29 7.24 -1.41
CA TYR B 53 -20.09 8.43 -1.66
C TYR B 53 -21.17 8.16 -2.71
N SER B 54 -22.44 8.23 -2.29
CA SER B 54 -23.57 7.98 -3.18
C SER B 54 -23.52 8.89 -4.42
N ASP B 55 -23.05 10.12 -4.24
CA ASP B 55 -22.96 11.09 -5.34
C ASP B 55 -21.53 11.20 -5.87
N PRO B 56 -21.37 11.33 -7.20
CA PRO B 56 -20.06 11.44 -7.84
C PRO B 56 -19.29 12.72 -7.44
N ASN B 57 -19.79 13.88 -7.88
CA ASN B 57 -19.16 15.16 -7.57
C ASN B 57 -18.84 15.29 -6.07
N ASP B 58 -19.85 15.07 -5.24
CA ASP B 58 -19.69 15.14 -3.80
C ASP B 58 -18.62 14.17 -3.29
N ALA B 59 -18.35 13.11 -4.07
CA ALA B 59 -17.33 12.13 -3.71
C ALA B 59 -15.94 12.73 -3.90
N ASP B 60 -15.71 13.31 -5.07
CA ASP B 60 -14.42 13.95 -5.36
C ASP B 60 -14.34 15.32 -4.70
N LYS B 61 -15.49 16.01 -4.62
CA LYS B 61 -15.57 17.32 -3.99
C LYS B 61 -14.95 17.26 -2.59
N ALA B 62 -15.32 16.24 -1.83
CA ALA B 62 -14.77 16.04 -0.49
C ALA B 62 -13.27 15.75 -0.61
N ILE B 63 -12.90 14.88 -1.56
CA ILE B 63 -11.50 14.52 -1.80
C ILE B 63 -10.66 15.78 -2.06
N ASN B 64 -11.22 16.71 -2.83
CA ASN B 64 -10.51 17.96 -3.16
C ASN B 64 -9.78 18.54 -1.94
N THR B 65 -10.39 18.41 -0.76
CA THR B 65 -9.79 18.92 0.48
C THR B 65 -8.94 17.86 1.19
N LEU B 66 -9.37 16.59 1.13
CA LEU B 66 -8.64 15.50 1.77
C LEU B 66 -7.46 15.02 0.91
N ASN B 67 -7.42 15.43 -0.36
CA ASN B 67 -6.34 15.06 -1.28
C ASN B 67 -5.06 15.88 -0.96
N GLY B 68 -4.57 15.74 0.27
CA GLY B 68 -3.36 16.46 0.66
C GLY B 68 -3.38 16.94 2.11
N LEU B 69 -3.91 16.12 3.02
CA LEU B 69 -3.96 16.48 4.43
C LEU B 69 -2.70 15.99 5.16
N LYS B 70 -2.25 16.77 6.14
CA LYS B 70 -1.05 16.42 6.91
C LYS B 70 -1.41 15.57 8.13
N LEU B 71 -0.65 14.51 8.37
CA LEU B 71 -0.89 13.63 9.51
C LEU B 71 0.18 13.81 10.59
N GLN B 72 0.07 13.01 11.65
CA GLN B 72 1.00 13.07 12.79
C GLN B 72 2.46 13.02 12.32
N THR B 73 2.84 11.99 11.57
CA THR B 73 4.21 11.84 11.08
C THR B 73 4.27 11.48 9.58
N LYS B 74 3.18 11.74 8.86
CA LYS B 74 3.11 11.46 7.42
C LYS B 74 2.03 12.33 6.76
N THR B 75 1.80 12.10 5.47
CA THR B 75 0.80 12.84 4.71
C THR B 75 -0.35 11.92 4.28
N ILE B 76 -1.56 12.47 4.19
CA ILE B 76 -2.72 11.68 3.77
C ILE B 76 -3.35 12.25 2.50
N LYS B 77 -3.86 11.37 1.65
CA LYS B 77 -4.47 11.79 0.39
C LYS B 77 -5.54 10.80 -0.07
N VAL B 78 -6.75 11.30 -0.34
CA VAL B 78 -7.83 10.44 -0.80
C VAL B 78 -7.67 10.14 -2.29
N SER B 79 -7.56 8.87 -2.64
CA SER B 79 -7.37 8.48 -4.03
C SER B 79 -8.52 7.62 -4.54
N TYR B 80 -8.56 7.44 -5.85
CA TYR B 80 -9.60 6.65 -6.51
C TYR B 80 -9.17 5.19 -6.62
N ALA B 81 -10.08 4.28 -6.27
CA ALA B 81 -9.78 2.85 -6.34
C ALA B 81 -9.58 2.40 -7.80
N ARG B 82 -8.68 1.42 -7.98
CA ARG B 82 -8.38 0.88 -9.31
C ARG B 82 -8.92 -0.55 -9.43
N PRO B 83 -10.23 -0.70 -9.72
CA PRO B 83 -10.87 -2.02 -9.83
C PRO B 83 -10.46 -2.76 -11.10
N SER B 84 -9.37 -3.54 -11.00
CA SER B 84 -8.88 -4.31 -12.14
C SER B 84 -9.69 -5.60 -12.31
N SER B 85 -9.37 -6.61 -11.50
CA SER B 85 -10.07 -7.89 -11.57
C SER B 85 -10.53 -8.34 -10.18
N ALA B 86 -9.57 -8.68 -9.32
CA ALA B 86 -9.86 -9.14 -7.96
C ALA B 86 -8.57 -9.35 -7.16
N SER B 87 -7.65 -10.13 -7.71
CA SER B 87 -6.38 -10.42 -7.04
C SER B 87 -5.47 -9.18 -7.05
N ILE B 88 -5.75 -8.24 -6.15
CA ILE B 88 -4.97 -7.00 -6.04
C ILE B 88 -4.60 -6.74 -4.58
N ARG B 89 -3.38 -6.24 -4.35
CA ARG B 89 -2.93 -5.96 -2.97
C ARG B 89 -1.49 -5.38 -2.93
N ASP B 90 -0.66 -5.89 -2.02
CA ASP B 90 0.71 -5.42 -1.85
C ASP B 90 1.60 -5.81 -3.04
N ALA B 91 1.95 -4.83 -3.85
CA ALA B 91 2.81 -5.04 -5.02
C ALA B 91 3.88 -3.95 -5.14
N ASN B 92 4.61 -3.75 -4.04
CA ASN B 92 5.67 -2.73 -3.97
C ASN B 92 7.03 -3.30 -4.40
N LEU B 93 7.89 -2.44 -4.99
CA LEU B 93 9.22 -2.87 -5.45
C LEU B 93 10.31 -1.83 -5.14
N TYR B 94 11.46 -2.33 -4.65
CA TYR B 94 12.64 -1.50 -4.32
C TYR B 94 13.68 -1.57 -5.44
N VAL B 95 14.01 -0.40 -6.02
CA VAL B 95 14.97 -0.33 -7.13
C VAL B 95 16.14 0.60 -6.86
N SER B 96 17.35 0.09 -7.05
CA SER B 96 18.58 0.85 -6.84
C SER B 96 19.35 1.02 -8.17
N GLY B 97 20.18 2.06 -8.23
CA GLY B 97 20.95 2.33 -9.44
C GLY B 97 20.34 3.44 -10.28
N LEU B 98 19.69 4.39 -9.63
CA LEU B 98 19.05 5.51 -10.33
C LEU B 98 19.78 6.82 -10.08
N PRO B 99 20.27 7.48 -11.14
CA PRO B 99 20.99 8.77 -11.03
C PRO B 99 20.10 9.87 -10.47
N LYS B 100 20.73 10.91 -9.91
CA LYS B 100 20.00 12.05 -9.33
C LYS B 100 18.95 12.62 -10.30
N THR B 101 19.21 12.50 -11.60
CA THR B 101 18.26 12.98 -12.61
C THR B 101 17.32 11.86 -13.04
N MET B 102 16.83 11.09 -12.07
CA MET B 102 15.90 9.99 -12.35
C MET B 102 14.49 10.52 -12.56
N SER B 103 13.92 10.21 -13.72
CA SER B 103 12.58 10.66 -14.08
C SER B 103 11.52 9.62 -13.73
N GLN B 104 10.71 9.94 -12.72
CA GLN B 104 9.62 9.07 -12.26
C GLN B 104 8.82 8.51 -13.44
N LYS B 105 8.33 9.41 -14.32
CA LYS B 105 7.55 8.99 -15.49
C LYS B 105 8.32 7.98 -16.34
N GLU B 106 9.57 8.29 -16.66
CA GLU B 106 10.39 7.38 -17.46
C GLU B 106 10.47 6.01 -16.77
N MET B 107 10.49 6.01 -15.44
CA MET B 107 10.51 4.77 -14.66
C MET B 107 9.17 4.04 -14.78
N GLU B 108 8.08 4.82 -14.77
CA GLU B 108 6.74 4.25 -14.89
C GLU B 108 6.54 3.54 -16.23
N GLN B 109 6.91 4.19 -17.32
CA GLN B 109 6.77 3.59 -18.66
C GLN B 109 7.65 2.34 -18.79
N LEU B 110 8.74 2.31 -18.03
CA LEU B 110 9.67 1.19 -18.03
C LEU B 110 9.01 -0.05 -17.45
N PHE B 111 8.40 0.12 -16.28
CA PHE B 111 7.72 -0.99 -15.61
C PHE B 111 6.28 -1.15 -16.12
N SER B 112 5.66 -0.04 -16.57
CA SER B 112 4.28 -0.08 -17.08
C SER B 112 4.13 -1.16 -18.17
N GLN B 113 5.11 -1.20 -19.10
CA GLN B 113 5.09 -2.19 -20.17
C GLN B 113 5.16 -3.62 -19.60
N TYR B 114 5.82 -3.76 -18.45
CA TYR B 114 5.96 -5.05 -17.77
C TYR B 114 4.70 -5.37 -16.97
N GLY B 115 4.10 -4.35 -16.37
CA GLY B 115 2.89 -4.54 -15.60
C GLY B 115 2.21 -3.22 -15.29
N ARG B 116 0.93 -3.28 -14.94
CA ARG B 116 0.17 -2.08 -14.62
C ARG B 116 0.63 -1.50 -13.28
N ILE B 117 1.49 -0.49 -13.33
CA ILE B 117 1.99 0.12 -12.09
C ILE B 117 0.97 1.08 -11.49
N ILE B 118 0.83 1.04 -10.18
CA ILE B 118 -0.08 1.92 -9.48
C ILE B 118 0.58 3.29 -9.27
N THR B 119 1.79 3.26 -8.70
CA THR B 119 2.56 4.48 -8.46
C THR B 119 4.05 4.16 -8.34
N SER B 120 4.83 4.61 -9.31
CA SER B 120 6.28 4.42 -9.31
C SER B 120 6.94 5.72 -8.86
N ARG B 121 8.05 5.62 -8.12
CA ARG B 121 8.71 6.84 -7.64
C ARG B 121 10.16 6.61 -7.20
N ILE B 122 10.84 7.70 -6.89
CA ILE B 122 12.22 7.69 -6.45
C ILE B 122 12.41 8.62 -5.24
N LEU B 123 12.82 8.07 -4.10
CA LEU B 123 13.02 8.90 -2.90
C LEU B 123 14.39 9.62 -2.97
N LEU B 124 14.33 10.93 -3.18
CA LEU B 124 15.53 11.76 -3.29
C LEU B 124 15.18 13.23 -3.06
N ASP B 125 15.33 13.68 -1.81
CA ASP B 125 15.01 15.06 -1.46
C ASP B 125 16.06 16.05 -1.98
N GLN B 126 15.70 17.34 -2.03
CA GLN B 126 16.58 18.39 -2.49
C GLN B 126 17.04 19.31 -1.35
N ALA B 127 16.13 19.60 -0.41
CA ALA B 127 16.47 20.49 0.73
C ALA B 127 15.37 20.50 1.81
N THR B 128 14.91 19.33 2.21
CA THR B 128 13.87 19.20 3.24
C THR B 128 14.01 17.86 3.98
N GLY B 129 13.72 16.78 3.26
CA GLY B 129 13.81 15.43 3.83
C GLY B 129 15.23 14.89 3.80
N VAL B 130 15.51 13.97 2.88
CA VAL B 130 16.86 13.39 2.78
C VAL B 130 17.21 12.97 1.34
N SER B 131 18.50 13.05 1.02
CA SER B 131 18.99 12.66 -0.29
C SER B 131 19.32 11.17 -0.29
N ARG B 132 18.31 10.35 -0.55
CA ARG B 132 18.46 8.89 -0.56
C ARG B 132 19.02 8.38 -1.88
N GLY B 133 18.22 8.42 -2.94
CA GLY B 133 18.69 7.96 -4.25
C GLY B 133 18.21 6.55 -4.61
N VAL B 134 16.95 6.25 -4.33
CA VAL B 134 16.38 4.94 -4.66
C VAL B 134 14.99 5.08 -5.29
N GLY B 135 14.62 4.11 -6.10
CA GLY B 135 13.33 4.15 -6.78
C GLY B 135 12.48 2.95 -6.47
N PHE B 136 11.16 3.10 -6.65
CA PHE B 136 10.23 2.01 -6.38
C PHE B 136 9.09 1.97 -7.37
N ILE B 137 8.56 0.76 -7.53
CA ILE B 137 7.44 0.53 -8.43
C ILE B 137 6.29 -0.17 -7.70
N ARG B 138 5.22 0.56 -7.43
CA ARG B 138 4.07 -0.02 -6.75
C ARG B 138 3.09 -0.57 -7.79
N PHE B 139 3.24 -1.85 -8.11
CA PHE B 139 2.38 -2.51 -9.09
C PHE B 139 1.03 -2.91 -8.49
N ASP B 140 0.19 -3.48 -9.35
CA ASP B 140 -1.14 -3.93 -8.94
C ASP B 140 -1.03 -5.30 -8.25
N LYS B 141 -0.28 -6.21 -8.88
CA LYS B 141 -0.08 -7.56 -8.36
C LYS B 141 1.41 -7.86 -8.09
N ARG B 142 1.67 -8.77 -7.15
CA ARG B 142 3.04 -9.13 -6.79
C ARG B 142 3.70 -10.00 -7.86
N ILE B 143 3.03 -11.09 -8.26
CA ILE B 143 3.58 -11.99 -9.28
C ILE B 143 4.07 -11.21 -10.49
N GLU B 144 3.29 -10.21 -10.91
CA GLU B 144 3.65 -9.37 -12.04
C GLU B 144 4.98 -8.68 -11.75
N ALA B 145 5.09 -8.15 -10.54
CA ALA B 145 6.31 -7.48 -10.09
C ALA B 145 7.45 -8.48 -9.97
N GLU B 146 7.16 -9.67 -9.40
CA GLU B 146 8.17 -10.72 -9.28
C GLU B 146 8.66 -11.12 -10.67
N GLU B 147 7.72 -11.44 -11.55
CA GLU B 147 8.05 -11.80 -12.93
C GLU B 147 8.79 -10.63 -13.58
N ALA B 148 8.23 -9.42 -13.47
CA ALA B 148 8.86 -8.22 -14.02
C ALA B 148 10.29 -8.10 -13.53
N ILE B 149 10.50 -8.22 -12.21
CA ILE B 149 11.84 -8.13 -11.63
C ILE B 149 12.85 -8.96 -12.44
N LYS B 150 12.52 -10.25 -12.65
CA LYS B 150 13.39 -11.16 -13.41
C LYS B 150 13.71 -10.61 -14.80
N GLY B 151 12.72 -9.99 -15.45
CA GLY B 151 12.92 -9.44 -16.78
C GLY B 151 13.29 -7.96 -16.77
N LEU B 152 13.67 -7.43 -15.60
CA LEU B 152 14.03 -6.02 -15.46
C LEU B 152 15.37 -5.84 -14.75
N ASN B 153 15.53 -6.50 -13.59
CA ASN B 153 16.78 -6.41 -12.82
C ASN B 153 18.01 -6.56 -13.73
N GLY B 154 19.03 -5.74 -13.48
CA GLY B 154 20.24 -5.79 -14.28
C GLY B 154 21.49 -5.70 -13.43
N GLN B 155 21.97 -6.85 -13.00
CA GLN B 155 23.15 -6.94 -12.15
C GLN B 155 24.44 -6.79 -12.96
N LYS B 156 25.58 -6.68 -12.27
CA LYS B 156 26.87 -6.52 -12.92
C LYS B 156 27.97 -7.34 -12.23
N PRO B 157 28.98 -7.78 -13.00
CA PRO B 157 30.11 -8.56 -12.47
C PRO B 157 31.16 -7.68 -11.79
N LEU B 158 32.20 -8.30 -11.25
CA LEU B 158 33.29 -7.58 -10.58
C LEU B 158 33.81 -6.41 -11.42
N GLY B 159 33.72 -6.54 -12.74
CA GLY B 159 34.18 -5.49 -13.64
C GLY B 159 33.45 -4.16 -13.44
N ALA B 160 32.31 -4.18 -12.74
CA ALA B 160 31.54 -2.95 -12.50
C ALA B 160 31.40 -2.69 -11.00
N ALA B 161 31.16 -1.42 -10.64
CA ALA B 161 31.00 -1.03 -9.24
C ALA B 161 29.62 -1.42 -8.73
N GLU B 162 28.58 -0.86 -9.34
CA GLU B 162 27.21 -1.16 -8.96
C GLU B 162 26.23 -0.94 -10.11
N PRO B 163 25.30 -1.89 -10.32
CA PRO B 163 24.32 -1.85 -11.41
C PRO B 163 22.90 -1.49 -10.96
N ILE B 164 21.96 -1.65 -11.87
CA ILE B 164 20.54 -1.42 -11.61
C ILE B 164 19.95 -2.62 -10.88
N THR B 165 19.40 -2.40 -9.69
CA THR B 165 18.84 -3.51 -8.91
C THR B 165 17.42 -3.22 -8.45
N VAL B 166 16.47 -3.98 -8.99
CA VAL B 166 15.06 -3.85 -8.64
C VAL B 166 14.55 -5.14 -8.01
N LYS B 167 14.11 -5.05 -6.75
CA LYS B 167 13.62 -6.23 -6.03
C LYS B 167 12.56 -5.85 -4.98
N PHE B 168 11.84 -6.87 -4.50
CA PHE B 168 10.79 -6.66 -3.50
C PHE B 168 11.38 -6.20 -2.17
N ALA B 169 10.57 -5.46 -1.42
CA ALA B 169 10.98 -4.92 -0.12
C ALA B 169 11.71 -5.96 0.74
N ASN B 170 12.93 -5.62 1.12
CA ASN B 170 13.78 -6.48 1.95
C ASN B 170 13.61 -6.09 3.43
N ASN B 171 12.34 -6.06 3.88
CA ASN B 171 12.03 -5.67 5.26
C ASN B 171 11.66 -6.89 6.11
N PRO B 172 12.32 -7.05 7.27
CA PRO B 172 12.06 -8.16 8.18
C PRO B 172 10.97 -7.84 9.20
N SER B 173 10.94 -8.58 10.31
CA SER B 173 9.94 -8.36 11.36
C SER B 173 10.33 -7.16 12.23
N GLN B 174 11.64 -6.94 12.40
CA GLN B 174 12.15 -5.84 13.20
C GLN B 174 13.55 -5.42 12.72
N MET B 1 -24.63 -12.26 2.55
CA MET B 1 -24.42 -10.79 2.38
C MET B 1 -23.63 -10.22 3.56
N ASP B 2 -22.32 -10.14 3.38
CA ASP B 2 -21.44 -9.65 4.43
C ASP B 2 -20.09 -9.21 3.87
N SER B 3 -19.39 -8.37 4.62
CA SER B 3 -18.07 -7.86 4.21
C SER B 3 -18.16 -7.04 2.90
N LYS B 4 -17.03 -6.92 2.20
CA LYS B 4 -16.97 -6.18 0.95
C LYS B 4 -17.12 -4.66 1.15
N THR B 5 -16.80 -4.20 2.37
CA THR B 5 -16.91 -2.77 2.70
C THR B 5 -15.63 -2.26 3.38
N ASN B 6 -14.48 -2.81 2.97
CA ASN B 6 -13.19 -2.40 3.52
C ASN B 6 -12.55 -1.32 2.65
N LEU B 7 -13.05 -0.10 2.76
CA LEU B 7 -12.51 1.02 1.97
C LEU B 7 -11.32 1.65 2.69
N ILE B 8 -10.17 1.68 2.01
CA ILE B 8 -8.96 2.24 2.58
C ILE B 8 -8.60 3.59 1.92
N VAL B 9 -8.08 4.50 2.74
CA VAL B 9 -7.67 5.83 2.28
C VAL B 9 -6.15 5.97 2.41
N ASN B 10 -5.45 5.95 1.27
CA ASN B 10 -4.00 6.04 1.28
C ASN B 10 -3.49 7.48 1.26
N TYR B 11 -2.29 7.69 1.82
CA TYR B 11 -1.64 9.00 1.88
C TYR B 11 -2.31 9.93 2.90
N LEU B 12 -2.54 9.42 4.10
CA LEU B 12 -3.16 10.22 5.16
C LEU B 12 -2.22 11.32 5.64
N PRO B 13 -2.75 12.52 5.94
CA PRO B 13 -1.96 13.65 6.41
C PRO B 13 -1.21 13.33 7.72
N GLN B 14 0.09 13.03 7.56
CA GLN B 14 0.96 12.67 8.69
C GLN B 14 0.72 13.50 9.96
N ASN B 15 0.42 14.78 9.81
CA ASN B 15 0.19 15.66 10.96
C ASN B 15 -1.25 15.58 11.50
N MET B 16 -2.15 14.95 10.75
CA MET B 16 -3.55 14.82 11.18
C MET B 16 -3.77 13.54 12.00
N THR B 17 -4.70 13.60 12.95
CA THR B 17 -5.02 12.45 13.79
C THR B 17 -6.23 11.69 13.26
N GLN B 18 -6.59 10.60 13.93
CA GLN B 18 -7.74 9.78 13.52
C GLN B 18 -9.06 10.49 13.79
N ASP B 19 -9.20 11.06 14.99
CA ASP B 19 -10.42 11.78 15.36
C ASP B 19 -10.74 12.89 14.34
N GLU B 20 -9.74 13.69 14.01
CA GLU B 20 -9.89 14.77 13.03
C GLU B 20 -10.22 14.20 11.64
N PHE B 21 -9.45 13.19 11.23
CA PHE B 21 -9.67 12.54 9.93
C PHE B 21 -11.13 12.11 9.79
N LYS B 22 -11.67 11.50 10.85
CA LYS B 22 -13.06 11.07 10.86
C LYS B 22 -13.98 12.23 10.47
N SER B 23 -13.69 13.41 11.02
CA SER B 23 -14.48 14.62 10.74
C SER B 23 -14.60 14.87 9.22
N LEU B 24 -13.47 14.76 8.51
CA LEU B 24 -13.46 14.97 7.06
C LEU B 24 -14.54 14.12 6.38
N PHE B 25 -14.50 12.81 6.59
CA PHE B 25 -15.51 11.92 6.01
C PHE B 25 -16.86 12.07 6.71
N GLY B 26 -16.82 12.46 7.99
CA GLY B 26 -18.05 12.65 8.76
C GLY B 26 -19.10 13.45 8.02
N SER B 27 -18.68 14.58 7.44
CA SER B 27 -19.60 15.45 6.69
C SER B 27 -19.88 14.87 5.29
N ILE B 28 -20.36 13.62 5.27
CA ILE B 28 -20.67 12.95 4.00
C ILE B 28 -21.95 12.10 4.11
N GLY B 29 -21.99 11.24 5.13
CA GLY B 29 -23.16 10.38 5.32
C GLY B 29 -23.06 9.49 6.55
N ASP B 30 -23.70 8.33 6.49
CA ASP B 30 -23.68 7.37 7.62
C ASP B 30 -22.42 6.49 7.58
N ILE B 31 -21.37 6.96 8.25
CA ILE B 31 -20.11 6.22 8.32
C ILE B 31 -20.12 5.22 9.45
N GLU B 32 -20.53 3.99 9.13
CA GLU B 32 -20.60 2.90 10.11
C GLU B 32 -19.34 2.86 10.98
N SER B 33 -18.17 3.08 10.36
CA SER B 33 -16.90 3.06 11.10
C SER B 33 -15.71 3.44 10.22
N CYS B 34 -14.56 3.62 10.87
CA CYS B 34 -13.30 3.97 10.18
C CYS B 34 -12.10 3.32 10.88
N LYS B 35 -10.92 3.43 10.27
CA LYS B 35 -9.70 2.84 10.85
C LYS B 35 -8.41 3.47 10.27
N LEU B 36 -7.27 3.01 10.80
CA LEU B 36 -5.95 3.49 10.37
C LEU B 36 -4.88 2.41 10.61
N VAL B 37 -3.88 2.33 9.71
CA VAL B 37 -2.81 1.32 9.81
C VAL B 37 -1.67 1.77 10.74
N ARG B 38 -1.07 0.78 11.43
CA ARG B 38 0.06 1.03 12.33
C ARG B 38 0.82 -0.29 12.59
N ASP B 39 2.15 -0.25 12.47
CA ASP B 39 2.98 -1.43 12.68
C ASP B 39 3.27 -1.65 14.18
N LYS B 40 3.55 -2.90 14.54
CA LYS B 40 3.83 -3.24 15.95
C LYS B 40 5.29 -3.72 16.15
N ILE B 41 6.13 -3.56 15.11
CA ILE B 41 7.52 -3.97 15.19
C ILE B 41 8.45 -2.75 15.13
N THR B 42 8.23 -1.89 14.15
CA THR B 42 9.03 -0.67 13.98
C THR B 42 8.31 0.52 14.60
N GLY B 43 7.00 0.61 14.35
CA GLY B 43 6.20 1.70 14.90
C GLY B 43 6.55 3.06 14.31
N GLN B 44 6.73 3.11 13.00
CA GLN B 44 7.08 4.36 12.32
C GLN B 44 5.83 5.12 11.87
N SER B 45 4.79 4.38 11.45
CA SER B 45 3.52 4.97 11.01
C SER B 45 3.59 5.43 9.55
N LEU B 46 2.92 4.71 8.66
CA LEU B 46 2.91 5.04 7.23
C LEU B 46 1.93 6.19 6.95
N GLY B 47 0.61 5.91 7.01
CA GLY B 47 -0.36 6.96 6.77
C GLY B 47 -1.52 6.57 5.86
N TYR B 48 -2.36 5.64 6.32
CA TYR B 48 -3.52 5.21 5.56
C TYR B 48 -4.74 5.11 6.45
N GLY B 49 -5.92 5.40 5.90
CA GLY B 49 -7.15 5.33 6.66
C GLY B 49 -8.10 4.27 6.11
N PHE B 50 -9.20 4.03 6.82
CA PHE B 50 -10.18 3.05 6.39
C PHE B 50 -11.59 3.52 6.69
N VAL B 51 -12.51 3.32 5.74
CA VAL B 51 -13.89 3.75 5.90
C VAL B 51 -14.86 2.57 5.70
N ASN B 52 -15.63 2.28 6.73
CA ASN B 52 -16.60 1.19 6.68
C ASN B 52 -18.02 1.74 6.57
N TYR B 53 -18.61 1.66 5.37
CA TYR B 53 -19.96 2.16 5.14
C TYR B 53 -20.98 1.02 5.19
N SER B 54 -22.24 1.37 5.44
CA SER B 54 -23.31 0.38 5.53
C SER B 54 -23.65 -0.19 4.14
N ASP B 55 -24.04 0.67 3.21
CA ASP B 55 -24.39 0.26 1.86
C ASP B 55 -23.26 0.58 0.87
N PRO B 56 -23.05 -0.32 -0.12
CA PRO B 56 -22.01 -0.12 -1.15
C PRO B 56 -22.11 1.25 -1.82
N ASN B 57 -23.33 1.77 -1.95
CA ASN B 57 -23.55 3.08 -2.58
C ASN B 57 -22.62 4.13 -1.99
N ASP B 58 -22.75 4.36 -0.69
CA ASP B 58 -21.90 5.34 0.01
C ASP B 58 -20.43 4.98 -0.12
N ALA B 59 -20.14 3.67 -0.30
CA ALA B 59 -18.77 3.20 -0.45
C ALA B 59 -18.23 3.60 -1.82
N ASP B 60 -18.99 3.34 -2.88
CA ASP B 60 -18.56 3.70 -4.24
C ASP B 60 -18.77 5.19 -4.47
N LYS B 61 -19.87 5.73 -3.92
CA LYS B 61 -20.15 7.16 -4.02
C LYS B 61 -18.97 7.96 -3.48
N ALA B 62 -18.38 7.46 -2.38
CA ALA B 62 -17.23 8.09 -1.78
C ALA B 62 -16.08 8.16 -2.78
N ILE B 63 -15.71 7.01 -3.34
CA ILE B 63 -14.64 6.95 -4.36
C ILE B 63 -14.90 7.97 -5.46
N ASN B 64 -16.13 8.02 -5.94
CA ASN B 64 -16.53 8.97 -6.98
C ASN B 64 -16.21 10.43 -6.60
N THR B 65 -15.94 10.68 -5.30
CA THR B 65 -15.64 12.03 -4.82
C THR B 65 -14.27 12.11 -4.11
N LEU B 66 -13.93 11.10 -3.30
CA LEU B 66 -12.66 11.11 -2.56
C LEU B 66 -11.51 10.36 -3.28
N ASN B 67 -11.66 10.09 -4.57
CA ASN B 67 -10.59 9.41 -5.32
C ASN B 67 -9.60 10.43 -5.90
N GLY B 68 -9.26 11.46 -5.11
CA GLY B 68 -8.31 12.47 -5.57
C GLY B 68 -8.40 13.78 -4.79
N LEU B 69 -8.28 13.70 -3.47
CA LEU B 69 -8.33 14.89 -2.62
C LEU B 69 -6.93 15.48 -2.43
N LYS B 70 -6.60 16.51 -3.20
CA LYS B 70 -5.28 17.13 -3.12
C LYS B 70 -5.27 18.27 -2.09
N LEU B 71 -4.43 18.11 -1.06
CA LEU B 71 -4.31 19.12 -0.01
C LEU B 71 -3.03 19.94 -0.22
N GLN B 72 -2.91 21.04 0.52
CA GLN B 72 -1.74 21.90 0.41
C GLN B 72 -0.46 21.12 0.70
N THR B 73 -0.57 20.08 1.54
CA THR B 73 0.56 19.24 1.90
C THR B 73 0.69 18.02 0.98
N LYS B 74 -0.38 17.22 0.89
CA LYS B 74 -0.39 16.02 0.06
C LYS B 74 -1.80 15.70 -0.45
N THR B 75 -1.89 14.60 -1.19
CA THR B 75 -3.17 14.17 -1.77
C THR B 75 -3.74 12.94 -1.04
N ILE B 76 -5.06 12.84 -1.03
CA ILE B 76 -5.76 11.74 -0.38
C ILE B 76 -6.63 10.98 -1.39
N LYS B 77 -6.61 9.64 -1.33
CA LYS B 77 -7.40 8.82 -2.25
C LYS B 77 -7.90 7.53 -1.61
N VAL B 78 -9.21 7.27 -1.74
CA VAL B 78 -9.83 6.07 -1.18
C VAL B 78 -9.75 4.90 -2.17
N SER B 79 -9.55 3.70 -1.63
CA SER B 79 -9.45 2.50 -2.47
C SER B 79 -9.88 1.23 -1.72
N TYR B 80 -10.01 0.13 -2.45
CA TYR B 80 -10.40 -1.15 -1.87
C TYR B 80 -9.19 -1.94 -1.42
N ALA B 81 -9.11 -2.23 -0.12
CA ALA B 81 -7.98 -2.99 0.43
C ALA B 81 -8.17 -4.49 0.20
N ARG B 82 -7.26 -5.08 -0.57
CA ARG B 82 -7.33 -6.52 -0.88
C ARG B 82 -7.02 -7.36 0.37
N PRO B 83 -7.95 -8.27 0.74
CA PRO B 83 -7.79 -9.14 1.91
C PRO B 83 -6.46 -9.90 1.91
N SER B 84 -5.61 -9.59 2.88
CA SER B 84 -4.30 -10.23 3.00
C SER B 84 -4.01 -10.63 4.45
N SER B 85 -3.85 -9.63 5.32
CA SER B 85 -3.60 -9.86 6.75
C SER B 85 -2.48 -10.89 6.99
N ALA B 86 -1.46 -10.89 6.14
CA ALA B 86 -0.34 -11.82 6.27
C ALA B 86 0.94 -11.11 6.71
N SER B 87 1.26 -10.01 6.04
CA SER B 87 2.45 -9.21 6.35
C SER B 87 2.45 -7.94 5.52
N ILE B 88 2.54 -8.12 4.19
CA ILE B 88 2.53 -7.04 3.19
C ILE B 88 3.41 -5.82 3.58
N ARG B 89 3.31 -4.76 2.77
CA ARG B 89 4.07 -3.52 2.95
C ARG B 89 5.59 -3.75 3.08
N ASP B 90 6.13 -4.61 2.19
CA ASP B 90 7.57 -4.90 2.19
C ASP B 90 8.16 -5.06 0.77
N ALA B 91 7.34 -4.95 -0.28
CA ALA B 91 7.83 -5.10 -1.65
C ALA B 91 7.84 -3.78 -2.45
N ASN B 92 8.23 -2.69 -1.81
CA ASN B 92 8.31 -1.37 -2.47
C ASN B 92 9.66 -1.24 -3.20
N LEU B 93 9.62 -1.09 -4.52
CA LEU B 93 10.84 -1.01 -5.32
C LEU B 93 11.14 0.36 -5.91
N TYR B 94 12.45 0.61 -6.05
CA TYR B 94 13.04 1.82 -6.65
C TYR B 94 13.77 1.44 -7.94
N VAL B 95 13.29 1.97 -9.07
CA VAL B 95 13.89 1.66 -10.37
C VAL B 95 14.42 2.91 -11.08
N SER B 96 15.72 2.90 -11.34
CA SER B 96 16.39 4.02 -12.01
C SER B 96 16.91 3.59 -13.39
N GLY B 97 17.41 4.56 -14.16
CA GLY B 97 17.94 4.25 -15.49
C GLY B 97 16.84 3.88 -16.47
N LEU B 98 15.71 4.58 -16.38
CA LEU B 98 14.56 4.32 -17.26
C LEU B 98 14.44 5.39 -18.36
N PRO B 99 13.89 5.00 -19.53
CA PRO B 99 13.71 5.93 -20.66
C PRO B 99 12.69 7.04 -20.37
N LYS B 100 12.79 8.14 -21.10
CA LYS B 100 11.89 9.28 -20.92
C LYS B 100 10.43 8.90 -21.22
N THR B 101 10.23 7.86 -22.03
CA THR B 101 8.89 7.39 -22.38
C THR B 101 8.41 6.29 -21.42
N MET B 102 8.81 6.40 -20.14
CA MET B 102 8.41 5.42 -19.13
C MET B 102 6.92 5.52 -18.81
N SER B 103 6.13 4.62 -19.39
CA SER B 103 4.69 4.61 -19.18
C SER B 103 4.32 3.75 -17.98
N GLN B 104 3.82 4.40 -16.93
CA GLN B 104 3.42 3.71 -15.70
C GLN B 104 2.72 2.38 -15.98
N LYS B 105 1.63 2.42 -16.76
CA LYS B 105 0.87 1.19 -17.07
C LYS B 105 1.73 0.18 -17.83
N GLU B 106 2.62 0.67 -18.69
CA GLU B 106 3.53 -0.21 -19.43
C GLU B 106 4.49 -0.87 -18.45
N MET B 107 5.04 -0.07 -17.53
CA MET B 107 5.93 -0.57 -16.50
C MET B 107 5.17 -1.53 -15.59
N GLU B 108 3.92 -1.15 -15.27
CA GLU B 108 3.05 -1.97 -14.43
C GLU B 108 2.86 -3.36 -15.04
N GLN B 109 2.43 -3.41 -16.30
CA GLN B 109 2.25 -4.67 -17.00
C GLN B 109 3.58 -5.42 -17.10
N LEU B 110 4.67 -4.65 -17.18
CA LEU B 110 6.01 -5.22 -17.29
C LEU B 110 6.39 -5.96 -16.02
N PHE B 111 6.27 -5.29 -14.89
CA PHE B 111 6.59 -5.91 -13.60
C PHE B 111 5.47 -6.84 -13.13
N SER B 112 4.24 -6.57 -13.58
CA SER B 112 3.09 -7.40 -13.18
C SER B 112 3.34 -8.88 -13.47
N GLN B 113 3.71 -9.19 -14.71
CA GLN B 113 4.00 -10.57 -15.12
C GLN B 113 5.12 -11.20 -14.27
N TYR B 114 5.92 -10.36 -13.61
CA TYR B 114 7.01 -10.85 -12.77
C TYR B 114 6.52 -11.34 -11.41
N GLY B 115 5.52 -10.66 -10.84
CA GLY B 115 5.01 -11.10 -9.54
C GLY B 115 3.79 -10.34 -9.02
N ARG B 116 2.95 -9.80 -9.92
CA ARG B 116 1.74 -9.08 -9.51
C ARG B 116 2.07 -7.90 -8.56
N ILE B 117 2.00 -6.68 -9.09
CA ILE B 117 2.27 -5.49 -8.29
C ILE B 117 1.00 -4.90 -7.69
N ILE B 118 1.16 -4.20 -6.56
CA ILE B 118 0.04 -3.53 -5.90
C ILE B 118 -0.24 -2.23 -6.62
N THR B 119 0.83 -1.46 -6.85
CA THR B 119 0.77 -0.17 -7.57
C THR B 119 2.17 0.29 -7.97
N SER B 120 2.34 0.63 -9.25
CA SER B 120 3.63 1.09 -9.78
C SER B 120 3.51 2.51 -10.34
N ARG B 121 4.62 3.26 -10.31
CA ARG B 121 4.61 4.63 -10.81
C ARG B 121 6.02 5.19 -11.02
N ILE B 122 6.09 6.44 -11.49
CA ILE B 122 7.36 7.12 -11.74
C ILE B 122 7.30 8.57 -11.23
N LEU B 123 8.45 9.12 -10.84
CA LEU B 123 8.51 10.50 -10.34
C LEU B 123 9.26 11.42 -11.33
N LEU B 124 8.50 12.31 -11.98
CA LEU B 124 9.07 13.26 -12.94
C LEU B 124 8.13 14.45 -13.17
N ASP B 125 8.36 15.54 -12.45
CA ASP B 125 7.52 16.74 -12.62
C ASP B 125 8.35 17.95 -13.03
N GLN B 126 7.67 18.97 -13.57
CA GLN B 126 8.35 20.20 -14.01
C GLN B 126 7.45 21.43 -13.85
N ALA B 127 6.56 21.40 -12.87
CA ALA B 127 5.65 22.53 -12.62
C ALA B 127 5.01 22.46 -11.22
N THR B 128 4.50 21.29 -10.85
CA THR B 128 3.86 21.10 -9.54
C THR B 128 4.83 20.51 -8.52
N GLY B 129 5.81 19.75 -8.99
CA GLY B 129 6.79 19.13 -8.09
C GLY B 129 8.22 19.40 -8.50
N VAL B 130 8.94 18.35 -8.88
CA VAL B 130 10.34 18.47 -9.29
C VAL B 130 10.73 17.38 -10.30
N SER B 131 11.79 17.67 -11.07
CA SER B 131 12.30 16.73 -12.07
C SER B 131 13.18 15.68 -11.41
N ARG B 132 12.95 14.41 -11.76
CA ARG B 132 13.72 13.32 -11.17
C ARG B 132 14.07 12.25 -12.22
N GLY B 133 13.07 11.49 -12.66
CA GLY B 133 13.30 10.45 -13.66
C GLY B 133 13.55 9.07 -13.07
N VAL B 134 12.74 8.69 -12.11
CA VAL B 134 12.86 7.37 -11.46
C VAL B 134 11.51 6.68 -11.35
N GLY B 135 11.52 5.36 -11.46
CA GLY B 135 10.27 4.60 -11.37
C GLY B 135 10.22 3.71 -10.14
N PHE B 136 9.01 3.40 -9.70
CA PHE B 136 8.84 2.54 -8.53
C PHE B 136 7.77 1.50 -8.73
N ILE B 137 7.90 0.42 -7.98
CA ILE B 137 6.97 -0.69 -8.05
C ILE B 137 6.66 -1.22 -6.64
N ARG B 138 5.39 -1.48 -6.36
CA ARG B 138 4.99 -1.99 -5.05
C ARG B 138 4.42 -3.41 -5.18
N PHE B 139 5.28 -4.41 -5.03
CA PHE B 139 4.83 -5.80 -5.15
C PHE B 139 4.16 -6.29 -3.86
N ASP B 140 3.56 -7.47 -3.93
CA ASP B 140 2.88 -8.07 -2.78
C ASP B 140 3.89 -8.70 -1.82
N LYS B 141 4.65 -9.68 -2.30
CA LYS B 141 5.65 -10.36 -1.49
C LYS B 141 7.05 -9.81 -1.76
N ARG B 142 7.72 -9.33 -0.71
CA ARG B 142 9.08 -8.78 -0.85
C ARG B 142 10.00 -9.74 -1.62
N ILE B 143 10.00 -11.01 -1.23
CA ILE B 143 10.84 -12.02 -1.90
C ILE B 143 10.55 -12.11 -3.40
N GLU B 144 9.28 -11.93 -3.79
CA GLU B 144 8.91 -11.96 -5.19
C GLU B 144 9.63 -10.85 -5.92
N ALA B 145 9.62 -9.66 -5.30
CA ALA B 145 10.31 -8.49 -5.85
C ALA B 145 11.82 -8.71 -5.75
N GLU B 146 12.26 -9.23 -4.60
CA GLU B 146 13.67 -9.53 -4.38
C GLU B 146 14.19 -10.43 -5.50
N GLU B 147 13.46 -11.52 -5.75
CA GLU B 147 13.82 -12.46 -6.81
C GLU B 147 13.77 -11.75 -8.17
N ALA B 148 12.69 -10.99 -8.40
CA ALA B 148 12.54 -10.23 -9.63
C ALA B 148 13.71 -9.26 -9.81
N ILE B 149 14.04 -8.53 -8.73
CA ILE B 149 15.14 -7.57 -8.75
C ILE B 149 16.39 -8.14 -9.45
N LYS B 150 16.88 -9.28 -8.96
CA LYS B 150 18.07 -9.91 -9.54
C LYS B 150 17.89 -10.25 -11.03
N GLY B 151 16.65 -10.58 -11.43
CA GLY B 151 16.38 -10.90 -12.82
C GLY B 151 16.21 -9.67 -13.71
N LEU B 152 15.68 -8.59 -13.14
CA LEU B 152 15.45 -7.36 -13.89
C LEU B 152 16.65 -6.41 -13.88
N ASN B 153 17.24 -6.19 -12.69
CA ASN B 153 18.39 -5.28 -12.54
C ASN B 153 19.46 -5.53 -13.62
N GLY B 154 20.08 -4.44 -14.10
CA GLY B 154 21.11 -4.55 -15.12
C GLY B 154 22.52 -4.59 -14.57
N GLN B 155 23.28 -3.54 -14.82
CA GLN B 155 24.67 -3.45 -14.34
C GLN B 155 25.19 -2.02 -14.32
N LYS B 156 26.27 -1.79 -13.57
CA LYS B 156 26.85 -0.45 -13.47
C LYS B 156 28.28 -0.45 -14.02
N PRO B 157 28.44 -0.37 -15.35
CA PRO B 157 29.77 -0.36 -15.99
C PRO B 157 30.51 0.95 -15.72
N LEU B 158 31.83 0.85 -15.58
CA LEU B 158 32.67 2.02 -15.31
C LEU B 158 32.45 3.12 -16.36
N GLY B 159 32.20 2.72 -17.60
CA GLY B 159 31.95 3.69 -18.66
C GLY B 159 30.49 4.08 -18.76
N ALA B 160 29.84 4.29 -17.61
CA ALA B 160 28.43 4.67 -17.57
C ALA B 160 28.02 5.24 -16.21
N ALA B 161 26.76 5.66 -16.11
CA ALA B 161 26.24 6.23 -14.86
C ALA B 161 25.37 5.22 -14.11
N GLU B 162 24.25 4.83 -14.71
CA GLU B 162 23.33 3.86 -14.12
C GLU B 162 22.40 3.23 -15.17
N PRO B 163 22.94 2.30 -15.99
CA PRO B 163 22.15 1.62 -17.04
C PRO B 163 21.11 0.67 -16.44
N ILE B 164 19.91 1.21 -16.20
CA ILE B 164 18.77 0.47 -15.60
C ILE B 164 19.13 -0.17 -14.25
N THR B 165 18.49 0.32 -13.19
CA THR B 165 18.76 -0.19 -11.84
C THR B 165 17.48 -0.23 -11.00
N VAL B 166 17.07 -1.45 -10.64
CA VAL B 166 15.86 -1.65 -9.82
C VAL B 166 16.20 -2.34 -8.50
N LYS B 167 15.81 -1.71 -7.39
CA LYS B 167 16.06 -2.27 -6.07
C LYS B 167 15.10 -1.69 -5.03
N PHE B 168 14.99 -2.36 -3.88
CA PHE B 168 14.11 -1.91 -2.81
C PHE B 168 14.56 -0.54 -2.27
N ALA B 169 13.66 0.14 -1.59
CA ALA B 169 13.97 1.46 -1.02
C ALA B 169 15.28 1.44 -0.22
N ASN B 170 16.21 2.28 -0.64
CA ASN B 170 17.52 2.39 -0.01
C ASN B 170 17.58 3.61 0.94
N ASN B 171 17.57 3.34 2.24
CA ASN B 171 17.63 4.39 3.24
C ASN B 171 18.92 4.30 4.05
N PRO B 172 20.05 4.76 3.47
CA PRO B 172 21.36 4.71 4.14
C PRO B 172 21.47 5.69 5.32
N SER B 173 20.75 6.81 5.23
CA SER B 173 20.77 7.83 6.28
C SER B 173 19.36 8.12 6.79
N GLN B 174 18.43 8.38 5.87
CA GLN B 174 17.04 8.67 6.22
C GLN B 174 16.07 7.82 5.40
N MET B 1 -23.04 -5.72 -9.84
CA MET B 1 -22.87 -4.24 -9.76
C MET B 1 -21.64 -3.77 -10.56
N ASP B 2 -21.47 -2.46 -10.69
CA ASP B 2 -20.35 -1.89 -11.41
C ASP B 2 -19.17 -1.60 -10.48
N SER B 3 -18.16 -0.94 -11.01
CA SER B 3 -16.97 -0.59 -10.25
C SER B 3 -16.41 0.76 -10.69
N LYS B 4 -17.26 1.80 -10.68
CA LYS B 4 -16.85 3.14 -11.10
C LYS B 4 -16.90 4.16 -9.95
N THR B 5 -17.75 3.90 -8.94
CA THR B 5 -17.88 4.81 -7.80
C THR B 5 -17.02 4.41 -6.60
N ASN B 6 -16.21 3.35 -6.75
CA ASN B 6 -15.35 2.89 -5.66
C ASN B 6 -14.07 3.74 -5.58
N LEU B 7 -14.18 4.92 -4.96
CA LEU B 7 -13.03 5.82 -4.79
C LEU B 7 -12.34 5.53 -3.46
N ILE B 8 -11.04 5.26 -3.51
CA ILE B 8 -10.27 4.95 -2.30
C ILE B 8 -9.37 6.10 -1.86
N VAL B 9 -9.39 6.38 -0.57
CA VAL B 9 -8.56 7.43 0.03
C VAL B 9 -7.63 6.79 1.06
N ASN B 10 -6.36 6.64 0.71
CA ASN B 10 -5.40 6.01 1.62
C ASN B 10 -4.56 7.04 2.37
N TYR B 11 -3.67 6.53 3.22
CA TYR B 11 -2.79 7.38 4.01
C TYR B 11 -3.61 8.20 5.01
N LEU B 12 -4.58 7.56 5.65
CA LEU B 12 -5.44 8.24 6.61
C LEU B 12 -4.87 8.15 8.03
N PRO B 13 -5.17 9.16 8.87
CA PRO B 13 -4.69 9.21 10.25
C PRO B 13 -5.17 8.01 11.09
N GLN B 14 -4.31 7.02 11.23
CA GLN B 14 -4.60 5.80 12.01
C GLN B 14 -5.28 6.11 13.36
N ASN B 15 -5.04 7.31 13.89
CA ASN B 15 -5.61 7.74 15.16
C ASN B 15 -6.93 8.53 15.00
N MET B 16 -7.37 8.76 13.76
CA MET B 16 -8.59 9.53 13.51
C MET B 16 -9.84 8.63 13.55
N THR B 17 -10.99 9.28 13.70
CA THR B 17 -12.28 8.58 13.75
C THR B 17 -13.12 8.83 12.49
N GLN B 18 -14.27 8.16 12.41
CA GLN B 18 -15.18 8.29 11.26
C GLN B 18 -15.90 9.64 11.23
N ASP B 19 -16.34 10.12 12.39
CA ASP B 19 -17.05 11.40 12.47
C ASP B 19 -16.27 12.52 11.78
N GLU B 20 -15.07 12.81 12.28
CA GLU B 20 -14.21 13.85 11.72
C GLU B 20 -14.01 13.63 10.21
N PHE B 21 -13.67 12.39 9.84
CA PHE B 21 -13.44 12.04 8.44
C PHE B 21 -14.64 12.39 7.56
N LYS B 22 -15.84 12.01 8.03
CA LYS B 22 -17.08 12.28 7.29
C LYS B 22 -17.21 13.76 6.91
N SER B 23 -17.05 14.64 7.89
CA SER B 23 -17.16 16.09 7.67
C SER B 23 -16.22 16.57 6.57
N LEU B 24 -14.96 16.12 6.60
CA LEU B 24 -13.96 16.53 5.60
C LEU B 24 -14.51 16.37 4.17
N PHE B 25 -14.93 15.15 3.82
CA PHE B 25 -15.48 14.88 2.49
C PHE B 25 -16.94 15.35 2.38
N GLY B 26 -17.60 15.53 3.53
CA GLY B 26 -18.99 15.98 3.55
C GLY B 26 -19.22 17.23 2.71
N SER B 27 -18.26 18.15 2.72
CA SER B 27 -18.36 19.39 1.96
C SER B 27 -17.77 19.23 0.56
N ILE B 28 -18.31 18.29 -0.21
CA ILE B 28 -17.82 18.03 -1.57
C ILE B 28 -18.97 17.92 -2.57
N GLY B 29 -19.95 17.07 -2.27
CA GLY B 29 -21.09 16.89 -3.15
C GLY B 29 -21.97 15.70 -2.79
N ASP B 30 -22.52 15.04 -3.81
CA ASP B 30 -23.40 13.89 -3.61
C ASP B 30 -22.65 12.70 -3.00
N ILE B 31 -22.52 12.72 -1.68
CA ILE B 31 -21.83 11.65 -0.95
C ILE B 31 -22.80 10.55 -0.53
N GLU B 32 -22.96 9.54 -1.40
CA GLU B 32 -23.83 8.42 -1.11
C GLU B 32 -23.43 7.75 0.21
N SER B 33 -22.11 7.59 0.40
CA SER B 33 -21.57 6.98 1.61
C SER B 33 -20.05 6.82 1.53
N CYS B 34 -19.41 6.71 2.69
CA CYS B 34 -17.95 6.54 2.77
C CYS B 34 -17.60 5.43 3.75
N LYS B 35 -16.39 4.90 3.62
CA LYS B 35 -15.92 3.82 4.49
C LYS B 35 -14.45 4.01 4.86
N LEU B 36 -14.08 3.50 6.03
CA LEU B 36 -12.69 3.58 6.52
C LEU B 36 -12.20 2.21 6.96
N VAL B 37 -11.00 1.83 6.52
CA VAL B 37 -10.43 0.53 6.88
C VAL B 37 -9.21 0.65 7.78
N ARG B 38 -9.42 0.31 9.07
CA ARG B 38 -8.36 0.38 10.07
C ARG B 38 -8.63 -0.62 11.21
N ASP B 39 -7.65 -1.46 11.51
CA ASP B 39 -7.79 -2.48 12.55
C ASP B 39 -7.84 -1.89 13.96
N LYS B 40 -8.71 -2.47 14.79
CA LYS B 40 -8.88 -2.04 16.17
C LYS B 40 -8.73 -3.22 17.14
N ILE B 41 -8.37 -4.40 16.64
CA ILE B 41 -8.23 -5.59 17.49
C ILE B 41 -6.96 -6.38 17.16
N THR B 42 -6.91 -6.96 15.96
CA THR B 42 -5.75 -7.75 15.51
C THR B 42 -4.45 -6.96 15.68
N GLY B 43 -4.49 -5.70 15.25
CA GLY B 43 -3.32 -4.83 15.35
C GLY B 43 -2.54 -4.76 14.05
N GLN B 44 -3.24 -4.71 12.92
CA GLN B 44 -2.60 -4.63 11.62
C GLN B 44 -2.19 -3.19 11.30
N SER B 45 -3.14 -2.26 11.43
CA SER B 45 -2.91 -0.84 11.19
C SER B 45 -2.76 -0.53 9.69
N LEU B 46 -3.85 -0.09 9.08
CA LEU B 46 -3.86 0.28 7.66
C LEU B 46 -3.97 1.81 7.51
N GLY B 47 -5.20 2.32 7.47
CA GLY B 47 -5.39 3.77 7.35
C GLY B 47 -5.81 4.23 5.97
N TYR B 48 -6.97 3.75 5.50
CA TYR B 48 -7.48 4.15 4.19
C TYR B 48 -9.00 4.06 4.16
N GLY B 49 -9.61 4.97 3.41
CA GLY B 49 -11.06 5.02 3.30
C GLY B 49 -11.55 4.99 1.87
N PHE B 50 -12.86 5.00 1.71
CA PHE B 50 -13.46 4.95 0.37
C PHE B 50 -14.69 5.86 0.31
N VAL B 51 -14.95 6.42 -0.88
CA VAL B 51 -16.10 7.31 -1.07
C VAL B 51 -16.88 6.95 -2.33
N ASN B 52 -18.18 6.77 -2.17
CA ASN B 52 -19.06 6.44 -3.29
C ASN B 52 -19.97 7.62 -3.64
N TYR B 53 -19.68 8.30 -4.75
CA TYR B 53 -20.47 9.46 -5.18
C TYR B 53 -21.55 9.07 -6.18
N SER B 54 -22.63 9.86 -6.21
CA SER B 54 -23.74 9.62 -7.12
C SER B 54 -23.30 9.69 -8.59
N ASP B 55 -22.64 10.79 -8.97
CA ASP B 55 -22.17 10.97 -10.34
C ASP B 55 -20.64 11.03 -10.41
N PRO B 56 -20.05 10.50 -11.51
CA PRO B 56 -18.58 10.49 -11.70
C PRO B 56 -17.97 11.87 -11.86
N ASN B 57 -18.64 12.76 -12.58
CA ASN B 57 -18.14 14.12 -12.82
C ASN B 57 -17.63 14.77 -11.52
N ASP B 58 -18.51 14.96 -10.55
CA ASP B 58 -18.10 15.54 -9.28
C ASP B 58 -17.13 14.60 -8.55
N ALA B 59 -17.26 13.30 -8.82
CA ALA B 59 -16.37 12.31 -8.22
C ALA B 59 -14.94 12.54 -8.69
N ASP B 60 -14.77 12.81 -9.99
CA ASP B 60 -13.43 13.09 -10.51
C ASP B 60 -13.02 14.52 -10.16
N LYS B 61 -13.98 15.45 -10.19
CA LYS B 61 -13.70 16.85 -9.83
C LYS B 61 -13.12 16.92 -8.42
N ALA B 62 -13.63 16.06 -7.53
CA ALA B 62 -13.16 16.00 -6.16
C ALA B 62 -11.72 15.49 -6.12
N ILE B 63 -11.41 14.51 -6.98
CA ILE B 63 -10.07 13.96 -7.07
C ILE B 63 -9.05 15.07 -7.31
N ASN B 64 -9.39 16.03 -8.19
CA ASN B 64 -8.50 17.17 -8.46
C ASN B 64 -8.50 18.16 -7.28
N THR B 65 -8.44 17.63 -6.07
CA THR B 65 -8.42 18.44 -4.85
C THR B 65 -7.87 17.62 -3.67
N LEU B 66 -8.38 16.39 -3.52
CA LEU B 66 -7.94 15.49 -2.44
C LEU B 66 -6.86 14.51 -2.92
N ASN B 67 -6.60 14.46 -4.23
CA ASN B 67 -5.57 13.56 -4.78
C ASN B 67 -4.15 14.06 -4.43
N GLY B 68 -3.89 14.21 -3.13
CA GLY B 68 -2.58 14.67 -2.67
C GLY B 68 -2.64 15.70 -1.56
N LEU B 69 -3.44 15.42 -0.52
CA LEU B 69 -3.58 16.33 0.62
C LEU B 69 -2.52 16.03 1.68
N LYS B 70 -1.97 17.06 2.28
CA LYS B 70 -0.93 16.87 3.30
C LYS B 70 -1.52 16.76 4.71
N LEU B 71 -0.97 15.82 5.49
CA LEU B 71 -1.38 15.60 6.87
C LEU B 71 -0.25 15.96 7.82
N GLN B 72 -0.52 15.88 9.13
CA GLN B 72 0.49 16.18 10.14
C GLN B 72 1.71 15.27 10.00
N THR B 73 1.47 13.99 9.67
CA THR B 73 2.56 13.02 9.50
C THR B 73 2.33 12.08 8.30
N LYS B 74 1.46 12.49 7.36
CA LYS B 74 1.17 11.70 6.16
C LYS B 74 0.56 12.57 5.06
N THR B 75 0.09 11.93 4.01
CA THR B 75 -0.51 12.63 2.86
C THR B 75 -1.76 11.92 2.33
N ILE B 76 -2.93 12.54 2.53
CA ILE B 76 -4.19 11.96 2.05
C ILE B 76 -4.22 11.97 0.52
N LYS B 77 -4.19 10.78 -0.08
CA LYS B 77 -4.23 10.67 -1.54
C LYS B 77 -5.37 9.79 -2.01
N VAL B 78 -6.39 10.43 -2.58
CA VAL B 78 -7.57 9.73 -3.10
C VAL B 78 -7.27 9.11 -4.45
N SER B 79 -7.68 7.86 -4.64
CA SER B 79 -7.44 7.17 -5.90
C SER B 79 -8.54 6.15 -6.22
N TYR B 80 -8.45 5.56 -7.41
CA TYR B 80 -9.41 4.57 -7.87
C TYR B 80 -8.96 3.16 -7.47
N ALA B 81 -9.89 2.36 -6.95
CA ALA B 81 -9.58 0.99 -6.58
C ALA B 81 -10.10 0.00 -7.63
N ARG B 82 -9.19 -0.67 -8.33
CA ARG B 82 -9.57 -1.63 -9.37
C ARG B 82 -9.79 -3.03 -8.78
N PRO B 83 -10.92 -3.68 -9.10
CA PRO B 83 -11.24 -5.02 -8.61
C PRO B 83 -10.18 -6.07 -9.00
N SER B 84 -10.27 -7.26 -8.38
CA SER B 84 -9.34 -8.37 -8.62
C SER B 84 -8.34 -8.51 -7.46
N SER B 85 -8.88 -8.74 -6.27
CA SER B 85 -8.06 -8.89 -5.06
C SER B 85 -7.53 -10.33 -4.91
N ALA B 86 -6.60 -10.71 -5.78
CA ALA B 86 -6.00 -12.04 -5.73
C ALA B 86 -4.63 -11.97 -5.05
N SER B 87 -3.65 -11.41 -5.75
CA SER B 87 -2.31 -11.25 -5.21
C SER B 87 -1.91 -9.77 -5.26
N ILE B 88 -2.78 -8.93 -4.73
CA ILE B 88 -2.55 -7.48 -4.71
C ILE B 88 -1.97 -7.04 -3.36
N ARG B 89 -2.02 -5.74 -3.07
CA ARG B 89 -1.50 -5.18 -1.82
C ARG B 89 0.03 -5.24 -1.77
N ASP B 90 0.58 -6.42 -1.52
CA ASP B 90 2.04 -6.61 -1.43
C ASP B 90 2.69 -6.54 -2.82
N ALA B 91 2.79 -5.32 -3.37
CA ALA B 91 3.40 -5.12 -4.68
C ALA B 91 4.37 -3.92 -4.69
N ASN B 92 4.91 -3.60 -3.51
CA ASN B 92 5.85 -2.49 -3.35
C ASN B 92 7.29 -2.99 -3.49
N LEU B 93 8.12 -2.26 -4.25
CA LEU B 93 9.50 -2.68 -4.48
C LEU B 93 10.56 -1.67 -3.98
N TYR B 94 11.73 -2.22 -3.62
CA TYR B 94 12.89 -1.46 -3.14
C TYR B 94 14.10 -1.69 -4.05
N VAL B 95 14.59 -0.62 -4.66
CA VAL B 95 15.73 -0.68 -5.58
C VAL B 95 16.89 0.20 -5.11
N SER B 96 18.09 -0.39 -5.10
CA SER B 96 19.30 0.33 -4.70
C SER B 96 20.40 0.21 -5.77
N GLY B 97 21.44 1.03 -5.65
CA GLY B 97 22.53 1.02 -6.61
C GLY B 97 22.30 1.96 -7.78
N LEU B 98 21.63 3.07 -7.52
CA LEU B 98 21.32 4.07 -8.54
C LEU B 98 22.14 5.35 -8.34
N PRO B 99 22.55 6.00 -9.45
CA PRO B 99 23.35 7.24 -9.38
C PRO B 99 22.51 8.47 -8.98
N LYS B 100 23.18 9.59 -8.74
CA LYS B 100 22.50 10.83 -8.36
C LYS B 100 21.56 11.31 -9.47
N THR B 101 21.90 10.99 -10.72
CA THR B 101 21.08 11.39 -11.86
C THR B 101 19.96 10.37 -12.14
N MET B 102 19.38 9.80 -11.07
CA MET B 102 18.31 8.83 -11.22
C MET B 102 16.98 9.50 -11.55
N SER B 103 16.56 9.37 -12.81
CA SER B 103 15.31 9.95 -13.28
C SER B 103 14.12 9.04 -12.94
N GLN B 104 13.28 9.50 -12.03
CA GLN B 104 12.10 8.74 -11.59
C GLN B 104 11.30 8.18 -12.77
N LYS B 105 10.92 9.06 -13.71
CA LYS B 105 10.14 8.64 -14.88
C LYS B 105 10.85 7.52 -15.66
N GLU B 106 12.17 7.56 -15.72
CA GLU B 106 12.94 6.52 -16.41
C GLU B 106 12.70 5.19 -15.72
N MET B 107 12.74 5.20 -14.39
CA MET B 107 12.50 4.00 -13.60
C MET B 107 11.13 3.41 -13.91
N GLU B 108 10.16 4.28 -14.26
CA GLU B 108 8.81 3.83 -14.60
C GLU B 108 8.84 3.01 -15.89
N GLN B 109 9.30 3.63 -16.99
CA GLN B 109 9.39 2.94 -18.27
C GLN B 109 10.18 1.63 -18.16
N LEU B 110 11.14 1.61 -17.22
CA LEU B 110 11.97 0.44 -16.99
C LEU B 110 11.16 -0.72 -16.45
N PHE B 111 10.41 -0.46 -15.38
CA PHE B 111 9.60 -1.50 -14.76
C PHE B 111 8.18 -1.57 -15.36
N SER B 112 7.68 -0.45 -15.92
CA SER B 112 6.34 -0.43 -16.52
C SER B 112 6.24 -1.46 -17.65
N GLN B 113 7.30 -1.54 -18.46
CA GLN B 113 7.35 -2.50 -19.56
C GLN B 113 7.26 -3.93 -19.02
N TYR B 114 7.80 -4.13 -17.81
CA TYR B 114 7.75 -5.43 -17.14
C TYR B 114 6.39 -5.65 -16.50
N GLY B 115 5.99 -4.71 -15.66
CA GLY B 115 4.70 -4.78 -15.00
C GLY B 115 4.07 -3.41 -14.81
N ARG B 116 2.74 -3.36 -14.82
CA ARG B 116 2.04 -2.09 -14.66
C ARG B 116 2.28 -1.51 -13.26
N ILE B 117 3.19 -0.54 -13.18
CA ILE B 117 3.52 0.09 -11.89
C ILE B 117 2.48 1.13 -11.49
N ILE B 118 2.09 1.11 -10.22
CA ILE B 118 1.14 2.07 -9.68
C ILE B 118 1.88 3.34 -9.30
N THR B 119 2.99 3.19 -8.58
CA THR B 119 3.81 4.32 -8.15
C THR B 119 5.29 3.94 -8.11
N SER B 120 6.12 4.71 -8.82
CA SER B 120 7.57 4.47 -8.86
C SER B 120 8.31 5.76 -8.53
N ARG B 121 9.34 5.69 -7.68
CA ARG B 121 10.09 6.89 -7.32
C ARG B 121 11.38 6.60 -6.55
N ILE B 122 12.12 7.68 -6.25
CA ILE B 122 13.38 7.63 -5.52
C ILE B 122 13.31 8.50 -4.26
N LEU B 123 14.12 8.18 -3.25
CA LEU B 123 14.13 8.96 -1.99
C LEU B 123 15.57 9.28 -1.55
N LEU B 124 15.85 10.59 -1.41
CA LEU B 124 17.18 11.06 -1.01
C LEU B 124 17.11 12.49 -0.48
N ASP B 125 17.77 12.76 0.65
CA ASP B 125 17.78 14.11 1.22
C ASP B 125 19.21 14.53 1.60
N GLN B 126 19.83 15.32 0.74
CA GLN B 126 21.19 15.80 0.98
C GLN B 126 21.18 17.23 1.55
N ALA B 127 20.19 17.54 2.40
CA ALA B 127 20.07 18.87 2.98
C ALA B 127 19.45 18.83 4.39
N THR B 128 18.24 18.28 4.49
CA THR B 128 17.53 18.20 5.77
C THR B 128 17.40 16.77 6.29
N GLY B 129 17.91 15.79 5.54
CA GLY B 129 17.82 14.40 5.97
C GLY B 129 19.13 13.64 5.79
N VAL B 130 19.13 12.68 4.87
CA VAL B 130 20.32 11.88 4.60
C VAL B 130 20.40 11.46 3.13
N SER B 131 21.61 11.24 2.65
CA SER B 131 21.83 10.80 1.27
C SER B 131 21.46 9.32 1.17
N ARG B 132 20.19 9.06 0.89
CA ARG B 132 19.69 7.69 0.79
C ARG B 132 20.04 7.05 -0.55
N GLY B 133 19.57 7.66 -1.63
CA GLY B 133 19.85 7.15 -2.97
C GLY B 133 19.17 5.83 -3.28
N VAL B 134 17.93 5.67 -2.81
CA VAL B 134 17.16 4.44 -3.04
C VAL B 134 15.98 4.70 -3.96
N GLY B 135 15.49 3.66 -4.60
CA GLY B 135 14.35 3.77 -5.50
C GLY B 135 13.29 2.72 -5.24
N PHE B 136 12.04 3.04 -5.55
CA PHE B 136 10.94 2.09 -5.34
C PHE B 136 10.00 2.03 -6.53
N ILE B 137 9.43 0.85 -6.73
CA ILE B 137 8.52 0.61 -7.84
C ILE B 137 7.31 -0.22 -7.37
N ARG B 138 6.17 0.44 -7.15
CA ARG B 138 4.96 -0.26 -6.71
C ARG B 138 4.21 -0.85 -7.89
N PHE B 139 4.34 -2.16 -8.08
CA PHE B 139 3.65 -2.86 -9.17
C PHE B 139 2.19 -3.15 -8.84
N ASP B 140 1.47 -3.63 -9.84
CA ASP B 140 0.07 -3.98 -9.71
C ASP B 140 -0.09 -5.34 -9.02
N LYS B 141 0.59 -6.35 -9.56
CA LYS B 141 0.53 -7.71 -9.03
C LYS B 141 1.88 -8.14 -8.41
N ARG B 142 1.80 -8.74 -7.22
CA ARG B 142 3.00 -9.22 -6.52
C ARG B 142 3.84 -10.16 -7.40
N ILE B 143 3.19 -11.20 -7.93
CA ILE B 143 3.89 -12.17 -8.79
C ILE B 143 4.58 -11.50 -9.97
N GLU B 144 3.92 -10.49 -10.54
CA GLU B 144 4.49 -9.75 -11.67
C GLU B 144 5.78 -9.08 -11.22
N ALA B 145 5.70 -8.38 -10.09
CA ALA B 145 6.87 -7.72 -9.52
C ALA B 145 7.93 -8.76 -9.16
N GLU B 146 7.48 -9.84 -8.51
CA GLU B 146 8.38 -10.93 -8.12
C GLU B 146 9.11 -11.47 -9.34
N GLU B 147 8.35 -11.91 -10.36
CA GLU B 147 8.93 -12.41 -11.59
C GLU B 147 9.87 -11.37 -12.20
N ALA B 148 9.36 -10.14 -12.32
CA ALA B 148 10.16 -9.03 -12.86
C ALA B 148 11.43 -8.84 -12.05
N ILE B 149 11.29 -8.76 -10.71
CA ILE B 149 12.44 -8.59 -9.82
C ILE B 149 13.52 -9.62 -10.12
N LYS B 150 13.13 -10.90 -10.16
CA LYS B 150 14.08 -11.99 -10.44
C LYS B 150 14.75 -11.78 -11.81
N GLY B 151 13.98 -11.31 -12.79
CA GLY B 151 14.52 -11.07 -14.12
C GLY B 151 15.12 -9.68 -14.28
N LEU B 152 15.28 -8.94 -13.17
CA LEU B 152 15.84 -7.59 -13.22
C LEU B 152 17.04 -7.43 -12.28
N ASN B 153 16.86 -7.78 -11.00
CA ASN B 153 17.95 -7.65 -10.01
C ASN B 153 19.19 -8.42 -10.45
N GLY B 154 20.39 -7.87 -10.17
CA GLY B 154 21.61 -8.53 -10.57
C GLY B 154 22.30 -9.28 -9.44
N GLN B 155 23.53 -8.90 -9.17
CA GLN B 155 24.32 -9.56 -8.11
C GLN B 155 25.49 -8.68 -7.64
N LYS B 156 25.87 -8.85 -6.38
CA LYS B 156 26.98 -8.08 -5.80
C LYS B 156 28.22 -8.96 -5.63
N PRO B 157 29.09 -9.04 -6.66
CA PRO B 157 30.31 -9.85 -6.61
C PRO B 157 31.40 -9.21 -5.74
N LEU B 158 32.39 -10.01 -5.35
CA LEU B 158 33.49 -9.52 -4.51
C LEU B 158 34.13 -8.26 -5.11
N GLY B 159 34.29 -8.25 -6.44
CA GLY B 159 34.86 -7.09 -7.10
C GLY B 159 33.84 -5.98 -7.30
N ALA B 160 33.07 -5.69 -6.24
CA ALA B 160 32.05 -4.65 -6.29
C ALA B 160 31.53 -4.32 -4.89
N ALA B 161 30.76 -3.25 -4.77
CA ALA B 161 30.21 -2.84 -3.48
C ALA B 161 28.70 -3.09 -3.42
N GLU B 162 27.95 -2.34 -4.21
CA GLU B 162 26.50 -2.47 -4.25
C GLU B 162 25.92 -2.08 -5.61
N PRO B 163 25.88 -3.02 -6.57
CA PRO B 163 25.35 -2.76 -7.91
C PRO B 163 23.82 -2.72 -7.94
N ILE B 164 23.25 -2.47 -9.13
CA ILE B 164 21.80 -2.40 -9.29
C ILE B 164 21.11 -3.54 -8.53
N THR B 165 20.36 -3.18 -7.49
CA THR B 165 19.68 -4.17 -6.67
C THR B 165 18.23 -3.78 -6.40
N VAL B 166 17.31 -4.50 -7.04
CA VAL B 166 15.87 -4.26 -6.88
C VAL B 166 15.20 -5.47 -6.22
N LYS B 167 14.53 -5.25 -5.10
CA LYS B 167 13.87 -6.35 -4.38
C LYS B 167 12.70 -5.86 -3.52
N PHE B 168 12.04 -6.80 -2.85
CA PHE B 168 10.92 -6.49 -1.99
C PHE B 168 11.41 -5.92 -0.65
N ALA B 169 10.66 -4.96 -0.11
CA ALA B 169 11.03 -4.33 1.15
C ALA B 169 11.36 -5.36 2.24
N ASN B 170 12.53 -5.24 2.85
CA ASN B 170 12.97 -6.16 3.90
C ASN B 170 12.18 -5.94 5.20
N ASN B 171 12.55 -4.89 5.94
CA ASN B 171 11.88 -4.56 7.21
C ASN B 171 12.16 -5.61 8.28
N PRO B 172 13.34 -5.53 8.93
CA PRO B 172 13.72 -6.49 9.98
C PRO B 172 13.07 -6.20 11.33
N SER B 173 12.84 -7.25 12.11
CA SER B 173 12.21 -7.11 13.44
C SER B 173 13.25 -7.25 14.55
N GLN B 174 14.17 -6.28 14.61
CA GLN B 174 15.22 -6.29 15.63
C GLN B 174 15.34 -4.93 16.31
N MET B 1 -22.09 -9.10 0.51
CA MET B 1 -22.11 -8.56 -0.88
C MET B 1 -20.75 -7.97 -1.24
N ASP B 2 -20.17 -8.45 -2.34
CA ASP B 2 -18.86 -7.99 -2.78
C ASP B 2 -18.59 -8.38 -4.24
N SER B 3 -17.57 -7.75 -4.83
CA SER B 3 -17.18 -8.01 -6.21
C SER B 3 -16.01 -7.11 -6.64
N LYS B 4 -16.25 -5.80 -6.60
CA LYS B 4 -15.23 -4.81 -6.97
C LYS B 4 -15.70 -3.38 -6.65
N THR B 5 -16.19 -3.19 -5.42
CA THR B 5 -16.69 -1.88 -4.99
C THR B 5 -15.94 -1.33 -3.76
N ASN B 6 -14.75 -1.86 -3.48
CA ASN B 6 -13.97 -1.38 -2.33
C ASN B 6 -13.02 -0.24 -2.73
N LEU B 7 -13.46 0.99 -2.49
CA LEU B 7 -12.65 2.16 -2.81
C LEU B 7 -11.81 2.60 -1.62
N ILE B 8 -10.50 2.65 -1.80
CA ILE B 8 -9.59 3.05 -0.72
C ILE B 8 -8.89 4.38 -1.03
N VAL B 9 -9.12 5.36 -0.18
CA VAL B 9 -8.50 6.67 -0.31
C VAL B 9 -7.25 6.72 0.55
N ASN B 10 -6.10 6.49 -0.08
CA ASN B 10 -4.83 6.49 0.63
C ASN B 10 -4.31 7.91 0.82
N TYR B 11 -3.50 8.12 1.87
CA TYR B 11 -2.91 9.41 2.17
C TYR B 11 -3.95 10.37 2.80
N LEU B 12 -4.72 9.87 3.76
CA LEU B 12 -5.73 10.69 4.43
C LEU B 12 -5.07 11.66 5.42
N PRO B 13 -5.52 12.93 5.44
CA PRO B 13 -4.96 13.95 6.34
C PRO B 13 -5.24 13.64 7.80
N GLN B 14 -4.23 13.05 8.47
CA GLN B 14 -4.33 12.69 9.89
C GLN B 14 -4.95 13.80 10.76
N ASN B 15 -4.72 15.06 10.37
CA ASN B 15 -5.27 16.20 11.12
C ASN B 15 -6.76 16.39 10.86
N MET B 16 -7.28 15.79 9.78
CA MET B 16 -8.69 15.91 9.43
C MET B 16 -9.53 14.81 10.08
N THR B 17 -10.84 15.04 10.15
CA THR B 17 -11.76 14.06 10.74
C THR B 17 -12.59 13.37 9.66
N GLN B 18 -13.39 12.39 10.07
CA GLN B 18 -14.24 11.64 9.13
C GLN B 18 -15.45 12.45 8.68
N ASP B 19 -16.08 13.17 9.60
CA ASP B 19 -17.27 13.99 9.27
C ASP B 19 -16.99 14.90 8.08
N GLU B 20 -16.00 15.79 8.20
CA GLU B 20 -15.65 16.70 7.12
C GLU B 20 -15.30 15.92 5.85
N PHE B 21 -14.44 14.90 6.00
CA PHE B 21 -14.03 14.06 4.87
C PHE B 21 -15.26 13.48 4.16
N LYS B 22 -16.22 12.98 4.94
CA LYS B 22 -17.45 12.41 4.38
C LYS B 22 -18.14 13.39 3.42
N SER B 23 -18.37 14.62 3.89
CA SER B 23 -19.01 15.65 3.07
C SER B 23 -18.37 15.77 1.69
N LEU B 24 -17.04 15.85 1.67
CA LEU B 24 -16.28 15.95 0.42
C LEU B 24 -16.77 14.91 -0.60
N PHE B 25 -16.88 13.66 -0.15
CA PHE B 25 -17.34 12.57 -1.01
C PHE B 25 -18.88 12.51 -1.08
N GLY B 26 -19.54 12.88 0.03
CA GLY B 26 -21.00 12.87 0.08
C GLY B 26 -21.66 13.45 -1.17
N SER B 27 -21.07 14.52 -1.71
CA SER B 27 -21.60 15.16 -2.91
C SER B 27 -20.99 14.54 -4.19
N ILE B 28 -21.18 13.24 -4.37
CA ILE B 28 -20.65 12.54 -5.54
C ILE B 28 -21.65 11.54 -6.11
N GLY B 29 -21.88 10.44 -5.40
CA GLY B 29 -22.82 9.42 -5.87
C GLY B 29 -23.44 8.64 -4.73
N ASP B 30 -23.79 7.37 -4.99
CA ASP B 30 -24.41 6.52 -3.99
C ASP B 30 -23.35 5.94 -3.03
N ILE B 31 -23.10 6.66 -1.94
CA ILE B 31 -22.13 6.23 -0.95
C ILE B 31 -22.80 5.42 0.16
N GLU B 32 -22.82 4.11 -0.02
CA GLU B 32 -23.41 3.19 0.96
C GLU B 32 -22.85 3.45 2.37
N SER B 33 -21.55 3.71 2.43
CA SER B 33 -20.87 3.96 3.70
C SER B 33 -19.41 4.36 3.49
N CYS B 34 -18.73 4.76 4.58
CA CYS B 34 -17.33 5.16 4.52
C CYS B 34 -16.59 4.75 5.80
N LYS B 35 -15.26 4.71 5.70
CA LYS B 35 -14.42 4.36 6.85
C LYS B 35 -13.04 5.02 6.73
N LEU B 36 -12.36 5.19 7.87
CA LEU B 36 -11.04 5.81 7.89
C LEU B 36 -10.08 5.02 8.79
N VAL B 37 -8.85 4.85 8.32
CA VAL B 37 -7.84 4.12 9.09
C VAL B 37 -6.57 4.95 9.29
N ARG B 38 -6.32 5.29 10.55
CA ARG B 38 -5.15 6.07 10.96
C ARG B 38 -4.89 5.85 12.45
N ASP B 39 -3.77 5.21 12.78
CA ASP B 39 -3.44 4.94 14.17
C ASP B 39 -3.00 6.20 14.92
N LYS B 40 -3.26 6.21 16.22
CA LYS B 40 -2.90 7.32 17.10
C LYS B 40 -2.52 6.80 18.49
N ILE B 41 -2.01 5.57 18.55
CA ILE B 41 -1.65 4.94 19.81
C ILE B 41 -0.41 4.05 19.66
N THR B 42 -0.55 2.98 18.88
CA THR B 42 0.53 2.03 18.64
C THR B 42 1.74 2.71 17.99
N GLY B 43 1.46 3.57 17.02
CA GLY B 43 2.52 4.28 16.31
C GLY B 43 2.93 3.57 15.03
N GLN B 44 1.96 3.13 14.24
CA GLN B 44 2.24 2.43 12.99
C GLN B 44 2.21 3.40 11.81
N SER B 45 1.22 4.29 11.81
CA SER B 45 1.09 5.30 10.75
C SER B 45 0.69 4.71 9.40
N LEU B 46 -0.59 4.88 9.07
CA LEU B 46 -1.13 4.40 7.79
C LEU B 46 -1.91 5.55 7.12
N GLY B 47 -3.10 5.86 7.67
CA GLY B 47 -3.91 6.97 7.17
C GLY B 47 -4.60 6.76 5.83
N TYR B 48 -5.72 6.03 5.82
CA TYR B 48 -6.48 5.80 4.59
C TYR B 48 -7.99 5.89 4.83
N GLY B 49 -8.72 6.13 3.75
CA GLY B 49 -10.17 6.21 3.80
C GLY B 49 -10.83 5.16 2.93
N PHE B 50 -12.01 4.71 3.31
CA PHE B 50 -12.71 3.67 2.54
C PHE B 50 -14.12 4.12 2.20
N VAL B 51 -14.54 3.86 0.96
CA VAL B 51 -15.88 4.26 0.51
C VAL B 51 -16.53 3.14 -0.31
N ASN B 52 -17.80 2.86 0.00
CA ASN B 52 -18.55 1.83 -0.72
C ASN B 52 -19.64 2.45 -1.58
N TYR B 53 -19.46 2.39 -2.90
CA TYR B 53 -20.43 2.95 -3.84
C TYR B 53 -21.41 1.89 -4.32
N SER B 54 -22.69 2.23 -4.31
CA SER B 54 -23.74 1.30 -4.73
C SER B 54 -23.60 0.89 -6.21
N ASP B 55 -22.92 1.72 -7.01
CA ASP B 55 -22.74 1.42 -8.44
C ASP B 55 -21.27 1.46 -8.86
N PRO B 56 -20.87 0.56 -9.79
CA PRO B 56 -19.49 0.51 -10.29
C PRO B 56 -19.05 1.83 -10.92
N ASN B 57 -19.98 2.53 -11.58
CA ASN B 57 -19.68 3.83 -12.19
C ASN B 57 -19.26 4.84 -11.14
N ASP B 58 -20.04 4.91 -10.07
CA ASP B 58 -19.75 5.82 -8.96
C ASP B 58 -18.35 5.57 -8.40
N ALA B 59 -17.87 4.32 -8.49
CA ALA B 59 -16.56 3.97 -8.01
C ALA B 59 -15.47 4.61 -8.86
N ASP B 60 -15.59 4.48 -10.18
CA ASP B 60 -14.61 5.07 -11.10
C ASP B 60 -14.88 6.56 -11.29
N LYS B 61 -16.16 6.94 -11.35
CA LYS B 61 -16.54 8.35 -11.51
C LYS B 61 -15.96 9.18 -10.37
N ALA B 62 -15.96 8.62 -9.15
CA ALA B 62 -15.40 9.31 -8.00
C ALA B 62 -13.88 9.43 -8.17
N ILE B 63 -13.24 8.31 -8.50
CA ILE B 63 -11.80 8.27 -8.73
C ILE B 63 -11.39 9.32 -9.76
N ASN B 64 -12.14 9.41 -10.86
CA ASN B 64 -11.87 10.38 -11.92
C ASN B 64 -11.43 11.74 -11.36
N THR B 65 -12.12 12.20 -10.31
CA THR B 65 -11.80 13.49 -9.70
C THR B 65 -10.97 13.36 -8.40
N LEU B 66 -11.07 12.22 -7.72
CA LEU B 66 -10.34 12.01 -6.46
C LEU B 66 -9.05 11.18 -6.64
N ASN B 67 -8.67 10.89 -7.88
CA ASN B 67 -7.46 10.12 -8.15
C ASN B 67 -6.24 11.02 -8.30
N GLY B 68 -6.04 11.95 -7.35
CA GLY B 68 -4.90 12.86 -7.41
C GLY B 68 -5.19 14.23 -6.81
N LEU B 69 -5.73 14.25 -5.59
CA LEU B 69 -6.02 15.51 -4.91
C LEU B 69 -4.84 16.00 -4.08
N LYS B 70 -4.08 16.94 -4.63
CA LYS B 70 -2.92 17.50 -3.94
C LYS B 70 -3.31 18.65 -3.02
N LEU B 71 -3.24 18.42 -1.72
CA LEU B 71 -3.58 19.43 -0.72
C LEU B 71 -2.34 20.20 -0.32
N GLN B 72 -2.52 21.25 0.48
CA GLN B 72 -1.40 22.05 0.96
C GLN B 72 -0.47 21.18 1.81
N THR B 73 -1.04 20.15 2.44
CA THR B 73 -0.29 19.23 3.29
C THR B 73 0.20 18.01 2.51
N LYS B 74 -0.75 17.28 1.90
CA LYS B 74 -0.42 16.07 1.13
C LYS B 74 -1.43 15.82 0.01
N THR B 75 -1.27 14.70 -0.68
CA THR B 75 -2.15 14.33 -1.78
C THR B 75 -3.12 13.20 -1.41
N ILE B 76 -4.34 13.28 -1.92
CA ILE B 76 -5.37 12.26 -1.67
C ILE B 76 -5.70 11.50 -2.96
N LYS B 77 -5.89 10.18 -2.85
CA LYS B 77 -6.20 9.39 -4.04
C LYS B 77 -7.10 8.18 -3.73
N VAL B 78 -8.24 8.11 -4.43
CA VAL B 78 -9.17 6.99 -4.27
C VAL B 78 -8.74 5.83 -5.17
N SER B 79 -8.10 4.85 -4.56
CA SER B 79 -7.61 3.69 -5.30
C SER B 79 -8.47 2.44 -5.08
N TYR B 80 -8.21 1.41 -5.87
CA TYR B 80 -8.95 0.15 -5.76
C TYR B 80 -8.25 -0.80 -4.79
N ALA B 81 -8.96 -1.23 -3.76
CA ALA B 81 -8.40 -2.16 -2.78
C ALA B 81 -9.12 -3.51 -2.83
N ARG B 82 -8.34 -4.59 -2.94
CA ARG B 82 -8.88 -5.94 -3.00
C ARG B 82 -8.76 -6.67 -1.66
N PRO B 83 -9.76 -7.48 -1.29
CA PRO B 83 -9.76 -8.21 -0.02
C PRO B 83 -8.64 -9.27 0.05
N SER B 84 -7.80 -9.15 1.08
CA SER B 84 -6.70 -10.09 1.29
C SER B 84 -6.69 -10.64 2.72
N SER B 85 -6.23 -9.82 3.67
CA SER B 85 -6.17 -10.22 5.09
C SER B 85 -5.28 -11.45 5.30
N ALA B 86 -4.36 -11.71 4.37
CA ALA B 86 -3.46 -12.85 4.47
C ALA B 86 -2.00 -12.42 4.54
N SER B 87 -1.57 -11.64 3.55
CA SER B 87 -0.20 -11.16 3.48
C SER B 87 -0.16 -9.76 2.87
N ILE B 88 -0.35 -8.75 3.72
CA ILE B 88 -0.35 -7.36 3.24
C ILE B 88 0.34 -6.40 4.21
N ARG B 89 0.45 -5.14 3.77
CA ARG B 89 1.08 -4.07 4.56
C ARG B 89 2.61 -4.22 4.62
N ASP B 90 3.30 -3.09 4.83
CA ASP B 90 4.75 -3.06 4.93
C ASP B 90 5.43 -3.86 3.81
N ALA B 91 5.21 -3.43 2.56
CA ALA B 91 5.80 -4.09 1.41
C ALA B 91 6.32 -3.06 0.40
N ASN B 92 7.33 -2.31 0.83
CA ASN B 92 7.93 -1.25 0.01
C ASN B 92 9.41 -1.57 -0.27
N LEU B 93 9.80 -1.56 -1.55
CA LEU B 93 11.17 -1.88 -1.93
C LEU B 93 11.90 -0.75 -2.65
N TYR B 94 13.16 -0.55 -2.28
CA TYR B 94 14.06 0.43 -2.89
C TYR B 94 14.92 -0.20 -3.99
N VAL B 95 14.78 0.34 -5.20
CA VAL B 95 15.51 -0.17 -6.37
C VAL B 95 16.50 0.87 -6.91
N SER B 96 17.79 0.51 -6.91
CA SER B 96 18.83 1.41 -7.41
C SER B 96 19.49 0.83 -8.66
N GLY B 97 20.25 1.67 -9.35
CA GLY B 97 20.91 1.24 -10.58
C GLY B 97 20.04 1.46 -11.80
N LEU B 98 19.27 2.56 -11.78
CA LEU B 98 18.37 2.88 -12.88
C LEU B 98 18.78 4.18 -13.57
N PRO B 99 18.55 4.27 -14.90
CA PRO B 99 18.88 5.47 -15.68
C PRO B 99 17.78 6.54 -15.62
N LYS B 100 18.02 7.66 -16.28
CA LYS B 100 17.04 8.75 -16.31
C LYS B 100 15.76 8.35 -17.03
N THR B 101 15.89 7.62 -18.13
CA THR B 101 14.73 7.16 -18.89
C THR B 101 14.18 5.85 -18.33
N MET B 102 14.11 5.75 -17.00
CA MET B 102 13.59 4.55 -16.34
C MET B 102 12.07 4.50 -16.39
N SER B 103 11.53 3.48 -17.04
CA SER B 103 10.09 3.31 -17.17
C SER B 103 9.53 2.48 -16.02
N GLN B 104 8.77 3.14 -15.14
CA GLN B 104 8.16 2.49 -13.98
C GLN B 104 7.51 1.15 -14.37
N LYS B 105 6.77 1.16 -15.49
CA LYS B 105 6.10 -0.05 -15.97
C LYS B 105 7.08 -1.20 -16.15
N GLU B 106 8.20 -0.95 -16.81
CA GLU B 106 9.22 -1.99 -17.00
C GLU B 106 9.66 -2.52 -15.64
N MET B 107 9.99 -1.60 -14.73
CA MET B 107 10.38 -1.98 -13.38
C MET B 107 9.25 -2.72 -12.67
N GLU B 108 8.01 -2.26 -12.93
CA GLU B 108 6.83 -2.89 -12.35
C GLU B 108 6.62 -4.28 -12.95
N GLN B 109 6.54 -4.35 -14.28
CA GLN B 109 6.36 -5.63 -14.96
C GLN B 109 7.50 -6.60 -14.61
N LEU B 110 8.70 -6.05 -14.41
CA LEU B 110 9.87 -6.85 -14.06
C LEU B 110 9.67 -7.51 -12.70
N PHE B 111 9.32 -6.70 -11.69
CA PHE B 111 9.09 -7.23 -10.36
C PHE B 111 7.71 -7.90 -10.25
N SER B 112 6.75 -7.43 -11.06
CA SER B 112 5.38 -8.01 -11.05
C SER B 112 5.42 -9.53 -11.19
N GLN B 113 6.26 -10.03 -12.10
CA GLN B 113 6.41 -11.48 -12.30
C GLN B 113 7.03 -12.14 -11.07
N TYR B 114 7.88 -11.40 -10.36
CA TYR B 114 8.53 -11.88 -9.14
C TYR B 114 7.59 -11.81 -7.94
N GLY B 115 6.82 -10.73 -7.87
CA GLY B 115 5.88 -10.56 -6.77
C GLY B 115 4.71 -9.66 -7.15
N ARG B 116 3.58 -9.83 -6.47
CA ARG B 116 2.41 -9.01 -6.75
C ARG B 116 2.67 -7.57 -6.33
N ILE B 117 3.03 -6.71 -7.29
CA ILE B 117 3.33 -5.32 -6.99
C ILE B 117 2.06 -4.48 -6.83
N ILE B 118 2.06 -3.61 -5.81
CA ILE B 118 0.95 -2.72 -5.55
C ILE B 118 1.17 -1.39 -6.27
N THR B 119 2.36 -0.81 -6.08
CA THR B 119 2.72 0.45 -6.73
C THR B 119 4.22 0.54 -6.98
N SER B 120 4.60 0.60 -8.26
CA SER B 120 6.00 0.70 -8.67
C SER B 120 6.28 2.10 -9.21
N ARG B 121 7.46 2.65 -8.93
CA ARG B 121 7.79 3.99 -9.42
C ARG B 121 9.28 4.35 -9.29
N ILE B 122 9.64 5.47 -9.90
CA ILE B 122 11.01 5.98 -9.88
C ILE B 122 11.02 7.48 -9.55
N LEU B 123 12.00 7.93 -8.76
CA LEU B 123 12.09 9.34 -8.39
C LEU B 123 13.12 10.08 -9.26
N LEU B 124 12.60 10.95 -10.12
CA LEU B 124 13.40 11.75 -11.03
C LEU B 124 12.60 12.97 -11.54
N ASP B 125 12.30 13.91 -10.63
CA ASP B 125 11.53 15.09 -11.00
C ASP B 125 12.44 16.25 -11.46
N GLN B 126 11.85 17.24 -12.13
CA GLN B 126 12.61 18.39 -12.63
C GLN B 126 11.73 19.64 -12.78
N ALA B 127 10.68 19.74 -11.95
CA ALA B 127 9.76 20.88 -12.00
C ALA B 127 8.95 21.02 -10.71
N THR B 128 8.23 19.95 -10.35
CA THR B 128 7.41 19.93 -9.15
C THR B 128 8.17 19.44 -7.92
N GLY B 129 9.25 18.66 -8.14
CA GLY B 129 10.04 18.15 -7.04
C GLY B 129 11.53 18.30 -7.27
N VAL B 130 12.23 17.17 -7.37
CA VAL B 130 13.68 17.18 -7.59
C VAL B 130 14.13 15.91 -8.32
N SER B 131 15.30 16.00 -8.98
CA SER B 131 15.87 14.88 -9.71
C SER B 131 16.70 13.99 -8.79
N ARG B 132 16.65 12.67 -9.00
CA ARG B 132 17.40 11.72 -8.16
C ARG B 132 17.98 10.56 -8.98
N GLY B 133 17.12 9.63 -9.39
CA GLY B 133 17.58 8.49 -10.17
C GLY B 133 17.44 7.15 -9.46
N VAL B 134 16.33 6.97 -8.73
CA VAL B 134 16.09 5.72 -8.02
C VAL B 134 14.62 5.30 -8.18
N GLY B 135 14.38 4.01 -8.00
CA GLY B 135 13.02 3.48 -8.12
C GLY B 135 12.61 2.60 -6.96
N PHE B 136 11.32 2.30 -6.88
CA PHE B 136 10.80 1.45 -5.81
C PHE B 136 9.71 0.53 -6.31
N ILE B 137 9.61 -0.63 -5.69
CA ILE B 137 8.60 -1.60 -6.05
C ILE B 137 7.81 -2.02 -4.82
N ARG B 138 6.65 -1.42 -4.62
CA ARG B 138 5.82 -1.75 -3.47
C ARG B 138 5.04 -3.03 -3.74
N PHE B 139 5.53 -4.14 -3.19
CA PHE B 139 4.89 -5.45 -3.38
C PHE B 139 3.69 -5.62 -2.45
N ASP B 140 3.01 -6.75 -2.58
CA ASP B 140 1.84 -7.07 -1.76
C ASP B 140 2.24 -7.37 -0.31
N LYS B 141 3.18 -8.29 -0.14
CA LYS B 141 3.65 -8.69 1.19
C LYS B 141 5.18 -8.57 1.31
N ARG B 142 5.66 -8.40 2.56
CA ARG B 142 7.09 -8.27 2.82
C ARG B 142 7.86 -9.52 2.41
N ILE B 143 7.39 -10.69 2.83
CA ILE B 143 8.07 -11.96 2.50
C ILE B 143 8.30 -12.10 0.99
N GLU B 144 7.33 -11.68 0.19
CA GLU B 144 7.46 -11.73 -1.26
C GLU B 144 8.59 -10.80 -1.68
N ALA B 145 8.56 -9.59 -1.13
CA ALA B 145 9.60 -8.61 -1.39
C ALA B 145 10.93 -9.15 -0.89
N GLU B 146 10.90 -9.75 0.31
CA GLU B 146 12.08 -10.35 0.91
C GLU B 146 12.65 -11.42 -0.01
N GLU B 147 11.82 -12.41 -0.34
CA GLU B 147 12.23 -13.48 -1.25
C GLU B 147 12.70 -12.88 -2.57
N ALA B 148 11.87 -12.01 -3.15
CA ALA B 148 12.20 -11.34 -4.39
C ALA B 148 13.53 -10.60 -4.29
N ILE B 149 13.70 -9.80 -3.22
CA ILE B 149 14.95 -9.06 -3.02
C ILE B 149 16.16 -9.98 -3.16
N LYS B 150 16.19 -11.03 -2.31
CA LYS B 150 17.28 -12.01 -2.34
C LYS B 150 17.49 -12.60 -3.73
N GLY B 151 16.41 -12.73 -4.50
CA GLY B 151 16.50 -13.26 -5.85
C GLY B 151 16.50 -12.17 -6.92
N LEU B 152 16.74 -10.92 -6.52
CA LEU B 152 16.76 -9.80 -7.46
C LEU B 152 17.96 -8.87 -7.24
N ASN B 153 18.21 -8.50 -5.99
CA ASN B 153 19.32 -7.60 -5.65
C ASN B 153 20.59 -7.91 -6.46
N GLY B 154 20.90 -7.04 -7.44
CA GLY B 154 22.08 -7.24 -8.27
C GLY B 154 23.34 -6.70 -7.62
N GLN B 155 23.88 -5.62 -8.18
CA GLN B 155 25.10 -5.01 -7.64
C GLN B 155 25.27 -3.58 -8.11
N LYS B 156 25.75 -2.71 -7.21
CA LYS B 156 25.98 -1.31 -7.55
C LYS B 156 27.37 -0.85 -7.08
N PRO B 157 28.43 -1.34 -7.73
CA PRO B 157 29.82 -0.97 -7.39
C PRO B 157 30.14 0.46 -7.83
N LEU B 158 31.39 0.87 -7.61
CA LEU B 158 31.83 2.21 -8.01
C LEU B 158 31.60 2.43 -9.50
N GLY B 159 31.99 1.44 -10.30
CA GLY B 159 31.79 1.53 -11.75
C GLY B 159 30.44 0.97 -12.16
N ALA B 160 29.41 1.24 -11.36
CA ALA B 160 28.06 0.74 -11.65
C ALA B 160 27.37 1.60 -12.72
N ALA B 161 26.25 2.27 -12.36
CA ALA B 161 25.52 3.11 -13.30
C ALA B 161 24.95 2.27 -14.46
N GLU B 162 24.69 1.01 -14.18
CA GLU B 162 24.15 0.10 -15.20
C GLU B 162 23.38 -1.08 -14.56
N PRO B 163 24.02 -1.85 -13.65
CA PRO B 163 23.37 -2.99 -13.00
C PRO B 163 22.33 -2.55 -11.96
N ILE B 164 21.33 -3.39 -11.76
CA ILE B 164 20.25 -3.11 -10.80
C ILE B 164 20.64 -3.48 -9.37
N THR B 165 20.17 -2.69 -8.40
CA THR B 165 20.45 -2.95 -6.99
C THR B 165 19.24 -2.61 -6.12
N VAL B 166 18.46 -3.64 -5.79
CA VAL B 166 17.27 -3.49 -4.95
C VAL B 166 17.51 -4.05 -3.55
N LYS B 167 17.03 -3.34 -2.53
CA LYS B 167 17.20 -3.79 -1.15
C LYS B 167 16.17 -3.13 -0.24
N PHE B 168 15.88 -3.79 0.88
CA PHE B 168 14.91 -3.26 1.85
C PHE B 168 15.22 -1.81 2.22
N ALA B 169 14.20 -0.97 2.20
CA ALA B 169 14.35 0.46 2.52
C ALA B 169 15.21 0.66 3.77
N ASN B 170 16.42 1.16 3.57
CA ASN B 170 17.35 1.43 4.68
C ASN B 170 16.93 2.70 5.42
N ASN B 171 17.36 2.82 6.68
CA ASN B 171 17.03 4.00 7.48
C ASN B 171 18.21 4.44 8.33
N PRO B 172 18.74 5.65 8.07
CA PRO B 172 19.87 6.20 8.83
C PRO B 172 19.49 6.60 10.25
N SER B 173 18.26 7.11 10.41
CA SER B 173 17.76 7.53 11.72
C SER B 173 17.10 6.36 12.43
N GLN B 174 17.87 5.29 12.65
CA GLN B 174 17.37 4.10 13.33
C GLN B 174 18.04 3.92 14.69
N MET B 1 -22.02 -10.33 -1.93
CA MET B 1 -22.78 -9.06 -2.11
C MET B 1 -21.84 -7.91 -2.43
N ASP B 2 -21.63 -7.68 -3.73
CA ASP B 2 -20.71 -6.64 -4.18
C ASP B 2 -20.85 -6.35 -5.68
N SER B 3 -20.10 -5.35 -6.16
CA SER B 3 -20.14 -4.97 -7.58
C SER B 3 -18.74 -4.56 -8.06
N LYS B 4 -18.67 -3.55 -8.95
CA LYS B 4 -17.39 -3.08 -9.48
C LYS B 4 -17.08 -1.64 -9.02
N THR B 5 -17.76 -1.18 -7.96
CA THR B 5 -17.55 0.16 -7.42
C THR B 5 -16.76 0.12 -6.12
N ASN B 6 -15.49 -0.26 -6.22
CA ASN B 6 -14.61 -0.36 -5.05
C ASN B 6 -13.41 0.59 -5.17
N LEU B 7 -13.67 1.89 -4.97
CA LEU B 7 -12.61 2.91 -5.04
C LEU B 7 -11.88 2.99 -3.70
N ILE B 8 -10.54 3.06 -3.74
CA ILE B 8 -9.75 3.12 -2.50
C ILE B 8 -9.01 4.46 -2.35
N VAL B 9 -9.04 4.97 -1.12
CA VAL B 9 -8.38 6.23 -0.75
C VAL B 9 -7.25 5.93 0.24
N ASN B 10 -6.00 5.94 -0.24
CA ASN B 10 -4.85 5.61 0.61
C ASN B 10 -4.20 6.84 1.25
N TYR B 11 -3.25 6.58 2.17
CA TYR B 11 -2.52 7.62 2.88
C TYR B 11 -3.46 8.51 3.68
N LEU B 12 -4.44 7.88 4.35
CA LEU B 12 -5.41 8.61 5.15
C LEU B 12 -4.85 8.95 6.53
N PRO B 13 -5.13 10.17 7.04
CA PRO B 13 -4.64 10.62 8.35
C PRO B 13 -5.24 9.79 9.49
N GLN B 14 -4.48 8.81 9.98
CA GLN B 14 -4.92 7.93 11.07
C GLN B 14 -5.68 8.68 12.18
N ASN B 15 -5.29 9.94 12.43
CA ASN B 15 -5.94 10.75 13.47
C ASN B 15 -7.36 11.20 13.07
N MET B 16 -7.66 11.19 11.78
CA MET B 16 -8.98 11.57 11.29
C MET B 16 -9.97 10.40 11.37
N THR B 17 -11.26 10.71 11.49
CA THR B 17 -12.28 9.65 11.60
C THR B 17 -13.07 9.48 10.30
N GLN B 18 -13.80 8.36 10.24
CA GLN B 18 -14.61 8.00 9.08
C GLN B 18 -15.66 9.07 8.76
N ASP B 19 -16.38 9.53 9.79
CA ASP B 19 -17.41 10.54 9.60
C ASP B 19 -16.85 11.76 8.88
N GLU B 20 -15.79 12.36 9.44
CA GLU B 20 -15.15 13.51 8.82
C GLU B 20 -14.66 13.16 7.42
N PHE B 21 -13.97 12.02 7.31
CA PHE B 21 -13.46 11.53 6.03
C PHE B 21 -14.61 11.44 5.01
N LYS B 22 -15.72 10.84 5.45
CA LYS B 22 -16.91 10.73 4.60
C LYS B 22 -17.42 12.12 4.25
N SER B 23 -17.50 12.99 5.26
CA SER B 23 -17.96 14.37 5.08
C SER B 23 -17.18 15.07 3.98
N LEU B 24 -15.84 14.95 4.02
CA LEU B 24 -14.97 15.57 3.02
C LEU B 24 -15.44 15.26 1.59
N PHE B 25 -15.47 13.97 1.24
CA PHE B 25 -15.90 13.53 -0.08
C PHE B 25 -17.40 13.77 -0.30
N GLY B 26 -18.17 13.84 0.80
CA GLY B 26 -19.61 14.05 0.72
C GLY B 26 -20.04 15.11 -0.28
N SER B 27 -19.27 16.19 -0.40
CA SER B 27 -19.61 17.27 -1.34
C SER B 27 -19.02 17.03 -2.74
N ILE B 28 -19.24 15.83 -3.28
CA ILE B 28 -18.71 15.48 -4.61
C ILE B 28 -19.79 14.86 -5.50
N GLY B 29 -20.19 13.63 -5.16
CA GLY B 29 -21.23 12.93 -5.93
C GLY B 29 -22.14 12.11 -5.03
N ASP B 30 -22.98 11.28 -5.63
CA ASP B 30 -23.89 10.45 -4.85
C ASP B 30 -23.17 9.23 -4.27
N ILE B 31 -22.45 9.46 -3.17
CA ILE B 31 -21.70 8.40 -2.51
C ILE B 31 -22.65 7.48 -1.73
N GLU B 32 -23.11 6.43 -2.39
CA GLU B 32 -24.03 5.47 -1.79
C GLU B 32 -23.47 4.89 -0.48
N SER B 33 -22.15 4.71 -0.43
CA SER B 33 -21.49 4.17 0.77
C SER B 33 -19.96 4.26 0.68
N CYS B 34 -19.29 3.91 1.77
CA CYS B 34 -17.83 3.94 1.84
C CYS B 34 -17.30 2.81 2.72
N LYS B 35 -15.98 2.67 2.78
CA LYS B 35 -15.36 1.62 3.58
C LYS B 35 -13.99 2.06 4.12
N LEU B 36 -13.49 1.31 5.11
CA LEU B 36 -12.20 1.60 5.72
C LEU B 36 -11.56 0.31 6.26
N VAL B 37 -10.36 0.00 5.78
CA VAL B 37 -9.64 -1.21 6.20
C VAL B 37 -9.23 -1.15 7.68
N ARG B 38 -9.92 -1.93 8.51
CA ARG B 38 -9.63 -1.97 9.95
C ARG B 38 -9.63 -3.41 10.47
N ASP B 39 -8.45 -3.87 10.90
CA ASP B 39 -8.29 -5.23 11.42
C ASP B 39 -8.92 -5.40 12.81
N LYS B 40 -9.18 -6.65 13.19
CA LYS B 40 -9.79 -6.96 14.49
C LYS B 40 -9.03 -8.11 15.17
N ILE B 41 -7.70 -8.12 15.01
CA ILE B 41 -6.86 -9.16 15.60
C ILE B 41 -5.59 -8.57 16.24
N THR B 42 -4.92 -7.68 15.53
CA THR B 42 -3.69 -7.06 16.03
C THR B 42 -3.94 -5.62 16.48
N GLY B 43 -4.65 -4.86 15.65
CA GLY B 43 -4.95 -3.47 15.98
C GLY B 43 -3.78 -2.54 15.74
N GLN B 44 -3.25 -2.56 14.52
CA GLN B 44 -2.11 -1.71 14.16
C GLN B 44 -2.57 -0.45 13.40
N SER B 45 -3.63 -0.59 12.57
CA SER B 45 -4.19 0.53 11.78
C SER B 45 -3.28 0.96 10.61
N LEU B 46 -3.71 0.66 9.37
CA LEU B 46 -2.94 1.02 8.17
C LEU B 46 -3.12 2.50 7.79
N GLY B 47 -4.20 2.83 7.07
CA GLY B 47 -4.43 4.21 6.67
C GLY B 47 -4.96 4.39 5.25
N TYR B 48 -6.10 3.76 4.94
CA TYR B 48 -6.71 3.87 3.62
C TYR B 48 -8.20 3.50 3.66
N GLY B 49 -9.01 4.27 2.94
CA GLY B 49 -10.45 4.03 2.91
C GLY B 49 -10.99 3.75 1.51
N PHE B 50 -12.31 3.68 1.37
CA PHE B 50 -12.92 3.39 0.07
C PHE B 50 -14.20 4.19 -0.15
N VAL B 51 -14.46 4.54 -1.41
CA VAL B 51 -15.65 5.30 -1.78
C VAL B 51 -16.45 4.57 -2.86
N ASN B 52 -17.77 4.48 -2.67
CA ASN B 52 -18.62 3.81 -3.64
C ASN B 52 -19.65 4.79 -4.24
N TYR B 53 -19.66 4.86 -5.58
CA TYR B 53 -20.60 5.74 -6.30
C TYR B 53 -21.61 4.92 -7.09
N SER B 54 -22.75 5.54 -7.38
CA SER B 54 -23.81 4.87 -8.15
C SER B 54 -23.35 4.55 -9.57
N ASP B 55 -22.86 5.56 -10.29
CA ASP B 55 -22.39 5.37 -11.66
C ASP B 55 -20.88 5.62 -11.78
N PRO B 56 -20.18 4.86 -12.65
CA PRO B 56 -18.74 5.01 -12.88
C PRO B 56 -18.32 6.47 -13.07
N ASN B 57 -19.21 7.28 -13.66
CA ASN B 57 -18.93 8.70 -13.88
C ASN B 57 -18.51 9.37 -12.57
N ASP B 58 -19.34 9.21 -11.54
CA ASP B 58 -19.04 9.78 -10.22
C ASP B 58 -17.78 9.15 -9.64
N ALA B 59 -17.50 7.89 -10.03
CA ALA B 59 -16.30 7.19 -9.57
C ALA B 59 -15.05 7.84 -10.13
N ASP B 60 -15.03 8.09 -11.44
CA ASP B 60 -13.89 8.73 -12.08
C ASP B 60 -13.91 10.23 -11.79
N LYS B 61 -15.13 10.82 -11.77
CA LYS B 61 -15.29 12.24 -11.46
C LYS B 61 -14.58 12.56 -10.15
N ALA B 62 -14.79 11.70 -9.14
CA ALA B 62 -14.15 11.87 -7.84
C ALA B 62 -12.63 11.88 -8.04
N ILE B 63 -12.12 10.88 -8.76
CA ILE B 63 -10.69 10.80 -9.04
C ILE B 63 -10.23 12.07 -9.75
N ASN B 64 -10.91 12.41 -10.84
CA ASN B 64 -10.58 13.62 -11.62
C ASN B 64 -10.31 14.83 -10.71
N THR B 65 -10.98 14.89 -9.56
CA THR B 65 -10.80 16.01 -8.63
C THR B 65 -10.01 15.62 -7.37
N LEU B 66 -10.19 14.40 -6.87
CA LEU B 66 -9.49 13.97 -5.65
C LEU B 66 -8.43 12.87 -5.91
N ASN B 67 -7.80 12.90 -7.09
CA ASN B 67 -6.75 11.92 -7.42
C ASN B 67 -5.38 12.34 -6.87
N GLY B 68 -5.37 13.03 -5.73
CA GLY B 68 -4.12 13.47 -5.12
C GLY B 68 -4.30 14.71 -4.27
N LEU B 69 -4.96 14.53 -3.12
CA LEU B 69 -5.21 15.64 -2.20
C LEU B 69 -4.09 15.78 -1.18
N LYS B 70 -3.48 16.96 -1.14
CA LYS B 70 -2.41 17.21 -0.17
C LYS B 70 -3.01 17.78 1.11
N LEU B 71 -2.94 17.00 2.18
CA LEU B 71 -3.50 17.42 3.47
C LEU B 71 -2.47 17.29 4.59
N GLN B 72 -2.27 18.38 5.33
CA GLN B 72 -1.31 18.42 6.44
C GLN B 72 0.11 18.11 5.93
N THR B 73 0.45 16.82 5.88
CA THR B 73 1.76 16.39 5.40
C THR B 73 1.65 15.14 4.51
N LYS B 74 0.44 14.83 4.04
CA LYS B 74 0.21 13.67 3.18
C LYS B 74 -0.47 14.06 1.87
N THR B 75 -0.54 13.10 0.96
CA THR B 75 -1.15 13.30 -0.36
C THR B 75 -2.24 12.25 -0.62
N ILE B 76 -3.35 12.37 0.11
CA ILE B 76 -4.47 11.43 -0.06
C ILE B 76 -4.81 11.23 -1.54
N LYS B 77 -4.63 10.01 -2.04
CA LYS B 77 -4.91 9.72 -3.45
C LYS B 77 -5.92 8.58 -3.60
N VAL B 78 -7.03 8.88 -4.26
CA VAL B 78 -8.09 7.89 -4.49
C VAL B 78 -7.81 7.10 -5.76
N SER B 79 -8.01 5.79 -5.70
CA SER B 79 -7.78 4.93 -6.86
C SER B 79 -8.66 3.68 -6.85
N TYR B 80 -8.50 2.85 -7.88
CA TYR B 80 -9.26 1.60 -8.01
C TYR B 80 -8.55 0.43 -7.34
N ALA B 81 -9.27 -0.28 -6.47
CA ALA B 81 -8.71 -1.43 -5.79
C ALA B 81 -8.90 -2.70 -6.64
N ARG B 82 -7.83 -3.11 -7.32
CA ARG B 82 -7.88 -4.31 -8.16
C ARG B 82 -7.51 -5.56 -7.37
N PRO B 83 -8.51 -6.42 -7.07
CA PRO B 83 -8.28 -7.66 -6.30
C PRO B 83 -7.31 -8.62 -7.01
N SER B 84 -6.21 -8.93 -6.33
CA SER B 84 -5.19 -9.83 -6.89
C SER B 84 -5.51 -11.30 -6.56
N SER B 85 -4.72 -11.93 -5.69
CA SER B 85 -4.93 -13.33 -5.29
C SER B 85 -3.77 -13.86 -4.46
N ALA B 86 -2.55 -13.44 -4.79
CA ALA B 86 -1.35 -13.87 -4.07
C ALA B 86 -1.36 -13.38 -2.62
N SER B 87 -1.49 -12.05 -2.43
CA SER B 87 -1.53 -11.43 -1.11
C SER B 87 -1.25 -9.92 -1.23
N ILE B 88 -2.28 -9.18 -1.66
CA ILE B 88 -2.16 -7.73 -1.84
C ILE B 88 -2.07 -6.99 -0.50
N ARG B 89 -0.85 -6.96 0.06
CA ARG B 89 -0.61 -6.27 1.33
C ARG B 89 0.88 -6.28 1.69
N ASP B 90 1.44 -5.08 1.86
CA ASP B 90 2.86 -4.92 2.23
C ASP B 90 3.81 -5.37 1.11
N ALA B 91 4.19 -4.44 0.23
CA ALA B 91 5.10 -4.75 -0.87
C ALA B 91 5.78 -3.49 -1.43
N ASN B 92 6.06 -2.53 -0.54
CA ASN B 92 6.72 -1.28 -0.93
C ASN B 92 8.24 -1.45 -0.83
N LEU B 93 8.95 -1.03 -1.88
CA LEU B 93 10.41 -1.17 -1.91
C LEU B 93 11.17 0.15 -2.01
N TYR B 94 12.45 0.09 -1.64
CA TYR B 94 13.40 1.22 -1.66
C TYR B 94 14.68 0.87 -2.42
N VAL B 95 14.94 1.60 -3.50
CA VAL B 95 16.12 1.40 -4.33
C VAL B 95 16.93 2.69 -4.46
N SER B 96 18.14 2.68 -3.92
CA SER B 96 19.02 3.86 -3.98
C SER B 96 20.16 3.65 -4.96
N GLY B 97 20.79 4.74 -5.39
CA GLY B 97 21.89 4.66 -6.34
C GLY B 97 21.43 4.86 -7.77
N LEU B 98 20.40 5.68 -7.96
CA LEU B 98 19.87 5.96 -9.30
C LEU B 98 20.25 7.36 -9.76
N PRO B 99 20.38 7.55 -11.10
CA PRO B 99 20.73 8.86 -11.67
C PRO B 99 19.57 9.84 -11.69
N LYS B 100 19.89 11.14 -11.73
CA LYS B 100 18.86 12.18 -11.76
C LYS B 100 17.89 11.98 -12.92
N THR B 101 18.39 11.38 -14.01
CA THR B 101 17.56 11.12 -15.18
C THR B 101 16.92 9.73 -15.11
N MET B 102 16.73 9.19 -13.91
CA MET B 102 16.12 7.87 -13.73
C MET B 102 14.65 7.88 -14.14
N SER B 103 14.33 7.10 -15.16
CA SER B 103 12.98 7.02 -15.67
C SER B 103 12.19 5.91 -14.99
N GLN B 104 11.16 6.30 -14.26
CA GLN B 104 10.29 5.37 -13.53
C GLN B 104 9.97 4.13 -14.36
N LYS B 105 9.60 4.34 -15.64
CA LYS B 105 9.25 3.23 -16.53
C LYS B 105 10.34 2.15 -16.55
N GLU B 106 11.59 2.55 -16.72
CA GLU B 106 12.70 1.60 -16.73
C GLU B 106 12.69 0.79 -15.45
N MET B 107 12.57 1.47 -14.31
CA MET B 107 12.51 0.81 -13.01
C MET B 107 11.28 -0.09 -12.95
N GLU B 108 10.16 0.42 -13.51
CA GLU B 108 8.91 -0.34 -13.53
C GLU B 108 9.06 -1.58 -14.42
N GLN B 109 9.49 -1.39 -15.66
CA GLN B 109 9.71 -2.51 -16.58
C GLN B 109 10.75 -3.47 -16.02
N LEU B 110 11.72 -2.92 -15.28
CA LEU B 110 12.78 -3.72 -14.67
C LEU B 110 12.24 -4.63 -13.60
N PHE B 111 11.54 -4.05 -12.62
CA PHE B 111 10.98 -4.83 -11.53
C PHE B 111 9.77 -5.64 -12.01
N SER B 112 9.07 -5.15 -13.05
CA SER B 112 7.91 -5.85 -13.60
C SER B 112 8.25 -7.29 -13.95
N GLN B 113 9.38 -7.48 -14.66
CA GLN B 113 9.84 -8.82 -15.05
C GLN B 113 10.11 -9.68 -13.81
N TYR B 114 10.51 -9.02 -12.72
CA TYR B 114 10.79 -9.70 -11.45
C TYR B 114 9.50 -10.02 -10.71
N GLY B 115 8.58 -9.07 -10.68
CA GLY B 115 7.32 -9.25 -10.01
C GLY B 115 6.25 -8.29 -10.51
N ARG B 116 5.00 -8.71 -10.45
CA ARG B 116 3.91 -7.85 -10.90
C ARG B 116 3.82 -6.60 -10.01
N ILE B 117 4.43 -5.51 -10.45
CA ILE B 117 4.42 -4.29 -9.66
C ILE B 117 3.11 -3.53 -9.80
N ILE B 118 2.61 -3.01 -8.69
CA ILE B 118 1.40 -2.22 -8.69
C ILE B 118 1.72 -0.80 -9.14
N THR B 119 2.83 -0.26 -8.60
CA THR B 119 3.31 1.08 -8.94
C THR B 119 4.80 1.23 -8.60
N SER B 120 5.52 1.99 -9.42
CA SER B 120 6.96 2.24 -9.22
C SER B 120 7.25 3.72 -9.39
N ARG B 121 8.31 4.23 -8.73
CA ARG B 121 8.65 5.64 -8.85
C ARG B 121 10.01 6.00 -8.24
N ILE B 122 10.46 7.22 -8.53
CA ILE B 122 11.73 7.74 -8.04
C ILE B 122 11.51 9.13 -7.42
N LEU B 123 12.31 9.50 -6.43
CA LEU B 123 12.17 10.82 -5.79
C LEU B 123 13.36 11.72 -6.11
N LEU B 124 13.07 12.84 -6.78
CA LEU B 124 14.07 13.82 -7.18
C LEU B 124 13.39 15.17 -7.46
N ASP B 125 13.35 16.03 -6.46
CA ASP B 125 12.70 17.35 -6.60
C ASP B 125 13.75 18.48 -6.67
N GLN B 126 13.37 19.58 -7.31
CA GLN B 126 14.27 20.73 -7.43
C GLN B 126 13.50 22.06 -7.31
N ALA B 127 12.36 22.02 -6.60
CA ALA B 127 11.53 23.22 -6.41
C ALA B 127 10.54 23.05 -5.25
N THR B 128 9.75 21.97 -5.28
CA THR B 128 8.77 21.69 -4.24
C THR B 128 9.33 20.81 -3.11
N GLY B 129 10.53 20.25 -3.30
CA GLY B 129 11.13 19.40 -2.28
C GLY B 129 12.64 19.43 -2.30
N VAL B 130 13.24 18.28 -2.60
CA VAL B 130 14.71 18.16 -2.66
C VAL B 130 15.14 17.09 -3.67
N SER B 131 16.35 17.23 -4.19
CA SER B 131 16.90 16.29 -5.16
C SER B 131 17.49 15.07 -4.42
N ARG B 132 16.65 14.08 -4.17
CA ARG B 132 17.09 12.87 -3.46
C ARG B 132 17.81 11.91 -4.39
N GLY B 133 17.08 11.25 -5.29
CA GLY B 133 17.70 10.31 -6.22
C GLY B 133 17.53 8.86 -5.82
N VAL B 134 16.36 8.51 -5.30
CA VAL B 134 16.07 7.14 -4.89
C VAL B 134 14.81 6.63 -5.58
N GLY B 135 14.72 5.32 -5.76
CA GLY B 135 13.57 4.73 -6.41
C GLY B 135 12.81 3.78 -5.51
N PHE B 136 11.50 3.66 -5.73
CA PHE B 136 10.66 2.78 -4.93
C PHE B 136 9.76 1.94 -5.82
N ILE B 137 9.37 0.78 -5.31
CA ILE B 137 8.52 -0.13 -6.06
C ILE B 137 7.41 -0.71 -5.17
N ARG B 138 6.18 -0.67 -5.68
CA ARG B 138 5.03 -1.19 -4.96
C ARG B 138 4.58 -2.51 -5.59
N PHE B 139 5.12 -3.62 -5.10
CA PHE B 139 4.76 -4.94 -5.63
C PHE B 139 3.43 -5.44 -5.05
N ASP B 140 2.97 -6.58 -5.56
CA ASP B 140 1.74 -7.19 -5.08
C ASP B 140 1.96 -7.80 -3.69
N LYS B 141 3.05 -8.55 -3.57
CA LYS B 141 3.43 -9.22 -2.32
C LYS B 141 4.89 -8.93 -1.96
N ARG B 142 5.24 -9.10 -0.69
CA ARG B 142 6.61 -8.85 -0.23
C ARG B 142 7.57 -9.99 -0.60
N ILE B 143 7.13 -11.24 -0.47
CA ILE B 143 7.98 -12.39 -0.81
C ILE B 143 8.56 -12.26 -2.21
N GLU B 144 7.71 -11.88 -3.16
CA GLU B 144 8.16 -11.69 -4.54
C GLU B 144 9.20 -10.59 -4.57
N ALA B 145 8.89 -9.49 -3.89
CA ALA B 145 9.82 -8.36 -3.79
C ALA B 145 11.11 -8.80 -3.09
N GLU B 146 10.98 -9.53 -1.98
CA GLU B 146 12.13 -10.03 -1.25
C GLU B 146 13.01 -10.87 -2.16
N GLU B 147 12.43 -11.94 -2.72
CA GLU B 147 13.18 -12.80 -3.64
C GLU B 147 13.74 -11.96 -4.80
N ALA B 148 12.88 -11.11 -5.37
CA ALA B 148 13.28 -10.24 -6.47
C ALA B 148 14.46 -9.34 -6.07
N ILE B 149 14.34 -8.70 -4.89
CA ILE B 149 15.41 -7.82 -4.38
C ILE B 149 16.78 -8.48 -4.53
N LYS B 150 16.92 -9.71 -4.04
CA LYS B 150 18.18 -10.45 -4.13
C LYS B 150 18.61 -10.62 -5.59
N GLY B 151 17.64 -10.75 -6.49
CA GLY B 151 17.94 -10.90 -7.91
C GLY B 151 18.10 -9.56 -8.62
N LEU B 152 18.02 -8.45 -7.86
CA LEU B 152 18.17 -7.11 -8.43
C LEU B 152 19.39 -6.39 -7.85
N ASN B 153 19.50 -6.38 -6.52
CA ASN B 153 20.63 -5.71 -5.85
C ASN B 153 21.97 -6.31 -6.30
N GLY B 154 23.02 -5.49 -6.28
CA GLY B 154 24.33 -5.96 -6.69
C GLY B 154 25.36 -5.88 -5.58
N GLN B 155 26.42 -5.13 -5.84
CA GLN B 155 27.50 -4.94 -4.86
C GLN B 155 28.33 -3.70 -5.16
N LYS B 156 29.00 -3.17 -4.14
CA LYS B 156 29.85 -1.97 -4.29
C LYS B 156 31.33 -2.34 -4.32
N PRO B 157 31.92 -2.47 -5.53
CA PRO B 157 33.34 -2.82 -5.69
C PRO B 157 34.26 -1.64 -5.37
N LEU B 158 35.56 -1.92 -5.30
CA LEU B 158 36.56 -0.88 -5.01
C LEU B 158 36.40 0.33 -5.93
N GLY B 159 36.11 0.08 -7.20
CA GLY B 159 35.92 1.17 -8.15
C GLY B 159 34.50 1.72 -8.12
N ALA B 160 33.93 1.86 -6.93
CA ALA B 160 32.56 2.38 -6.78
C ALA B 160 32.25 2.75 -5.33
N ALA B 161 31.21 3.55 -5.14
CA ALA B 161 30.79 3.98 -3.81
C ALA B 161 29.44 3.36 -3.44
N GLU B 162 28.38 3.79 -4.14
CA GLU B 162 27.05 3.26 -3.89
C GLU B 162 26.33 2.95 -5.20
N PRO B 163 26.41 1.69 -5.67
CA PRO B 163 25.75 1.26 -6.90
C PRO B 163 24.28 0.92 -6.68
N ILE B 164 23.67 0.32 -7.69
CA ILE B 164 22.26 -0.06 -7.61
C ILE B 164 21.99 -0.89 -6.34
N THR B 165 21.32 -0.27 -5.38
CA THR B 165 21.00 -0.93 -4.11
C THR B 165 19.49 -0.88 -3.85
N VAL B 166 18.83 -2.03 -3.94
CA VAL B 166 17.39 -2.12 -3.72
C VAL B 166 17.06 -2.98 -2.50
N LYS B 167 16.15 -2.47 -1.67
CA LYS B 167 15.73 -3.19 -0.46
C LYS B 167 14.34 -2.72 0.00
N PHE B 168 13.78 -3.42 0.99
CA PHE B 168 12.46 -3.07 1.53
C PHE B 168 12.53 -1.75 2.29
N ALA B 169 11.37 -1.26 2.73
CA ALA B 169 11.32 -0.03 3.49
C ALA B 169 12.06 -0.19 4.82
N ASN B 170 13.06 0.67 5.02
CA ASN B 170 13.90 0.64 6.22
C ASN B 170 13.69 1.92 7.05
N ASN B 171 14.79 2.61 7.43
CA ASN B 171 14.71 3.83 8.22
C ASN B 171 14.16 3.56 9.63
N PRO B 172 15.03 3.17 10.57
CA PRO B 172 14.63 2.88 11.95
C PRO B 172 14.24 4.13 12.73
N SER B 173 12.93 4.36 12.87
CA SER B 173 12.42 5.52 13.59
C SER B 173 11.85 5.12 14.94
N GLN B 174 10.74 4.38 14.93
CA GLN B 174 10.08 3.92 16.15
C GLN B 174 10.41 2.46 16.44
N MET B 1 -27.99 4.88 -0.38
CA MET B 1 -27.70 3.42 -0.28
C MET B 1 -26.24 3.11 -0.58
N ASP B 2 -25.83 1.86 -0.37
CA ASP B 2 -24.46 1.44 -0.61
C ASP B 2 -24.17 1.26 -2.11
N SER B 3 -22.92 0.96 -2.43
CA SER B 3 -22.49 0.75 -3.83
C SER B 3 -20.99 0.45 -3.88
N LYS B 4 -20.18 1.43 -3.52
CA LYS B 4 -18.73 1.29 -3.53
C LYS B 4 -18.14 1.95 -2.28
N THR B 5 -17.91 3.26 -2.36
CA THR B 5 -17.38 4.03 -1.22
C THR B 5 -16.26 3.28 -0.48
N ASN B 6 -15.39 2.63 -1.25
CA ASN B 6 -14.27 1.86 -0.68
C ASN B 6 -13.08 2.79 -0.37
N LEU B 7 -13.29 3.76 0.52
CA LEU B 7 -12.23 4.69 0.90
C LEU B 7 -11.20 3.99 1.79
N ILE B 8 -9.96 3.87 1.30
CA ILE B 8 -8.91 3.20 2.05
C ILE B 8 -7.89 4.19 2.63
N VAL B 9 -7.75 4.16 3.95
CA VAL B 9 -6.81 5.02 4.66
C VAL B 9 -5.56 4.23 5.06
N ASN B 10 -4.48 4.42 4.31
CA ASN B 10 -3.23 3.71 4.58
C ASN B 10 -2.33 4.49 5.53
N TYR B 11 -1.19 3.89 5.88
CA TYR B 11 -0.22 4.53 6.78
C TYR B 11 -0.85 4.79 8.16
N LEU B 12 -1.64 3.83 8.64
CA LEU B 12 -2.30 3.95 9.94
C LEU B 12 -1.44 3.40 11.08
N PRO B 13 -1.68 3.86 12.33
CA PRO B 13 -0.92 3.39 13.50
C PRO B 13 -0.98 1.86 13.65
N GLN B 14 0.08 1.21 13.18
CA GLN B 14 0.19 -0.26 13.22
C GLN B 14 -0.25 -0.87 14.56
N ASN B 15 -0.05 -0.14 15.66
CA ASN B 15 -0.43 -0.65 16.99
C ASN B 15 -1.77 -0.10 17.49
N MET B 16 -2.50 0.62 16.65
CA MET B 16 -3.81 1.16 17.04
C MET B 16 -4.92 0.15 16.70
N THR B 17 -6.00 0.18 17.46
CA THR B 17 -7.12 -0.72 17.23
C THR B 17 -8.20 -0.07 16.36
N GLN B 18 -9.17 -0.89 15.93
CA GLN B 18 -10.26 -0.41 15.08
C GLN B 18 -11.21 0.54 15.83
N ASP B 19 -11.53 0.20 17.08
CA ASP B 19 -12.43 1.02 17.89
C ASP B 19 -11.93 2.47 17.97
N GLU B 20 -10.71 2.66 18.47
CA GLU B 20 -10.12 4.00 18.59
C GLU B 20 -10.10 4.70 17.24
N PHE B 21 -9.70 3.97 16.19
CA PHE B 21 -9.66 4.50 14.83
C PHE B 21 -11.01 5.11 14.44
N LYS B 22 -12.10 4.44 14.84
CA LYS B 22 -13.46 4.92 14.55
C LYS B 22 -13.64 6.34 15.07
N SER B 23 -13.24 6.56 16.33
CA SER B 23 -13.36 7.87 16.97
C SER B 23 -12.74 8.98 16.13
N LEU B 24 -11.51 8.77 15.65
CA LEU B 24 -10.80 9.75 14.83
C LEU B 24 -11.69 10.27 13.69
N PHE B 25 -12.12 9.36 12.82
CA PHE B 25 -12.98 9.74 11.69
C PHE B 25 -14.41 10.06 12.15
N GLY B 26 -14.82 9.53 13.31
CA GLY B 26 -16.16 9.78 13.82
C GLY B 26 -16.57 11.23 13.76
N SER B 27 -15.64 12.14 14.03
CA SER B 27 -15.91 13.58 13.99
C SER B 27 -15.66 14.19 12.60
N ILE B 28 -16.23 13.56 11.56
CA ILE B 28 -16.05 14.04 10.19
C ILE B 28 -17.39 14.10 9.43
N GLY B 29 -18.16 13.02 9.49
CA GLY B 29 -19.45 12.98 8.81
C GLY B 29 -20.25 11.73 9.17
N ASP B 30 -21.25 11.41 8.34
CA ASP B 30 -22.08 10.23 8.59
C ASP B 30 -21.39 8.97 8.06
N ILE B 31 -20.53 8.40 8.88
CA ILE B 31 -19.79 7.19 8.52
C ILE B 31 -20.69 5.96 8.50
N GLU B 32 -21.29 5.70 7.33
CA GLU B 32 -22.19 4.56 7.13
C GLU B 32 -21.55 3.26 7.64
N SER B 33 -20.25 3.11 7.39
CA SER B 33 -19.52 1.91 7.83
C SER B 33 -18.01 2.06 7.59
N CYS B 34 -17.24 1.10 8.12
CA CYS B 34 -15.78 1.12 7.97
C CYS B 34 -15.22 -0.30 7.83
N LYS B 35 -13.91 -0.39 7.61
CA LYS B 35 -13.23 -1.68 7.46
C LYS B 35 -11.74 -1.56 7.77
N LEU B 36 -11.09 -2.70 7.99
CA LEU B 36 -9.66 -2.74 8.29
C LEU B 36 -9.04 -4.03 7.77
N VAL B 37 -7.95 -3.90 7.00
CA VAL B 37 -7.27 -5.06 6.43
C VAL B 37 -6.56 -5.87 7.53
N ARG B 38 -7.31 -6.70 8.23
CA ARG B 38 -6.76 -7.53 9.31
C ARG B 38 -6.90 -9.02 8.96
N ASP B 39 -5.81 -9.77 9.16
CA ASP B 39 -5.78 -11.20 8.87
C ASP B 39 -6.19 -12.03 10.09
N LYS B 40 -6.65 -13.26 9.84
CA LYS B 40 -7.08 -14.17 10.90
C LYS B 40 -6.18 -15.40 11.01
N ILE B 41 -4.90 -15.24 10.68
CA ILE B 41 -3.93 -16.35 10.75
C ILE B 41 -2.64 -15.93 11.45
N THR B 42 -1.99 -14.90 10.91
CA THR B 42 -0.74 -14.39 11.48
C THR B 42 -1.03 -13.35 12.56
N GLY B 43 -1.96 -12.45 12.28
CA GLY B 43 -2.34 -11.42 13.23
C GLY B 43 -1.23 -10.42 13.50
N GLN B 44 -0.63 -9.89 12.42
CA GLN B 44 0.45 -8.92 12.53
C GLN B 44 -0.07 -7.49 12.32
N SER B 45 -1.05 -7.33 11.43
CA SER B 45 -1.64 -6.01 11.12
C SER B 45 -0.71 -5.19 10.22
N LEU B 46 -1.18 -4.86 9.02
CA LEU B 46 -0.38 -4.09 8.07
C LEU B 46 -0.39 -2.59 8.41
N GLY B 47 -1.42 -1.87 7.98
CA GLY B 47 -1.48 -0.43 8.29
C GLY B 47 -2.42 0.36 7.38
N TYR B 48 -3.68 -0.05 7.31
CA TYR B 48 -4.67 0.64 6.50
C TYR B 48 -6.11 0.31 6.92
N GLY B 49 -6.97 1.33 6.86
CA GLY B 49 -8.37 1.17 7.22
C GLY B 49 -9.29 1.65 6.11
N PHE B 50 -10.59 1.36 6.21
CA PHE B 50 -11.54 1.78 5.18
C PHE B 50 -12.76 2.47 5.77
N VAL B 51 -13.30 3.40 5.00
CA VAL B 51 -14.48 4.15 5.40
C VAL B 51 -15.51 4.14 4.26
N ASN B 52 -16.71 3.67 4.56
CA ASN B 52 -17.78 3.61 3.57
C ASN B 52 -18.86 4.62 3.89
N TYR B 53 -18.84 5.75 3.19
CA TYR B 53 -19.82 6.82 3.41
C TYR B 53 -21.09 6.58 2.57
N SER B 54 -22.08 7.45 2.74
CA SER B 54 -23.34 7.33 2.00
C SER B 54 -23.30 8.10 0.69
N ASP B 55 -22.91 9.37 0.74
CA ASP B 55 -22.84 10.22 -0.46
C ASP B 55 -21.40 10.63 -0.79
N PRO B 56 -21.20 11.22 -1.99
CA PRO B 56 -19.86 11.67 -2.44
C PRO B 56 -19.36 12.88 -1.65
N ASN B 57 -20.27 13.77 -1.26
CA ASN B 57 -19.92 14.97 -0.49
C ASN B 57 -19.06 14.61 0.73
N ASP B 58 -19.61 13.77 1.60
CA ASP B 58 -18.88 13.34 2.79
C ASP B 58 -17.64 12.54 2.40
N ALA B 59 -17.69 11.88 1.24
CA ALA B 59 -16.58 11.09 0.72
C ALA B 59 -15.43 12.01 0.27
N ASP B 60 -15.77 13.06 -0.49
CA ASP B 60 -14.75 13.99 -0.96
C ASP B 60 -14.24 14.85 0.20
N LYS B 61 -15.16 15.29 1.07
CA LYS B 61 -14.76 16.09 2.24
C LYS B 61 -13.73 15.34 3.08
N ALA B 62 -13.88 14.01 3.14
CA ALA B 62 -12.93 13.17 3.87
C ALA B 62 -11.54 13.37 3.27
N ILE B 63 -11.43 13.15 1.96
CA ILE B 63 -10.17 13.36 1.23
C ILE B 63 -9.76 14.83 1.40
N ASN B 64 -10.73 15.72 1.21
CA ASN B 64 -10.52 17.16 1.34
C ASN B 64 -9.75 17.52 2.62
N THR B 65 -9.86 16.70 3.66
CA THR B 65 -9.18 16.98 4.93
C THR B 65 -8.23 15.86 5.38
N LEU B 66 -8.57 14.58 5.12
CA LEU B 66 -7.72 13.47 5.55
C LEU B 66 -6.80 12.93 4.43
N ASN B 67 -6.71 13.64 3.31
CA ASN B 67 -5.84 13.20 2.21
C ASN B 67 -4.44 13.80 2.36
N GLY B 68 -3.82 13.59 3.52
CA GLY B 68 -2.47 14.12 3.76
C GLY B 68 -2.24 14.56 5.20
N LEU B 69 -2.63 13.73 6.15
CA LEU B 69 -2.42 14.04 7.57
C LEU B 69 -1.07 13.51 8.05
N LYS B 70 -0.09 14.41 8.17
CA LYS B 70 1.26 14.02 8.59
C LYS B 70 1.37 13.89 10.12
N LEU B 71 1.70 12.68 10.58
CA LEU B 71 1.87 12.40 11.99
C LEU B 71 3.36 12.32 12.34
N GLN B 72 3.66 12.28 13.64
CA GLN B 72 5.06 12.16 14.08
C GLN B 72 5.73 10.93 13.48
N THR B 73 4.91 9.92 13.16
CA THR B 73 5.42 8.68 12.56
C THR B 73 5.31 8.72 11.03
N LYS B 74 4.08 8.88 10.53
CA LYS B 74 3.84 8.93 9.09
C LYS B 74 2.61 9.78 8.74
N THR B 75 2.29 9.82 7.45
CA THR B 75 1.17 10.61 6.95
C THR B 75 -0.05 9.74 6.62
N ILE B 76 -1.22 10.14 7.12
CA ILE B 76 -2.46 9.41 6.89
C ILE B 76 -3.15 9.94 5.64
N LYS B 77 -3.53 9.03 4.73
CA LYS B 77 -4.19 9.42 3.48
C LYS B 77 -5.34 8.46 3.11
N VAL B 78 -6.53 9.03 2.92
CA VAL B 78 -7.71 8.26 2.54
C VAL B 78 -7.86 8.22 1.01
N SER B 79 -7.43 7.12 0.41
CA SER B 79 -7.51 6.99 -1.05
C SER B 79 -8.57 5.98 -1.48
N TYR B 80 -8.85 5.95 -2.77
CA TYR B 80 -9.83 5.03 -3.35
C TYR B 80 -9.17 3.70 -3.70
N ALA B 81 -9.52 2.65 -2.96
CA ALA B 81 -8.97 1.34 -3.22
C ALA B 81 -9.66 0.71 -4.44
N ARG B 82 -8.98 0.76 -5.59
CA ARG B 82 -9.51 0.23 -6.84
C ARG B 82 -9.80 -1.27 -6.75
N PRO B 83 -11.09 -1.66 -6.84
CA PRO B 83 -11.51 -3.07 -6.77
C PRO B 83 -10.76 -3.95 -7.78
N SER B 84 -9.64 -4.51 -7.33
CA SER B 84 -8.79 -5.34 -8.17
C SER B 84 -8.56 -6.71 -7.54
N SER B 85 -8.00 -6.72 -6.31
CA SER B 85 -7.71 -7.95 -5.60
C SER B 85 -6.78 -8.86 -6.42
N ALA B 86 -6.76 -10.15 -6.09
CA ALA B 86 -5.93 -11.12 -6.80
C ALA B 86 -4.43 -10.79 -6.71
N SER B 87 -3.86 -10.95 -5.51
CA SER B 87 -2.44 -10.71 -5.27
C SER B 87 -2.03 -9.25 -5.48
N ILE B 88 -2.78 -8.32 -4.86
CA ILE B 88 -2.47 -6.90 -4.95
C ILE B 88 -1.94 -6.37 -3.61
N ARG B 89 -0.62 -6.25 -3.49
CA ARG B 89 -0.02 -5.77 -2.25
C ARG B 89 1.46 -5.43 -2.40
N ASP B 90 1.77 -4.14 -2.22
CA ASP B 90 3.15 -3.63 -2.30
C ASP B 90 3.86 -3.98 -3.61
N ALA B 91 3.79 -3.06 -4.58
CA ALA B 91 4.46 -3.25 -5.87
C ALA B 91 5.27 -2.00 -6.23
N ASN B 92 6.15 -1.61 -5.30
CA ASN B 92 7.00 -0.43 -5.45
C ASN B 92 8.27 -0.73 -6.27
N LEU B 93 8.61 0.18 -7.19
CA LEU B 93 9.80 0.00 -8.02
C LEU B 93 10.76 1.19 -7.98
N TYR B 94 12.06 0.88 -7.95
CA TYR B 94 13.16 1.86 -7.94
C TYR B 94 13.84 1.96 -9.31
N VAL B 95 13.88 3.17 -9.87
CA VAL B 95 14.51 3.41 -11.18
C VAL B 95 15.50 4.58 -11.13
N SER B 96 16.74 4.34 -11.52
CA SER B 96 17.77 5.39 -11.52
C SER B 96 18.45 5.51 -12.88
N GLY B 97 19.04 6.68 -13.13
CA GLY B 97 19.72 6.92 -14.39
C GLY B 97 18.89 7.75 -15.35
N LEU B 98 18.06 8.64 -14.80
CA LEU B 98 17.20 9.50 -15.61
C LEU B 98 17.68 10.95 -15.59
N PRO B 99 17.29 11.75 -16.60
CA PRO B 99 17.68 13.17 -16.69
C PRO B 99 16.96 14.02 -15.65
N LYS B 100 17.41 15.27 -15.48
CA LYS B 100 16.79 16.17 -14.53
C LYS B 100 15.37 16.53 -14.96
N THR B 101 15.18 16.74 -16.27
CA THR B 101 13.87 17.06 -16.81
C THR B 101 13.03 15.78 -16.97
N MET B 102 12.97 14.99 -15.90
CA MET B 102 12.22 13.74 -15.90
C MET B 102 10.72 14.00 -15.75
N SER B 103 9.96 13.53 -16.73
CA SER B 103 8.51 13.70 -16.73
C SER B 103 7.82 12.51 -16.08
N GLN B 104 7.21 12.77 -14.92
CA GLN B 104 6.50 11.72 -14.16
C GLN B 104 5.51 10.97 -15.05
N LYS B 105 4.73 11.72 -15.84
CA LYS B 105 3.75 11.10 -16.75
C LYS B 105 4.44 10.18 -17.75
N GLU B 106 5.60 10.59 -18.25
CA GLU B 106 6.36 9.76 -19.19
C GLU B 106 6.73 8.44 -18.50
N MET B 107 7.22 8.55 -17.27
CA MET B 107 7.58 7.36 -16.48
C MET B 107 6.34 6.49 -16.28
N GLU B 108 5.20 7.12 -16.01
CA GLU B 108 3.94 6.40 -15.81
C GLU B 108 3.51 5.75 -17.13
N GLN B 109 3.44 6.54 -18.20
CA GLN B 109 3.06 6.03 -19.51
C GLN B 109 4.03 4.93 -19.97
N LEU B 110 5.29 5.02 -19.55
CA LEU B 110 6.30 4.05 -19.90
C LEU B 110 6.01 2.69 -19.25
N PHE B 111 5.86 2.71 -17.92
CA PHE B 111 5.58 1.47 -17.19
C PHE B 111 4.11 1.07 -17.33
N SER B 112 3.22 2.06 -17.56
CA SER B 112 1.78 1.79 -17.72
C SER B 112 1.53 0.72 -18.79
N GLN B 113 2.16 0.92 -19.96
CA GLN B 113 2.02 -0.05 -21.07
C GLN B 113 2.46 -1.45 -20.63
N TYR B 114 3.38 -1.51 -19.66
CA TYR B 114 3.86 -2.77 -19.11
C TYR B 114 2.87 -3.32 -18.10
N GLY B 115 2.45 -2.48 -17.17
CA GLY B 115 1.48 -2.87 -16.16
C GLY B 115 0.79 -1.67 -15.54
N ARG B 116 -0.52 -1.78 -15.33
CA ARG B 116 -1.29 -0.68 -14.75
C ARG B 116 -0.64 -0.21 -13.44
N ILE B 117 0.08 0.91 -13.50
CA ILE B 117 0.77 1.45 -12.31
C ILE B 117 -0.20 2.20 -11.40
N ILE B 118 0.10 2.21 -10.11
CA ILE B 118 -0.71 2.90 -9.13
C ILE B 118 -0.15 4.30 -8.87
N THR B 119 1.15 4.36 -8.54
CA THR B 119 1.81 5.64 -8.28
C THR B 119 3.24 5.65 -8.83
N SER B 120 3.51 6.51 -9.80
CA SER B 120 4.84 6.62 -10.40
C SER B 120 5.37 8.04 -10.25
N ARG B 121 6.60 8.19 -9.75
CA ARG B 121 7.18 9.51 -9.56
C ARG B 121 8.71 9.50 -9.48
N ILE B 122 9.30 10.70 -9.49
CA ILE B 122 10.75 10.89 -9.42
C ILE B 122 11.11 11.85 -8.28
N LEU B 123 11.95 11.39 -7.34
CA LEU B 123 12.35 12.22 -6.20
C LEU B 123 13.47 13.21 -6.59
N LEU B 124 13.07 14.47 -6.76
CA LEU B 124 14.00 15.53 -7.14
C LEU B 124 13.42 16.91 -6.80
N ASP B 125 13.73 17.43 -5.61
CA ASP B 125 13.23 18.74 -5.20
C ASP B 125 14.35 19.67 -4.76
N GLN B 126 14.19 20.96 -5.04
CA GLN B 126 15.19 21.96 -4.67
C GLN B 126 14.55 23.15 -3.93
N ALA B 127 13.40 22.90 -3.29
CA ALA B 127 12.69 23.94 -2.55
C ALA B 127 12.34 23.47 -1.13
N THR B 128 11.61 22.37 -1.04
CA THR B 128 11.20 21.83 0.26
C THR B 128 11.57 20.35 0.44
N GLY B 129 11.94 19.66 -0.65
CA GLY B 129 12.29 18.25 -0.55
C GLY B 129 13.79 18.01 -0.56
N VAL B 130 14.27 17.30 -1.58
CA VAL B 130 15.70 16.99 -1.69
C VAL B 130 16.10 16.75 -3.15
N SER B 131 17.35 17.08 -3.47
CA SER B 131 17.87 16.90 -4.83
C SER B 131 18.44 15.48 -4.99
N ARG B 132 17.56 14.50 -5.16
CA ARG B 132 17.96 13.11 -5.31
C ARG B 132 18.17 12.74 -6.80
N GLY B 133 17.08 12.58 -7.54
CA GLY B 133 17.20 12.25 -8.96
C GLY B 133 16.91 10.79 -9.30
N VAL B 134 15.99 10.17 -8.56
CA VAL B 134 15.61 8.78 -8.83
C VAL B 134 14.11 8.68 -9.12
N GLY B 135 13.72 7.61 -9.79
CA GLY B 135 12.32 7.43 -10.15
C GLY B 135 11.73 6.16 -9.57
N PHE B 136 10.44 6.20 -9.27
CA PHE B 136 9.73 5.05 -8.73
C PHE B 136 8.43 4.81 -9.46
N ILE B 137 8.05 3.54 -9.51
CA ILE B 137 6.81 3.14 -10.17
C ILE B 137 6.08 2.08 -9.34
N ARG B 138 5.05 2.50 -8.61
CA ARG B 138 4.29 1.56 -7.78
C ARG B 138 3.20 0.87 -8.59
N PHE B 139 3.41 -0.41 -8.87
CA PHE B 139 2.45 -1.22 -9.63
C PHE B 139 1.38 -1.80 -8.71
N ASP B 140 0.39 -2.46 -9.32
CA ASP B 140 -0.69 -3.09 -8.58
C ASP B 140 -0.24 -4.46 -8.05
N LYS B 141 0.17 -5.32 -8.99
CA LYS B 141 0.64 -6.67 -8.64
C LYS B 141 2.17 -6.75 -8.74
N ARG B 142 2.82 -7.07 -7.63
CA ARG B 142 4.29 -7.17 -7.59
C ARG B 142 4.81 -8.04 -8.76
N ILE B 143 4.12 -9.14 -9.05
CA ILE B 143 4.52 -10.03 -10.15
C ILE B 143 4.56 -9.31 -11.49
N GLU B 144 3.63 -8.37 -11.71
CA GLU B 144 3.63 -7.60 -12.95
C GLU B 144 4.92 -6.79 -13.01
N ALA B 145 5.22 -6.12 -11.91
CA ALA B 145 6.46 -5.35 -11.80
C ALA B 145 7.64 -6.30 -11.88
N GLU B 146 7.50 -7.46 -11.23
CA GLU B 146 8.53 -8.50 -11.26
C GLU B 146 8.87 -8.85 -12.71
N GLU B 147 7.85 -9.27 -13.47
CA GLU B 147 8.04 -9.59 -14.88
C GLU B 147 8.55 -8.36 -15.64
N ALA B 148 7.95 -7.20 -15.36
CA ALA B 148 8.37 -5.95 -15.99
C ALA B 148 9.84 -5.65 -15.68
N ILE B 149 10.23 -5.82 -14.41
CA ILE B 149 11.62 -5.59 -13.98
C ILE B 149 12.62 -6.20 -14.97
N LYS B 150 12.43 -7.49 -15.28
CA LYS B 150 13.34 -8.19 -16.22
C LYS B 150 13.21 -7.63 -17.64
N GLY B 151 12.05 -7.07 -17.97
CA GLY B 151 11.85 -6.49 -19.30
C GLY B 151 12.10 -4.99 -19.33
N LEU B 152 12.73 -4.46 -18.28
CA LEU B 152 13.02 -3.02 -18.19
C LEU B 152 14.42 -2.76 -17.65
N ASN B 153 14.80 -3.49 -16.60
CA ASN B 153 16.13 -3.33 -15.97
C ASN B 153 17.26 -3.29 -17.00
N GLY B 154 18.37 -2.66 -16.62
CA GLY B 154 19.52 -2.54 -17.47
C GLY B 154 20.77 -2.99 -16.75
N GLN B 155 21.23 -4.15 -17.11
CA GLN B 155 22.42 -4.74 -16.50
C GLN B 155 23.69 -4.13 -17.11
N LYS B 156 24.57 -3.62 -16.25
CA LYS B 156 25.81 -2.99 -16.69
C LYS B 156 26.88 -4.03 -17.02
N PRO B 157 27.18 -4.22 -18.33
CA PRO B 157 28.19 -5.18 -18.79
C PRO B 157 29.62 -4.65 -18.63
N LEU B 158 30.61 -5.52 -18.83
CA LEU B 158 32.01 -5.14 -18.71
C LEU B 158 32.32 -3.90 -19.53
N GLY B 159 32.59 -2.79 -18.84
CA GLY B 159 32.88 -1.53 -19.50
C GLY B 159 31.79 -0.48 -19.28
N ALA B 160 30.63 -0.92 -18.77
CA ALA B 160 29.52 0.00 -18.52
C ALA B 160 29.44 0.41 -17.05
N ALA B 161 29.06 1.66 -16.80
CA ALA B 161 28.95 2.18 -15.44
C ALA B 161 27.55 1.96 -14.88
N GLU B 162 26.55 2.52 -15.56
CA GLU B 162 25.15 2.38 -15.13
C GLU B 162 24.17 2.68 -16.28
N PRO B 163 23.98 1.70 -17.19
CA PRO B 163 23.07 1.85 -18.33
C PRO B 163 21.64 1.45 -17.99
N ILE B 164 20.84 2.44 -17.54
CA ILE B 164 19.43 2.25 -17.15
C ILE B 164 19.27 1.19 -16.05
N THR B 165 18.86 1.63 -14.87
CA THR B 165 18.67 0.71 -13.75
C THR B 165 17.33 0.87 -13.06
N VAL B 166 16.46 -0.12 -13.26
CA VAL B 166 15.13 -0.17 -12.67
C VAL B 166 14.90 -1.56 -12.08
N LYS B 167 14.72 -1.63 -10.77
CA LYS B 167 14.51 -2.93 -10.11
C LYS B 167 13.86 -2.79 -8.74
N PHE B 168 13.54 -3.92 -8.12
CA PHE B 168 12.95 -3.93 -6.79
C PHE B 168 13.83 -3.17 -5.80
N ALA B 169 13.22 -2.33 -4.97
CA ALA B 169 13.97 -1.55 -3.99
C ALA B 169 14.86 -2.44 -3.12
N ASN B 170 16.17 -2.23 -3.20
CA ASN B 170 17.14 -3.01 -2.42
C ASN B 170 17.07 -2.63 -0.93
N ASN B 171 15.89 -2.79 -0.32
CA ASN B 171 15.71 -2.45 1.09
C ASN B 171 15.64 -3.71 1.96
N PRO B 172 16.72 -4.00 2.70
CA PRO B 172 16.78 -5.18 3.58
C PRO B 172 16.13 -4.94 4.94
N SER B 173 15.10 -5.73 5.25
CA SER B 173 14.39 -5.61 6.53
C SER B 173 15.15 -6.29 7.67
N GLN B 174 15.82 -7.41 7.36
CA GLN B 174 16.59 -8.16 8.35
C GLN B 174 17.61 -9.08 7.68
N MET B 1 -16.62 -11.39 2.80
CA MET B 1 -17.36 -10.39 1.98
C MET B 1 -16.50 -9.16 1.70
N ASP B 2 -16.63 -8.59 0.50
CA ASP B 2 -15.86 -7.42 0.11
C ASP B 2 -16.42 -6.13 0.74
N SER B 3 -15.67 -5.57 1.69
CA SER B 3 -16.08 -4.34 2.37
C SER B 3 -16.18 -3.17 1.39
N LYS B 4 -16.99 -2.17 1.75
CA LYS B 4 -17.17 -1.00 0.89
C LYS B 4 -16.62 0.26 1.55
N THR B 5 -17.24 0.66 2.67
CA THR B 5 -16.81 1.86 3.40
C THR B 5 -15.55 1.57 4.22
N ASN B 6 -14.50 1.11 3.54
CA ASN B 6 -13.23 0.79 4.18
C ASN B 6 -12.12 1.77 3.77
N LEU B 7 -11.92 2.79 4.60
CA LEU B 7 -10.89 3.80 4.33
C LEU B 7 -9.60 3.45 5.07
N ILE B 8 -8.50 3.31 4.33
CA ILE B 8 -7.22 2.97 4.94
C ILE B 8 -6.26 4.16 4.96
N VAL B 9 -5.76 4.47 6.15
CA VAL B 9 -4.83 5.57 6.33
C VAL B 9 -3.41 5.01 6.43
N ASN B 10 -2.72 4.97 5.30
CA ASN B 10 -1.36 4.44 5.24
C ASN B 10 -0.32 5.46 5.70
N TYR B 11 0.77 4.94 6.29
CA TYR B 11 1.86 5.78 6.77
C TYR B 11 1.48 6.52 8.06
N LEU B 12 1.23 5.73 9.11
CA LEU B 12 0.86 6.29 10.41
C LEU B 12 2.11 6.74 11.17
N PRO B 13 1.95 7.66 12.13
CA PRO B 13 3.08 8.15 12.94
C PRO B 13 3.80 7.01 13.67
N GLN B 14 4.88 6.53 13.05
CA GLN B 14 5.68 5.42 13.58
C GLN B 14 5.94 5.50 15.09
N ASN B 15 6.03 6.72 15.62
CA ASN B 15 6.30 6.91 17.06
C ASN B 15 5.04 7.25 17.87
N MET B 16 4.00 7.79 17.21
CA MET B 16 2.76 8.15 17.90
C MET B 16 1.98 6.93 18.37
N THR B 17 1.02 7.15 19.26
CA THR B 17 0.19 6.08 19.80
C THR B 17 -1.22 6.08 19.18
N GLN B 18 -2.02 5.07 19.52
CA GLN B 18 -3.38 4.95 18.99
C GLN B 18 -4.34 5.94 19.65
N ASP B 19 -4.21 6.13 20.96
CA ASP B 19 -5.07 7.07 21.69
C ASP B 19 -5.06 8.45 21.02
N GLU B 20 -3.85 8.94 20.72
CA GLU B 20 -3.69 10.23 20.05
C GLU B 20 -4.37 10.22 18.69
N PHE B 21 -4.02 9.22 17.88
CA PHE B 21 -4.58 9.07 16.53
C PHE B 21 -6.12 9.15 16.55
N LYS B 22 -6.73 8.43 17.51
CA LYS B 22 -8.19 8.43 17.64
C LYS B 22 -8.75 9.85 17.66
N SER B 23 -8.16 10.69 18.52
CA SER B 23 -8.60 12.09 18.66
C SER B 23 -8.53 12.85 17.33
N LEU B 24 -7.39 12.76 16.65
CA LEU B 24 -7.18 13.45 15.36
C LEU B 24 -8.37 13.24 14.43
N PHE B 25 -8.73 11.97 14.18
CA PHE B 25 -9.87 11.66 13.33
C PHE B 25 -11.19 11.81 14.08
N GLY B 26 -11.15 11.54 15.39
CA GLY B 26 -12.34 11.67 16.23
C GLY B 26 -12.96 13.05 16.16
N SER B 27 -12.12 14.09 16.23
CA SER B 27 -12.59 15.47 16.17
C SER B 27 -12.98 15.85 14.73
N ILE B 28 -13.86 15.05 14.12
CA ILE B 28 -14.32 15.29 12.76
C ILE B 28 -15.83 15.06 12.63
N GLY B 29 -16.29 13.92 13.11
CA GLY B 29 -17.71 13.59 13.04
C GLY B 29 -18.01 12.17 13.46
N ASP B 30 -19.07 11.58 12.90
CA ASP B 30 -19.45 10.21 13.22
C ASP B 30 -18.53 9.19 12.54
N ILE B 31 -17.73 8.50 13.33
CA ILE B 31 -16.82 7.49 12.81
C ILE B 31 -17.27 6.09 13.23
N GLU B 32 -18.07 5.48 12.37
CA GLU B 32 -18.61 4.12 12.61
C GLU B 32 -17.57 3.19 13.26
N SER B 33 -16.30 3.32 12.86
CA SER B 33 -15.24 2.48 13.42
C SER B 33 -13.86 2.83 12.87
N CYS B 34 -12.81 2.41 13.59
CA CYS B 34 -11.43 2.68 13.18
C CYS B 34 -10.50 1.53 13.59
N LYS B 35 -9.33 1.47 12.95
CA LYS B 35 -8.34 0.42 13.24
C LYS B 35 -6.92 0.92 12.92
N LEU B 36 -5.92 0.22 13.46
CA LEU B 36 -4.52 0.58 13.24
C LEU B 36 -3.64 -0.67 13.13
N VAL B 37 -2.75 -0.70 12.14
CA VAL B 37 -1.86 -1.85 11.95
C VAL B 37 -0.39 -1.43 11.92
N ARG B 38 0.35 -1.93 12.91
CA ARG B 38 1.78 -1.64 13.05
C ARG B 38 2.47 -2.79 13.81
N ASP B 39 3.40 -3.48 13.15
CA ASP B 39 4.10 -4.59 13.78
C ASP B 39 5.32 -4.12 14.59
N LYS B 40 5.61 -4.89 15.64
CA LYS B 40 6.73 -4.62 16.53
C LYS B 40 7.26 -5.93 17.14
N ILE B 41 7.09 -7.04 16.41
CA ILE B 41 7.53 -8.36 16.88
C ILE B 41 8.45 -9.05 15.87
N THR B 42 8.07 -9.03 14.59
CA THR B 42 8.85 -9.68 13.54
C THR B 42 9.79 -8.69 12.84
N GLY B 43 9.27 -7.53 12.47
CA GLY B 43 10.06 -6.52 11.80
C GLY B 43 9.43 -5.98 10.52
N GLN B 44 8.11 -5.83 10.53
CA GLN B 44 7.37 -5.30 9.38
C GLN B 44 7.20 -3.79 9.51
N SER B 45 6.79 -3.36 10.71
CA SER B 45 6.58 -1.94 11.04
C SER B 45 6.02 -1.12 9.87
N LEU B 46 4.82 -1.48 9.42
CA LEU B 46 4.18 -0.74 8.32
C LEU B 46 3.54 0.55 8.86
N GLY B 47 2.63 0.40 9.82
CA GLY B 47 1.98 1.55 10.44
C GLY B 47 0.93 2.20 9.56
N TYR B 48 -0.31 1.72 9.65
CA TYR B 48 -1.41 2.29 8.89
C TYR B 48 -2.73 2.14 9.63
N GLY B 49 -3.66 3.06 9.37
CA GLY B 49 -4.95 3.03 10.05
C GLY B 49 -6.11 2.75 9.12
N PHE B 50 -7.29 2.54 9.69
CA PHE B 50 -8.48 2.25 8.90
C PHE B 50 -9.69 2.96 9.49
N VAL B 51 -10.49 3.58 8.64
CA VAL B 51 -11.67 4.31 9.12
C VAL B 51 -12.94 3.82 8.44
N ASN B 52 -13.91 3.41 9.26
CA ASN B 52 -15.20 2.93 8.78
C ASN B 52 -16.25 4.03 8.92
N TYR B 53 -16.72 4.56 7.79
CA TYR B 53 -17.72 5.62 7.81
C TYR B 53 -19.05 5.14 7.25
N SER B 54 -20.14 5.53 7.91
CA SER B 54 -21.49 5.16 7.45
C SER B 54 -21.88 6.01 6.23
N ASP B 55 -21.26 7.19 6.10
CA ASP B 55 -21.54 8.09 5.00
C ASP B 55 -20.32 8.25 4.08
N PRO B 56 -20.49 8.00 2.77
CA PRO B 56 -19.40 8.11 1.79
C PRO B 56 -18.91 9.55 1.62
N ASN B 57 -19.86 10.51 1.68
CA ASN B 57 -19.56 11.93 1.54
C ASN B 57 -18.39 12.35 2.43
N ASP B 58 -18.58 12.26 3.74
CA ASP B 58 -17.54 12.63 4.68
C ASP B 58 -16.28 11.78 4.46
N ALA B 59 -16.47 10.54 3.99
CA ALA B 59 -15.34 9.67 3.70
C ALA B 59 -14.50 10.28 2.59
N ASP B 60 -15.16 10.68 1.50
CA ASP B 60 -14.44 11.33 0.39
C ASP B 60 -14.03 12.73 0.81
N LYS B 61 -14.91 13.42 1.53
CA LYS B 61 -14.62 14.77 2.04
C LYS B 61 -13.35 14.74 2.87
N ALA B 62 -13.25 13.76 3.78
CA ALA B 62 -12.07 13.61 4.62
C ALA B 62 -10.79 13.59 3.79
N ILE B 63 -10.86 12.92 2.64
CA ILE B 63 -9.72 12.85 1.73
C ILE B 63 -9.15 14.24 1.45
N ASN B 64 -10.04 15.22 1.27
CA ASN B 64 -9.61 16.61 1.03
C ASN B 64 -8.89 17.22 2.25
N THR B 65 -8.80 16.48 3.35
CA THR B 65 -8.14 16.98 4.56
C THR B 65 -7.02 16.02 5.05
N LEU B 66 -7.29 14.72 5.05
CA LEU B 66 -6.30 13.74 5.52
C LEU B 66 -5.54 13.04 4.38
N ASN B 67 -5.82 13.40 3.13
CA ASN B 67 -5.14 12.79 2.00
C ASN B 67 -3.86 13.56 1.63
N GLY B 68 -2.95 13.71 2.60
CA GLY B 68 -1.69 14.42 2.32
C GLY B 68 -1.09 15.12 3.53
N LEU B 69 -1.25 14.54 4.72
CA LEU B 69 -0.68 15.13 5.93
C LEU B 69 0.73 14.58 6.17
N LYS B 70 1.73 15.44 5.97
CA LYS B 70 3.13 15.05 6.16
C LYS B 70 3.47 14.91 7.65
N LEU B 71 3.89 13.71 8.05
CA LEU B 71 4.26 13.44 9.44
C LEU B 71 5.76 13.63 9.63
N GLN B 72 6.22 13.50 10.88
CA GLN B 72 7.63 13.64 11.19
C GLN B 72 8.49 12.64 10.40
N THR B 73 7.88 11.52 9.99
CA THR B 73 8.61 10.48 9.24
C THR B 73 8.13 10.34 7.80
N LYS B 74 6.81 10.30 7.60
CA LYS B 74 6.25 10.15 6.24
C LYS B 74 4.90 10.86 6.09
N THR B 75 4.34 10.82 4.89
CA THR B 75 3.06 11.47 4.61
C THR B 75 1.88 10.54 4.82
N ILE B 76 0.97 10.92 5.70
CA ILE B 76 -0.22 10.12 5.98
C ILE B 76 -1.34 10.45 5.00
N LYS B 77 -2.01 9.42 4.47
CA LYS B 77 -3.09 9.63 3.51
C LYS B 77 -4.21 8.59 3.65
N VAL B 78 -5.45 9.06 3.67
CA VAL B 78 -6.61 8.18 3.79
C VAL B 78 -7.06 7.73 2.40
N SER B 79 -6.73 6.49 2.04
CA SER B 79 -7.08 5.96 0.73
C SER B 79 -8.04 4.78 0.83
N TYR B 80 -8.68 4.45 -0.28
CA TYR B 80 -9.61 3.32 -0.35
C TYR B 80 -8.84 2.01 -0.50
N ALA B 81 -9.12 1.04 0.37
CA ALA B 81 -8.44 -0.25 0.31
C ALA B 81 -9.09 -1.16 -0.75
N ARG B 82 -8.44 -2.30 -1.01
CA ARG B 82 -8.93 -3.27 -1.98
C ARG B 82 -8.96 -4.68 -1.37
N PRO B 83 -9.57 -5.66 -2.07
CA PRO B 83 -9.65 -7.05 -1.57
C PRO B 83 -8.28 -7.66 -1.31
N SER B 84 -8.21 -8.54 -0.31
CA SER B 84 -6.96 -9.21 0.06
C SER B 84 -7.08 -10.71 -0.18
N SER B 85 -6.39 -11.20 -1.21
CA SER B 85 -6.42 -12.62 -1.54
C SER B 85 -5.29 -13.40 -0.86
N ALA B 86 -4.14 -13.51 -1.53
CA ALA B 86 -2.98 -14.22 -0.98
C ALA B 86 -1.70 -13.39 -1.08
N SER B 87 -1.25 -12.86 0.07
CA SER B 87 -0.04 -12.03 0.16
C SER B 87 -0.05 -10.88 -0.85
N ILE B 88 -0.58 -9.74 -0.42
CA ILE B 88 -0.68 -8.55 -1.27
C ILE B 88 0.27 -7.43 -0.79
N ARG B 89 1.23 -7.77 0.06
CA ARG B 89 2.18 -6.79 0.58
C ARG B 89 3.58 -6.97 -0.02
N ASP B 90 3.63 -7.24 -1.34
CA ASP B 90 4.90 -7.46 -2.03
C ASP B 90 4.75 -7.39 -3.56
N ALA B 91 4.57 -6.17 -4.10
CA ALA B 91 4.44 -5.98 -5.55
C ALA B 91 4.73 -4.53 -5.97
N ASN B 92 5.89 -4.03 -5.59
CA ASN B 92 6.32 -2.66 -5.92
C ASN B 92 7.15 -2.64 -7.21
N LEU B 93 6.93 -1.64 -8.07
CA LEU B 93 7.66 -1.56 -9.35
C LEU B 93 8.41 -0.24 -9.57
N TYR B 94 9.33 -0.31 -10.53
CA TYR B 94 10.19 0.79 -10.97
C TYR B 94 10.15 0.95 -12.50
N VAL B 95 9.91 2.18 -12.96
CA VAL B 95 9.84 2.48 -14.39
C VAL B 95 10.63 3.72 -14.77
N SER B 96 11.65 3.55 -15.60
CA SER B 96 12.49 4.65 -16.07
C SER B 96 12.40 4.84 -17.58
N GLY B 97 13.10 5.86 -18.10
CA GLY B 97 13.06 6.15 -19.52
C GLY B 97 11.77 6.83 -19.94
N LEU B 98 11.27 7.72 -19.08
CA LEU B 98 10.02 8.43 -19.34
C LEU B 98 10.27 9.93 -19.55
N PRO B 99 9.43 10.58 -20.39
CA PRO B 99 9.55 12.02 -20.70
C PRO B 99 9.27 12.92 -19.49
N LYS B 100 9.53 14.21 -19.66
CA LYS B 100 9.32 15.19 -18.59
C LYS B 100 7.83 15.35 -18.26
N THR B 101 6.97 15.24 -19.27
CA THR B 101 5.53 15.36 -19.08
C THR B 101 4.95 14.02 -18.59
N MET B 102 5.59 13.43 -17.58
CA MET B 102 5.15 12.15 -17.04
C MET B 102 3.93 12.32 -16.14
N SER B 103 2.77 11.86 -16.63
CA SER B 103 1.53 11.96 -15.88
C SER B 103 1.33 10.74 -14.98
N GLN B 104 1.39 10.99 -13.67
CA GLN B 104 1.19 9.93 -12.67
C GLN B 104 -0.08 9.14 -12.97
N LYS B 105 -1.15 9.86 -13.34
CA LYS B 105 -2.43 9.23 -13.67
C LYS B 105 -2.32 8.42 -14.96
N GLU B 106 -1.63 8.97 -15.96
CA GLU B 106 -1.44 8.26 -17.22
C GLU B 106 -0.69 6.95 -16.94
N MET B 107 0.38 7.04 -16.12
CA MET B 107 1.15 5.87 -15.75
C MET B 107 0.24 4.84 -15.06
N GLU B 108 -0.73 5.34 -14.29
CA GLU B 108 -1.68 4.48 -13.59
C GLU B 108 -2.59 3.75 -14.58
N GLN B 109 -3.34 4.51 -15.38
CA GLN B 109 -4.25 3.91 -16.37
C GLN B 109 -3.50 2.95 -17.28
N LEU B 110 -2.20 3.21 -17.49
CA LEU B 110 -1.37 2.37 -18.34
C LEU B 110 -1.18 0.99 -17.74
N PHE B 111 -0.72 0.94 -16.50
CA PHE B 111 -0.50 -0.33 -15.82
C PHE B 111 -1.79 -0.85 -15.17
N SER B 112 -2.71 0.06 -14.82
CA SER B 112 -3.98 -0.32 -14.19
C SER B 112 -4.70 -1.38 -15.05
N GLN B 113 -4.75 -1.12 -16.36
CA GLN B 113 -5.39 -2.05 -17.31
C GLN B 113 -4.68 -3.40 -17.30
N TYR B 114 -3.37 -3.38 -17.03
CA TYR B 114 -2.57 -4.60 -16.98
C TYR B 114 -2.76 -5.30 -15.63
N GLY B 115 -2.56 -4.56 -14.55
CA GLY B 115 -2.73 -5.12 -13.21
C GLY B 115 -3.24 -4.10 -12.23
N ARG B 116 -4.15 -4.51 -11.34
CA ARG B 116 -4.71 -3.61 -10.34
C ARG B 116 -3.60 -2.97 -9.51
N ILE B 117 -3.25 -1.73 -9.86
CA ILE B 117 -2.21 -1.01 -9.14
C ILE B 117 -2.71 -0.43 -7.83
N ILE B 118 -1.94 -0.62 -6.78
CA ILE B 118 -2.26 -0.09 -5.46
C ILE B 118 -1.82 1.38 -5.36
N THR B 119 -0.62 1.65 -5.85
CA THR B 119 -0.06 3.01 -5.85
C THR B 119 0.79 3.27 -7.11
N SER B 120 0.47 4.36 -7.80
CA SER B 120 1.19 4.76 -9.02
C SER B 120 1.80 6.16 -8.85
N ARG B 121 3.09 6.31 -9.11
CA ARG B 121 3.74 7.62 -8.93
C ARG B 121 5.09 7.75 -9.65
N ILE B 122 5.58 9.00 -9.73
CA ILE B 122 6.86 9.31 -10.38
C ILE B 122 7.75 10.13 -9.42
N LEU B 123 9.03 9.79 -9.32
CA LEU B 123 9.95 10.51 -8.43
C LEU B 123 10.92 11.43 -9.19
N LEU B 124 10.86 12.73 -8.85
CA LEU B 124 11.72 13.73 -9.48
C LEU B 124 11.79 15.01 -8.61
N ASP B 125 12.96 15.68 -8.61
CA ASP B 125 13.12 16.90 -7.82
C ASP B 125 14.21 17.80 -8.43
N GLN B 126 13.92 18.42 -9.57
CA GLN B 126 14.87 19.30 -10.23
C GLN B 126 14.80 20.72 -9.63
N ALA B 127 15.04 20.80 -8.32
CA ALA B 127 15.02 22.07 -7.60
C ALA B 127 15.86 21.99 -6.32
N THR B 128 15.57 20.99 -5.49
CA THR B 128 16.32 20.78 -4.25
C THR B 128 17.07 19.44 -4.28
N GLY B 129 16.46 18.42 -4.89
CA GLY B 129 17.09 17.12 -4.99
C GLY B 129 17.74 16.88 -6.35
N VAL B 130 17.12 16.03 -7.16
CA VAL B 130 17.65 15.73 -8.50
C VAL B 130 16.53 15.46 -9.51
N SER B 131 16.81 15.76 -10.78
CA SER B 131 15.84 15.53 -11.85
C SER B 131 15.92 14.10 -12.35
N ARG B 132 15.27 13.19 -11.62
CA ARG B 132 15.26 11.77 -11.97
C ARG B 132 14.28 11.47 -13.09
N GLY B 133 13.00 11.81 -12.87
CA GLY B 133 11.97 11.56 -13.87
C GLY B 133 11.68 10.08 -14.04
N VAL B 134 11.58 9.36 -12.93
CA VAL B 134 11.30 7.93 -12.95
C VAL B 134 9.95 7.65 -12.32
N GLY B 135 9.32 6.55 -12.71
CA GLY B 135 8.03 6.21 -12.16
C GLY B 135 8.00 4.87 -11.46
N PHE B 136 6.96 4.67 -10.66
CA PHE B 136 6.77 3.42 -9.93
C PHE B 136 5.32 3.00 -9.99
N ILE B 137 5.12 1.70 -9.97
CA ILE B 137 3.77 1.13 -10.03
C ILE B 137 3.63 -0.03 -9.05
N ARG B 138 2.92 0.22 -7.96
CA ARG B 138 2.73 -0.81 -6.95
C ARG B 138 1.54 -1.71 -7.32
N PHE B 139 1.83 -2.87 -7.91
CA PHE B 139 0.77 -3.82 -8.30
C PHE B 139 0.29 -4.64 -7.11
N ASP B 140 -0.88 -5.27 -7.28
CA ASP B 140 -1.45 -6.09 -6.21
C ASP B 140 -0.51 -7.27 -5.88
N LYS B 141 -0.32 -8.16 -6.85
CA LYS B 141 0.56 -9.32 -6.69
C LYS B 141 1.78 -9.21 -7.60
N ARG B 142 2.95 -9.59 -7.08
CA ARG B 142 4.20 -9.51 -7.84
C ARG B 142 4.11 -10.20 -9.22
N ILE B 143 3.49 -11.38 -9.27
CA ILE B 143 3.36 -12.13 -10.52
C ILE B 143 2.70 -11.30 -11.63
N GLU B 144 1.63 -10.59 -11.29
CA GLU B 144 0.93 -9.76 -12.28
C GLU B 144 1.89 -8.68 -12.79
N ALA B 145 2.62 -8.07 -11.86
CA ALA B 145 3.60 -7.04 -12.20
C ALA B 145 4.69 -7.65 -13.08
N GLU B 146 5.24 -8.78 -12.63
CA GLU B 146 6.28 -9.49 -13.39
C GLU B 146 5.77 -9.81 -14.79
N GLU B 147 4.63 -10.50 -14.87
CA GLU B 147 4.02 -10.82 -16.16
C GLU B 147 3.86 -9.56 -17.00
N ALA B 148 3.21 -8.55 -16.41
CA ALA B 148 3.01 -7.27 -17.09
C ALA B 148 4.35 -6.70 -17.53
N ILE B 149 5.30 -6.59 -16.59
CA ILE B 149 6.64 -6.09 -16.91
C ILE B 149 7.23 -6.86 -18.07
N LYS B 150 7.14 -8.19 -17.99
CA LYS B 150 7.64 -9.08 -19.03
C LYS B 150 7.12 -8.66 -20.42
N GLY B 151 5.84 -8.24 -20.47
CA GLY B 151 5.25 -7.80 -21.72
C GLY B 151 5.09 -6.28 -21.81
N LEU B 152 5.84 -5.55 -21.00
CA LEU B 152 5.79 -4.09 -20.98
C LEU B 152 7.17 -3.45 -21.07
N ASN B 153 8.12 -3.99 -20.30
CA ASN B 153 9.50 -3.48 -20.26
C ASN B 153 10.01 -3.10 -21.66
N GLY B 154 10.66 -1.94 -21.74
CA GLY B 154 11.20 -1.45 -22.99
C GLY B 154 12.51 -2.11 -23.30
N GLN B 155 12.41 -3.30 -23.84
CA GLN B 155 13.60 -4.08 -24.18
C GLN B 155 14.18 -3.58 -25.50
N LYS B 156 15.36 -2.97 -25.41
CA LYS B 156 16.02 -2.40 -26.58
C LYS B 156 17.19 -3.26 -27.07
N PRO B 157 17.12 -3.70 -28.35
CA PRO B 157 18.18 -4.51 -28.97
C PRO B 157 19.33 -3.64 -29.47
N LEU B 158 20.29 -4.25 -30.16
CA LEU B 158 21.45 -3.52 -30.68
C LEU B 158 21.04 -2.25 -31.41
N GLY B 159 19.89 -2.28 -32.09
CA GLY B 159 19.40 -1.10 -32.80
C GLY B 159 18.52 -0.21 -31.93
N ALA B 160 18.88 -0.07 -30.65
CA ALA B 160 18.10 0.76 -29.72
C ALA B 160 18.98 1.32 -28.60
N ALA B 161 18.43 2.22 -27.80
CA ALA B 161 19.17 2.84 -26.69
C ALA B 161 18.45 2.64 -25.36
N GLU B 162 17.32 3.32 -25.18
CA GLU B 162 16.56 3.21 -23.93
C GLU B 162 15.11 3.66 -24.12
N PRO B 163 14.28 2.80 -24.76
CA PRO B 163 12.87 3.08 -25.00
C PRO B 163 11.98 2.53 -23.88
N ILE B 164 11.92 3.28 -22.76
CA ILE B 164 11.14 2.92 -21.56
C ILE B 164 11.73 1.70 -20.85
N THR B 165 11.78 1.76 -19.52
CA THR B 165 12.33 0.65 -18.73
C THR B 165 11.54 0.46 -17.44
N VAL B 166 10.71 -0.58 -17.40
CA VAL B 166 9.90 -0.88 -16.22
C VAL B 166 10.28 -2.25 -15.63
N LYS B 167 10.57 -2.25 -14.33
CA LYS B 167 10.95 -3.49 -13.63
C LYS B 167 10.75 -3.34 -12.12
N PHE B 168 11.02 -4.42 -11.39
CA PHE B 168 10.88 -4.42 -9.93
C PHE B 168 11.99 -3.60 -9.29
N ALA B 169 11.88 -3.38 -7.98
CA ALA B 169 12.89 -2.62 -7.24
C ALA B 169 14.24 -3.34 -7.27
N ASN B 170 15.27 -2.63 -7.71
CA ASN B 170 16.63 -3.17 -7.81
C ASN B 170 17.53 -2.61 -6.70
N ASN B 171 18.84 -2.85 -6.81
CA ASN B 171 19.82 -2.38 -5.81
C ASN B 171 19.82 -3.25 -4.55
N PRO B 172 20.99 -3.76 -4.15
CA PRO B 172 21.11 -4.61 -2.95
C PRO B 172 20.98 -3.83 -1.65
N SER B 173 20.50 -4.50 -0.60
CA SER B 173 20.31 -3.84 0.70
C SER B 173 21.64 -3.77 1.46
N GLN B 174 22.42 -4.84 1.42
CA GLN B 174 23.70 -4.89 2.10
C GLN B 174 24.69 -5.79 1.35
N MET B 1 -16.57 -10.32 4.28
CA MET B 1 -16.03 -10.97 3.06
C MET B 1 -16.03 -10.01 1.87
N ASP B 2 -15.72 -10.54 0.69
CA ASP B 2 -15.69 -9.75 -0.54
C ASP B 2 -17.06 -9.12 -0.85
N SER B 3 -17.06 -8.17 -1.79
CA SER B 3 -18.29 -7.49 -2.18
C SER B 3 -18.12 -6.72 -3.51
N LYS B 4 -19.07 -5.83 -3.79
CA LYS B 4 -19.05 -5.01 -5.00
C LYS B 4 -19.08 -3.51 -4.66
N THR B 5 -18.60 -3.17 -3.46
CA THR B 5 -18.58 -1.77 -3.00
C THR B 5 -17.43 -1.53 -2.02
N ASN B 6 -16.26 -2.10 -2.29
CA ASN B 6 -15.10 -1.93 -1.44
C ASN B 6 -14.27 -0.71 -1.86
N LEU B 7 -14.85 0.47 -1.71
CA LEU B 7 -14.16 1.71 -2.07
C LEU B 7 -13.03 2.01 -1.09
N ILE B 8 -11.82 2.24 -1.61
CA ILE B 8 -10.66 2.50 -0.75
C ILE B 8 -10.10 3.92 -0.96
N VAL B 9 -9.77 4.55 0.16
CA VAL B 9 -9.18 5.90 0.17
C VAL B 9 -7.74 5.78 0.67
N ASN B 10 -6.77 6.13 -0.16
CA ASN B 10 -5.36 6.01 0.24
C ASN B 10 -4.70 7.35 0.54
N TYR B 11 -3.57 7.28 1.26
CA TYR B 11 -2.78 8.44 1.65
C TYR B 11 -3.51 9.27 2.71
N LEU B 12 -4.03 8.60 3.73
CA LEU B 12 -4.74 9.27 4.83
C LEU B 12 -3.78 9.65 5.96
N PRO B 13 -4.08 10.74 6.68
CA PRO B 13 -3.25 11.20 7.79
C PRO B 13 -3.28 10.24 8.98
N GLN B 14 -2.25 9.40 9.08
CA GLN B 14 -2.13 8.39 10.15
C GLN B 14 -2.58 8.94 11.52
N ASN B 15 -2.36 10.23 11.77
CA ASN B 15 -2.75 10.85 13.04
C ASN B 15 -4.28 10.92 13.21
N MET B 16 -5.00 11.10 12.11
CA MET B 16 -6.47 11.18 12.15
C MET B 16 -7.10 9.81 12.40
N THR B 17 -8.03 9.75 13.34
CA THR B 17 -8.69 8.48 13.67
C THR B 17 -9.80 8.14 12.67
N GLN B 18 -10.39 6.96 12.82
CA GLN B 18 -11.45 6.49 11.93
C GLN B 18 -12.76 7.26 12.17
N ASP B 19 -13.16 7.37 13.43
CA ASP B 19 -14.39 8.08 13.78
C ASP B 19 -14.40 9.47 13.15
N GLU B 20 -13.29 10.20 13.32
CA GLU B 20 -13.16 11.54 12.74
C GLU B 20 -13.16 11.46 11.21
N PHE B 21 -12.34 10.55 10.67
CA PHE B 21 -12.27 10.35 9.22
C PHE B 21 -13.67 10.18 8.64
N LYS B 22 -14.50 9.38 9.32
CA LYS B 22 -15.88 9.15 8.90
C LYS B 22 -16.61 10.47 8.70
N SER B 23 -16.49 11.37 9.68
CA SER B 23 -17.13 12.68 9.62
C SER B 23 -16.87 13.39 8.29
N LEU B 24 -15.61 13.36 7.84
CA LEU B 24 -15.23 13.99 6.58
C LEU B 24 -16.09 13.48 5.41
N PHE B 25 -16.08 12.16 5.19
CA PHE B 25 -16.87 11.55 4.12
C PHE B 25 -18.37 11.52 4.45
N GLY B 26 -18.72 11.61 5.73
CA GLY B 26 -20.12 11.60 6.13
C GLY B 26 -21.00 12.54 5.30
N SER B 27 -20.48 13.73 5.02
CA SER B 27 -21.22 14.72 4.22
C SER B 27 -21.00 14.49 2.73
N ILE B 28 -21.33 13.29 2.26
CA ILE B 28 -21.18 12.93 0.85
C ILE B 28 -22.36 12.11 0.34
N GLY B 29 -22.77 11.11 1.11
CA GLY B 29 -23.90 10.28 0.72
C GLY B 29 -24.20 9.17 1.72
N ASP B 30 -25.05 8.23 1.33
CA ASP B 30 -25.41 7.11 2.19
C ASP B 30 -24.27 6.11 2.31
N ILE B 31 -23.39 6.35 3.28
CA ILE B 31 -22.25 5.48 3.51
C ILE B 31 -22.66 4.21 4.27
N GLU B 32 -23.00 3.17 3.50
CA GLU B 32 -23.41 1.88 4.08
C GLU B 32 -22.43 1.40 5.14
N SER B 33 -21.14 1.70 4.96
CA SER B 33 -20.11 1.30 5.93
C SER B 33 -18.74 1.89 5.61
N CYS B 34 -17.87 1.91 6.61
CA CYS B 34 -16.51 2.43 6.46
C CYS B 34 -15.49 1.49 7.09
N LYS B 35 -14.21 1.73 6.84
CA LYS B 35 -13.15 0.89 7.42
C LYS B 35 -11.76 1.46 7.19
N LEU B 36 -10.79 0.94 7.94
CA LEU B 36 -9.40 1.37 7.84
C LEU B 36 -8.46 0.17 8.05
N VAL B 37 -7.38 0.12 7.28
CA VAL B 37 -6.42 -1.00 7.39
C VAL B 37 -5.59 -0.91 8.68
N ARG B 38 -5.37 -2.06 9.30
CA ARG B 38 -4.58 -2.15 10.52
C ARG B 38 -4.09 -3.59 10.74
N ASP B 39 -2.85 -3.75 11.19
CA ASP B 39 -2.30 -5.08 11.43
C ASP B 39 -2.80 -5.63 12.78
N LYS B 40 -2.77 -6.96 12.92
CA LYS B 40 -3.24 -7.62 14.15
C LYS B 40 -2.07 -8.17 14.98
N ILE B 41 -0.92 -7.50 14.91
CA ILE B 41 0.26 -7.93 15.66
C ILE B 41 0.77 -6.81 16.59
N THR B 42 0.91 -5.61 16.05
CA THR B 42 1.39 -4.46 16.83
C THR B 42 0.38 -3.32 16.86
N GLY B 43 -0.12 -2.95 15.69
CA GLY B 43 -1.08 -1.85 15.58
C GLY B 43 -0.59 -0.75 14.66
N GLN B 44 -0.02 -1.14 13.53
CA GLN B 44 0.51 -0.21 12.54
C GLN B 44 -0.59 0.43 11.69
N SER B 45 -0.18 1.31 10.78
CA SER B 45 -1.10 2.00 9.88
C SER B 45 -0.36 2.39 8.60
N LEU B 46 -0.75 1.78 7.49
CA LEU B 46 -0.09 2.05 6.21
C LEU B 46 -0.59 3.35 5.56
N GLY B 47 -1.89 3.64 5.68
CA GLY B 47 -2.40 4.90 5.12
C GLY B 47 -3.53 4.76 4.11
N TYR B 48 -4.68 4.22 4.54
CA TYR B 48 -5.84 4.10 3.65
C TYR B 48 -7.11 3.69 4.41
N GLY B 49 -8.25 4.15 3.88
CA GLY B 49 -9.56 3.85 4.46
C GLY B 49 -10.50 3.22 3.44
N PHE B 50 -11.68 2.79 3.89
CA PHE B 50 -12.64 2.16 2.99
C PHE B 50 -14.06 2.67 3.22
N VAL B 51 -14.87 2.63 2.17
CA VAL B 51 -16.26 3.09 2.23
C VAL B 51 -17.18 2.19 1.43
N ASN B 52 -18.23 1.69 2.07
CA ASN B 52 -19.20 0.82 1.41
C ASN B 52 -20.47 1.60 1.10
N TYR B 53 -20.93 1.55 -0.14
CA TYR B 53 -22.13 2.26 -0.55
C TYR B 53 -23.21 1.31 -1.08
N SER B 54 -24.35 1.88 -1.46
CA SER B 54 -25.46 1.09 -2.01
C SER B 54 -25.23 0.82 -3.50
N ASP B 55 -25.02 1.91 -4.26
CA ASP B 55 -24.80 1.80 -5.70
C ASP B 55 -23.42 2.33 -6.11
N PRO B 56 -22.78 1.69 -7.11
CA PRO B 56 -21.47 2.12 -7.60
C PRO B 56 -21.46 3.58 -8.03
N ASN B 57 -22.58 4.03 -8.65
CA ASN B 57 -22.72 5.42 -9.11
C ASN B 57 -22.27 6.41 -8.04
N ASP B 58 -22.89 6.34 -6.87
CA ASP B 58 -22.53 7.23 -5.77
C ASP B 58 -21.06 7.05 -5.39
N ALA B 59 -20.54 5.83 -5.60
CA ALA B 59 -19.16 5.53 -5.31
C ALA B 59 -18.24 6.20 -6.33
N ASP B 60 -18.52 6.00 -7.62
CA ASP B 60 -17.71 6.61 -8.67
C ASP B 60 -17.93 8.12 -8.73
N LYS B 61 -19.18 8.56 -8.55
CA LYS B 61 -19.49 9.99 -8.56
C LYS B 61 -18.70 10.71 -7.47
N ALA B 62 -18.68 10.11 -6.27
CA ALA B 62 -17.94 10.67 -5.15
C ALA B 62 -16.46 10.81 -5.52
N ILE B 63 -15.90 9.76 -6.14
CA ILE B 63 -14.50 9.75 -6.56
C ILE B 63 -14.14 11.04 -7.32
N ASN B 64 -15.01 11.45 -8.25
CA ASN B 64 -14.77 12.68 -9.02
C ASN B 64 -14.37 13.85 -8.11
N THR B 65 -14.84 13.82 -6.86
CA THR B 65 -14.53 14.87 -5.89
C THR B 65 -13.40 14.49 -4.92
N LEU B 66 -13.30 13.19 -4.56
CA LEU B 66 -12.25 12.76 -3.60
C LEU B 66 -11.08 12.01 -4.27
N ASN B 67 -11.02 12.00 -5.60
CA ASN B 67 -9.93 11.31 -6.31
C ASN B 67 -8.60 12.08 -6.23
N GLY B 68 -8.14 12.39 -5.01
CA GLY B 68 -6.89 13.09 -4.84
C GLY B 68 -7.02 14.43 -4.12
N LEU B 69 -7.73 14.44 -2.99
CA LEU B 69 -7.92 15.65 -2.21
C LEU B 69 -6.61 16.09 -1.56
N LYS B 70 -5.99 17.12 -2.14
CA LYS B 70 -4.72 17.63 -1.64
C LYS B 70 -4.91 18.39 -0.32
N LEU B 71 -4.48 17.79 0.77
CA LEU B 71 -4.58 18.42 2.09
C LEU B 71 -3.28 19.13 2.44
N GLN B 72 -3.30 19.90 3.52
CA GLN B 72 -2.10 20.61 3.95
C GLN B 72 -0.94 19.63 4.19
N THR B 73 -1.27 18.36 4.47
CA THR B 73 -0.28 17.33 4.72
C THR B 73 -0.07 16.42 3.50
N LYS B 74 -1.14 15.78 3.02
CA LYS B 74 -1.04 14.88 1.87
C LYS B 74 -2.29 14.92 0.98
N THR B 75 -2.27 14.10 -0.07
CA THR B 75 -3.38 14.03 -1.02
C THR B 75 -4.26 12.79 -0.77
N ILE B 76 -5.53 13.03 -0.48
CA ILE B 76 -6.47 11.93 -0.24
C ILE B 76 -7.04 11.40 -1.55
N LYS B 77 -6.58 10.23 -1.98
CA LYS B 77 -7.05 9.63 -3.23
C LYS B 77 -7.99 8.45 -2.96
N VAL B 78 -9.17 8.48 -3.58
CA VAL B 78 -10.17 7.42 -3.41
C VAL B 78 -10.36 6.62 -4.69
N SER B 79 -10.41 5.29 -4.56
CA SER B 79 -10.60 4.41 -5.71
C SER B 79 -11.10 3.02 -5.30
N TYR B 80 -11.22 2.14 -6.30
CA TYR B 80 -11.68 0.77 -6.08
C TYR B 80 -10.50 -0.15 -5.74
N ALA B 81 -10.67 -0.95 -4.68
CA ALA B 81 -9.64 -1.88 -4.26
C ALA B 81 -9.74 -3.23 -4.99
N ARG B 82 -8.76 -3.52 -5.85
CA ARG B 82 -8.73 -4.78 -6.59
C ARG B 82 -8.13 -5.90 -5.74
N PRO B 83 -8.72 -7.11 -5.78
CA PRO B 83 -8.24 -8.27 -5.02
C PRO B 83 -6.74 -8.52 -5.20
N SER B 84 -6.34 -8.90 -6.41
CA SER B 84 -4.93 -9.15 -6.73
C SER B 84 -4.29 -10.22 -5.82
N SER B 85 -5.11 -11.05 -5.17
CA SER B 85 -4.61 -12.11 -4.28
C SER B 85 -4.34 -11.61 -2.85
N ALA B 86 -3.51 -12.35 -2.11
CA ALA B 86 -3.18 -12.00 -0.73
C ALA B 86 -1.96 -11.07 -0.62
N SER B 87 -1.11 -11.07 -1.64
CA SER B 87 0.09 -10.22 -1.63
C SER B 87 -0.16 -8.90 -2.37
N ILE B 88 -0.57 -7.87 -1.62
CA ILE B 88 -0.84 -6.56 -2.21
C ILE B 88 -0.31 -5.40 -1.36
N ARG B 89 0.57 -5.70 -0.40
CA ARG B 89 1.16 -4.67 0.46
C ARG B 89 2.51 -5.14 1.03
N ASP B 90 3.24 -5.93 0.24
CA ASP B 90 4.51 -6.47 0.70
C ASP B 90 5.59 -6.45 -0.39
N ALA B 91 5.63 -5.36 -1.18
CA ALA B 91 6.62 -5.22 -2.25
C ALA B 91 6.84 -3.76 -2.67
N ASN B 92 7.49 -3.00 -1.79
CA ASN B 92 7.78 -1.58 -2.07
C ASN B 92 9.29 -1.39 -2.25
N LEU B 93 9.71 -0.87 -3.42
CA LEU B 93 11.13 -0.69 -3.71
C LEU B 93 11.59 0.78 -3.78
N TYR B 94 12.83 0.96 -3.33
CA TYR B 94 13.56 2.24 -3.31
C TYR B 94 14.81 2.17 -4.19
N VAL B 95 14.90 3.08 -5.17
CA VAL B 95 16.05 3.11 -6.10
C VAL B 95 16.63 4.52 -6.23
N SER B 96 17.86 4.70 -5.75
CA SER B 96 18.54 6.00 -5.84
C SER B 96 19.73 5.93 -6.79
N GLY B 97 20.35 7.08 -7.05
CA GLY B 97 21.49 7.14 -7.95
C GLY B 97 21.09 7.01 -9.41
N LEU B 98 19.97 7.64 -9.77
CA LEU B 98 19.47 7.60 -11.15
C LEU B 98 19.71 8.94 -11.87
N PRO B 99 20.05 8.89 -13.18
CA PRO B 99 20.30 10.09 -13.98
C PRO B 99 19.11 11.06 -14.03
N LYS B 100 19.40 12.32 -14.33
CA LYS B 100 18.37 13.36 -14.42
C LYS B 100 17.27 13.00 -15.41
N THR B 101 17.64 12.38 -16.52
CA THR B 101 16.65 11.97 -17.53
C THR B 101 15.97 10.66 -17.13
N MET B 102 15.49 10.61 -15.87
CA MET B 102 14.81 9.43 -15.36
C MET B 102 13.33 9.44 -15.74
N SER B 103 13.00 8.62 -16.73
CA SER B 103 11.61 8.51 -17.21
C SER B 103 10.87 7.41 -16.47
N GLN B 104 9.88 7.82 -15.66
CA GLN B 104 9.06 6.88 -14.88
C GLN B 104 8.60 5.69 -15.72
N LYS B 105 7.87 5.97 -16.80
CA LYS B 105 7.35 4.92 -17.69
C LYS B 105 8.46 3.94 -18.11
N GLU B 106 9.62 4.48 -18.48
CA GLU B 106 10.74 3.62 -18.86
C GLU B 106 11.09 2.69 -17.72
N MET B 107 11.23 3.26 -16.52
CA MET B 107 11.51 2.47 -15.32
C MET B 107 10.35 1.52 -15.05
N GLU B 108 9.12 2.02 -15.24
CA GLU B 108 7.91 1.23 -15.04
C GLU B 108 7.85 0.06 -16.02
N GLN B 109 7.97 0.35 -17.32
CA GLN B 109 7.94 -0.70 -18.33
C GLN B 109 9.14 -1.64 -18.17
N LEU B 110 10.25 -1.11 -17.65
CA LEU B 110 11.46 -1.89 -17.43
C LEU B 110 11.23 -2.91 -16.32
N PHE B 111 10.74 -2.43 -15.17
CA PHE B 111 10.47 -3.30 -14.04
C PHE B 111 9.20 -4.13 -14.26
N SER B 112 8.29 -3.61 -15.10
CA SER B 112 7.03 -4.33 -15.40
C SER B 112 7.32 -5.73 -15.93
N GLN B 113 8.22 -5.82 -16.92
CA GLN B 113 8.60 -7.12 -17.51
C GLN B 113 9.14 -8.07 -16.43
N TYR B 114 9.65 -7.51 -15.34
CA TYR B 114 10.20 -8.31 -14.24
C TYR B 114 9.11 -8.88 -13.34
N GLY B 115 7.95 -8.23 -13.27
CA GLY B 115 6.88 -8.76 -12.42
C GLY B 115 5.71 -7.81 -12.19
N ARG B 116 5.22 -7.17 -13.26
CA ARG B 116 4.08 -6.22 -13.19
C ARG B 116 4.02 -5.46 -11.86
N ILE B 117 4.50 -4.22 -11.90
CA ILE B 117 4.51 -3.36 -10.71
C ILE B 117 3.13 -2.75 -10.47
N ILE B 118 2.79 -2.56 -9.19
CA ILE B 118 1.52 -1.95 -8.84
C ILE B 118 1.63 -0.43 -8.99
N THR B 119 2.74 0.11 -8.49
CA THR B 119 3.01 1.55 -8.57
C THR B 119 4.51 1.82 -8.58
N SER B 120 5.01 2.36 -9.70
CA SER B 120 6.42 2.68 -9.85
C SER B 120 6.58 4.14 -10.27
N ARG B 121 7.57 4.81 -9.70
CA ARG B 121 7.79 6.23 -10.03
C ARG B 121 9.10 6.77 -9.42
N ILE B 122 9.33 8.06 -9.65
CA ILE B 122 10.52 8.75 -9.14
C ILE B 122 10.13 10.05 -8.43
N LEU B 123 10.79 10.36 -7.31
CA LEU B 123 10.50 11.59 -6.57
C LEU B 123 11.50 12.69 -6.95
N LEU B 124 10.96 13.77 -7.53
CA LEU B 124 11.78 14.90 -7.96
C LEU B 124 10.94 16.16 -8.13
N ASP B 125 10.89 16.99 -7.09
CA ASP B 125 10.10 18.22 -7.14
C ASP B 125 11.03 19.44 -7.18
N GLN B 126 10.44 20.62 -7.15
CA GLN B 126 11.17 21.89 -7.19
C GLN B 126 10.26 23.07 -6.85
N ALA B 127 9.04 23.04 -7.37
CA ALA B 127 8.05 24.11 -7.14
C ALA B 127 7.18 23.82 -5.91
N THR B 128 6.85 22.55 -5.68
CA THR B 128 6.01 22.17 -4.53
C THR B 128 6.77 21.32 -3.50
N GLY B 129 8.06 21.06 -3.74
CA GLY B 129 8.85 20.28 -2.80
C GLY B 129 10.34 20.51 -2.96
N VAL B 130 11.07 19.47 -3.35
CA VAL B 130 12.52 19.55 -3.54
C VAL B 130 13.01 18.52 -4.56
N SER B 131 14.13 18.82 -5.21
CA SER B 131 14.70 17.90 -6.18
C SER B 131 15.48 16.80 -5.46
N ARG B 132 14.80 15.68 -5.20
CA ARG B 132 15.41 14.57 -4.48
C ARG B 132 16.28 13.72 -5.41
N GLY B 133 15.65 13.04 -6.36
CA GLY B 133 16.41 12.21 -7.30
C GLY B 133 16.42 10.74 -6.96
N VAL B 134 15.25 10.17 -6.70
CA VAL B 134 15.15 8.73 -6.38
C VAL B 134 13.90 8.11 -7.00
N GLY B 135 14.00 6.83 -7.32
CA GLY B 135 12.89 6.11 -7.93
C GLY B 135 12.40 4.96 -7.07
N PHE B 136 11.17 4.53 -7.29
CA PHE B 136 10.58 3.43 -6.53
C PHE B 136 9.78 2.50 -7.41
N ILE B 137 9.64 1.26 -6.94
CA ILE B 137 8.90 0.25 -7.68
C ILE B 137 8.08 -0.63 -6.73
N ARG B 138 6.79 -0.30 -6.58
CA ARG B 138 5.91 -1.07 -5.70
C ARG B 138 5.34 -2.27 -6.47
N PHE B 139 6.00 -3.42 -6.35
CA PHE B 139 5.56 -4.64 -7.02
C PHE B 139 4.43 -5.32 -6.26
N ASP B 140 3.83 -6.33 -6.91
CA ASP B 140 2.75 -7.11 -6.33
C ASP B 140 3.31 -8.14 -5.35
N LYS B 141 4.16 -9.03 -5.87
CA LYS B 141 4.79 -10.08 -5.07
C LYS B 141 6.22 -9.67 -4.69
N ARG B 142 6.61 -9.95 -3.45
CA ARG B 142 7.96 -9.59 -2.98
C ARG B 142 9.02 -10.51 -3.58
N ILE B 143 8.76 -11.81 -3.63
CA ILE B 143 9.73 -12.77 -4.19
C ILE B 143 10.21 -12.35 -5.57
N GLU B 144 9.27 -12.02 -6.46
CA GLU B 144 9.63 -11.59 -7.80
C GLU B 144 10.49 -10.34 -7.73
N ALA B 145 10.05 -9.40 -6.90
CA ALA B 145 10.78 -8.15 -6.67
C ALA B 145 12.15 -8.45 -6.09
N GLU B 146 12.19 -9.24 -5.03
CA GLU B 146 13.45 -9.63 -4.39
C GLU B 146 14.39 -10.26 -5.41
N GLU B 147 13.92 -11.30 -6.08
CA GLU B 147 14.71 -11.96 -7.12
C GLU B 147 15.15 -10.94 -8.16
N ALA B 148 14.18 -10.17 -8.67
CA ALA B 148 14.45 -9.12 -9.66
C ALA B 148 15.50 -8.15 -9.11
N ILE B 149 15.29 -7.67 -7.88
CA ILE B 149 16.23 -6.74 -7.24
C ILE B 149 17.67 -7.24 -7.40
N LYS B 150 17.88 -8.53 -7.08
CA LYS B 150 19.21 -9.14 -7.20
C LYS B 150 19.72 -9.07 -8.64
N GLY B 151 18.83 -9.35 -9.59
CA GLY B 151 19.21 -9.30 -11.00
C GLY B 151 19.00 -7.93 -11.64
N LEU B 152 18.82 -6.90 -10.81
CA LEU B 152 18.60 -5.53 -11.30
C LEU B 152 19.55 -4.53 -10.62
N ASN B 153 19.64 -4.61 -9.30
CA ASN B 153 20.50 -3.71 -8.51
C ASN B 153 21.91 -3.56 -9.12
N GLY B 154 22.61 -2.50 -8.72
CA GLY B 154 23.94 -2.24 -9.21
C GLY B 154 24.98 -3.08 -8.50
N GLN B 155 24.86 -4.39 -8.66
CA GLN B 155 25.79 -5.33 -8.04
C GLN B 155 27.08 -5.40 -8.86
N LYS B 156 28.21 -5.21 -8.19
CA LYS B 156 29.51 -5.22 -8.86
C LYS B 156 30.65 -5.51 -7.89
N PRO B 157 31.86 -5.81 -8.41
CA PRO B 157 33.04 -6.10 -7.59
C PRO B 157 33.69 -4.83 -7.04
N LEU B 158 34.74 -5.00 -6.24
CA LEU B 158 35.46 -3.87 -5.64
C LEU B 158 35.85 -2.80 -6.67
N GLY B 159 36.02 -3.21 -7.93
CA GLY B 159 36.37 -2.26 -8.99
C GLY B 159 35.33 -1.17 -9.19
N ALA B 160 34.12 -1.36 -8.65
CA ALA B 160 33.06 -0.36 -8.79
C ALA B 160 32.25 -0.24 -7.48
N ALA B 161 31.97 0.99 -7.08
CA ALA B 161 31.23 1.22 -5.83
C ALA B 161 30.23 2.39 -5.93
N GLU B 162 29.82 2.74 -7.15
CA GLU B 162 28.87 3.84 -7.34
C GLU B 162 27.82 3.56 -8.45
N PRO B 163 27.23 2.35 -8.48
CA PRO B 163 26.22 2.00 -9.48
C PRO B 163 24.79 2.16 -8.95
N ILE B 164 23.81 1.95 -9.84
CA ILE B 164 22.39 2.04 -9.47
C ILE B 164 22.12 1.18 -8.23
N THR B 165 21.19 1.61 -7.38
CA THR B 165 20.88 0.83 -6.18
C THR B 165 19.38 0.75 -5.93
N VAL B 166 18.80 -0.39 -6.31
CA VAL B 166 17.37 -0.65 -6.13
C VAL B 166 17.15 -1.70 -5.05
N LYS B 167 16.45 -1.33 -3.99
CA LYS B 167 16.18 -2.24 -2.88
C LYS B 167 14.90 -1.86 -2.14
N PHE B 168 14.53 -2.65 -1.14
CA PHE B 168 13.34 -2.38 -0.34
C PHE B 168 13.52 -1.08 0.44
N ALA B 169 12.40 -0.46 0.81
CA ALA B 169 12.45 0.80 1.54
C ALA B 169 12.83 0.59 3.00
N ASN B 170 13.89 1.28 3.45
CA ASN B 170 14.34 1.20 4.83
C ASN B 170 13.42 2.00 5.75
N ASN B 171 12.62 1.31 6.56
CA ASN B 171 11.70 1.99 7.48
C ASN B 171 12.15 1.78 8.93
N PRO B 172 12.86 2.78 9.51
CA PRO B 172 13.35 2.70 10.89
C PRO B 172 12.26 2.97 11.93
N SER B 173 12.47 2.47 13.14
CA SER B 173 11.50 2.65 14.23
C SER B 173 11.66 4.04 14.86
N GLN B 174 11.41 5.06 14.04
CA GLN B 174 11.53 6.45 14.48
C GLN B 174 10.27 6.90 15.25
N MET B 1 -19.79 -12.04 -6.37
CA MET B 1 -18.71 -11.06 -6.04
C MET B 1 -18.77 -9.85 -6.97
N ASP B 2 -19.12 -8.69 -6.39
CA ASP B 2 -19.24 -7.46 -7.18
C ASP B 2 -19.21 -6.21 -6.27
N SER B 3 -18.86 -5.08 -6.87
CA SER B 3 -18.77 -3.80 -6.15
C SER B 3 -17.84 -3.89 -4.94
N LYS B 4 -18.39 -4.27 -3.78
CA LYS B 4 -17.63 -4.39 -2.54
C LYS B 4 -17.38 -3.00 -1.93
N THR B 5 -18.10 -2.70 -0.85
CA THR B 5 -17.97 -1.41 -0.16
C THR B 5 -16.62 -1.25 0.54
N ASN B 6 -15.54 -1.43 -0.20
CA ASN B 6 -14.18 -1.30 0.34
C ASN B 6 -13.46 -0.15 -0.35
N LEU B 7 -13.99 1.06 -0.15
CA LEU B 7 -13.40 2.27 -0.74
C LEU B 7 -12.13 2.67 0.01
N ILE B 8 -11.00 2.73 -0.71
CA ILE B 8 -9.72 3.08 -0.09
C ILE B 8 -9.25 4.49 -0.45
N VAL B 9 -8.67 5.16 0.55
CA VAL B 9 -8.13 6.51 0.40
C VAL B 9 -6.64 6.47 0.71
N ASN B 10 -5.80 6.58 -0.31
CA ASN B 10 -4.34 6.50 -0.12
C ASN B 10 -3.67 7.87 -0.08
N TYR B 11 -2.37 7.85 0.27
CA TYR B 11 -1.57 9.07 0.34
C TYR B 11 -2.01 9.96 1.51
N LEU B 12 -2.59 9.32 2.54
CA LEU B 12 -3.07 10.04 3.72
C LEU B 12 -1.91 10.70 4.50
N PRO B 13 -2.19 11.82 5.19
CA PRO B 13 -1.18 12.55 5.98
C PRO B 13 -0.63 11.69 7.13
N GLN B 14 0.56 11.13 6.91
CA GLN B 14 1.24 10.28 7.91
C GLN B 14 1.09 10.80 9.35
N ASN B 15 0.96 12.11 9.52
CA ASN B 15 0.84 12.71 10.86
C ASN B 15 -0.63 12.77 11.35
N MET B 16 -1.59 12.58 10.46
CA MET B 16 -3.01 12.64 10.83
C MET B 16 -3.52 11.33 11.42
N THR B 17 -4.57 11.42 12.22
CA THR B 17 -5.18 10.25 12.85
C THR B 17 -6.49 9.86 12.15
N GLN B 18 -7.08 8.75 12.57
CA GLN B 18 -8.33 8.25 11.98
C GLN B 18 -9.54 9.14 12.32
N ASP B 19 -9.59 9.64 13.55
CA ASP B 19 -10.70 10.50 13.97
C ASP B 19 -10.88 11.71 13.03
N GLU B 20 -9.87 12.59 12.98
CA GLU B 20 -9.94 13.76 12.11
C GLU B 20 -10.20 13.35 10.65
N PHE B 21 -9.47 12.32 10.19
CA PHE B 21 -9.64 11.81 8.83
C PHE B 21 -11.11 11.55 8.54
N LYS B 22 -11.79 10.87 9.47
CA LYS B 22 -13.20 10.58 9.34
C LYS B 22 -13.99 11.86 9.13
N SER B 23 -13.70 12.87 9.94
CA SER B 23 -14.37 14.18 9.85
C SER B 23 -14.41 14.69 8.41
N LEU B 24 -13.26 14.64 7.73
CA LEU B 24 -13.14 15.09 6.34
C LEU B 24 -14.20 14.43 5.44
N PHE B 25 -14.37 13.12 5.59
CA PHE B 25 -15.36 12.38 4.78
C PHE B 25 -16.74 12.35 5.46
N GLY B 26 -16.76 12.43 6.79
CA GLY B 26 -18.02 12.41 7.54
C GLY B 26 -19.06 13.37 6.98
N SER B 27 -18.65 14.61 6.73
CA SER B 27 -19.57 15.63 6.20
C SER B 27 -19.79 15.45 4.70
N ILE B 28 -20.21 14.24 4.29
CA ILE B 28 -20.46 13.95 2.87
C ILE B 28 -21.72 13.10 2.69
N GLY B 29 -21.73 11.92 3.30
CA GLY B 29 -22.87 11.03 3.20
C GLY B 29 -22.94 10.02 4.34
N ASP B 30 -23.97 9.19 4.35
CA ASP B 30 -24.13 8.18 5.39
C ASP B 30 -23.02 7.12 5.32
N ILE B 31 -21.96 7.34 6.10
CA ILE B 31 -20.83 6.42 6.14
C ILE B 31 -21.05 5.32 7.16
N GLU B 32 -21.64 4.22 6.70
CA GLU B 32 -21.94 3.05 7.56
C GLU B 32 -20.72 2.65 8.40
N SER B 33 -19.52 2.79 7.82
CA SER B 33 -18.28 2.43 8.53
C SER B 33 -17.04 2.89 7.77
N CYS B 34 -15.89 2.83 8.45
CA CYS B 34 -14.61 3.22 7.84
C CYS B 34 -13.49 2.27 8.25
N LYS B 35 -12.36 2.38 7.57
CA LYS B 35 -11.20 1.52 7.87
C LYS B 35 -9.89 2.23 7.55
N LEU B 36 -8.78 1.62 7.95
CA LEU B 36 -7.45 2.19 7.70
C LEU B 36 -6.37 1.13 7.91
N VAL B 37 -5.39 1.09 7.01
CA VAL B 37 -4.30 0.11 7.11
C VAL B 37 -3.40 0.42 8.32
N ARG B 38 -3.92 0.16 9.51
CA ARG B 38 -3.19 0.41 10.76
C ARG B 38 -3.46 -0.71 11.78
N ASP B 39 -2.54 -0.89 12.73
CA ASP B 39 -2.68 -1.91 13.77
C ASP B 39 -3.45 -1.39 15.00
N LYS B 40 -3.71 -2.28 15.95
CA LYS B 40 -4.43 -1.94 17.19
C LYS B 40 -3.87 -0.69 17.86
N ILE B 41 -2.56 -0.48 17.77
CA ILE B 41 -1.93 0.70 18.39
C ILE B 41 -1.42 1.65 17.32
N THR B 42 -0.77 1.10 16.29
CA THR B 42 -0.23 1.92 15.20
C THR B 42 0.40 1.05 14.11
N GLY B 43 1.07 -0.02 14.53
CA GLY B 43 1.74 -0.95 13.61
C GLY B 43 2.36 -0.27 12.40
N GLN B 44 2.95 0.91 12.62
CA GLN B 44 3.59 1.68 11.56
C GLN B 44 2.56 2.30 10.61
N SER B 45 2.38 3.62 10.72
CA SER B 45 1.43 4.35 9.88
C SER B 45 1.92 4.43 8.44
N LEU B 46 1.33 3.63 7.54
CA LEU B 46 1.73 3.63 6.13
C LEU B 46 1.13 4.82 5.36
N GLY B 47 -0.11 4.70 4.87
CA GLY B 47 -0.70 5.82 4.14
C GLY B 47 -1.87 5.47 3.23
N TYR B 48 -2.92 4.87 3.79
CA TYR B 48 -4.11 4.51 3.01
C TYR B 48 -5.27 4.04 3.91
N GLY B 49 -6.37 4.80 3.89
CA GLY B 49 -7.54 4.46 4.69
C GLY B 49 -8.68 3.92 3.84
N PHE B 50 -9.82 3.60 4.47
CA PHE B 50 -10.96 3.06 3.73
C PHE B 50 -12.30 3.57 4.27
N VAL B 51 -13.29 3.60 3.38
CA VAL B 51 -14.63 4.03 3.72
C VAL B 51 -15.67 3.01 3.28
N ASN B 52 -16.63 2.70 4.14
CA ASN B 52 -17.67 1.73 3.82
C ASN B 52 -19.05 2.40 3.80
N TYR B 53 -19.47 2.84 2.61
CA TYR B 53 -20.78 3.48 2.45
C TYR B 53 -21.89 2.45 2.31
N SER B 54 -23.13 2.88 2.58
CA SER B 54 -24.29 2.00 2.49
C SER B 54 -24.54 1.53 1.05
N ASP B 55 -24.70 2.48 0.13
CA ASP B 55 -24.96 2.16 -1.27
C ASP B 55 -23.74 2.43 -2.15
N PRO B 56 -23.60 1.68 -3.26
CA PRO B 56 -22.48 1.85 -4.20
C PRO B 56 -22.55 3.17 -4.98
N ASN B 57 -23.77 3.68 -5.19
CA ASN B 57 -23.97 4.93 -5.92
C ASN B 57 -23.22 6.08 -5.25
N ASP B 58 -23.58 6.39 -4.01
CA ASP B 58 -22.89 7.45 -3.28
C ASP B 58 -21.41 7.10 -3.09
N ALA B 59 -21.10 5.81 -3.10
CA ALA B 59 -19.72 5.34 -2.97
C ALA B 59 -18.91 5.82 -4.18
N ASP B 60 -19.47 5.65 -5.38
CA ASP B 60 -18.81 6.10 -6.60
C ASP B 60 -19.06 7.60 -6.79
N LYS B 61 -20.28 8.03 -6.47
CA LYS B 61 -20.66 9.44 -6.57
C LYS B 61 -19.65 10.30 -5.83
N ALA B 62 -19.32 9.90 -4.60
CA ALA B 62 -18.34 10.63 -3.80
C ALA B 62 -16.99 10.63 -4.52
N ILE B 63 -16.56 9.44 -4.97
CA ILE B 63 -15.31 9.31 -5.71
C ILE B 63 -15.22 10.34 -6.82
N ASN B 64 -16.33 10.54 -7.53
CA ASN B 64 -16.39 11.53 -8.61
C ASN B 64 -15.85 12.90 -8.16
N THR B 65 -15.84 13.14 -6.84
CA THR B 65 -15.35 14.40 -6.30
C THR B 65 -14.05 14.23 -5.50
N LEU B 66 -13.90 13.12 -4.76
CA LEU B 66 -12.69 12.90 -3.95
C LEU B 66 -11.65 11.99 -4.64
N ASN B 67 -11.81 11.73 -5.94
CA ASN B 67 -10.85 10.88 -6.66
C ASN B 67 -9.57 11.67 -7.04
N GLY B 68 -8.84 12.14 -6.03
CA GLY B 68 -7.60 12.87 -6.26
C GLY B 68 -7.64 14.32 -5.81
N LEU B 69 -7.89 14.53 -4.52
CA LEU B 69 -7.92 15.88 -3.96
C LEU B 69 -6.54 16.30 -3.46
N LYS B 70 -6.17 17.55 -3.67
CA LYS B 70 -4.87 18.04 -3.23
C LYS B 70 -4.97 18.61 -1.81
N LEU B 71 -4.56 17.82 -0.82
CA LEU B 71 -4.60 18.25 0.58
C LEU B 71 -3.30 18.96 0.96
N GLN B 72 -3.35 19.73 2.05
CA GLN B 72 -2.18 20.47 2.52
C GLN B 72 -0.93 19.58 2.64
N THR B 73 -1.15 18.28 2.86
CA THR B 73 -0.03 17.34 3.01
C THR B 73 0.21 16.51 1.74
N LYS B 74 -0.86 16.02 1.11
CA LYS B 74 -0.72 15.20 -0.10
C LYS B 74 -1.98 15.24 -0.98
N THR B 75 -1.87 14.65 -2.17
CA THR B 75 -2.98 14.60 -3.11
C THR B 75 -3.90 13.41 -2.79
N ILE B 76 -4.63 13.50 -1.69
CA ILE B 76 -5.55 12.43 -1.26
C ILE B 76 -6.37 11.88 -2.43
N LYS B 77 -6.18 10.59 -2.74
CA LYS B 77 -6.90 9.97 -3.84
C LYS B 77 -7.72 8.77 -3.37
N VAL B 78 -9.04 8.84 -3.53
CA VAL B 78 -9.93 7.75 -3.12
C VAL B 78 -10.19 6.81 -4.29
N SER B 79 -10.05 5.51 -4.04
CA SER B 79 -10.27 4.50 -5.09
C SER B 79 -10.85 3.20 -4.53
N TYR B 80 -11.03 2.24 -5.42
CA TYR B 80 -11.57 0.92 -5.06
C TYR B 80 -10.46 -0.05 -4.68
N ALA B 81 -10.67 -0.78 -3.59
CA ALA B 81 -9.70 -1.77 -3.13
C ALA B 81 -10.32 -3.17 -3.12
N ARG B 82 -9.75 -4.08 -3.92
CA ARG B 82 -10.27 -5.44 -4.01
C ARG B 82 -9.59 -6.35 -2.97
N PRO B 83 -10.28 -6.65 -1.85
CA PRO B 83 -9.72 -7.52 -0.81
C PRO B 83 -9.52 -8.95 -1.29
N SER B 84 -8.33 -9.51 -0.99
CA SER B 84 -8.01 -10.88 -1.40
C SER B 84 -7.88 -11.80 -0.20
N SER B 85 -6.87 -11.57 0.64
CA SER B 85 -6.63 -12.39 1.83
C SER B 85 -5.45 -11.87 2.64
N ALA B 86 -4.24 -12.17 2.16
CA ALA B 86 -3.00 -11.74 2.82
C ALA B 86 -2.01 -11.13 1.84
N SER B 87 -1.65 -11.90 0.80
CA SER B 87 -0.69 -11.42 -0.21
C SER B 87 -1.31 -10.35 -1.10
N ILE B 88 -1.34 -9.11 -0.61
CA ILE B 88 -1.91 -7.99 -1.36
C ILE B 88 -1.07 -6.72 -1.24
N ARG B 89 0.26 -6.87 -1.36
CA ARG B 89 1.17 -5.71 -1.27
C ARG B 89 2.63 -6.11 -1.58
N ASP B 90 2.80 -6.88 -2.65
CA ASP B 90 4.12 -7.35 -3.07
C ASP B 90 4.52 -6.87 -4.48
N ALA B 91 3.71 -6.01 -5.09
CA ALA B 91 4.01 -5.49 -6.43
C ALA B 91 4.55 -4.05 -6.33
N ASN B 92 5.47 -3.87 -5.38
CA ASN B 92 6.08 -2.57 -5.11
C ASN B 92 7.61 -2.68 -5.19
N LEU B 93 8.23 -1.88 -6.08
CA LEU B 93 9.67 -1.93 -6.28
C LEU B 93 10.42 -0.75 -5.65
N TYR B 94 11.60 -1.05 -5.07
CA TYR B 94 12.51 -0.07 -4.47
C TYR B 94 13.82 -0.01 -5.27
N VAL B 95 14.00 1.08 -6.01
CA VAL B 95 15.18 1.26 -6.87
C VAL B 95 16.14 2.31 -6.32
N SER B 96 17.39 1.88 -6.12
CA SER B 96 18.44 2.76 -5.64
C SER B 96 19.63 2.75 -6.60
N GLY B 97 20.64 3.59 -6.32
CA GLY B 97 21.81 3.67 -7.18
C GLY B 97 21.53 4.42 -8.47
N LEU B 98 20.72 5.48 -8.38
CA LEU B 98 20.36 6.29 -9.53
C LEU B 98 20.87 7.73 -9.39
N PRO B 99 21.20 8.40 -10.51
CA PRO B 99 21.70 9.78 -10.50
C PRO B 99 20.63 10.78 -10.03
N LYS B 100 21.09 11.87 -9.39
CA LYS B 100 20.18 12.90 -8.90
C LYS B 100 19.24 13.42 -10.00
N THR B 101 19.73 13.40 -11.25
CA THR B 101 18.92 13.84 -12.38
C THR B 101 18.10 12.68 -12.97
N MET B 102 17.52 11.86 -12.09
CA MET B 102 16.72 10.71 -12.53
C MET B 102 15.37 11.15 -13.09
N SER B 103 15.11 10.79 -14.35
CA SER B 103 13.87 11.13 -15.02
C SER B 103 12.74 10.18 -14.59
N GLN B 104 11.83 10.69 -13.78
CA GLN B 104 10.69 9.89 -13.29
C GLN B 104 9.96 9.18 -14.43
N LYS B 105 9.54 9.95 -15.43
CA LYS B 105 8.84 9.38 -16.58
C LYS B 105 9.66 8.26 -17.22
N GLU B 106 10.97 8.46 -17.34
CA GLU B 106 11.83 7.45 -17.92
C GLU B 106 11.69 6.15 -17.12
N MET B 107 11.80 6.26 -15.79
CA MET B 107 11.63 5.10 -14.92
C MET B 107 10.28 4.45 -15.16
N GLU B 108 9.24 5.28 -15.32
CA GLU B 108 7.89 4.79 -15.57
C GLU B 108 7.80 4.15 -16.96
N GLN B 109 8.16 4.91 -18.00
CA GLN B 109 8.11 4.42 -19.37
C GLN B 109 9.02 3.19 -19.54
N LEU B 110 10.15 3.19 -18.85
CA LEU B 110 11.10 2.09 -18.92
C LEU B 110 10.54 0.83 -18.28
N PHE B 111 10.05 0.96 -17.05
CA PHE B 111 9.49 -0.19 -16.36
C PHE B 111 8.09 -0.52 -16.89
N SER B 112 7.38 0.47 -17.43
CA SER B 112 6.03 0.22 -17.97
C SER B 112 6.07 -0.86 -19.04
N GLN B 113 7.05 -0.76 -19.94
CA GLN B 113 7.22 -1.74 -21.02
C GLN B 113 7.45 -3.15 -20.46
N TYR B 114 7.91 -3.22 -19.20
CA TYR B 114 8.18 -4.50 -18.55
C TYR B 114 6.91 -5.17 -18.01
N GLY B 115 5.92 -4.39 -17.58
CA GLY B 115 4.70 -4.99 -17.06
C GLY B 115 3.61 -4.04 -16.61
N ARG B 116 3.42 -2.93 -17.34
CA ARG B 116 2.39 -1.94 -17.02
C ARG B 116 2.37 -1.60 -15.52
N ILE B 117 3.10 -0.54 -15.16
CA ILE B 117 3.17 -0.10 -13.76
C ILE B 117 1.94 0.70 -13.37
N ILE B 118 1.52 0.54 -12.13
CA ILE B 118 0.37 1.28 -11.61
C ILE B 118 0.83 2.65 -11.12
N THR B 119 1.94 2.67 -10.39
CA THR B 119 2.53 3.90 -9.86
C THR B 119 4.03 3.77 -9.67
N SER B 120 4.80 4.55 -10.42
CA SER B 120 6.26 4.51 -10.34
C SER B 120 6.86 5.93 -10.31
N ARG B 121 8.03 6.07 -9.69
CA ARG B 121 8.71 7.38 -9.60
C ARG B 121 9.88 7.38 -8.60
N ILE B 122 10.47 8.57 -8.43
CA ILE B 122 11.61 8.77 -7.51
C ILE B 122 11.17 9.61 -6.30
N LEU B 123 11.89 9.49 -5.16
CA LEU B 123 11.54 10.26 -3.97
C LEU B 123 12.74 10.84 -3.23
N LEU B 124 12.49 11.89 -2.46
CA LEU B 124 13.53 12.59 -1.69
C LEU B 124 12.88 13.40 -0.56
N ASP B 125 13.51 13.40 0.62
CA ASP B 125 12.97 14.17 1.74
C ASP B 125 13.61 15.56 1.82
N GLN B 126 12.79 16.58 1.63
CA GLN B 126 13.24 17.96 1.69
C GLN B 126 12.54 18.72 2.82
N ALA B 127 12.11 17.98 3.85
CA ALA B 127 11.42 18.58 4.99
C ALA B 127 12.12 18.25 6.32
N THR B 128 12.26 16.96 6.62
CA THR B 128 12.91 16.54 7.87
C THR B 128 13.99 15.48 7.64
N GLY B 129 14.30 15.15 6.39
CA GLY B 129 15.32 14.16 6.10
C GLY B 129 16.39 14.68 5.17
N VAL B 130 16.54 14.05 4.01
CA VAL B 130 17.53 14.46 3.02
C VAL B 130 17.13 14.03 1.62
N SER B 131 17.64 14.74 0.62
CA SER B 131 17.36 14.43 -0.78
C SER B 131 17.91 13.05 -1.12
N ARG B 132 17.03 12.05 -1.14
CA ARG B 132 17.44 10.67 -1.41
C ARG B 132 17.64 10.41 -2.90
N GLY B 133 16.54 10.40 -3.65
CA GLY B 133 16.63 10.13 -5.08
C GLY B 133 16.37 8.67 -5.42
N VAL B 134 15.70 7.96 -4.52
CA VAL B 134 15.37 6.56 -4.74
C VAL B 134 14.16 6.45 -5.65
N GLY B 135 14.05 5.35 -6.37
CA GLY B 135 12.93 5.17 -7.28
C GLY B 135 12.09 3.96 -6.94
N PHE B 136 10.84 3.98 -7.39
CA PHE B 136 9.94 2.86 -7.14
C PHE B 136 9.07 2.59 -8.34
N ILE B 137 8.64 1.34 -8.45
CA ILE B 137 7.81 0.92 -9.55
C ILE B 137 6.67 0.01 -9.06
N ARG B 138 5.52 0.60 -8.76
CA ARG B 138 4.38 -0.17 -8.28
C ARG B 138 3.65 -0.84 -9.44
N PHE B 139 4.02 -2.09 -9.73
CA PHE B 139 3.40 -2.84 -10.82
C PHE B 139 2.05 -3.42 -10.38
N ASP B 140 1.31 -3.98 -11.34
CA ASP B 140 0.00 -4.57 -11.04
C ASP B 140 0.16 -5.95 -10.41
N LYS B 141 0.78 -6.86 -11.14
CA LYS B 141 0.99 -8.23 -10.64
C LYS B 141 2.41 -8.41 -10.07
N ARG B 142 2.55 -9.37 -9.17
CA ARG B 142 3.84 -9.65 -8.52
C ARG B 142 4.80 -10.38 -9.47
N ILE B 143 4.37 -11.53 -9.98
CA ILE B 143 5.19 -12.34 -10.89
C ILE B 143 5.82 -11.49 -12.00
N GLU B 144 5.01 -10.64 -12.64
CA GLU B 144 5.52 -9.79 -13.70
C GLU B 144 6.60 -8.86 -13.16
N ALA B 145 6.31 -8.26 -12.01
CA ALA B 145 7.27 -7.38 -11.35
C ALA B 145 8.49 -8.18 -10.92
N GLU B 146 8.25 -9.30 -10.24
CA GLU B 146 9.32 -10.19 -9.79
C GLU B 146 10.25 -10.54 -10.96
N GLU B 147 9.66 -11.11 -12.02
CA GLU B 147 10.42 -11.48 -13.22
C GLU B 147 11.17 -10.27 -13.76
N ALA B 148 10.47 -9.13 -13.85
CA ALA B 148 11.09 -7.88 -14.32
C ALA B 148 12.20 -7.43 -13.37
N ILE B 149 11.91 -7.45 -12.06
CA ILE B 149 12.89 -7.05 -11.05
C ILE B 149 14.23 -7.76 -11.27
N LYS B 150 14.21 -9.09 -11.25
CA LYS B 150 15.42 -9.89 -11.46
C LYS B 150 16.05 -9.58 -12.82
N GLY B 151 15.22 -9.36 -13.84
CA GLY B 151 15.72 -9.04 -15.17
C GLY B 151 16.13 -7.58 -15.32
N LEU B 152 16.04 -6.79 -14.24
CA LEU B 152 16.41 -5.38 -14.28
C LEU B 152 17.49 -5.05 -13.25
N ASN B 153 17.28 -5.46 -11.99
CA ASN B 153 18.25 -5.19 -10.93
C ASN B 153 19.67 -5.63 -11.36
N GLY B 154 20.67 -4.78 -11.08
CA GLY B 154 22.03 -5.10 -11.47
C GLY B 154 22.74 -6.01 -10.48
N GLN B 155 23.74 -5.45 -9.79
CA GLN B 155 24.51 -6.21 -8.81
C GLN B 155 25.20 -5.28 -7.81
N LYS B 156 25.47 -5.82 -6.62
CA LYS B 156 26.12 -5.04 -5.56
C LYS B 156 27.00 -5.94 -4.69
N PRO B 157 28.24 -6.23 -5.14
CA PRO B 157 29.16 -7.07 -4.38
C PRO B 157 29.75 -6.35 -3.16
N LEU B 158 30.37 -7.11 -2.25
CA LEU B 158 30.95 -6.53 -1.05
C LEU B 158 31.92 -5.38 -1.37
N GLY B 159 32.61 -5.48 -2.50
CA GLY B 159 33.54 -4.43 -2.89
C GLY B 159 32.90 -3.38 -3.80
N ALA B 160 31.61 -3.12 -3.60
CA ALA B 160 30.89 -2.13 -4.41
C ALA B 160 30.64 -0.83 -3.63
N ALA B 161 30.05 0.16 -4.30
CA ALA B 161 29.76 1.45 -3.68
C ALA B 161 28.25 1.75 -3.70
N GLU B 162 27.73 2.06 -4.89
CA GLU B 162 26.31 2.37 -5.06
C GLU B 162 25.86 2.20 -6.51
N PRO B 163 25.63 0.94 -6.95
CA PRO B 163 25.21 0.63 -8.32
C PRO B 163 23.69 0.52 -8.47
N ILE B 164 23.20 0.62 -9.72
CA ILE B 164 21.78 0.52 -10.00
C ILE B 164 21.17 -0.71 -9.28
N THR B 165 20.28 -0.44 -8.35
CA THR B 165 19.68 -1.52 -7.57
C THR B 165 18.15 -1.37 -7.47
N VAL B 166 17.44 -2.13 -8.30
CA VAL B 166 15.98 -2.12 -8.32
C VAL B 166 15.42 -3.49 -7.93
N LYS B 167 14.88 -3.59 -6.72
CA LYS B 167 14.34 -4.87 -6.24
C LYS B 167 13.17 -4.66 -5.28
N PHE B 168 12.62 -5.78 -4.81
CA PHE B 168 11.49 -5.75 -3.87
C PHE B 168 11.89 -5.06 -2.57
N ALA B 169 11.03 -4.15 -2.09
CA ALA B 169 11.30 -3.44 -0.85
C ALA B 169 11.65 -4.41 0.28
N ASN B 170 12.51 -3.98 1.20
CA ASN B 170 12.92 -4.81 2.33
C ASN B 170 11.73 -5.11 3.25
N ASN B 171 10.78 -5.89 2.74
CA ASN B 171 9.57 -6.25 3.48
C ASN B 171 9.82 -7.41 4.44
N PRO B 172 9.39 -7.29 5.71
CA PRO B 172 9.56 -8.33 6.72
C PRO B 172 8.74 -9.58 6.40
N SER B 173 9.43 -10.64 5.95
CA SER B 173 8.77 -11.90 5.60
C SER B 173 8.95 -12.92 6.73
N GLN B 174 10.19 -13.23 7.07
CA GLN B 174 10.50 -14.18 8.12
C GLN B 174 11.92 -14.00 8.65
N MET B 1 -25.59 -3.33 -12.21
CA MET B 1 -26.17 -2.75 -10.97
C MET B 1 -25.66 -3.49 -9.74
N ASP B 2 -24.73 -2.87 -9.02
CA ASP B 2 -24.13 -3.47 -7.84
C ASP B 2 -23.44 -2.43 -6.96
N SER B 3 -22.92 -2.88 -5.82
CA SER B 3 -22.22 -2.00 -4.88
C SER B 3 -20.70 -2.16 -4.98
N LYS B 4 -20.00 -2.15 -3.83
CA LYS B 4 -18.54 -2.30 -3.80
C LYS B 4 -17.83 -0.98 -4.08
N THR B 5 -17.90 -0.05 -3.13
CA THR B 5 -17.26 1.26 -3.26
C THR B 5 -15.93 1.31 -2.47
N ASN B 6 -15.99 1.77 -1.22
CA ASN B 6 -14.81 1.88 -0.35
C ASN B 6 -13.61 2.48 -1.10
N LEU B 7 -13.81 3.70 -1.61
CA LEU B 7 -12.75 4.41 -2.34
C LEU B 7 -11.69 4.91 -1.36
N ILE B 8 -10.44 4.54 -1.58
CA ILE B 8 -9.36 4.96 -0.69
C ILE B 8 -8.47 6.03 -1.32
N VAL B 9 -8.30 7.13 -0.60
CA VAL B 9 -7.47 8.24 -1.02
C VAL B 9 -6.13 8.15 -0.31
N ASN B 10 -5.05 7.91 -1.06
CA ASN B 10 -3.73 7.76 -0.45
C ASN B 10 -2.90 9.05 -0.50
N TYR B 11 -1.93 9.15 0.41
CA TYR B 11 -1.06 10.31 0.50
C TYR B 11 -1.84 11.55 0.96
N LEU B 12 -2.64 11.36 2.01
CA LEU B 12 -3.46 12.43 2.58
C LEU B 12 -2.70 13.18 3.68
N PRO B 13 -2.99 14.49 3.85
CA PRO B 13 -2.34 15.32 4.87
C PRO B 13 -2.35 14.65 6.24
N GLN B 14 -1.27 13.93 6.56
CA GLN B 14 -1.15 13.23 7.84
C GLN B 14 -1.51 14.13 9.03
N ASN B 15 -1.29 15.44 8.89
CA ASN B 15 -1.59 16.40 9.95
C ASN B 15 -3.09 16.80 9.95
N MET B 16 -3.83 16.36 8.94
CA MET B 16 -5.26 16.68 8.84
C MET B 16 -6.11 15.62 9.54
N THR B 17 -7.04 16.08 10.38
CA THR B 17 -7.91 15.15 11.11
C THR B 17 -9.13 14.75 10.26
N GLN B 18 -9.82 13.69 10.72
CA GLN B 18 -10.99 13.17 10.02
C GLN B 18 -12.05 14.25 9.76
N ASP B 19 -12.33 15.07 10.77
CA ASP B 19 -13.32 16.14 10.63
C ASP B 19 -12.95 17.07 9.48
N GLU B 20 -11.73 17.60 9.52
CA GLU B 20 -11.23 18.49 8.47
C GLU B 20 -11.25 17.78 7.11
N PHE B 21 -10.83 16.51 7.10
CA PHE B 21 -10.81 15.69 5.89
C PHE B 21 -12.21 15.61 5.25
N LYS B 22 -13.23 15.43 6.10
CA LYS B 22 -14.62 15.36 5.63
C LYS B 22 -14.95 16.56 4.75
N SER B 23 -14.58 17.75 5.23
CA SER B 23 -14.81 19.00 4.49
C SER B 23 -14.20 18.93 3.09
N LEU B 24 -12.98 18.36 3.01
CA LEU B 24 -12.28 18.22 1.72
C LEU B 24 -13.20 17.62 0.64
N PHE B 25 -13.77 16.45 0.92
CA PHE B 25 -14.68 15.81 -0.03
C PHE B 25 -16.14 16.28 0.15
N GLY B 26 -16.34 17.29 1.01
CA GLY B 26 -17.68 17.81 1.24
C GLY B 26 -18.14 18.80 0.18
N SER B 27 -17.20 19.55 -0.39
CA SER B 27 -17.52 20.54 -1.44
C SER B 27 -17.88 19.86 -2.77
N ILE B 28 -18.87 18.96 -2.71
CA ILE B 28 -19.32 18.24 -3.91
C ILE B 28 -20.83 18.02 -3.87
N GLY B 29 -21.32 17.48 -2.75
CA GLY B 29 -22.75 17.23 -2.60
C GLY B 29 -23.04 15.90 -1.93
N ASP B 30 -23.53 14.94 -2.73
CA ASP B 30 -23.88 13.61 -2.23
C ASP B 30 -22.63 12.83 -1.78
N ILE B 31 -22.52 12.63 -0.47
CA ILE B 31 -21.40 11.91 0.12
C ILE B 31 -21.89 10.87 1.13
N GLU B 32 -22.14 9.66 0.65
CA GLU B 32 -22.60 8.56 1.50
C GLU B 32 -21.80 8.49 2.80
N SER B 33 -20.47 8.69 2.70
CA SER B 33 -19.60 8.67 3.89
C SER B 33 -18.11 8.72 3.52
N CYS B 34 -17.28 8.82 4.56
CA CYS B 34 -15.82 8.87 4.38
C CYS B 34 -15.12 8.25 5.61
N LYS B 35 -13.82 7.98 5.49
CA LYS B 35 -13.08 7.38 6.61
C LYS B 35 -11.56 7.53 6.46
N LEU B 36 -10.83 7.14 7.50
CA LEU B 36 -9.37 7.21 7.51
C LEU B 36 -8.79 6.05 8.33
N VAL B 37 -7.59 5.59 7.98
CA VAL B 37 -6.95 4.47 8.68
C VAL B 37 -6.25 4.93 9.97
N ARG B 38 -6.59 4.26 11.08
CA ARG B 38 -6.00 4.58 12.38
C ARG B 38 -5.70 3.30 13.16
N ASP B 39 -4.43 2.88 13.15
CA ASP B 39 -3.99 1.68 13.85
C ASP B 39 -4.05 1.86 15.37
N LYS B 40 -4.95 1.12 16.03
CA LYS B 40 -5.09 1.21 17.48
C LYS B 40 -3.96 0.45 18.20
N ILE B 41 -2.73 0.82 17.89
CA ILE B 41 -1.54 0.20 18.50
C ILE B 41 -0.58 1.27 19.00
N THR B 42 -0.07 2.07 18.07
CA THR B 42 0.88 3.14 18.41
C THR B 42 0.15 4.47 18.55
N GLY B 43 -0.78 4.73 17.62
CA GLY B 43 -1.55 5.97 17.66
C GLY B 43 -1.18 6.96 16.56
N GLN B 44 -0.47 6.49 15.53
CA GLN B 44 -0.07 7.36 14.42
C GLN B 44 -0.91 7.10 13.16
N SER B 45 -1.02 8.13 12.33
CA SER B 45 -1.76 8.02 11.07
C SER B 45 -0.80 7.74 9.93
N LEU B 46 -1.20 6.87 9.00
CA LEU B 46 -0.34 6.50 7.88
C LEU B 46 -0.36 7.57 6.78
N GLY B 47 -1.56 8.07 6.45
CA GLY B 47 -1.66 9.11 5.43
C GLY B 47 -2.56 8.76 4.26
N TYR B 48 -3.69 8.11 4.53
CA TYR B 48 -4.64 7.76 3.48
C TYR B 48 -6.04 7.61 4.04
N GLY B 49 -7.04 8.06 3.29
CA GLY B 49 -8.42 7.99 3.75
C GLY B 49 -9.33 7.25 2.79
N PHE B 50 -10.63 7.28 3.07
CA PHE B 50 -11.61 6.58 2.24
C PHE B 50 -12.88 7.40 2.05
N VAL B 51 -13.54 7.20 0.91
CA VAL B 51 -14.78 7.88 0.59
C VAL B 51 -15.84 6.88 0.12
N ASN B 52 -17.04 7.00 0.66
CA ASN B 52 -18.15 6.12 0.29
C ASN B 52 -19.22 6.92 -0.43
N TYR B 53 -19.55 6.52 -1.65
CA TYR B 53 -20.57 7.22 -2.44
C TYR B 53 -21.81 6.35 -2.63
N SER B 54 -22.93 7.00 -2.95
CA SER B 54 -24.20 6.31 -3.16
C SER B 54 -24.13 5.39 -4.38
N ASP B 55 -23.81 5.95 -5.55
CA ASP B 55 -23.72 5.19 -6.79
C ASP B 55 -22.34 5.32 -7.44
N PRO B 56 -21.85 4.23 -8.08
CA PRO B 56 -20.54 4.21 -8.75
C PRO B 56 -20.39 5.34 -9.79
N ASN B 57 -21.50 5.68 -10.47
CA ASN B 57 -21.48 6.75 -11.49
C ASN B 57 -20.89 8.03 -10.91
N ASP B 58 -21.30 8.36 -9.69
CA ASP B 58 -20.80 9.55 -9.01
C ASP B 58 -19.36 9.32 -8.55
N ALA B 59 -19.02 8.06 -8.30
CA ALA B 59 -17.67 7.70 -7.87
C ALA B 59 -16.68 7.89 -9.00
N ASP B 60 -17.00 7.35 -10.20
CA ASP B 60 -16.10 7.51 -11.34
C ASP B 60 -16.01 8.98 -11.77
N LYS B 61 -17.14 9.69 -11.67
CA LYS B 61 -17.17 11.11 -12.01
C LYS B 61 -16.39 11.91 -10.98
N ALA B 62 -16.61 11.63 -9.69
CA ALA B 62 -15.90 12.31 -8.62
C ALA B 62 -14.40 12.06 -8.73
N ILE B 63 -14.03 10.79 -8.94
CA ILE B 63 -12.62 10.42 -9.10
C ILE B 63 -11.94 11.26 -10.17
N ASN B 64 -12.64 11.47 -11.29
CA ASN B 64 -12.11 12.28 -12.39
C ASN B 64 -11.44 13.56 -11.85
N THR B 65 -12.02 14.12 -10.79
CA THR B 65 -11.49 15.35 -10.18
C THR B 65 -10.43 15.08 -9.09
N LEU B 66 -10.56 13.98 -8.35
CA LEU B 66 -9.60 13.66 -7.27
C LEU B 66 -8.56 12.61 -7.68
N ASN B 67 -8.61 12.12 -8.92
CA ASN B 67 -7.66 11.12 -9.41
C ASN B 67 -6.23 11.69 -9.61
N GLY B 68 -5.72 12.43 -8.61
CA GLY B 68 -4.38 13.00 -8.72
C GLY B 68 -4.31 14.47 -8.31
N LEU B 69 -4.68 14.76 -7.07
CA LEU B 69 -4.63 16.13 -6.56
C LEU B 69 -3.28 16.45 -5.91
N LYS B 70 -2.36 17.04 -6.68
CA LYS B 70 -1.04 17.40 -6.17
C LYS B 70 -1.15 18.47 -5.07
N LEU B 71 -0.56 18.20 -3.91
CA LEU B 71 -0.60 19.14 -2.79
C LEU B 71 0.62 18.95 -1.86
N GLN B 72 1.35 20.05 -1.64
CA GLN B 72 2.55 20.04 -0.78
C GLN B 72 3.41 18.80 -1.01
N THR B 73 3.97 18.69 -2.21
CA THR B 73 4.83 17.55 -2.63
C THR B 73 4.04 16.25 -2.84
N LYS B 74 2.89 16.10 -2.17
CA LYS B 74 2.07 14.89 -2.33
C LYS B 74 1.10 15.04 -3.50
N THR B 75 0.42 13.95 -3.82
CA THR B 75 -0.55 13.94 -4.92
C THR B 75 -1.79 13.14 -4.53
N ILE B 76 -2.66 13.75 -3.73
CA ILE B 76 -3.90 13.10 -3.29
C ILE B 76 -4.57 12.36 -4.44
N LYS B 77 -4.43 11.03 -4.44
CA LYS B 77 -5.01 10.20 -5.49
C LYS B 77 -6.01 9.20 -4.93
N VAL B 78 -7.22 9.21 -5.48
CA VAL B 78 -8.28 8.31 -5.03
C VAL B 78 -8.22 6.99 -5.81
N SER B 79 -8.59 5.89 -5.14
CA SER B 79 -8.57 4.57 -5.79
C SER B 79 -9.46 3.57 -5.04
N TYR B 80 -9.73 2.44 -5.68
CA TYR B 80 -10.55 1.38 -5.08
C TYR B 80 -9.69 0.45 -4.23
N ALA B 81 -10.03 0.33 -2.95
CA ALA B 81 -9.29 -0.55 -2.05
C ALA B 81 -9.60 -2.01 -2.36
N ARG B 82 -8.56 -2.79 -2.69
CA ARG B 82 -8.74 -4.20 -2.99
C ARG B 82 -9.27 -4.94 -1.76
N PRO B 83 -9.82 -6.16 -1.94
CA PRO B 83 -10.37 -6.96 -0.84
C PRO B 83 -9.42 -7.00 0.37
N SER B 84 -9.82 -6.38 1.47
CA SER B 84 -9.01 -6.35 2.67
C SER B 84 -8.87 -7.74 3.29
N SER B 85 -7.89 -8.50 2.79
CA SER B 85 -7.65 -9.86 3.27
C SER B 85 -6.97 -9.88 4.65
N ALA B 86 -7.66 -9.34 5.66
CA ALA B 86 -7.15 -9.29 7.03
C ALA B 86 -5.80 -8.58 7.13
N SER B 87 -5.83 -7.25 7.10
CA SER B 87 -4.61 -6.42 7.22
C SER B 87 -3.73 -6.50 5.96
N ILE B 88 -3.40 -5.33 5.41
CA ILE B 88 -2.56 -5.24 4.20
C ILE B 88 -1.77 -3.92 4.19
N ARG B 89 -0.48 -3.98 4.53
CA ARG B 89 0.36 -2.78 4.55
C ARG B 89 1.82 -3.11 4.92
N ASP B 90 2.69 -2.11 4.76
CA ASP B 90 4.12 -2.24 5.06
C ASP B 90 4.82 -3.27 4.16
N ALA B 91 4.49 -3.26 2.87
CA ALA B 91 5.12 -4.18 1.91
C ALA B 91 5.80 -3.42 0.78
N ASN B 92 6.66 -2.47 1.16
CA ASN B 92 7.38 -1.63 0.20
C ASN B 92 8.82 -2.15 -0.03
N LEU B 93 9.31 -2.04 -1.26
CA LEU B 93 10.67 -2.52 -1.59
C LEU B 93 11.50 -1.50 -2.37
N TYR B 94 12.82 -1.53 -2.14
CA TYR B 94 13.81 -0.68 -2.81
C TYR B 94 14.72 -1.52 -3.71
N VAL B 95 14.59 -1.34 -5.03
CA VAL B 95 15.38 -2.10 -5.99
C VAL B 95 16.37 -1.22 -6.77
N SER B 96 17.63 -1.62 -6.77
CA SER B 96 18.67 -0.90 -7.49
C SER B 96 19.30 -1.77 -8.58
N GLY B 97 19.80 -1.12 -9.62
CA GLY B 97 20.40 -1.85 -10.73
C GLY B 97 19.52 -1.82 -11.98
N LEU B 98 18.75 -0.76 -12.14
CA LEU B 98 17.85 -0.63 -13.30
C LEU B 98 18.33 0.49 -14.24
N PRO B 99 17.95 0.40 -15.54
CA PRO B 99 18.33 1.38 -16.54
C PRO B 99 17.35 2.55 -16.60
N LYS B 100 17.66 3.55 -17.42
CA LYS B 100 16.80 4.73 -17.56
C LYS B 100 15.47 4.37 -18.24
N THR B 101 15.49 3.34 -19.09
CA THR B 101 14.28 2.90 -19.77
C THR B 101 13.54 1.86 -18.93
N MET B 102 13.37 2.16 -17.63
CA MET B 102 12.68 1.26 -16.71
C MET B 102 11.16 1.39 -16.82
N SER B 103 10.53 0.34 -17.34
CA SER B 103 9.08 0.33 -17.51
C SER B 103 8.37 -0.06 -16.21
N GLN B 104 7.62 0.88 -15.65
CA GLN B 104 6.87 0.65 -14.40
C GLN B 104 6.05 -0.65 -14.48
N LYS B 105 5.10 -0.70 -15.41
CA LYS B 105 4.24 -1.87 -15.58
C LYS B 105 5.05 -3.16 -15.68
N GLU B 106 6.17 -3.13 -16.40
CA GLU B 106 7.02 -4.29 -16.53
C GLU B 106 7.50 -4.76 -15.16
N MET B 107 7.84 -3.80 -14.29
CA MET B 107 8.26 -4.13 -12.93
C MET B 107 7.13 -4.87 -12.21
N GLU B 108 5.89 -4.43 -12.46
CA GLU B 108 4.71 -5.06 -11.86
C GLU B 108 4.60 -6.53 -12.27
N GLN B 109 4.44 -6.78 -13.56
CA GLN B 109 4.32 -8.16 -14.05
C GLN B 109 5.54 -9.00 -13.63
N LEU B 110 6.70 -8.34 -13.56
CA LEU B 110 7.95 -8.99 -13.17
C LEU B 110 7.90 -9.45 -11.72
N PHE B 111 7.57 -8.53 -10.81
CA PHE B 111 7.50 -8.87 -9.39
C PHE B 111 6.15 -9.51 -9.03
N SER B 112 5.11 -9.25 -9.82
CA SER B 112 3.79 -9.82 -9.56
C SER B 112 3.85 -11.34 -9.45
N GLN B 113 4.44 -11.98 -10.47
CA GLN B 113 4.58 -13.44 -10.47
C GLN B 113 5.31 -13.93 -9.20
N TYR B 114 6.10 -13.04 -8.59
CA TYR B 114 6.85 -13.38 -7.38
C TYR B 114 6.00 -13.28 -6.10
N GLY B 115 4.91 -12.51 -6.14
CA GLY B 115 4.07 -12.40 -4.94
C GLY B 115 2.94 -11.39 -5.02
N ARG B 116 2.35 -11.20 -6.22
CA ARG B 116 1.23 -10.26 -6.40
C ARG B 116 1.50 -8.90 -5.76
N ILE B 117 1.98 -7.95 -6.56
CA ILE B 117 2.28 -6.61 -6.07
C ILE B 117 1.02 -5.75 -6.00
N ILE B 118 1.02 -4.78 -5.09
CA ILE B 118 -0.10 -3.86 -4.95
C ILE B 118 0.07 -2.71 -5.95
N THR B 119 1.29 -2.16 -6.01
CA THR B 119 1.62 -1.07 -6.94
C THR B 119 3.14 -0.93 -7.11
N SER B 120 3.62 -1.11 -8.34
CA SER B 120 5.05 -0.99 -8.65
C SER B 120 5.37 0.36 -9.28
N ARG B 121 6.59 0.88 -9.03
CA ARG B 121 6.98 2.18 -9.57
C ARG B 121 8.50 2.40 -9.54
N ILE B 122 8.97 3.27 -10.43
CA ILE B 122 10.39 3.60 -10.53
C ILE B 122 10.57 5.12 -10.49
N LEU B 123 11.45 5.61 -9.61
CA LEU B 123 11.69 7.05 -9.50
C LEU B 123 12.74 7.52 -10.53
N LEU B 124 12.26 8.27 -11.53
CA LEU B 124 13.12 8.79 -12.60
C LEU B 124 12.44 9.97 -13.32
N ASP B 125 12.25 11.08 -12.62
CA ASP B 125 11.59 12.25 -13.22
C ASP B 125 12.60 13.33 -13.62
N GLN B 126 12.14 14.27 -14.44
CA GLN B 126 13.00 15.37 -14.90
C GLN B 126 12.18 16.64 -15.22
N ALA B 127 11.08 16.84 -14.48
CA ALA B 127 10.21 18.00 -14.69
C ALA B 127 9.42 18.38 -13.43
N THR B 128 8.83 17.38 -12.77
CA THR B 128 8.03 17.62 -11.56
C THR B 128 8.68 17.02 -10.31
N GLY B 129 9.45 15.93 -10.47
CA GLY B 129 10.09 15.29 -9.34
C GLY B 129 11.60 15.41 -9.39
N VAL B 130 12.29 14.27 -9.52
CA VAL B 130 13.76 14.27 -9.58
C VAL B 130 14.31 13.05 -10.33
N SER B 131 15.48 13.21 -10.92
CA SER B 131 16.15 12.14 -11.66
C SER B 131 16.92 11.25 -10.69
N ARG B 132 16.62 9.96 -10.68
CA ARG B 132 17.28 9.04 -9.77
C ARG B 132 17.69 7.72 -10.45
N GLY B 133 16.71 6.87 -10.75
CA GLY B 133 17.00 5.59 -11.41
C GLY B 133 16.95 4.40 -10.48
N VAL B 134 15.89 4.33 -9.68
CA VAL B 134 15.69 3.20 -8.75
C VAL B 134 14.26 2.70 -8.85
N GLY B 135 14.06 1.41 -8.58
CA GLY B 135 12.73 0.83 -8.68
C GLY B 135 12.20 0.35 -7.35
N PHE B 136 10.87 0.38 -7.22
CA PHE B 136 10.22 -0.06 -5.99
C PHE B 136 9.03 -0.96 -6.30
N ILE B 137 8.73 -1.82 -5.35
CA ILE B 137 7.62 -2.75 -5.49
C ILE B 137 6.82 -2.85 -4.19
N ARG B 138 5.59 -2.34 -4.21
CA ARG B 138 4.72 -2.39 -3.04
C ARG B 138 3.88 -3.67 -3.07
N PHE B 139 4.37 -4.71 -2.41
CA PHE B 139 3.67 -6.01 -2.37
C PHE B 139 2.55 -6.02 -1.34
N ASP B 140 1.88 -7.16 -1.23
CA ASP B 140 0.78 -7.34 -0.30
C ASP B 140 1.30 -7.46 1.15
N LYS B 141 2.22 -8.42 1.37
CA LYS B 141 2.78 -8.65 2.69
C LYS B 141 4.32 -8.60 2.67
N ARG B 142 4.91 -8.13 3.77
CA ARG B 142 6.37 -8.04 3.89
C ARG B 142 7.06 -9.37 3.61
N ILE B 143 6.53 -10.46 4.20
CA ILE B 143 7.10 -11.79 4.00
C ILE B 143 7.18 -12.15 2.51
N GLU B 144 6.14 -11.78 1.76
CA GLU B 144 6.10 -12.04 0.32
C GLU B 144 7.27 -11.31 -0.35
N ALA B 145 7.47 -10.06 0.08
CA ALA B 145 8.57 -9.24 -0.42
C ALA B 145 9.91 -9.76 0.11
N GLU B 146 9.93 -10.12 1.40
CA GLU B 146 11.14 -10.66 2.02
C GLU B 146 11.65 -11.87 1.23
N GLU B 147 10.77 -12.86 1.06
CA GLU B 147 11.14 -14.06 0.29
C GLU B 147 11.58 -13.64 -1.11
N ALA B 148 10.78 -12.78 -1.75
CA ALA B 148 11.11 -12.28 -3.09
C ALA B 148 12.47 -11.58 -3.08
N ILE B 149 12.68 -10.70 -2.10
CA ILE B 149 13.94 -9.97 -1.97
C ILE B 149 15.13 -10.92 -2.12
N LYS B 150 15.24 -11.90 -1.22
CA LYS B 150 16.32 -12.87 -1.25
C LYS B 150 16.31 -13.67 -2.56
N GLY B 151 15.13 -14.13 -2.98
CA GLY B 151 15.02 -14.91 -4.21
C GLY B 151 15.44 -14.13 -5.44
N LEU B 152 15.12 -12.83 -5.47
CA LEU B 152 15.45 -11.97 -6.60
C LEU B 152 16.85 -11.36 -6.48
N ASN B 153 17.18 -10.87 -5.28
CA ASN B 153 18.48 -10.24 -5.03
C ASN B 153 19.63 -10.98 -5.73
N GLY B 154 20.33 -10.26 -6.59
CA GLY B 154 21.46 -10.82 -7.31
C GLY B 154 22.69 -9.96 -7.16
N GLN B 155 23.44 -10.23 -6.12
CA GLN B 155 24.66 -9.46 -5.82
C GLN B 155 25.83 -9.90 -6.69
N LYS B 156 26.88 -9.09 -6.73
CA LYS B 156 28.06 -9.35 -7.54
C LYS B 156 29.35 -9.38 -6.73
N PRO B 157 30.34 -10.17 -7.18
CA PRO B 157 31.65 -10.29 -6.51
C PRO B 157 32.56 -9.11 -6.85
N LEU B 158 33.83 -9.23 -6.47
CA LEU B 158 34.82 -8.17 -6.73
C LEU B 158 34.91 -7.82 -8.22
N GLY B 159 34.63 -8.79 -9.10
CA GLY B 159 34.70 -8.55 -10.53
C GLY B 159 33.50 -7.77 -11.07
N ALA B 160 33.14 -6.68 -10.40
CA ALA B 160 32.01 -5.84 -10.82
C ALA B 160 31.81 -4.67 -9.85
N ALA B 161 31.03 -3.66 -10.26
CA ALA B 161 30.79 -2.49 -9.42
C ALA B 161 29.48 -2.61 -8.63
N GLU B 162 28.35 -2.59 -9.34
CA GLU B 162 27.04 -2.68 -8.69
C GLU B 162 26.12 -3.67 -9.40
N PRO B 163 25.49 -4.59 -8.63
CA PRO B 163 24.60 -5.62 -9.17
C PRO B 163 23.11 -5.29 -8.96
N ILE B 164 22.26 -6.25 -9.32
CA ILE B 164 20.81 -6.09 -9.14
C ILE B 164 20.46 -6.31 -7.67
N THR B 165 19.84 -5.30 -7.05
CA THR B 165 19.49 -5.40 -5.64
C THR B 165 18.06 -4.97 -5.37
N VAL B 166 17.34 -5.78 -4.61
CA VAL B 166 15.95 -5.49 -4.23
C VAL B 166 15.77 -5.77 -2.72
N LYS B 167 15.81 -4.72 -1.91
CA LYS B 167 15.69 -4.88 -0.46
C LYS B 167 14.68 -3.91 0.15
N PHE B 168 14.27 -4.19 1.39
CA PHE B 168 13.32 -3.35 2.10
C PHE B 168 13.90 -1.94 2.29
N ALA B 169 13.13 -0.94 1.89
CA ALA B 169 13.55 0.45 2.00
C ALA B 169 14.12 0.78 3.37
N ASN B 170 15.36 1.30 3.39
CA ASN B 170 16.01 1.70 4.63
C ASN B 170 15.41 3.01 5.18
N ASN B 171 14.49 3.63 4.43
CA ASN B 171 13.85 4.89 4.85
C ASN B 171 13.50 4.88 6.35
N PRO B 172 12.64 3.94 6.80
CA PRO B 172 12.26 3.85 8.22
C PRO B 172 13.36 3.24 9.10
N SER B 173 14.55 3.86 9.08
CA SER B 173 15.67 3.36 9.88
C SER B 173 15.79 4.09 11.23
N GLN B 174 15.38 5.35 11.27
CA GLN B 174 15.45 6.14 12.50
C GLN B 174 14.26 7.09 12.62
N MET B 1 -18.10 -6.37 9.85
CA MET B 1 -18.07 -4.88 9.77
C MET B 1 -17.34 -4.44 8.50
N ASP B 2 -18.09 -4.31 7.41
CA ASP B 2 -17.50 -3.94 6.12
C ASP B 2 -18.57 -3.47 5.13
N SER B 3 -19.27 -2.40 5.49
CA SER B 3 -20.31 -1.84 4.63
C SER B 3 -19.78 -0.72 3.74
N LYS B 4 -18.76 -1.04 2.93
CA LYS B 4 -18.15 -0.07 2.02
C LYS B 4 -17.41 1.05 2.80
N THR B 5 -17.24 0.87 4.11
CA THR B 5 -16.57 1.87 4.94
C THR B 5 -15.19 1.39 5.40
N ASN B 6 -14.27 1.24 4.45
CA ASN B 6 -12.92 0.78 4.74
C ASN B 6 -11.89 1.87 4.37
N LEU B 7 -11.97 3.01 5.07
CA LEU B 7 -11.05 4.13 4.82
C LEU B 7 -9.69 3.84 5.44
N ILE B 8 -8.63 3.78 4.62
CA ILE B 8 -7.29 3.48 5.14
C ILE B 8 -6.34 4.69 5.07
N VAL B 9 -5.77 5.02 6.23
CA VAL B 9 -4.82 6.13 6.36
C VAL B 9 -3.40 5.57 6.46
N ASN B 10 -2.51 5.98 5.56
CA ASN B 10 -1.15 5.46 5.57
C ASN B 10 -0.10 6.50 6.01
N TYR B 11 1.11 5.98 6.29
CA TYR B 11 2.25 6.78 6.72
C TYR B 11 2.09 7.25 8.16
N LEU B 12 1.64 6.32 9.00
CA LEU B 12 1.45 6.58 10.43
C LEU B 12 2.72 6.27 11.23
N PRO B 13 2.92 6.93 12.37
CA PRO B 13 4.09 6.71 13.23
C PRO B 13 4.09 5.30 13.84
N GLN B 14 4.76 4.36 13.17
CA GLN B 14 4.84 2.96 13.64
C GLN B 14 5.06 2.85 15.16
N ASN B 15 5.78 3.80 15.74
CA ASN B 15 6.06 3.81 17.18
C ASN B 15 4.86 4.32 18.02
N MET B 16 3.82 4.82 17.34
CA MET B 16 2.63 5.33 18.04
C MET B 16 1.61 4.21 18.22
N THR B 17 0.57 4.48 19.01
CA THR B 17 -0.48 3.50 19.27
C THR B 17 -1.80 3.91 18.61
N GLN B 18 -2.82 3.06 18.72
CA GLN B 18 -4.13 3.34 18.11
C GLN B 18 -4.88 4.45 18.85
N ASP B 19 -4.76 4.50 20.18
CA ASP B 19 -5.44 5.53 20.96
C ASP B 19 -5.03 6.93 20.49
N GLU B 20 -3.72 7.20 20.50
CA GLU B 20 -3.21 8.49 20.04
C GLU B 20 -3.73 8.80 18.65
N PHE B 21 -3.59 7.82 17.75
CA PHE B 21 -4.07 7.96 16.37
C PHE B 21 -5.56 8.27 16.35
N LYS B 22 -6.34 7.53 17.16
CA LYS B 22 -7.78 7.74 17.25
C LYS B 22 -8.08 9.18 17.66
N SER B 23 -7.38 9.65 18.70
CA SER B 23 -7.54 11.02 19.20
C SER B 23 -7.48 12.05 18.07
N LEU B 24 -6.45 11.93 17.22
CA LEU B 24 -6.27 12.85 16.09
C LEU B 24 -7.54 12.97 15.25
N PHE B 25 -8.10 11.83 14.84
CA PHE B 25 -9.31 11.81 14.03
C PHE B 25 -10.57 12.08 14.88
N GLY B 26 -10.46 11.83 16.20
CA GLY B 26 -11.58 12.07 17.11
C GLY B 26 -12.31 13.38 16.86
N SER B 27 -11.55 14.45 16.61
CA SER B 27 -12.14 15.77 16.36
C SER B 27 -12.54 15.92 14.89
N ILE B 28 -13.41 15.02 14.43
CA ILE B 28 -13.88 15.04 13.05
C ILE B 28 -15.38 14.76 12.97
N GLY B 29 -15.79 13.61 13.49
CA GLY B 29 -17.19 13.23 13.48
C GLY B 29 -17.47 11.98 14.31
N ASP B 30 -18.46 11.20 13.89
CA ASP B 30 -18.80 9.97 14.59
C ASP B 30 -18.00 8.79 14.05
N ILE B 31 -16.82 8.59 14.60
CA ILE B 31 -15.95 7.49 14.19
C ILE B 31 -16.48 6.14 14.69
N GLU B 32 -17.44 5.61 13.95
CA GLU B 32 -18.08 4.33 14.28
C GLU B 32 -17.07 3.25 14.70
N SER B 33 -15.88 3.27 14.06
CA SER B 33 -14.84 2.30 14.37
C SER B 33 -13.56 2.57 13.57
N CYS B 34 -12.44 2.07 14.08
CA CYS B 34 -11.14 2.24 13.43
C CYS B 34 -10.39 0.91 13.37
N LYS B 35 -9.28 0.87 12.63
CA LYS B 35 -8.48 -0.36 12.51
C LYS B 35 -7.00 -0.05 12.24
N LEU B 36 -6.15 -1.02 12.56
CA LEU B 36 -4.70 -0.87 12.37
C LEU B 36 -4.09 -2.20 11.88
N VAL B 37 -3.34 -2.13 10.77
CA VAL B 37 -2.70 -3.33 10.21
C VAL B 37 -1.50 -3.76 11.06
N ARG B 38 -1.42 -5.06 11.35
CA ARG B 38 -0.31 -5.59 12.16
C ARG B 38 0.16 -6.94 11.61
N ASP B 39 1.47 -7.17 11.65
CA ASP B 39 2.05 -8.41 11.17
C ASP B 39 2.13 -9.45 12.29
N LYS B 40 2.15 -10.73 11.91
CA LYS B 40 2.23 -11.81 12.89
C LYS B 40 3.47 -12.70 12.71
N ILE B 41 4.31 -12.37 11.72
CA ILE B 41 5.53 -13.14 11.46
C ILE B 41 6.76 -12.42 12.03
N THR B 42 6.93 -11.16 11.63
CA THR B 42 8.05 -10.35 12.09
C THR B 42 7.58 -9.27 13.06
N GLY B 43 6.49 -8.59 12.69
CA GLY B 43 5.92 -7.55 13.55
C GLY B 43 6.65 -6.22 13.45
N GLN B 44 7.07 -5.86 12.23
CA GLN B 44 7.78 -4.59 12.01
C GLN B 44 6.83 -3.39 12.00
N SER B 45 5.60 -3.61 11.53
CA SER B 45 4.59 -2.55 11.44
C SER B 45 4.77 -1.76 10.14
N LEU B 46 3.74 -1.75 9.32
CA LEU B 46 3.81 -1.05 8.04
C LEU B 46 3.59 0.46 8.23
N GLY B 47 2.52 0.85 8.92
CA GLY B 47 2.27 2.27 9.16
C GLY B 47 0.99 2.78 8.49
N TYR B 48 -0.16 2.26 8.95
CA TYR B 48 -1.44 2.69 8.40
C TYR B 48 -2.62 2.22 9.25
N GLY B 49 -3.67 3.03 9.25
CA GLY B 49 -4.88 2.73 10.02
C GLY B 49 -6.13 2.86 9.19
N PHE B 50 -7.27 2.50 9.76
CA PHE B 50 -8.54 2.58 9.03
C PHE B 50 -9.63 3.26 9.84
N VAL B 51 -10.54 3.92 9.14
CA VAL B 51 -11.65 4.61 9.76
C VAL B 51 -12.98 4.17 9.14
N ASN B 52 -13.86 3.61 9.97
CA ASN B 52 -15.16 3.14 9.50
C ASN B 52 -16.24 4.21 9.74
N TYR B 53 -16.27 5.21 8.87
CA TYR B 53 -17.25 6.29 8.98
C TYR B 53 -18.59 5.86 8.40
N SER B 54 -19.55 5.56 9.28
CA SER B 54 -20.90 5.10 8.88
C SER B 54 -21.44 5.84 7.65
N ASP B 55 -21.27 7.16 7.60
CA ASP B 55 -21.76 7.96 6.47
C ASP B 55 -20.61 8.39 5.56
N PRO B 56 -20.87 8.46 4.23
CA PRO B 56 -19.86 8.86 3.24
C PRO B 56 -19.29 10.26 3.51
N ASN B 57 -20.17 11.18 3.94
CA ASN B 57 -19.75 12.55 4.25
C ASN B 57 -18.55 12.56 5.20
N ASP B 58 -18.65 11.80 6.29
CA ASP B 58 -17.56 11.71 7.27
C ASP B 58 -16.34 11.02 6.64
N ALA B 59 -16.59 10.15 5.66
CA ALA B 59 -15.51 9.44 4.96
C ALA B 59 -14.76 10.37 4.02
N ASP B 60 -15.48 11.15 3.22
CA ASP B 60 -14.84 12.08 2.29
C ASP B 60 -14.36 13.33 3.03
N LYS B 61 -15.07 13.74 4.08
CA LYS B 61 -14.67 14.90 4.88
C LYS B 61 -13.23 14.73 5.35
N ALA B 62 -12.91 13.54 5.88
CA ALA B 62 -11.56 13.23 6.33
C ALA B 62 -10.59 13.36 5.15
N ILE B 63 -10.97 12.78 4.02
CA ILE B 63 -10.16 12.83 2.80
C ILE B 63 -9.89 14.29 2.41
N ASN B 64 -10.95 15.09 2.34
CA ASN B 64 -10.83 16.50 1.97
C ASN B 64 -9.79 17.25 2.81
N THR B 65 -9.43 16.72 3.99
CA THR B 65 -8.47 17.39 4.86
C THR B 65 -7.23 16.54 5.20
N LEU B 66 -7.39 15.20 5.29
CA LEU B 66 -6.24 14.34 5.64
C LEU B 66 -5.71 13.49 4.47
N ASN B 67 -5.98 13.89 3.22
CA ASN B 67 -5.48 13.15 2.07
C ASN B 67 -4.05 13.57 1.70
N GLY B 68 -3.13 13.39 2.65
CA GLY B 68 -1.73 13.74 2.43
C GLY B 68 -1.26 14.85 3.35
N LEU B 69 -1.39 14.65 4.65
CA LEU B 69 -0.97 15.64 5.62
C LEU B 69 0.48 15.44 6.04
N LYS B 70 1.36 16.32 5.57
CA LYS B 70 2.79 16.24 5.90
C LYS B 70 3.02 16.43 7.40
N LEU B 71 3.75 15.48 8.00
CA LEU B 71 4.06 15.52 9.43
C LEU B 71 5.57 15.64 9.65
N GLN B 72 5.98 15.78 10.91
CA GLN B 72 7.40 15.89 11.24
C GLN B 72 8.17 14.64 10.77
N THR B 73 7.49 13.49 10.73
CA THR B 73 8.12 12.24 10.29
C THR B 73 7.81 11.95 8.83
N LYS B 74 6.52 11.96 8.47
CA LYS B 74 6.09 11.69 7.10
C LYS B 74 4.71 12.30 6.82
N THR B 75 4.19 12.06 5.63
CA THR B 75 2.88 12.59 5.24
C THR B 75 1.75 11.59 5.51
N ILE B 76 0.89 11.92 6.47
CA ILE B 76 -0.25 11.05 6.79
C ILE B 76 -1.36 11.26 5.76
N LYS B 77 -1.75 10.18 5.08
CA LYS B 77 -2.77 10.29 4.05
C LYS B 77 -3.87 9.23 4.13
N VAL B 78 -5.12 9.71 4.17
CA VAL B 78 -6.30 8.84 4.21
C VAL B 78 -6.76 8.53 2.79
N SER B 79 -6.95 7.25 2.47
CA SER B 79 -7.38 6.86 1.13
C SER B 79 -8.31 5.64 1.15
N TYR B 80 -9.02 5.44 0.04
CA TYR B 80 -9.95 4.32 -0.10
C TYR B 80 -9.22 3.01 -0.37
N ALA B 81 -9.55 1.96 0.40
CA ALA B 81 -8.95 0.65 0.20
C ALA B 81 -9.83 -0.22 -0.69
N ARG B 82 -9.24 -0.83 -1.71
CA ARG B 82 -9.99 -1.68 -2.64
C ARG B 82 -10.06 -3.12 -2.13
N PRO B 83 -10.81 -4.00 -2.83
CA PRO B 83 -10.96 -5.41 -2.45
C PRO B 83 -9.61 -6.13 -2.32
N SER B 84 -9.57 -7.18 -1.50
CA SER B 84 -8.36 -7.95 -1.28
C SER B 84 -8.65 -9.44 -1.39
N SER B 85 -7.77 -10.15 -2.10
CA SER B 85 -7.91 -11.59 -2.31
C SER B 85 -6.96 -12.38 -1.41
N ALA B 86 -5.66 -12.12 -1.54
CA ALA B 86 -4.65 -12.81 -0.74
C ALA B 86 -3.28 -12.14 -0.85
N SER B 87 -2.70 -12.16 -2.06
CA SER B 87 -1.39 -11.56 -2.30
C SER B 87 -1.51 -10.04 -2.52
N ILE B 88 -1.92 -9.32 -1.47
CA ILE B 88 -2.08 -7.86 -1.56
C ILE B 88 -1.04 -7.12 -0.72
N ARG B 89 0.20 -7.00 -1.22
CA ARG B 89 1.25 -6.30 -0.48
C ARG B 89 2.60 -6.30 -1.20
N ASP B 90 3.38 -5.23 -0.98
CA ASP B 90 4.72 -5.05 -1.54
C ASP B 90 4.87 -5.55 -2.99
N ALA B 91 4.60 -4.65 -3.93
CA ALA B 91 4.73 -4.96 -5.35
C ALA B 91 5.02 -3.68 -6.14
N ASN B 92 6.15 -3.06 -5.83
CA ASN B 92 6.58 -1.80 -6.45
C ASN B 92 7.58 -2.00 -7.59
N LEU B 93 7.46 -1.19 -8.64
CA LEU B 93 8.36 -1.27 -9.79
C LEU B 93 9.05 0.06 -10.11
N TYR B 94 10.24 -0.05 -10.71
CA TYR B 94 11.07 1.07 -11.13
C TYR B 94 11.22 1.14 -12.65
N VAL B 95 10.74 2.24 -13.25
CA VAL B 95 10.82 2.43 -14.70
C VAL B 95 11.53 3.74 -15.07
N SER B 96 12.76 3.63 -15.58
CA SER B 96 13.53 4.81 -15.97
C SER B 96 13.56 4.96 -17.49
N GLY B 97 13.75 6.21 -17.94
CA GLY B 97 13.79 6.50 -19.36
C GLY B 97 12.53 7.20 -19.85
N LEU B 98 11.90 7.98 -18.98
CA LEU B 98 10.68 8.70 -19.34
C LEU B 98 10.94 10.21 -19.47
N PRO B 99 10.17 10.89 -20.34
CA PRO B 99 10.32 12.34 -20.57
C PRO B 99 9.78 13.19 -19.42
N LYS B 100 10.21 14.45 -19.37
CA LYS B 100 9.76 15.39 -18.34
C LYS B 100 8.23 15.50 -18.28
N THR B 101 7.58 15.32 -19.43
CA THR B 101 6.12 15.40 -19.50
C THR B 101 5.48 14.01 -19.34
N MET B 102 6.11 13.12 -18.57
CA MET B 102 5.58 11.78 -18.35
C MET B 102 4.30 11.82 -17.51
N SER B 103 3.19 11.38 -18.12
CA SER B 103 1.89 11.38 -17.45
C SER B 103 1.72 10.12 -16.58
N GLN B 104 1.79 10.31 -15.26
CA GLN B 104 1.64 9.21 -14.30
C GLN B 104 0.51 8.24 -14.69
N LYS B 105 -0.71 8.77 -14.84
CA LYS B 105 -1.87 7.95 -15.21
C LYS B 105 -1.56 7.05 -16.40
N GLU B 106 -0.87 7.57 -17.41
CA GLU B 106 -0.50 6.78 -18.58
C GLU B 106 0.25 5.53 -18.14
N MET B 107 1.21 5.70 -17.23
CA MET B 107 1.96 4.57 -16.70
C MET B 107 1.02 3.59 -16.00
N GLU B 108 0.04 4.14 -15.28
CA GLU B 108 -0.94 3.32 -14.57
C GLU B 108 -1.79 2.52 -15.55
N GLN B 109 -2.45 3.20 -16.49
CA GLN B 109 -3.27 2.51 -17.49
C GLN B 109 -2.41 1.55 -18.33
N LEU B 110 -1.13 1.91 -18.52
CA LEU B 110 -0.20 1.10 -19.29
C LEU B 110 0.08 -0.22 -18.57
N PHE B 111 0.50 -0.11 -17.31
CA PHE B 111 0.80 -1.30 -16.51
C PHE B 111 -0.50 -1.97 -16.03
N SER B 112 -1.56 -1.16 -15.82
CA SER B 112 -2.86 -1.68 -15.36
C SER B 112 -3.32 -2.84 -16.25
N GLN B 113 -3.14 -2.68 -17.57
CA GLN B 113 -3.51 -3.71 -18.54
C GLN B 113 -2.79 -5.03 -18.24
N TYR B 114 -1.58 -4.92 -17.69
CA TYR B 114 -0.79 -6.11 -17.34
C TYR B 114 -1.25 -6.69 -16.01
N GLY B 115 -1.70 -5.83 -15.10
CA GLY B 115 -2.17 -6.28 -13.80
C GLY B 115 -2.82 -5.17 -13.01
N ARG B 116 -3.70 -5.54 -12.07
CA ARG B 116 -4.39 -4.55 -11.25
C ARG B 116 -3.39 -3.79 -10.38
N ILE B 117 -3.01 -2.58 -10.82
CA ILE B 117 -2.04 -1.77 -10.08
C ILE B 117 -2.70 -1.05 -8.90
N ILE B 118 -1.96 -0.95 -7.81
CA ILE B 118 -2.43 -0.25 -6.60
C ILE B 118 -2.12 1.24 -6.73
N THR B 119 -0.88 1.54 -7.13
CA THR B 119 -0.42 2.91 -7.32
C THR B 119 0.67 2.99 -8.38
N SER B 120 0.90 4.19 -8.90
CA SER B 120 1.92 4.41 -9.93
C SER B 120 2.30 5.88 -9.99
N ARG B 121 3.53 6.17 -10.40
CA ARG B 121 3.97 7.58 -10.48
C ARG B 121 5.36 7.74 -11.09
N ILE B 122 5.80 8.99 -11.18
CA ILE B 122 7.11 9.33 -11.73
C ILE B 122 7.79 10.41 -10.87
N LEU B 123 9.07 10.21 -10.56
CA LEU B 123 9.80 11.18 -9.73
C LEU B 123 10.55 12.20 -10.61
N LEU B 124 10.19 13.48 -10.44
CA LEU B 124 10.81 14.56 -11.19
C LEU B 124 10.58 15.91 -10.47
N ASP B 125 11.41 16.21 -9.47
CA ASP B 125 11.29 17.46 -8.75
C ASP B 125 12.13 18.56 -9.41
N GLN B 126 11.70 19.80 -9.25
CA GLN B 126 12.40 20.94 -9.83
C GLN B 126 12.28 22.19 -8.94
N ALA B 127 12.28 21.97 -7.63
CA ALA B 127 12.16 23.08 -6.68
C ALA B 127 12.85 22.77 -5.34
N THR B 128 12.70 21.54 -4.84
CA THR B 128 13.30 21.15 -3.56
C THR B 128 14.25 19.96 -3.68
N GLY B 129 13.98 19.05 -4.62
CA GLY B 129 14.82 17.88 -4.80
C GLY B 129 15.66 17.93 -6.07
N VAL B 130 15.37 17.03 -7.01
CA VAL B 130 16.11 16.97 -8.28
C VAL B 130 15.25 16.41 -9.41
N SER B 131 15.57 16.82 -10.64
CA SER B 131 14.85 16.36 -11.83
C SER B 131 15.37 14.99 -12.26
N ARG B 132 14.49 13.99 -12.26
CA ARG B 132 14.88 12.63 -12.63
C ARG B 132 14.11 12.13 -13.85
N GLY B 133 12.81 11.89 -13.68
CA GLY B 133 11.98 11.40 -14.78
C GLY B 133 11.78 9.90 -14.74
N VAL B 134 11.96 9.29 -13.57
CA VAL B 134 11.76 7.85 -13.42
C VAL B 134 10.36 7.55 -12.94
N GLY B 135 9.78 6.47 -13.45
CA GLY B 135 8.43 6.10 -13.08
C GLY B 135 8.36 4.82 -12.28
N PHE B 136 7.28 4.64 -11.55
CA PHE B 136 7.08 3.46 -10.73
C PHE B 136 5.66 2.93 -10.84
N ILE B 137 5.53 1.64 -10.63
CA ILE B 137 4.23 1.00 -10.70
C ILE B 137 4.07 0.01 -9.53
N ARG B 138 3.06 0.23 -8.69
CA ARG B 138 2.82 -0.65 -7.55
C ARG B 138 1.68 -1.61 -7.84
N PHE B 139 2.03 -2.83 -8.24
CA PHE B 139 1.04 -3.86 -8.54
C PHE B 139 0.55 -4.54 -7.25
N ASP B 140 -0.41 -5.43 -7.40
CA ASP B 140 -0.94 -6.18 -6.26
C ASP B 140 0.12 -7.14 -5.72
N LYS B 141 0.74 -7.88 -6.63
CA LYS B 141 1.78 -8.86 -6.27
C LYS B 141 3.04 -8.70 -7.13
N ARG B 142 4.18 -9.14 -6.60
CA ARG B 142 5.46 -9.07 -7.31
C ARG B 142 5.50 -9.97 -8.55
N ILE B 143 5.05 -11.22 -8.41
CA ILE B 143 5.05 -12.17 -9.53
C ILE B 143 4.46 -11.55 -10.80
N GLU B 144 3.36 -10.83 -10.66
CA GLU B 144 2.73 -10.18 -11.80
C GLU B 144 3.67 -9.13 -12.38
N ALA B 145 4.26 -8.35 -11.48
CA ALA B 145 5.22 -7.31 -11.86
C ALA B 145 6.50 -7.92 -12.43
N GLU B 146 7.06 -8.91 -11.73
CA GLU B 146 8.27 -9.58 -12.22
C GLU B 146 8.02 -10.14 -13.61
N GLU B 147 6.91 -10.89 -13.75
CA GLU B 147 6.54 -11.44 -15.05
C GLU B 147 6.29 -10.31 -16.04
N ALA B 148 5.53 -9.30 -15.60
CA ALA B 148 5.23 -8.13 -16.42
C ALA B 148 6.54 -7.49 -16.91
N ILE B 149 7.49 -7.29 -15.98
CA ILE B 149 8.79 -6.70 -16.33
C ILE B 149 9.31 -7.30 -17.64
N LYS B 150 9.24 -8.63 -17.75
CA LYS B 150 9.69 -9.33 -18.97
C LYS B 150 8.94 -8.81 -20.20
N GLY B 151 7.62 -8.67 -20.09
CA GLY B 151 6.80 -8.17 -21.18
C GLY B 151 6.62 -6.66 -21.16
N LEU B 152 7.51 -5.94 -20.46
CA LEU B 152 7.43 -4.48 -20.37
C LEU B 152 8.80 -3.83 -20.54
N ASN B 153 9.83 -4.37 -19.88
CA ASN B 153 11.20 -3.83 -19.96
C ASN B 153 11.62 -3.52 -21.40
N GLY B 154 12.70 -2.75 -21.54
CA GLY B 154 13.19 -2.38 -22.86
C GLY B 154 13.96 -3.49 -23.52
N GLN B 155 13.32 -4.64 -23.69
CA GLN B 155 13.93 -5.80 -24.32
C GLN B 155 13.92 -5.63 -25.84
N LYS B 156 14.78 -4.72 -26.32
CA LYS B 156 14.86 -4.42 -27.74
C LYS B 156 16.00 -5.18 -28.42
N PRO B 157 15.83 -5.51 -29.72
CA PRO B 157 16.84 -6.23 -30.51
C PRO B 157 18.04 -5.35 -30.87
N LEU B 158 18.92 -5.88 -31.70
CA LEU B 158 20.12 -5.14 -32.12
C LEU B 158 19.76 -3.88 -32.91
N GLY B 159 18.64 -3.91 -33.63
CA GLY B 159 18.22 -2.75 -34.40
C GLY B 159 17.64 -1.64 -33.54
N ALA B 160 18.37 -1.26 -32.48
CA ALA B 160 17.93 -0.20 -31.58
C ALA B 160 19.11 0.38 -30.79
N ALA B 161 18.86 1.46 -30.04
CA ALA B 161 19.91 2.11 -29.27
C ALA B 161 19.65 2.04 -27.76
N GLU B 162 18.61 2.73 -27.29
CA GLU B 162 18.28 2.76 -25.86
C GLU B 162 16.78 2.90 -25.60
N PRO B 163 16.11 1.80 -25.21
CA PRO B 163 14.68 1.79 -24.94
C PRO B 163 14.35 1.97 -23.45
N ILE B 164 13.06 1.95 -23.14
CA ILE B 164 12.57 2.09 -21.75
C ILE B 164 13.22 1.05 -20.83
N THR B 165 13.32 1.37 -19.54
CA THR B 165 13.91 0.43 -18.58
C THR B 165 13.08 0.32 -17.31
N VAL B 166 12.28 -0.75 -17.24
CA VAL B 166 11.42 -1.01 -16.09
C VAL B 166 11.86 -2.29 -15.37
N LYS B 167 12.16 -2.16 -14.07
CA LYS B 167 12.61 -3.28 -13.26
C LYS B 167 12.25 -3.07 -11.78
N PHE B 168 12.49 -4.08 -10.96
CA PHE B 168 12.21 -3.96 -9.53
C PHE B 168 13.25 -3.12 -8.81
N ALA B 169 12.81 -2.49 -7.72
CA ALA B 169 13.67 -1.63 -6.91
C ALA B 169 14.97 -2.33 -6.50
N ASN B 170 16.09 -1.85 -7.03
CA ASN B 170 17.41 -2.41 -6.72
C ASN B 170 17.96 -1.85 -5.39
N ASN B 171 17.09 -1.25 -4.57
CA ASN B 171 17.50 -0.67 -3.28
C ASN B 171 18.38 -1.62 -2.47
N PRO B 172 19.58 -1.17 -2.06
CA PRO B 172 20.51 -1.98 -1.27
C PRO B 172 20.03 -2.15 0.18
N SER B 173 20.47 -3.21 0.82
CA SER B 173 20.08 -3.47 2.21
C SER B 173 20.92 -2.63 3.18
N GLN B 174 22.21 -2.53 2.90
CA GLN B 174 23.12 -1.75 3.74
C GLN B 174 24.21 -1.08 2.90
N MET B 1 -24.54 2.98 9.50
CA MET B 1 -24.76 1.52 9.40
C MET B 1 -23.48 0.78 9.02
N ASP B 2 -23.37 -0.49 9.43
CA ASP B 2 -22.20 -1.30 9.15
C ASP B 2 -22.33 -2.08 7.82
N SER B 3 -21.20 -2.31 7.16
CA SER B 3 -21.14 -3.04 5.89
C SER B 3 -19.73 -3.01 5.31
N LYS B 4 -19.19 -1.80 5.16
CA LYS B 4 -17.84 -1.61 4.62
C LYS B 4 -17.18 -0.38 5.25
N THR B 5 -17.22 -0.32 6.58
CA THR B 5 -16.65 0.82 7.33
C THR B 5 -15.19 0.56 7.75
N ASN B 6 -14.46 -0.21 6.94
CA ASN B 6 -13.06 -0.50 7.23
C ASN B 6 -12.14 0.41 6.41
N LEU B 7 -11.72 1.52 7.03
CA LEU B 7 -10.84 2.49 6.36
C LEU B 7 -9.36 2.14 6.57
N ILE B 8 -8.58 2.23 5.49
CA ILE B 8 -7.14 1.95 5.57
C ILE B 8 -6.32 3.17 5.15
N VAL B 9 -5.60 3.75 6.11
CA VAL B 9 -4.77 4.95 5.89
C VAL B 9 -3.30 4.58 5.80
N ASN B 10 -2.69 4.80 4.63
CA ASN B 10 -1.27 4.48 4.45
C ASN B 10 -0.39 5.73 4.61
N TYR B 11 0.90 5.48 4.86
CA TYR B 11 1.90 6.52 5.03
C TYR B 11 1.85 7.13 6.44
N LEU B 12 1.65 6.25 7.42
CA LEU B 12 1.60 6.67 8.82
C LEU B 12 3.01 6.84 9.40
N PRO B 13 3.20 7.76 10.35
CA PRO B 13 4.51 7.99 10.97
C PRO B 13 5.02 6.76 11.72
N GLN B 14 5.89 5.98 11.07
CA GLN B 14 6.44 4.75 11.68
C GLN B 14 6.98 4.99 13.10
N ASN B 15 7.37 6.24 13.40
CA ASN B 15 7.88 6.57 14.74
C ASN B 15 6.73 6.80 15.74
N MET B 16 5.50 6.90 15.26
CA MET B 16 4.33 7.12 16.10
C MET B 16 3.74 5.78 16.56
N THR B 17 3.26 5.72 17.81
CA THR B 17 2.67 4.49 18.33
C THR B 17 1.18 4.38 18.02
N GLN B 18 0.63 3.16 18.18
CA GLN B 18 -0.78 2.90 17.90
C GLN B 18 -1.71 3.82 18.71
N ASP B 19 -1.38 4.07 19.97
CA ASP B 19 -2.19 4.95 20.82
C ASP B 19 -2.18 6.38 20.28
N GLU B 20 -1.00 6.85 19.87
CA GLU B 20 -0.86 8.20 19.31
C GLU B 20 -1.75 8.37 18.08
N PHE B 21 -1.70 7.40 17.17
CA PHE B 21 -2.51 7.44 15.94
C PHE B 21 -3.98 7.70 16.28
N LYS B 22 -4.46 7.09 17.37
CA LYS B 22 -5.84 7.28 17.80
C LYS B 22 -6.12 8.77 18.04
N SER B 23 -5.18 9.43 18.72
CA SER B 23 -5.31 10.86 19.00
C SER B 23 -5.52 11.67 17.73
N LEU B 24 -4.76 11.34 16.68
CA LEU B 24 -4.85 12.05 15.39
C LEU B 24 -6.28 12.01 14.85
N PHE B 25 -6.80 10.81 14.59
CA PHE B 25 -8.17 10.65 14.07
C PHE B 25 -9.22 10.92 15.16
N GLY B 26 -8.81 10.82 16.44
CA GLY B 26 -9.74 11.05 17.54
C GLY B 26 -10.51 12.36 17.40
N SER B 27 -9.82 13.43 17.03
CA SER B 27 -10.45 14.74 16.85
C SER B 27 -11.20 14.81 15.52
N ILE B 28 -12.11 13.87 15.30
CA ILE B 28 -12.90 13.82 14.06
C ILE B 28 -14.36 13.43 14.33
N GLY B 29 -14.56 12.34 15.07
CA GLY B 29 -15.91 11.89 15.38
C GLY B 29 -15.92 10.60 16.16
N ASP B 30 -17.04 9.87 16.10
CA ASP B 30 -17.18 8.61 16.81
C ASP B 30 -16.49 7.46 16.05
N ILE B 31 -15.23 7.22 16.40
CA ILE B 31 -14.45 6.16 15.76
C ILE B 31 -14.77 4.81 16.40
N GLU B 32 -15.77 4.13 15.83
CA GLU B 32 -16.21 2.82 16.33
C GLU B 32 -15.04 1.86 16.53
N SER B 33 -13.99 1.96 15.70
CA SER B 33 -12.83 1.05 15.84
C SER B 33 -11.62 1.58 15.08
N CYS B 34 -10.45 1.02 15.42
CA CYS B 34 -9.18 1.38 14.78
C CYS B 34 -8.26 0.15 14.69
N LYS B 35 -7.22 0.24 13.86
CA LYS B 35 -6.30 -0.88 13.71
C LYS B 35 -4.99 -0.46 13.02
N LEU B 36 -3.98 -1.33 13.10
CA LEU B 36 -2.68 -1.09 12.49
C LEU B 36 -2.07 -2.39 11.95
N VAL B 37 -1.66 -2.38 10.67
CA VAL B 37 -1.07 -3.56 10.05
C VAL B 37 0.18 -4.04 10.81
N ARG B 38 0.39 -5.34 10.84
CA ARG B 38 1.55 -5.93 11.52
C ARG B 38 1.84 -7.33 11.00
N ASP B 39 3.11 -7.67 10.84
CA ASP B 39 3.49 -8.99 10.36
C ASP B 39 3.63 -9.98 11.52
N LYS B 40 3.39 -11.25 11.22
CA LYS B 40 3.47 -12.31 12.24
C LYS B 40 4.71 -13.20 12.06
N ILE B 41 5.33 -13.17 10.88
CA ILE B 41 6.50 -13.99 10.60
C ILE B 41 7.78 -13.29 11.05
N THR B 42 7.97 -12.06 10.58
CA THR B 42 9.15 -11.26 10.92
C THR B 42 8.79 -10.21 11.96
N GLY B 43 7.62 -9.60 11.79
CA GLY B 43 7.15 -8.58 12.71
C GLY B 43 7.62 -7.18 12.33
N GLN B 44 7.60 -6.89 11.03
CA GLN B 44 8.01 -5.57 10.53
C GLN B 44 6.79 -4.69 10.25
N SER B 45 6.95 -3.38 10.45
CA SER B 45 5.86 -2.43 10.23
C SER B 45 6.00 -1.72 8.88
N LEU B 46 4.98 -1.86 8.03
CA LEU B 46 4.99 -1.23 6.71
C LEU B 46 4.62 0.26 6.80
N GLY B 47 3.35 0.59 7.09
CA GLY B 47 2.98 2.00 7.21
C GLY B 47 1.54 2.32 6.84
N TYR B 48 0.59 1.84 7.65
CA TYR B 48 -0.83 2.12 7.41
C TYR B 48 -1.68 1.83 8.66
N GLY B 49 -2.72 2.66 8.85
CA GLY B 49 -3.62 2.52 9.99
C GLY B 49 -5.06 2.33 9.54
N PHE B 50 -5.94 1.99 10.48
CA PHE B 50 -7.34 1.76 10.15
C PHE B 50 -8.30 2.42 11.12
N VAL B 51 -9.44 2.84 10.58
CA VAL B 51 -10.48 3.50 11.35
C VAL B 51 -11.87 2.98 10.95
N ASN B 52 -12.72 2.77 11.95
CA ASN B 52 -14.07 2.27 11.73
C ASN B 52 -15.11 3.29 12.19
N TYR B 53 -16.17 3.47 11.41
CA TYR B 53 -17.22 4.42 11.74
C TYR B 53 -18.60 3.77 11.73
N SER B 54 -19.52 4.31 12.53
CA SER B 54 -20.89 3.78 12.62
C SER B 54 -21.71 4.07 11.36
N ASP B 55 -21.44 5.21 10.71
CA ASP B 55 -22.16 5.58 9.49
C ASP B 55 -21.25 6.20 8.44
N PRO B 56 -21.52 5.90 7.15
CA PRO B 56 -20.71 6.42 6.03
C PRO B 56 -20.73 7.95 5.93
N ASN B 57 -21.81 8.58 6.39
CA ASN B 57 -21.94 10.05 6.33
C ASN B 57 -20.70 10.75 6.91
N ASP B 58 -20.53 10.68 8.22
CA ASP B 58 -19.36 11.29 8.85
C ASP B 58 -18.08 10.64 8.34
N ALA B 59 -18.22 9.40 7.83
CA ALA B 59 -17.08 8.67 7.28
C ALA B 59 -16.62 9.32 5.98
N ASP B 60 -17.56 9.56 5.05
CA ASP B 60 -17.20 10.21 3.79
C ASP B 60 -16.76 11.65 4.06
N LYS B 61 -17.44 12.29 5.01
CA LYS B 61 -17.10 13.65 5.39
C LYS B 61 -15.67 13.70 5.95
N ALA B 62 -15.35 12.76 6.84
CA ALA B 62 -14.02 12.67 7.42
C ALA B 62 -12.96 12.43 6.34
N ILE B 63 -13.25 11.52 5.41
CA ILE B 63 -12.33 11.22 4.31
C ILE B 63 -12.04 12.49 3.51
N ASN B 64 -13.03 13.37 3.38
CA ASN B 64 -12.84 14.64 2.67
C ASN B 64 -11.95 15.60 3.48
N THR B 65 -10.88 15.06 4.07
CA THR B 65 -9.95 15.84 4.88
C THR B 65 -8.61 15.11 5.02
N LEU B 66 -8.67 13.82 5.40
CA LEU B 66 -7.47 13.00 5.59
C LEU B 66 -7.00 12.35 4.28
N ASN B 67 -7.84 12.38 3.23
CA ASN B 67 -7.48 11.79 1.94
C ASN B 67 -6.40 12.64 1.22
N GLY B 68 -5.26 12.84 1.89
CA GLY B 68 -4.18 13.62 1.29
C GLY B 68 -3.59 14.66 2.24
N LEU B 69 -3.20 14.22 3.44
CA LEU B 69 -2.61 15.11 4.43
C LEU B 69 -1.08 15.16 4.28
N LYS B 70 -0.56 16.33 3.87
CA LYS B 70 0.88 16.49 3.68
C LYS B 70 1.56 16.97 4.96
N LEU B 71 2.46 16.14 5.50
CA LEU B 71 3.19 16.49 6.72
C LEU B 71 4.65 16.79 6.40
N GLN B 72 5.34 17.42 7.35
CA GLN B 72 6.76 17.75 7.18
C GLN B 72 7.58 16.49 6.89
N THR B 73 7.10 15.34 7.40
CA THR B 73 7.77 14.06 7.20
C THR B 73 7.27 13.36 5.93
N LYS B 74 5.95 13.22 5.82
CA LYS B 74 5.34 12.56 4.66
C LYS B 74 3.86 12.93 4.49
N THR B 75 3.22 12.30 3.51
CA THR B 75 1.82 12.54 3.21
C THR B 75 0.93 11.38 3.69
N ILE B 76 -0.20 11.71 4.31
CA ILE B 76 -1.14 10.68 4.80
C ILE B 76 -2.38 10.62 3.91
N LYS B 77 -2.76 9.41 3.49
CA LYS B 77 -3.93 9.25 2.63
C LYS B 77 -4.83 8.11 3.09
N VAL B 78 -6.08 8.44 3.41
CA VAL B 78 -7.06 7.45 3.86
C VAL B 78 -7.82 6.83 2.69
N SER B 79 -8.15 5.55 2.82
CA SER B 79 -8.88 4.82 1.77
C SER B 79 -9.98 3.93 2.37
N TYR B 80 -11.03 3.67 1.59
CA TYR B 80 -12.14 2.82 2.03
C TYR B 80 -11.86 1.34 1.75
N ALA B 81 -10.59 0.95 1.84
CA ALA B 81 -10.20 -0.45 1.58
C ALA B 81 -10.49 -0.83 0.13
N ARG B 82 -10.39 -2.12 -0.14
CA ARG B 82 -10.63 -2.67 -1.48
C ARG B 82 -10.69 -4.20 -1.42
N PRO B 83 -11.80 -4.79 -1.92
CA PRO B 83 -12.00 -6.25 -1.92
C PRO B 83 -10.77 -7.02 -2.39
N SER B 84 -10.23 -7.86 -1.49
CA SER B 84 -9.06 -8.68 -1.80
C SER B 84 -9.44 -9.83 -2.75
N SER B 85 -9.84 -9.48 -3.97
CA SER B 85 -10.25 -10.47 -4.97
C SER B 85 -9.21 -11.58 -5.15
N ALA B 86 -7.95 -11.18 -5.34
CA ALA B 86 -6.86 -12.14 -5.54
C ALA B 86 -5.62 -11.80 -4.70
N SER B 87 -5.83 -11.32 -3.47
CA SER B 87 -4.72 -10.97 -2.58
C SER B 87 -3.98 -9.71 -3.05
N ILE B 88 -4.49 -8.54 -2.66
CA ILE B 88 -3.87 -7.26 -3.04
C ILE B 88 -2.71 -6.93 -2.10
N ARG B 89 -1.62 -6.39 -2.65
CA ARG B 89 -0.46 -6.04 -1.83
C ARG B 89 0.53 -5.14 -2.57
N ASP B 90 1.77 -5.04 -2.05
CA ASP B 90 2.80 -4.19 -2.64
C ASP B 90 3.11 -4.53 -4.10
N ALA B 91 2.69 -3.64 -5.00
CA ALA B 91 2.96 -3.79 -6.42
C ALA B 91 3.53 -2.47 -6.95
N ASN B 92 4.52 -1.94 -6.22
CA ASN B 92 5.18 -0.69 -6.57
C ASN B 92 6.30 -0.93 -7.58
N LEU B 93 6.09 -0.47 -8.81
CA LEU B 93 7.04 -0.69 -9.89
C LEU B 93 8.00 0.48 -10.14
N TYR B 94 9.13 0.13 -10.73
CA TYR B 94 10.21 1.05 -11.13
C TYR B 94 10.53 0.88 -12.63
N VAL B 95 10.51 2.01 -13.36
CA VAL B 95 10.78 1.99 -14.80
C VAL B 95 11.66 3.16 -15.23
N SER B 96 12.93 2.88 -15.54
CA SER B 96 13.86 3.91 -15.97
C SER B 96 14.02 3.90 -17.49
N GLY B 97 14.49 5.03 -18.03
CA GLY B 97 14.67 5.15 -19.47
C GLY B 97 13.52 5.89 -20.13
N LEU B 98 12.94 6.86 -19.41
CA LEU B 98 11.84 7.65 -19.94
C LEU B 98 12.26 9.10 -20.21
N PRO B 99 11.81 9.67 -21.34
CA PRO B 99 12.15 11.05 -21.71
C PRO B 99 11.69 12.06 -20.66
N LYS B 100 12.32 13.24 -20.65
CA LYS B 100 11.97 14.29 -19.69
C LYS B 100 10.48 14.63 -19.74
N THR B 101 9.90 14.57 -20.94
CA THR B 101 8.47 14.87 -21.12
C THR B 101 7.61 13.61 -20.93
N MET B 102 8.06 12.69 -20.08
CA MET B 102 7.32 11.45 -19.82
C MET B 102 6.11 11.74 -18.94
N SER B 103 4.91 11.61 -19.53
CA SER B 103 3.67 11.86 -18.80
C SER B 103 3.24 10.64 -17.98
N GLN B 104 3.40 10.75 -16.67
CA GLN B 104 3.03 9.67 -15.74
C GLN B 104 1.61 9.16 -15.99
N LYS B 105 0.71 10.09 -16.33
CA LYS B 105 -0.69 9.72 -16.60
C LYS B 105 -0.79 8.88 -17.87
N GLU B 106 -0.10 9.30 -18.93
CA GLU B 106 -0.11 8.56 -20.19
C GLU B 106 0.47 7.16 -19.96
N MET B 107 1.49 7.08 -19.11
CA MET B 107 2.08 5.79 -18.78
C MET B 107 1.08 4.94 -18.01
N GLU B 108 0.21 5.59 -17.23
CA GLU B 108 -0.82 4.89 -16.46
C GLU B 108 -1.71 4.04 -17.38
N GLN B 109 -2.27 4.66 -18.43
CA GLN B 109 -3.11 3.92 -19.38
C GLN B 109 -2.30 2.82 -20.08
N LEU B 110 -1.01 3.09 -20.30
CA LEU B 110 -0.10 2.15 -20.93
C LEU B 110 -0.06 0.85 -20.14
N PHE B 111 0.10 0.98 -18.83
CA PHE B 111 0.14 -0.17 -17.95
C PHE B 111 -1.26 -0.57 -17.48
N SER B 112 -2.21 0.39 -17.52
CA SER B 112 -3.59 0.13 -17.11
C SER B 112 -4.12 -1.15 -17.76
N GLN B 113 -4.06 -1.22 -19.08
CA GLN B 113 -4.51 -2.39 -19.83
C GLN B 113 -3.78 -3.67 -19.38
N TYR B 114 -2.59 -3.51 -18.80
CA TYR B 114 -1.80 -4.64 -18.32
C TYR B 114 -2.28 -5.14 -16.96
N GLY B 115 -3.05 -4.33 -16.22
CA GLY B 115 -3.55 -4.79 -14.92
C GLY B 115 -4.00 -3.67 -14.00
N ARG B 116 -4.75 -2.70 -14.52
CA ARG B 116 -5.29 -1.57 -13.73
C ARG B 116 -4.40 -1.20 -12.53
N ILE B 117 -3.56 -0.19 -12.73
CA ILE B 117 -2.66 0.28 -11.67
C ILE B 117 -3.37 1.18 -10.67
N ILE B 118 -2.85 1.22 -9.44
CA ILE B 118 -3.40 2.08 -8.41
C ILE B 118 -2.90 3.51 -8.61
N THR B 119 -1.59 3.66 -8.84
CA THR B 119 -0.97 4.97 -9.07
C THR B 119 0.25 4.86 -10.00
N SER B 120 0.41 5.87 -10.87
CA SER B 120 1.54 5.91 -11.81
C SER B 120 2.20 7.29 -11.79
N ARG B 121 3.54 7.31 -11.70
CA ARG B 121 4.26 8.60 -11.67
C ARG B 121 5.72 8.49 -12.11
N ILE B 122 6.33 9.64 -12.38
CA ILE B 122 7.73 9.71 -12.81
C ILE B 122 8.49 10.76 -11.99
N LEU B 123 9.71 10.43 -11.54
CA LEU B 123 10.51 11.37 -10.74
C LEU B 123 11.42 12.22 -11.65
N LEU B 124 11.16 13.52 -11.64
CA LEU B 124 11.92 14.48 -12.43
C LEU B 124 11.73 15.91 -11.89
N ASP B 125 12.34 16.23 -10.75
CA ASP B 125 12.21 17.55 -10.17
C ASP B 125 13.32 18.49 -10.68
N GLN B 126 13.08 19.79 -10.60
CA GLN B 126 14.05 20.79 -11.05
C GLN B 126 13.98 22.08 -10.21
N ALA B 127 13.50 21.96 -8.96
CA ALA B 127 13.38 23.13 -8.08
C ALA B 127 13.14 22.72 -6.61
N THR B 128 12.14 21.88 -6.39
CA THR B 128 11.79 21.40 -5.05
C THR B 128 12.52 20.11 -4.66
N GLY B 129 13.21 19.48 -5.62
CA GLY B 129 13.93 18.24 -5.34
C GLY B 129 15.14 18.04 -6.23
N VAL B 130 15.07 17.01 -7.08
CA VAL B 130 16.18 16.71 -8.01
C VAL B 130 15.67 16.03 -9.28
N SER B 131 16.44 16.17 -10.35
CA SER B 131 16.10 15.57 -11.65
C SER B 131 16.57 14.12 -11.73
N ARG B 132 15.81 13.28 -12.42
CA ARG B 132 16.16 11.87 -12.56
C ARG B 132 15.68 11.29 -13.89
N GLY B 133 14.35 11.19 -14.08
CA GLY B 133 13.82 10.66 -15.34
C GLY B 133 13.41 9.20 -15.27
N VAL B 134 12.81 8.79 -14.16
CA VAL B 134 12.34 7.42 -13.98
C VAL B 134 10.86 7.39 -13.63
N GLY B 135 10.17 6.35 -14.08
CA GLY B 135 8.76 6.22 -13.79
C GLY B 135 8.43 5.03 -12.91
N PHE B 136 7.33 5.13 -12.17
CA PHE B 136 6.90 4.07 -11.27
C PHE B 136 5.44 3.74 -11.45
N ILE B 137 5.08 2.53 -11.08
CA ILE B 137 3.70 2.07 -11.22
C ILE B 137 3.25 1.27 -9.99
N ARG B 138 2.21 1.72 -9.31
CA ARG B 138 1.70 1.02 -8.13
C ARG B 138 0.51 0.14 -8.50
N PHE B 139 0.78 -1.12 -8.87
CA PHE B 139 -0.30 -2.05 -9.24
C PHE B 139 -0.98 -2.65 -8.01
N ASP B 140 -2.04 -3.40 -8.27
CA ASP B 140 -2.83 -4.05 -7.22
C ASP B 140 -2.16 -5.37 -6.79
N LYS B 141 -1.97 -6.27 -7.75
CA LYS B 141 -1.33 -7.55 -7.50
C LYS B 141 0.02 -7.63 -8.21
N ARG B 142 1.09 -7.75 -7.41
CA ARG B 142 2.46 -7.81 -7.93
C ARG B 142 2.62 -8.82 -9.08
N ILE B 143 1.90 -9.93 -9.04
CA ILE B 143 2.01 -10.96 -10.09
C ILE B 143 1.61 -10.41 -11.47
N GLU B 144 0.51 -9.65 -11.52
CA GLU B 144 0.06 -9.05 -12.77
C GLU B 144 1.15 -8.13 -13.30
N ALA B 145 1.71 -7.34 -12.38
CA ALA B 145 2.81 -6.44 -12.71
C ALA B 145 4.03 -7.25 -13.15
N GLU B 146 4.40 -8.24 -12.34
CA GLU B 146 5.53 -9.11 -12.65
C GLU B 146 5.38 -9.69 -14.06
N GLU B 147 4.26 -10.39 -14.30
CA GLU B 147 3.99 -10.96 -15.61
C GLU B 147 4.08 -9.89 -16.70
N ALA B 148 3.38 -8.77 -16.48
CA ALA B 148 3.40 -7.65 -17.43
C ALA B 148 4.82 -7.11 -17.60
N ILE B 149 5.52 -6.86 -16.49
CA ILE B 149 6.89 -6.35 -16.54
C ILE B 149 7.74 -7.26 -17.44
N LYS B 150 7.67 -8.56 -17.18
CA LYS B 150 8.41 -9.56 -17.96
C LYS B 150 8.14 -9.42 -19.46
N GLY B 151 6.89 -9.14 -19.82
CA GLY B 151 6.54 -8.98 -21.22
C GLY B 151 6.62 -7.54 -21.71
N LEU B 152 7.16 -6.65 -20.87
CA LEU B 152 7.30 -5.23 -21.22
C LEU B 152 8.77 -4.79 -21.28
N ASN B 153 9.53 -5.11 -20.24
CA ASN B 153 10.94 -4.72 -20.19
C ASN B 153 11.69 -5.14 -21.47
N GLY B 154 12.54 -4.24 -21.97
CA GLY B 154 13.30 -4.53 -23.18
C GLY B 154 14.68 -5.06 -22.88
N GLN B 155 15.67 -4.16 -22.81
CA GLN B 155 17.05 -4.55 -22.53
C GLN B 155 17.84 -3.38 -21.94
N LYS B 156 18.79 -3.69 -21.05
CA LYS B 156 19.62 -2.66 -20.43
C LYS B 156 21.05 -3.15 -20.23
N PRO B 157 21.79 -3.34 -21.34
CA PRO B 157 23.18 -3.81 -21.28
C PRO B 157 24.14 -2.73 -20.78
N LEU B 158 25.29 -3.16 -20.26
CA LEU B 158 26.30 -2.24 -19.73
C LEU B 158 26.66 -1.15 -20.74
N GLY B 159 26.66 -1.49 -22.02
CA GLY B 159 26.96 -0.50 -23.06
C GLY B 159 25.73 0.24 -23.54
N ALA B 160 24.73 0.40 -22.67
CA ALA B 160 23.50 1.10 -23.04
C ALA B 160 22.95 1.93 -21.88
N ALA B 161 22.26 1.27 -20.94
CA ALA B 161 21.66 1.95 -19.79
C ALA B 161 20.68 3.03 -20.25
N GLU B 162 20.06 2.79 -21.40
CA GLU B 162 19.10 3.72 -21.99
C GLU B 162 17.74 3.03 -22.26
N PRO B 163 17.69 2.06 -23.21
CA PRO B 163 16.46 1.35 -23.56
C PRO B 163 15.56 1.08 -22.34
N ILE B 164 14.28 1.44 -22.48
CA ILE B 164 13.27 1.27 -21.42
C ILE B 164 13.53 0.04 -20.55
N THR B 165 13.60 0.26 -19.24
CA THR B 165 13.85 -0.84 -18.29
C THR B 165 12.90 -0.74 -17.10
N VAL B 166 11.93 -1.67 -17.04
CA VAL B 166 10.95 -1.70 -15.96
C VAL B 166 11.18 -2.90 -15.02
N LYS B 167 11.18 -2.64 -13.72
CA LYS B 167 11.39 -3.67 -12.71
C LYS B 167 10.85 -3.23 -11.34
N PHE B 168 10.82 -4.16 -10.38
CA PHE B 168 10.34 -3.87 -9.04
C PHE B 168 11.29 -2.90 -8.33
N ALA B 169 10.81 -2.25 -7.28
CA ALA B 169 11.62 -1.31 -6.53
C ALA B 169 12.71 -2.01 -5.71
N ASN B 170 13.95 -1.92 -6.17
CA ASN B 170 15.08 -2.50 -5.47
C ASN B 170 15.44 -1.62 -4.26
N ASN B 171 14.61 -1.65 -3.22
CA ASN B 171 14.83 -0.85 -2.03
C ASN B 171 15.54 -1.64 -0.93
N PRO B 172 16.32 -0.95 -0.08
CA PRO B 172 17.05 -1.58 1.02
C PRO B 172 16.12 -2.18 2.06
N SER B 173 15.98 -3.50 2.05
CA SER B 173 15.11 -4.20 2.99
C SER B 173 15.82 -4.47 4.32
N GLN B 174 16.44 -3.42 4.89
CA GLN B 174 17.16 -3.54 6.15
C GLN B 174 17.35 -2.16 6.80
N MET B 1 -15.22 -10.95 3.37
CA MET B 1 -16.30 -10.12 3.96
C MET B 1 -16.32 -8.72 3.35
N ASP B 2 -17.51 -8.19 3.12
CA ASP B 2 -17.67 -6.85 2.55
C ASP B 2 -18.05 -5.83 3.62
N SER B 3 -17.77 -4.55 3.34
CA SER B 3 -18.08 -3.46 4.27
C SER B 3 -17.64 -2.12 3.70
N LYS B 4 -18.03 -1.05 4.39
CA LYS B 4 -17.67 0.32 3.98
C LYS B 4 -17.01 1.08 5.12
N THR B 5 -16.62 0.38 6.19
CA THR B 5 -15.98 1.02 7.34
C THR B 5 -14.49 0.65 7.45
N ASN B 6 -13.86 0.38 6.30
CA ASN B 6 -12.43 0.03 6.27
C ASN B 6 -11.63 1.14 5.58
N LEU B 7 -11.63 2.32 6.19
CA LEU B 7 -10.89 3.48 5.64
C LEU B 7 -9.40 3.31 5.89
N ILE B 8 -8.61 3.27 4.82
CA ILE B 8 -7.15 3.10 4.95
C ILE B 8 -6.37 4.38 4.69
N VAL B 9 -5.48 4.70 5.63
CA VAL B 9 -4.61 5.88 5.55
C VAL B 9 -3.21 5.43 5.15
N ASN B 10 -2.72 5.88 4.01
CA ASN B 10 -1.39 5.46 3.54
C ASN B 10 -0.31 6.51 3.83
N TYR B 11 0.94 6.04 3.82
CA TYR B 11 2.10 6.88 4.08
C TYR B 11 2.10 7.39 5.53
N LEU B 12 2.01 6.45 6.46
CA LEU B 12 2.00 6.77 7.89
C LEU B 12 3.41 6.78 8.47
N PRO B 13 3.66 7.67 9.45
CA PRO B 13 4.98 7.76 10.10
C PRO B 13 5.29 6.52 10.94
N GLN B 14 6.07 5.61 10.36
CA GLN B 14 6.45 4.36 11.03
C GLN B 14 6.76 4.55 12.52
N ASN B 15 7.33 5.70 12.89
CA ASN B 15 7.67 6.01 14.28
C ASN B 15 6.43 6.18 15.16
N MET B 16 5.30 6.57 14.56
CA MET B 16 4.05 6.76 15.31
C MET B 16 3.43 5.41 15.66
N THR B 17 3.10 5.22 16.94
CA THR B 17 2.51 3.96 17.40
C THR B 17 0.98 3.95 17.26
N GLN B 18 0.40 2.75 17.38
CA GLN B 18 -1.05 2.54 17.26
C GLN B 18 -1.83 3.47 18.18
N ASP B 19 -1.41 3.54 19.45
CA ASP B 19 -2.07 4.40 20.43
C ASP B 19 -2.00 5.87 20.00
N GLU B 20 -0.82 6.27 19.53
CA GLU B 20 -0.61 7.65 19.05
C GLU B 20 -1.51 7.96 17.87
N PHE B 21 -1.57 7.04 16.90
CA PHE B 21 -2.40 7.18 15.71
C PHE B 21 -3.85 7.50 16.10
N LYS B 22 -4.35 6.87 17.17
CA LYS B 22 -5.71 7.09 17.65
C LYS B 22 -5.93 8.57 17.98
N SER B 23 -5.02 9.13 18.76
CA SER B 23 -5.11 10.55 19.15
C SER B 23 -5.26 11.45 17.93
N LEU B 24 -4.37 11.30 16.95
CA LEU B 24 -4.39 12.12 15.73
C LEU B 24 -5.79 12.10 15.09
N PHE B 25 -6.31 10.89 14.85
CA PHE B 25 -7.65 10.75 14.24
C PHE B 25 -8.77 10.76 15.31
N GLY B 26 -8.44 11.20 16.53
CA GLY B 26 -9.43 11.26 17.60
C GLY B 26 -10.14 12.60 17.68
N SER B 27 -9.44 13.68 17.35
CA SER B 27 -10.01 15.03 17.38
C SER B 27 -11.00 15.26 16.23
N ILE B 28 -11.98 14.37 16.11
CA ILE B 28 -13.00 14.48 15.06
C ILE B 28 -14.39 14.12 15.61
N GLY B 29 -14.49 12.95 16.23
CA GLY B 29 -15.76 12.51 16.79
C GLY B 29 -15.92 11.01 16.84
N ASP B 30 -16.94 10.51 16.13
CA ASP B 30 -17.21 9.07 16.08
C ASP B 30 -16.03 8.27 15.55
N ILE B 31 -15.64 7.25 16.31
CA ILE B 31 -14.51 6.39 15.94
C ILE B 31 -14.71 4.99 16.53
N GLU B 32 -15.47 4.16 15.82
CA GLU B 32 -15.74 2.79 16.27
C GLU B 32 -14.46 1.96 16.37
N SER B 33 -13.52 2.19 15.46
CA SER B 33 -12.27 1.42 15.47
C SER B 33 -11.24 1.98 14.49
N CYS B 34 -10.00 1.49 14.62
CA CYS B 34 -8.88 1.88 13.77
C CYS B 34 -7.89 0.73 13.63
N LYS B 35 -7.00 0.79 12.65
CA LYS B 35 -6.03 -0.28 12.45
C LYS B 35 -4.77 0.18 11.70
N LEU B 36 -3.86 -0.77 11.45
CA LEU B 36 -2.61 -0.53 10.75
C LEU B 36 -2.06 -1.84 10.20
N VAL B 37 -1.46 -1.81 9.01
CA VAL B 37 -0.90 -3.03 8.42
C VAL B 37 0.49 -3.35 8.97
N ARG B 38 0.62 -4.52 9.58
CA ARG B 38 1.90 -4.95 10.15
C ARG B 38 2.31 -6.32 9.61
N ASP B 39 3.28 -6.33 8.70
CA ASP B 39 3.75 -7.59 8.10
C ASP B 39 4.20 -8.58 9.17
N LYS B 40 3.67 -9.80 9.10
CA LYS B 40 4.01 -10.86 10.05
C LYS B 40 4.78 -12.00 9.36
N ILE B 41 5.72 -11.63 8.49
CA ILE B 41 6.54 -12.60 7.76
C ILE B 41 8.03 -12.38 8.02
N THR B 42 8.49 -11.15 7.76
CA THR B 42 9.91 -10.80 7.96
C THR B 42 10.12 -10.16 9.34
N GLY B 43 9.29 -9.16 9.66
CA GLY B 43 9.39 -8.49 10.95
C GLY B 43 9.34 -6.97 10.87
N GLN B 44 8.56 -6.42 9.92
CA GLN B 44 8.44 -4.97 9.76
C GLN B 44 7.10 -4.58 9.12
N SER B 45 6.63 -3.36 9.41
CA SER B 45 5.39 -2.86 8.84
C SER B 45 5.64 -2.29 7.43
N LEU B 46 4.73 -1.44 6.96
CA LEU B 46 4.87 -0.85 5.63
C LEU B 46 4.64 0.66 5.68
N GLY B 47 3.49 1.08 6.20
CA GLY B 47 3.22 2.52 6.30
C GLY B 47 1.79 2.92 5.98
N TYR B 48 0.80 2.22 6.53
CA TYR B 48 -0.60 2.57 6.30
C TYR B 48 -1.48 2.13 7.47
N GLY B 49 -2.48 2.96 7.77
CA GLY B 49 -3.40 2.66 8.86
C GLY B 49 -4.85 2.60 8.39
N PHE B 50 -5.77 2.35 9.32
CA PHE B 50 -7.19 2.26 8.98
C PHE B 50 -8.08 2.90 10.04
N VAL B 51 -9.27 3.30 9.62
CA VAL B 51 -10.25 3.93 10.52
C VAL B 51 -11.66 3.39 10.25
N ASN B 52 -12.33 2.94 11.30
CA ASN B 52 -13.69 2.40 11.17
C ASN B 52 -14.72 3.35 11.78
N TYR B 53 -15.40 4.11 10.93
CA TYR B 53 -16.42 5.06 11.38
C TYR B 53 -17.80 4.42 11.42
N SER B 54 -18.68 4.93 12.29
CA SER B 54 -20.04 4.40 12.42
C SER B 54 -20.81 4.53 11.10
N ASP B 55 -20.97 5.75 10.62
CA ASP B 55 -21.67 6.01 9.37
C ASP B 55 -20.70 6.43 8.26
N PRO B 56 -20.86 5.87 7.04
CA PRO B 56 -19.98 6.17 5.89
C PRO B 56 -19.99 7.65 5.50
N ASN B 57 -21.17 8.28 5.57
CA ASN B 57 -21.31 9.70 5.22
C ASN B 57 -20.38 10.55 6.07
N ASP B 58 -20.60 10.56 7.39
CA ASP B 58 -19.75 11.32 8.30
C ASP B 58 -18.29 10.81 8.21
N ALA B 59 -18.12 9.57 7.75
CA ALA B 59 -16.81 8.97 7.60
C ALA B 59 -16.08 9.56 6.39
N ASP B 60 -16.75 9.58 5.23
CA ASP B 60 -16.13 10.14 4.03
C ASP B 60 -15.84 11.63 4.24
N LYS B 61 -16.71 12.29 5.02
CA LYS B 61 -16.54 13.71 5.32
C LYS B 61 -15.15 13.95 5.91
N ALA B 62 -14.77 13.12 6.88
CA ALA B 62 -13.45 13.22 7.50
C ALA B 62 -12.33 13.02 6.48
N ILE B 63 -12.53 12.06 5.57
CA ILE B 63 -11.55 11.79 4.51
C ILE B 63 -11.31 13.03 3.67
N ASN B 64 -12.35 13.85 3.49
CA ASN B 64 -12.24 15.09 2.70
C ASN B 64 -11.42 16.17 3.45
N THR B 65 -10.35 15.73 4.14
CA THR B 65 -9.47 16.63 4.89
C THR B 65 -8.12 15.97 5.16
N LEU B 66 -8.15 14.70 5.58
CA LEU B 66 -6.92 13.94 5.86
C LEU B 66 -6.34 13.33 4.58
N ASN B 67 -7.14 13.27 3.51
CA ASN B 67 -6.68 12.71 2.22
C ASN B 67 -5.57 13.56 1.58
N GLY B 68 -4.50 13.82 2.34
CA GLY B 68 -3.40 14.61 1.82
C GLY B 68 -2.81 15.56 2.85
N LEU B 69 -2.53 15.05 4.05
CA LEU B 69 -1.96 15.86 5.11
C LEU B 69 -0.44 15.87 5.00
N LYS B 70 0.09 16.81 4.21
CA LYS B 70 1.52 16.93 4.00
C LYS B 70 2.21 17.47 5.25
N LEU B 71 3.10 16.66 5.81
CA LEU B 71 3.85 17.02 7.02
C LEU B 71 5.34 17.12 6.71
N GLN B 72 6.11 17.63 7.68
CA GLN B 72 7.56 17.75 7.51
C GLN B 72 8.19 16.39 7.22
N THR B 73 7.52 15.32 7.64
CA THR B 73 8.01 13.96 7.43
C THR B 73 7.36 13.28 6.24
N LYS B 74 6.03 13.17 6.26
CA LYS B 74 5.29 12.51 5.17
C LYS B 74 4.04 13.28 4.76
N THR B 75 3.42 12.80 3.68
CA THR B 75 2.20 13.38 3.14
C THR B 75 1.01 12.46 3.42
N ILE B 76 0.64 12.33 4.69
CA ILE B 76 -0.47 11.46 5.11
C ILE B 76 -1.63 11.52 4.12
N LYS B 77 -1.96 10.37 3.51
CA LYS B 77 -3.05 10.34 2.53
C LYS B 77 -4.08 9.24 2.84
N VAL B 78 -5.23 9.64 3.38
CA VAL B 78 -6.31 8.71 3.69
C VAL B 78 -7.11 8.36 2.44
N SER B 79 -7.42 7.09 2.24
CA SER B 79 -8.17 6.66 1.06
C SER B 79 -9.16 5.55 1.38
N TYR B 80 -10.02 5.26 0.40
CA TYR B 80 -11.02 4.21 0.53
C TYR B 80 -10.42 2.87 0.14
N ALA B 81 -10.12 2.04 1.15
CA ALA B 81 -9.52 0.72 0.91
C ALA B 81 -10.32 -0.09 -0.11
N ARG B 82 -9.64 -0.49 -1.19
CA ARG B 82 -10.28 -1.27 -2.25
C ARG B 82 -10.39 -2.75 -1.87
N PRO B 83 -11.22 -3.53 -2.61
CA PRO B 83 -11.43 -4.96 -2.33
C PRO B 83 -10.15 -5.75 -2.09
N SER B 84 -9.96 -6.18 -0.85
CA SER B 84 -8.79 -6.97 -0.47
C SER B 84 -9.01 -8.44 -0.85
N SER B 85 -8.67 -8.78 -2.10
CA SER B 85 -8.85 -10.14 -2.60
C SER B 85 -7.91 -11.12 -1.89
N ALA B 86 -6.61 -10.92 -2.05
CA ALA B 86 -5.61 -11.79 -1.43
C ALA B 86 -4.19 -11.29 -1.69
N SER B 87 -3.68 -11.54 -2.90
CA SER B 87 -2.32 -11.12 -3.26
C SER B 87 -2.31 -9.70 -3.82
N ILE B 88 -2.62 -8.74 -2.96
CA ILE B 88 -2.63 -7.32 -3.33
C ILE B 88 -1.26 -6.69 -3.08
N ARG B 89 -0.63 -7.10 -1.98
CA ARG B 89 0.71 -6.60 -1.62
C ARG B 89 1.72 -7.01 -2.69
N ASP B 90 2.84 -6.30 -2.75
CA ASP B 90 3.90 -6.57 -3.74
C ASP B 90 3.41 -6.24 -5.16
N ALA B 91 2.78 -5.07 -5.32
CA ALA B 91 2.27 -4.64 -6.62
C ALA B 91 2.63 -3.17 -6.91
N ASN B 92 3.72 -2.69 -6.30
CA ASN B 92 4.18 -1.32 -6.48
C ASN B 92 5.44 -1.33 -7.37
N LEU B 93 5.27 -0.90 -8.62
CA LEU B 93 6.37 -0.92 -9.60
C LEU B 93 7.25 0.33 -9.59
N TYR B 94 8.48 0.14 -10.09
CA TYR B 94 9.50 1.19 -10.21
C TYR B 94 10.09 1.21 -11.62
N VAL B 95 9.72 2.24 -12.40
CA VAL B 95 10.19 2.39 -13.78
C VAL B 95 11.12 3.60 -13.91
N SER B 96 12.33 3.37 -14.41
CA SER B 96 13.31 4.44 -14.58
C SER B 96 13.87 4.50 -16.01
N GLY B 97 14.77 5.45 -16.25
CA GLY B 97 15.37 5.62 -17.57
C GLY B 97 14.52 6.48 -18.50
N LEU B 98 13.83 7.46 -17.91
CA LEU B 98 12.97 8.36 -18.69
C LEU B 98 13.40 9.82 -18.58
N PRO B 99 13.09 10.66 -19.59
CA PRO B 99 13.44 12.09 -19.60
C PRO B 99 12.66 12.88 -18.56
N LYS B 100 12.95 14.19 -18.47
CA LYS B 100 12.25 15.06 -17.51
C LYS B 100 10.92 15.60 -18.07
N THR B 101 10.27 14.79 -18.89
CA THR B 101 8.98 15.15 -19.49
C THR B 101 8.04 13.95 -19.48
N MET B 102 8.19 13.09 -18.46
CA MET B 102 7.37 11.89 -18.33
C MET B 102 5.94 12.22 -17.89
N SER B 103 4.97 11.79 -18.70
CA SER B 103 3.56 12.02 -18.40
C SER B 103 2.96 10.80 -17.70
N GLN B 104 2.69 10.94 -16.40
CA GLN B 104 2.13 9.85 -15.60
C GLN B 104 0.90 9.23 -16.26
N LYS B 105 0.08 10.05 -16.92
CA LYS B 105 -1.11 9.56 -17.60
C LYS B 105 -0.75 8.57 -18.70
N GLU B 106 0.25 8.91 -19.51
CA GLU B 106 0.70 8.01 -20.57
C GLU B 106 1.17 6.71 -19.93
N MET B 107 2.00 6.84 -18.90
CA MET B 107 2.50 5.69 -18.16
C MET B 107 1.32 4.90 -17.59
N GLU B 108 0.37 5.62 -16.98
CA GLU B 108 -0.81 4.98 -16.41
C GLU B 108 -1.59 4.26 -17.50
N GLN B 109 -1.94 4.97 -18.57
CA GLN B 109 -2.67 4.37 -19.69
C GLN B 109 -1.87 3.22 -20.31
N LEU B 110 -0.54 3.36 -20.29
CA LEU B 110 0.36 2.34 -20.84
C LEU B 110 0.29 1.07 -20.01
N PHE B 111 0.50 1.19 -18.70
CA PHE B 111 0.45 0.03 -17.82
C PHE B 111 -1.00 -0.38 -17.55
N SER B 112 -1.94 0.58 -17.63
CA SER B 112 -3.36 0.29 -17.40
C SER B 112 -3.82 -0.90 -18.24
N GLN B 113 -3.54 -0.85 -19.55
CA GLN B 113 -3.92 -1.94 -20.46
C GLN B 113 -3.29 -3.28 -20.04
N TYR B 114 -2.17 -3.22 -19.31
CA TYR B 114 -1.48 -4.42 -18.83
C TYR B 114 -2.16 -4.98 -17.57
N GLY B 115 -2.97 -4.16 -16.92
CA GLY B 115 -3.66 -4.59 -15.71
C GLY B 115 -4.13 -3.41 -14.89
N ARG B 116 -5.45 -3.18 -14.86
CA ARG B 116 -6.04 -2.05 -14.12
C ARG B 116 -5.19 -1.66 -12.90
N ILE B 117 -4.41 -0.58 -13.06
CA ILE B 117 -3.55 -0.10 -11.97
C ILE B 117 -4.34 0.69 -10.94
N ILE B 118 -3.92 0.62 -9.69
CA ILE B 118 -4.57 1.36 -8.61
C ILE B 118 -4.10 2.81 -8.63
N THR B 119 -2.78 2.99 -8.72
CA THR B 119 -2.16 4.32 -8.78
C THR B 119 -0.84 4.27 -9.55
N SER B 120 -0.76 5.04 -10.64
CA SER B 120 0.45 5.12 -11.46
C SER B 120 0.94 6.56 -11.49
N ARG B 121 2.25 6.77 -11.29
CA ARG B 121 2.79 8.14 -11.29
C ARG B 121 4.31 8.21 -11.42
N ILE B 122 4.82 9.44 -11.52
CA ILE B 122 6.26 9.70 -11.66
C ILE B 122 6.72 10.70 -10.59
N LEU B 123 7.99 10.58 -10.16
CA LEU B 123 8.54 11.49 -9.14
C LEU B 123 9.52 12.48 -9.76
N LEU B 124 9.18 13.78 -9.69
CA LEU B 124 10.01 14.84 -10.23
C LEU B 124 9.64 16.20 -9.61
N ASP B 125 10.25 16.53 -8.47
CA ASP B 125 9.96 17.80 -7.79
C ASP B 125 11.10 18.81 -7.98
N GLN B 126 10.72 20.03 -8.36
CA GLN B 126 11.69 21.11 -8.57
C GLN B 126 11.34 22.33 -7.70
N ALA B 127 10.59 22.11 -6.61
CA ALA B 127 10.19 23.22 -5.73
C ALA B 127 10.08 22.80 -4.26
N THR B 128 9.33 21.72 -3.97
CA THR B 128 9.16 21.27 -2.58
C THR B 128 9.88 19.94 -2.29
N GLY B 129 10.74 19.49 -3.20
CA GLY B 129 11.46 18.24 -2.99
C GLY B 129 12.79 18.19 -3.72
N VAL B 130 12.88 17.26 -4.67
CA VAL B 130 14.10 17.08 -5.47
C VAL B 130 13.80 16.39 -6.81
N SER B 131 14.62 16.70 -7.81
CA SER B 131 14.49 16.13 -9.16
C SER B 131 14.94 14.68 -9.18
N ARG B 132 14.08 13.80 -9.72
CA ARG B 132 14.39 12.38 -9.80
C ARG B 132 14.23 11.83 -11.23
N GLY B 133 12.99 11.71 -11.70
CA GLY B 133 12.75 11.21 -13.05
C GLY B 133 12.45 9.72 -13.10
N VAL B 134 11.56 9.25 -12.22
CA VAL B 134 11.19 7.84 -12.19
C VAL B 134 9.68 7.67 -12.06
N GLY B 135 9.16 6.55 -12.54
CA GLY B 135 7.72 6.30 -12.47
C GLY B 135 7.37 5.02 -11.78
N PHE B 136 6.22 5.00 -11.12
CA PHE B 136 5.76 3.81 -10.40
C PHE B 136 4.36 3.42 -10.83
N ILE B 137 4.07 2.14 -10.69
CA ILE B 137 2.77 1.61 -11.05
C ILE B 137 2.24 0.68 -9.95
N ARG B 138 1.15 1.09 -9.29
CA ARG B 138 0.56 0.29 -8.23
C ARG B 138 -0.53 -0.61 -8.81
N PHE B 139 -0.15 -1.84 -9.15
CA PHE B 139 -1.09 -2.78 -9.74
C PHE B 139 -1.97 -3.43 -8.67
N ASP B 140 -3.08 -4.02 -9.12
CA ASP B 140 -4.03 -4.68 -8.22
C ASP B 140 -3.50 -6.04 -7.75
N LYS B 141 -3.15 -6.89 -8.72
CA LYS B 141 -2.63 -8.22 -8.42
C LYS B 141 -1.15 -8.34 -8.81
N ARG B 142 -0.33 -8.84 -7.88
CA ARG B 142 1.10 -9.02 -8.11
C ARG B 142 1.39 -9.81 -9.40
N ILE B 143 0.69 -10.93 -9.59
CA ILE B 143 0.87 -11.77 -10.79
C ILE B 143 0.60 -10.96 -12.05
N GLU B 144 -0.39 -10.06 -11.99
CA GLU B 144 -0.73 -9.22 -13.13
C GLU B 144 0.47 -8.32 -13.41
N ALA B 145 0.96 -7.67 -12.35
CA ALA B 145 2.13 -6.81 -12.45
C ALA B 145 3.34 -7.62 -12.89
N GLU B 146 3.56 -8.78 -12.24
CA GLU B 146 4.68 -9.66 -12.60
C GLU B 146 4.69 -9.92 -14.10
N GLU B 147 3.60 -10.53 -14.59
CA GLU B 147 3.48 -10.82 -16.02
C GLU B 147 3.69 -9.54 -16.84
N ALA B 148 3.04 -8.45 -16.43
CA ALA B 148 3.19 -7.16 -17.09
C ALA B 148 4.64 -6.72 -17.09
N ILE B 149 5.27 -6.76 -15.90
CA ILE B 149 6.68 -6.39 -15.76
C ILE B 149 7.53 -7.16 -16.77
N LYS B 150 7.30 -8.48 -16.86
CA LYS B 150 8.03 -9.34 -17.79
C LYS B 150 7.72 -8.96 -19.24
N GLY B 151 6.49 -8.49 -19.48
CA GLY B 151 6.09 -8.08 -20.82
C GLY B 151 6.36 -6.60 -21.09
N LEU B 152 7.11 -5.96 -20.19
CA LEU B 152 7.42 -4.53 -20.33
C LEU B 152 8.92 -4.25 -20.18
N ASN B 153 9.53 -4.76 -19.11
CA ASN B 153 10.98 -4.57 -18.85
C ASN B 153 11.82 -4.69 -20.14
N GLY B 154 12.63 -3.66 -20.39
CA GLY B 154 13.49 -3.65 -21.56
C GLY B 154 14.79 -4.38 -21.31
N GLN B 155 14.67 -5.68 -21.20
CA GLN B 155 15.83 -6.55 -20.93
C GLN B 155 16.64 -6.81 -22.20
N LYS B 156 17.84 -6.22 -22.26
CA LYS B 156 18.73 -6.38 -23.41
C LYS B 156 20.07 -7.01 -23.01
N PRO B 157 20.73 -7.67 -23.98
CA PRO B 157 22.05 -8.30 -23.76
C PRO B 157 23.19 -7.28 -23.74
N LEU B 158 24.41 -7.79 -23.71
CA LEU B 158 25.60 -6.93 -23.68
C LEU B 158 25.60 -5.90 -24.84
N GLY B 159 24.99 -6.26 -25.96
CA GLY B 159 24.93 -5.35 -27.10
C GLY B 159 23.95 -4.19 -26.91
N ALA B 160 24.02 -3.53 -25.75
CA ALA B 160 23.15 -2.39 -25.43
C ALA B 160 23.47 -1.83 -24.04
N ALA B 161 22.85 -0.70 -23.68
CA ALA B 161 23.12 -0.08 -22.39
C ALA B 161 21.93 -0.25 -21.43
N GLU B 162 20.86 0.49 -21.69
CA GLU B 162 19.67 0.42 -20.84
C GLU B 162 18.41 0.94 -21.57
N PRO B 163 17.66 0.05 -22.22
CA PRO B 163 16.45 0.40 -22.95
C PRO B 163 15.19 0.17 -22.12
N ILE B 164 14.72 1.21 -21.42
CA ILE B 164 13.53 1.12 -20.56
C ILE B 164 13.73 0.13 -19.41
N THR B 165 13.52 0.57 -18.18
CA THR B 165 13.70 -0.30 -17.02
C THR B 165 12.54 -0.22 -16.04
N VAL B 166 11.75 -1.29 -16.02
CA VAL B 166 10.58 -1.41 -15.15
C VAL B 166 10.56 -2.78 -14.50
N LYS B 167 10.66 -2.82 -13.16
CA LYS B 167 10.68 -4.09 -12.43
C LYS B 167 10.14 -3.91 -11.00
N PHE B 168 9.92 -5.04 -10.33
CA PHE B 168 9.42 -5.04 -8.95
C PHE B 168 10.28 -4.17 -8.03
N ALA B 169 9.64 -3.55 -7.03
CA ALA B 169 10.34 -2.70 -6.07
C ALA B 169 11.61 -3.38 -5.53
N ASN B 170 12.73 -2.66 -5.63
CA ASN B 170 14.03 -3.14 -5.18
C ASN B 170 14.44 -2.51 -3.86
N ASN B 171 14.77 -3.34 -2.87
CA ASN B 171 15.19 -2.85 -1.55
C ASN B 171 16.61 -3.33 -1.22
N PRO B 172 17.63 -2.74 -1.87
CA PRO B 172 19.04 -3.11 -1.64
C PRO B 172 19.71 -2.30 -0.52
N SER B 173 18.91 -1.72 0.37
CA SER B 173 19.45 -0.92 1.48
C SER B 173 19.85 -1.79 2.67
N GLN B 174 19.13 -2.91 2.87
CA GLN B 174 19.42 -3.82 3.97
C GLN B 174 19.78 -5.21 3.45
N MET B 1 -40.51 -76.86 61.84
CA MET B 1 -40.58 -77.21 60.39
C MET B 1 -39.30 -76.82 59.66
N ASP B 2 -38.61 -77.81 59.10
CA ASP B 2 -37.36 -77.57 58.37
C ASP B 2 -37.62 -76.97 56.98
N SER B 3 -38.28 -75.82 56.97
CA SER B 3 -38.60 -75.13 55.73
C SER B 3 -37.43 -74.26 55.27
N LYS B 4 -37.59 -73.62 54.12
CA LYS B 4 -36.54 -72.77 53.56
C LYS B 4 -36.94 -71.29 53.57
N THR B 5 -37.67 -70.88 54.62
CA THR B 5 -38.10 -69.49 54.77
C THR B 5 -37.20 -68.73 55.75
N ASN B 6 -36.17 -69.38 56.28
CA ASN B 6 -35.23 -68.76 57.23
C ASN B 6 -34.31 -67.77 56.48
N LEU B 7 -34.90 -66.76 55.86
CA LEU B 7 -34.13 -65.75 55.12
C LEU B 7 -33.29 -64.94 56.09
N ILE B 8 -31.98 -64.90 55.88
CA ILE B 8 -31.09 -64.15 56.77
C ILE B 8 -30.51 -62.91 56.10
N VAL B 9 -30.68 -61.78 56.77
CA VAL B 9 -30.15 -60.50 56.30
C VAL B 9 -28.83 -60.22 57.00
N ASN B 10 -27.77 -60.06 56.21
CA ASN B 10 -26.44 -59.83 56.76
C ASN B 10 -25.97 -58.39 56.56
N TYR B 11 -25.03 -57.97 57.41
CA TYR B 11 -24.48 -56.62 57.37
C TYR B 11 -25.55 -55.60 57.76
N LEU B 12 -26.15 -55.85 58.92
CA LEU B 12 -27.20 -54.99 59.46
C LEU B 12 -26.59 -53.89 60.35
N PRO B 13 -27.11 -52.64 60.24
CA PRO B 13 -26.62 -51.52 61.04
C PRO B 13 -26.85 -51.77 62.54
N GLN B 14 -25.79 -52.18 63.23
CA GLN B 14 -25.84 -52.49 64.67
C GLN B 14 -26.71 -51.50 65.46
N ASN B 15 -26.71 -50.22 65.06
CA ASN B 15 -27.49 -49.19 65.74
C ASN B 15 -29.00 -49.38 65.51
N MET B 16 -29.36 -49.90 64.33
CA MET B 16 -30.76 -50.14 63.98
C MET B 16 -31.37 -51.22 64.88
N THR B 17 -32.57 -50.95 65.36
CA THR B 17 -33.28 -51.91 66.23
C THR B 17 -34.17 -52.86 65.43
N GLN B 18 -34.66 -53.90 66.11
CA GLN B 18 -35.51 -54.90 65.49
C GLN B 18 -36.78 -54.29 64.89
N ASP B 19 -37.43 -53.41 65.64
CA ASP B 19 -38.65 -52.74 65.16
C ASP B 19 -38.38 -52.06 63.82
N GLU B 20 -37.30 -51.28 63.76
CA GLU B 20 -36.91 -50.61 62.52
C GLU B 20 -36.71 -51.64 61.42
N PHE B 21 -35.87 -52.65 61.71
CA PHE B 21 -35.60 -53.73 60.77
C PHE B 21 -36.92 -54.31 60.27
N LYS B 22 -37.80 -54.65 61.21
CA LYS B 22 -39.13 -55.18 60.88
C LYS B 22 -39.90 -54.16 60.04
N SER B 23 -39.99 -52.93 60.57
CA SER B 23 -40.69 -51.84 59.88
C SER B 23 -40.18 -51.68 58.45
N LEU B 24 -38.84 -51.69 58.29
CA LEU B 24 -38.21 -51.54 56.98
C LEU B 24 -38.74 -52.61 56.00
N PHE B 25 -38.64 -53.87 56.40
CA PHE B 25 -39.13 -54.98 55.56
C PHE B 25 -40.65 -54.99 55.46
N GLY B 26 -41.33 -54.50 56.51
CA GLY B 26 -42.79 -54.46 56.54
C GLY B 26 -43.43 -54.11 55.20
N SER B 27 -42.89 -53.08 54.54
CA SER B 27 -43.43 -52.65 53.24
C SER B 27 -42.75 -53.38 52.08
N ILE B 28 -42.84 -54.72 52.08
CA ILE B 28 -42.22 -55.52 51.03
C ILE B 28 -43.12 -56.69 50.59
N GLY B 29 -43.28 -57.67 51.48
CA GLY B 29 -44.10 -58.84 51.16
C GLY B 29 -44.75 -59.45 52.40
N ASP B 30 -45.22 -60.69 52.27
CA ASP B 30 -45.87 -61.38 53.38
C ASP B 30 -44.85 -61.82 54.44
N ILE B 31 -44.51 -60.89 55.34
CA ILE B 31 -43.56 -61.16 56.40
C ILE B 31 -44.20 -61.92 57.55
N GLU B 32 -44.18 -63.25 57.44
CA GLU B 32 -44.74 -64.12 58.47
C GLU B 32 -44.11 -63.83 59.83
N SER B 33 -42.79 -63.60 59.83
CA SER B 33 -42.05 -63.30 61.05
C SER B 33 -40.62 -62.83 60.76
N CYS B 34 -39.91 -62.41 61.80
CA CYS B 34 -38.53 -61.94 61.65
C CYS B 34 -37.66 -62.38 62.82
N LYS B 35 -36.34 -62.23 62.67
CA LYS B 35 -35.40 -62.61 63.72
C LYS B 35 -34.07 -61.86 63.55
N LEU B 36 -33.20 -61.94 64.57
CA LEU B 36 -31.90 -61.26 64.53
C LEU B 36 -30.92 -61.90 65.52
N VAL B 37 -29.75 -62.28 65.04
CA VAL B 37 -28.72 -62.90 65.89
C VAL B 37 -28.10 -61.83 66.81
N ARG B 38 -28.90 -61.35 67.76
CA ARG B 38 -28.45 -60.31 68.70
C ARG B 38 -27.79 -60.91 69.94
N ASP B 39 -26.72 -60.29 70.40
CA ASP B 39 -26.01 -60.75 71.59
C ASP B 39 -26.59 -60.07 72.84
N LYS B 40 -26.72 -60.86 73.91
CA LYS B 40 -27.25 -60.35 75.18
C LYS B 40 -26.45 -60.86 76.38
N ILE B 41 -25.21 -61.32 76.13
CA ILE B 41 -24.36 -61.84 77.19
C ILE B 41 -23.23 -60.87 77.54
N THR B 42 -22.61 -60.28 76.52
CA THR B 42 -21.51 -59.34 76.75
C THR B 42 -21.85 -57.94 76.25
N GLY B 43 -22.43 -57.89 75.06
CA GLY B 43 -22.78 -56.62 74.44
C GLY B 43 -21.97 -56.40 73.17
N GLN B 44 -21.86 -57.45 72.37
CA GLN B 44 -21.09 -57.42 71.14
C GLN B 44 -21.92 -56.92 69.95
N SER B 45 -22.87 -57.74 69.52
CA SER B 45 -23.72 -57.43 68.38
C SER B 45 -22.96 -57.69 67.08
N LEU B 46 -23.35 -58.76 66.39
CA LEU B 46 -22.67 -59.17 65.16
C LEU B 46 -23.10 -58.29 63.97
N GLY B 47 -24.33 -58.47 63.49
CA GLY B 47 -24.79 -57.64 62.38
C GLY B 47 -25.58 -58.40 61.32
N TYR B 48 -26.54 -59.22 61.75
CA TYR B 48 -27.37 -59.97 60.80
C TYR B 48 -28.71 -60.36 61.41
N GLY B 49 -29.73 -60.43 60.57
CA GLY B 49 -31.07 -60.79 61.00
C GLY B 49 -31.74 -61.79 60.07
N PHE B 50 -33.04 -62.01 60.26
CA PHE B 50 -33.77 -62.97 59.41
C PHE B 50 -35.21 -62.53 59.17
N VAL B 51 -35.75 -63.00 58.05
CA VAL B 51 -37.13 -62.70 57.66
C VAL B 51 -37.87 -63.96 57.22
N ASN B 52 -39.02 -64.21 57.83
CA ASN B 52 -39.82 -65.39 57.51
C ASN B 52 -40.98 -64.99 56.59
N TYR B 53 -40.98 -65.51 55.36
CA TYR B 53 -42.03 -65.19 54.40
C TYR B 53 -42.98 -66.38 54.19
N SER B 54 -44.27 -66.07 54.09
CA SER B 54 -45.30 -67.12 53.89
C SER B 54 -44.92 -68.06 52.76
N ASP B 55 -44.70 -67.50 51.57
CA ASP B 55 -44.33 -68.28 50.39
C ASP B 55 -42.98 -67.85 49.83
N PRO B 56 -42.20 -68.80 49.26
CA PRO B 56 -40.88 -68.52 48.68
C PRO B 56 -40.86 -67.26 47.83
N ASN B 57 -41.98 -66.97 47.14
CA ASN B 57 -42.09 -65.78 46.31
C ASN B 57 -41.66 -64.52 47.07
N ASP B 58 -42.30 -64.28 48.20
CA ASP B 58 -41.96 -63.12 49.03
C ASP B 58 -40.51 -63.21 49.53
N ALA B 59 -40.02 -64.44 49.70
CA ALA B 59 -38.67 -64.68 50.15
C ALA B 59 -37.65 -64.24 49.10
N ASP B 60 -37.90 -64.61 47.84
CA ASP B 60 -37.00 -64.23 46.77
C ASP B 60 -37.32 -62.82 46.26
N LYS B 61 -38.62 -62.50 46.18
CA LYS B 61 -39.04 -61.18 45.73
C LYS B 61 -38.42 -60.10 46.62
N ALA B 62 -38.49 -60.32 47.93
CA ALA B 62 -37.90 -59.37 48.88
C ALA B 62 -36.40 -59.28 48.64
N ILE B 63 -35.72 -60.43 48.66
CA ILE B 63 -34.28 -60.48 48.41
C ILE B 63 -33.92 -59.75 47.11
N ASN B 64 -34.70 -59.99 46.05
CA ASN B 64 -34.45 -59.32 44.77
C ASN B 64 -34.22 -57.81 44.98
N THR B 65 -34.86 -57.25 45.99
CA THR B 65 -34.74 -55.82 46.30
C THR B 65 -33.79 -55.56 47.49
N LEU B 66 -33.72 -56.49 48.45
CA LEU B 66 -32.86 -56.31 49.63
C LEU B 66 -31.52 -57.08 49.53
N ASN B 67 -31.19 -57.61 48.36
CA ASN B 67 -29.94 -58.36 48.17
C ASN B 67 -28.70 -57.44 48.13
N GLY B 68 -28.61 -56.51 49.09
CA GLY B 68 -27.45 -55.61 49.13
C GLY B 68 -27.82 -54.14 49.20
N LEU B 69 -28.58 -53.74 50.23
CA LEU B 69 -28.97 -52.35 50.41
C LEU B 69 -27.82 -51.55 51.01
N LYS B 70 -27.10 -50.81 50.16
CA LYS B 70 -25.97 -50.00 50.60
C LYS B 70 -26.42 -48.83 51.46
N LEU B 71 -26.05 -48.85 52.74
CA LEU B 71 -26.40 -47.80 53.67
C LEU B 71 -25.19 -46.90 53.93
N GLN B 72 -25.40 -45.82 54.66
CA GLN B 72 -24.33 -44.87 54.99
C GLN B 72 -23.14 -45.56 55.65
N THR B 73 -23.40 -46.64 56.39
CA THR B 73 -22.34 -47.38 57.10
C THR B 73 -22.01 -48.72 56.45
N LYS B 74 -23.02 -49.49 56.08
CA LYS B 74 -22.80 -50.81 55.47
C LYS B 74 -23.88 -51.17 54.44
N THR B 75 -23.73 -52.33 53.82
CA THR B 75 -24.67 -52.81 52.81
C THR B 75 -25.55 -53.93 53.36
N ILE B 76 -26.84 -53.66 53.54
CA ILE B 76 -27.77 -54.67 54.04
C ILE B 76 -28.06 -55.71 52.96
N LYS B 77 -27.43 -56.89 53.10
CA LYS B 77 -27.61 -57.97 52.12
C LYS B 77 -28.42 -59.13 52.70
N VAL B 78 -29.51 -59.47 52.04
CA VAL B 78 -30.37 -60.58 52.46
C VAL B 78 -30.05 -61.85 51.69
N SER B 79 -29.98 -62.98 52.40
CA SER B 79 -29.67 -64.27 51.76
C SER B 79 -30.30 -65.45 52.50
N TYR B 80 -30.08 -66.64 51.97
CA TYR B 80 -30.61 -67.87 52.54
C TYR B 80 -29.62 -68.50 53.53
N ALA B 81 -30.12 -68.92 54.69
CA ALA B 81 -29.28 -69.55 55.71
C ALA B 81 -29.13 -71.05 55.41
N ARG B 82 -27.88 -71.49 55.26
CA ARG B 82 -27.59 -72.89 54.95
C ARG B 82 -27.70 -73.79 56.19
N PRO B 83 -28.26 -75.00 56.01
CA PRO B 83 -28.42 -75.97 57.10
C PRO B 83 -27.09 -76.70 57.38
N SER B 84 -26.58 -76.56 58.60
CA SER B 84 -25.31 -77.19 58.97
C SER B 84 -25.52 -78.26 60.06
N SER B 85 -24.51 -78.42 60.92
CA SER B 85 -24.56 -79.40 62.00
C SER B 85 -24.67 -78.72 63.36
N ALA B 86 -23.84 -77.69 63.58
CA ALA B 86 -23.83 -76.95 64.84
C ALA B 86 -22.88 -75.75 64.81
N SER B 87 -21.60 -76.01 64.56
CA SER B 87 -20.59 -74.94 64.53
C SER B 87 -20.52 -74.25 63.17
N ILE B 88 -21.33 -73.21 62.99
CA ILE B 88 -21.35 -72.45 61.73
C ILE B 88 -21.06 -70.97 61.99
N ARG B 89 -19.84 -70.66 62.41
CA ARG B 89 -19.43 -69.28 62.70
C ARG B 89 -17.92 -69.18 62.96
N ASP B 90 -17.41 -67.95 62.92
CA ASP B 90 -15.98 -67.69 63.16
C ASP B 90 -15.09 -68.46 62.17
N ALA B 91 -15.41 -68.34 60.89
CA ALA B 91 -14.65 -69.01 59.84
C ALA B 91 -14.29 -68.03 58.71
N ASN B 92 -13.60 -66.96 59.08
CA ASN B 92 -13.18 -65.94 58.12
C ASN B 92 -11.68 -66.04 57.86
N LEU B 93 -11.31 -66.24 56.59
CA LEU B 93 -9.90 -66.39 56.21
C LEU B 93 -9.37 -65.18 55.44
N TYR B 94 -8.12 -64.81 55.76
CA TYR B 94 -7.39 -63.71 55.13
C TYR B 94 -6.22 -64.24 54.30
N VAL B 95 -6.21 -63.88 53.02
CA VAL B 95 -5.16 -64.32 52.09
C VAL B 95 -4.49 -63.14 51.40
N SER B 96 -3.24 -62.87 51.77
CA SER B 96 -2.49 -61.76 51.17
C SER B 96 -1.44 -62.29 50.17
N GLY B 97 -0.87 -61.38 49.40
CA GLY B 97 0.12 -61.76 48.41
C GLY B 97 -0.50 -62.13 47.08
N LEU B 98 -1.60 -61.46 46.72
CA LEU B 98 -2.29 -61.73 45.46
C LEU B 98 -2.10 -60.58 44.48
N PRO B 99 -2.12 -60.87 43.16
CA PRO B 99 -1.95 -59.85 42.11
C PRO B 99 -3.17 -58.95 41.98
N LYS B 100 -3.06 -57.92 41.15
CA LYS B 100 -4.16 -56.99 40.91
C LYS B 100 -5.32 -57.66 40.19
N THR B 101 -5.00 -58.54 39.25
CA THR B 101 -6.02 -59.27 38.50
C THR B 101 -6.50 -60.50 39.28
N MET B 102 -6.74 -60.32 40.58
CA MET B 102 -7.21 -61.43 41.43
C MET B 102 -8.67 -61.75 41.16
N SER B 103 -8.92 -62.95 40.61
CA SER B 103 -10.26 -63.38 40.30
C SER B 103 -10.91 -64.09 41.47
N GLN B 104 -11.94 -63.46 42.02
CA GLN B 104 -12.71 -64.01 43.15
C GLN B 104 -13.03 -65.49 42.94
N LYS B 105 -13.54 -65.83 41.76
CA LYS B 105 -13.90 -67.21 41.43
C LYS B 105 -12.74 -68.17 41.70
N GLU B 106 -11.57 -67.86 41.15
CA GLU B 106 -10.39 -68.71 41.35
C GLU B 106 -10.16 -68.90 42.85
N MET B 107 -10.30 -67.83 43.63
CA MET B 107 -10.14 -67.89 45.08
C MET B 107 -11.23 -68.79 45.68
N GLU B 108 -12.44 -68.76 45.10
CA GLU B 108 -13.54 -69.58 45.60
C GLU B 108 -13.34 -71.04 45.19
N GLN B 109 -13.04 -71.29 43.91
CA GLN B 109 -12.82 -72.65 43.43
C GLN B 109 -11.61 -73.29 44.10
N LEU B 110 -10.63 -72.46 44.45
CA LEU B 110 -9.41 -72.94 45.10
C LEU B 110 -9.69 -73.40 46.51
N PHE B 111 -10.37 -72.56 47.29
CA PHE B 111 -10.69 -72.90 48.67
C PHE B 111 -11.94 -73.79 48.75
N SER B 112 -12.82 -73.70 47.74
CA SER B 112 -14.04 -74.53 47.72
C SER B 112 -13.67 -76.02 47.79
N GLN B 113 -12.65 -76.40 47.01
CA GLN B 113 -12.17 -77.79 47.00
C GLN B 113 -11.61 -78.20 48.37
N TYR B 114 -11.05 -77.22 49.09
CA TYR B 114 -10.50 -77.44 50.43
C TYR B 114 -11.61 -77.49 51.47
N GLY B 115 -12.50 -76.52 51.42
CA GLY B 115 -13.61 -76.46 52.36
C GLY B 115 -14.84 -75.81 51.76
N ARG B 116 -15.98 -75.95 52.41
CA ARG B 116 -17.19 -75.34 51.91
C ARG B 116 -17.19 -73.83 52.19
N ILE B 117 -16.81 -73.04 51.18
CA ILE B 117 -16.75 -71.58 51.37
C ILE B 117 -18.14 -70.95 51.34
N ILE B 118 -18.40 -70.08 52.31
CA ILE B 118 -19.68 -69.38 52.38
C ILE B 118 -19.59 -68.07 51.60
N THR B 119 -18.45 -67.38 51.73
CA THR B 119 -18.22 -66.12 51.04
C THR B 119 -16.73 -65.82 50.90
N SER B 120 -16.26 -65.80 49.65
CA SER B 120 -14.84 -65.53 49.35
C SER B 120 -14.72 -64.28 48.47
N ARG B 121 -13.71 -63.45 48.74
CA ARG B 121 -13.53 -62.23 47.96
C ARG B 121 -12.15 -61.58 48.15
N ILE B 122 -11.82 -60.64 47.26
CA ILE B 122 -10.54 -59.94 47.30
C ILE B 122 -10.75 -58.42 47.38
N LEU B 123 -10.09 -57.77 48.34
CA LEU B 123 -10.21 -56.31 48.50
C LEU B 123 -9.19 -55.56 47.62
N LEU B 124 -9.69 -54.75 46.70
CA LEU B 124 -8.83 -53.98 45.79
C LEU B 124 -9.61 -52.82 45.14
N ASP B 125 -9.73 -51.69 45.84
CA ASP B 125 -10.46 -50.55 45.30
C ASP B 125 -9.53 -49.56 44.59
N GLN B 126 -10.08 -48.81 43.65
CA GLN B 126 -9.31 -47.82 42.89
C GLN B 126 -10.17 -46.57 42.56
N ALA B 127 -11.21 -46.32 43.37
CA ALA B 127 -12.09 -45.18 43.15
C ALA B 127 -12.95 -44.86 44.38
N THR B 128 -13.58 -45.88 44.96
CA THR B 128 -14.44 -45.72 46.14
C THR B 128 -13.73 -46.04 47.45
N GLY B 129 -12.47 -46.50 47.38
CA GLY B 129 -11.73 -46.83 48.59
C GLY B 129 -10.23 -46.64 48.44
N VAL B 130 -9.50 -47.76 48.48
CA VAL B 130 -8.03 -47.72 48.36
C VAL B 130 -7.50 -49.06 47.84
N SER B 131 -6.31 -49.02 47.22
CA SER B 131 -5.68 -50.23 46.70
C SER B 131 -5.17 -51.09 47.86
N ARG B 132 -5.35 -52.41 47.75
CA ARG B 132 -4.92 -53.33 48.80
C ARG B 132 -4.20 -54.55 48.22
N GLY B 133 -4.96 -55.48 47.63
CA GLY B 133 -4.35 -56.68 47.05
C GLY B 133 -4.37 -57.87 47.98
N VAL B 134 -5.53 -58.11 48.59
CA VAL B 134 -5.68 -59.25 49.52
C VAL B 134 -7.04 -59.93 49.31
N GLY B 135 -7.08 -61.22 49.60
CA GLY B 135 -8.31 -61.96 49.44
C GLY B 135 -8.75 -62.64 50.72
N PHE B 136 -10.01 -63.03 50.77
CA PHE B 136 -10.55 -63.69 51.95
C PHE B 136 -11.48 -64.82 51.56
N ILE B 137 -11.53 -65.82 52.43
CA ILE B 137 -12.36 -66.98 52.21
C ILE B 137 -13.13 -67.34 53.47
N ARG B 138 -14.34 -66.81 53.61
CA ARG B 138 -15.16 -67.09 54.77
C ARG B 138 -15.82 -68.47 54.63
N PHE B 139 -15.20 -69.46 55.27
CA PHE B 139 -15.68 -70.84 55.22
C PHE B 139 -16.86 -71.08 56.16
N ASP B 140 -17.44 -72.26 56.06
CA ASP B 140 -18.57 -72.63 56.91
C ASP B 140 -18.06 -72.98 58.32
N LYS B 141 -17.02 -73.79 58.39
CA LYS B 141 -16.41 -74.21 59.66
C LYS B 141 -15.02 -73.59 59.85
N ARG B 142 -14.65 -73.35 61.11
CA ARG B 142 -13.34 -72.79 61.44
C ARG B 142 -12.22 -73.82 61.24
N ILE B 143 -12.33 -74.96 61.93
CA ILE B 143 -11.33 -76.04 61.81
C ILE B 143 -11.10 -76.40 60.33
N GLU B 144 -12.17 -76.30 59.53
CA GLU B 144 -12.09 -76.58 58.10
C GLU B 144 -11.09 -75.61 57.48
N ALA B 145 -11.22 -74.35 57.85
CA ALA B 145 -10.34 -73.29 57.38
C ALA B 145 -8.92 -73.49 57.94
N GLU B 146 -8.83 -73.87 59.21
CA GLU B 146 -7.54 -74.11 59.84
C GLU B 146 -6.78 -75.20 59.10
N GLU B 147 -7.36 -76.40 59.06
CA GLU B 147 -6.73 -77.52 58.35
C GLU B 147 -6.46 -77.12 56.89
N ALA B 148 -7.47 -76.51 56.25
CA ALA B 148 -7.33 -76.06 54.87
C ALA B 148 -6.16 -75.10 54.74
N ILE B 149 -6.09 -74.10 55.62
CA ILE B 149 -4.98 -73.13 55.61
C ILE B 149 -3.65 -73.86 55.55
N LYS B 150 -3.47 -74.88 56.40
CA LYS B 150 -2.23 -75.66 56.43
C LYS B 150 -1.87 -76.19 55.04
N GLY B 151 -2.90 -76.54 54.26
CA GLY B 151 -2.66 -77.04 52.90
C GLY B 151 -2.85 -75.97 51.82
N LEU B 152 -2.98 -74.71 52.24
CA LEU B 152 -3.17 -73.59 51.30
C LEU B 152 -2.18 -72.45 51.57
N ASN B 153 -1.96 -72.15 52.84
CA ASN B 153 -1.05 -71.06 53.27
C ASN B 153 0.20 -70.91 52.41
N GLY B 154 0.63 -69.67 52.25
CA GLY B 154 1.81 -69.34 51.48
C GLY B 154 3.02 -69.26 52.38
N GLN B 155 3.52 -70.42 52.75
CA GLN B 155 4.68 -70.50 53.65
C GLN B 155 5.97 -70.16 52.89
N LYS B 156 6.35 -68.89 52.98
CA LYS B 156 7.55 -68.37 52.30
C LYS B 156 8.84 -68.68 53.06
N PRO B 157 9.82 -69.30 52.38
CA PRO B 157 11.12 -69.62 52.97
C PRO B 157 12.06 -68.41 52.93
N LEU B 158 13.28 -68.58 53.45
CA LEU B 158 14.25 -67.49 53.46
C LEU B 158 14.41 -66.85 52.08
N GLY B 159 14.33 -67.66 51.03
CA GLY B 159 14.45 -67.13 49.67
C GLY B 159 13.13 -66.63 49.11
N ALA B 160 12.30 -66.01 49.95
CA ALA B 160 11.01 -65.49 49.51
C ALA B 160 10.68 -64.14 50.17
N ALA B 161 9.70 -63.42 49.61
CA ALA B 161 9.30 -62.12 50.15
C ALA B 161 7.93 -62.19 50.81
N GLU B 162 6.88 -62.37 50.00
CA GLU B 162 5.51 -62.47 50.52
C GLU B 162 4.57 -63.12 49.49
N PRO B 163 4.27 -64.42 49.69
CA PRO B 163 3.39 -65.18 48.79
C PRO B 163 1.94 -65.23 49.27
N ILE B 164 1.20 -66.16 48.70
CA ILE B 164 -0.23 -66.36 49.02
C ILE B 164 -0.43 -66.75 50.49
N THR B 165 -0.22 -65.80 51.38
CA THR B 165 -0.37 -66.04 52.81
C THR B 165 -1.84 -66.01 53.23
N VAL B 166 -2.45 -67.21 53.27
CA VAL B 166 -3.84 -67.35 53.67
C VAL B 166 -3.94 -67.90 55.09
N LYS B 167 -4.53 -67.11 55.98
CA LYS B 167 -4.69 -67.51 57.37
C LYS B 167 -5.97 -66.93 57.96
N PHE B 168 -6.26 -67.30 59.21
CA PHE B 168 -7.45 -66.80 59.89
C PHE B 168 -7.37 -65.28 60.04
N ALA B 169 -8.51 -64.64 60.31
CA ALA B 169 -8.55 -63.19 60.46
C ALA B 169 -7.62 -62.71 61.58
N ASN B 170 -6.36 -62.45 61.22
CA ASN B 170 -5.36 -61.95 62.14
C ASN B 170 -5.58 -60.46 62.41
N ASN B 171 -6.72 -60.13 63.01
CA ASN B 171 -7.06 -58.74 63.31
C ASN B 171 -6.87 -58.44 64.80
N PRO B 172 -5.83 -57.67 65.15
CA PRO B 172 -5.55 -57.30 66.55
C PRO B 172 -6.54 -56.27 67.09
N SER B 173 -7.56 -56.74 67.81
CA SER B 173 -8.58 -55.88 68.39
C SER B 173 -8.08 -55.21 69.66
N GLN B 174 -7.52 -56.00 70.58
CA GLN B 174 -7.01 -55.49 71.84
C GLN B 174 -5.68 -56.15 72.22
#